data_7M54
#
_entry.id   7M54
#
_cell.length_a   234.650
_cell.length_b   234.650
_cell.length_c   234.650
_cell.angle_alpha   90.000
_cell.angle_beta   90.000
_cell.angle_gamma   90.000
#
_symmetry.space_group_name_H-M   'P 2 3'
#
loop_
_entity.id
_entity.type
_entity.pdbx_description
1 polymer 'Coat protein'
2 non-polymer 'CALCIUM ION'
3 non-polymer 'BROMIDE ION'
4 non-polymer 'MAGNESIUM ION'
5 non-polymer 'CHLORIDE ION'
6 water water
#
_entity_poly.entity_id   1
_entity_poly.type   'polypeptide(L)'
_entity_poly.pdbx_seq_one_letter_code
;MGRGKVKPNRKSTGDNSNVVTMIRAGSYPKVNPTPTWVRAIPFEVSVQSGIAFKVPVGSLFSANFRTDSFTSVTVMSVRA
WTQLTPPVNEYSFVRLKPLFKTGDSTEEFEGRASNINTRASVGYRIPTNLRQNTVAADNVCEVRSNCRQVALVISCCFN
;
_entity_poly.pdbx_strand_id   A,B,C,D,E,F,G,H,I,J,K,L,M,N,O,GG,HH,II,JJ,KK
#
loop_
_chem_comp.id
_chem_comp.type
_chem_comp.name
_chem_comp.formula
BR non-polymer 'BROMIDE ION' 'Br -1'
CA non-polymer 'CALCIUM ION' 'Ca 2'
CL non-polymer 'CHLORIDE ION' 'Cl -1'
MG non-polymer 'MAGNESIUM ION' 'Mg 2'
#
# COMPACT_ATOMS: atom_id res chain seq x y z
N ASN A 16 -32.29 36.93 -1.76
CA ASN A 16 -33.74 37.04 -1.87
C ASN A 16 -34.07 38.18 -2.83
N SER A 17 -34.61 39.26 -2.28
CA SER A 17 -34.86 40.50 -3.03
C SER A 17 -36.04 40.39 -3.98
N ASN A 18 -36.28 41.44 -4.76
CA ASN A 18 -37.25 41.44 -5.86
C ASN A 18 -36.95 42.60 -6.79
N VAL A 19 -35.88 43.34 -6.50
CA VAL A 19 -35.59 44.60 -7.15
C VAL A 19 -34.14 44.62 -7.63
N VAL A 20 -33.87 45.49 -8.60
CA VAL A 20 -32.48 45.74 -8.99
C VAL A 20 -31.74 46.33 -7.80
N THR A 21 -30.51 45.87 -7.60
CA THR A 21 -29.64 46.36 -6.54
C THR A 21 -28.36 46.89 -7.15
N MET A 22 -27.80 47.93 -6.55
CA MET A 22 -26.61 48.57 -7.08
CA MET A 22 -26.61 48.59 -7.06
C MET A 22 -25.34 47.80 -6.69
N ILE A 23 -24.30 47.99 -7.49
CA ILE A 23 -23.04 47.27 -7.35
C ILE A 23 -21.90 48.27 -7.20
N ARG A 24 -21.10 48.10 -6.14
CA ARG A 24 -20.00 49.01 -5.82
C ARG A 24 -18.74 48.59 -6.62
N ALA A 25 -18.88 48.65 -7.95
CA ALA A 25 -17.81 48.26 -8.85
C ALA A 25 -16.54 49.08 -8.60
N GLY A 26 -15.43 48.63 -9.19
CA GLY A 26 -14.15 49.28 -9.00
C GLY A 26 -13.37 49.52 -10.28
N SER A 27 -12.12 49.06 -10.32
CA SER A 27 -11.28 49.26 -11.49
C SER A 27 -11.73 48.36 -12.64
N TYR A 28 -11.50 48.82 -13.86
CA TYR A 28 -11.90 48.03 -15.02
C TYR A 28 -11.18 46.68 -14.99
N PRO A 29 -11.91 45.57 -15.03
CA PRO A 29 -11.27 44.26 -14.77
C PRO A 29 -10.49 43.75 -15.97
N LYS A 30 -9.79 42.64 -15.72
CA LYS A 30 -9.18 41.86 -16.78
C LYS A 30 -10.28 41.12 -17.54
N VAL A 31 -10.34 41.34 -18.85
CA VAL A 31 -11.42 40.74 -19.64
C VAL A 31 -10.86 39.84 -20.74
N ASN A 32 -11.74 39.19 -21.49
CA ASN A 32 -11.34 38.33 -22.58
C ASN A 32 -12.53 38.06 -23.50
N PRO A 33 -12.69 38.84 -24.56
CA PRO A 33 -13.86 38.63 -25.44
C PRO A 33 -13.94 37.20 -25.94
N THR A 34 -12.82 36.67 -26.41
CA THR A 34 -12.73 35.32 -26.93
C THR A 34 -12.08 34.44 -25.87
N PRO A 35 -12.82 33.56 -25.22
CA PRO A 35 -12.20 32.71 -24.18
C PRO A 35 -12.01 31.27 -24.61
N THR A 36 -11.69 30.43 -23.64
CA THR A 36 -11.50 28.99 -23.79
C THR A 36 -12.78 28.26 -23.42
N TRP A 37 -12.94 27.05 -23.94
CA TRP A 37 -14.18 26.31 -23.68
C TRP A 37 -13.92 24.81 -23.66
N VAL A 38 -14.18 24.19 -22.51
CA VAL A 38 -14.14 22.75 -22.35
C VAL A 38 -15.48 22.17 -22.76
N ARG A 39 -15.47 21.14 -23.60
CA ARG A 39 -16.71 20.63 -24.15
C ARG A 39 -16.65 19.11 -24.26
N ALA A 40 -17.81 18.53 -24.57
CA ALA A 40 -17.94 17.16 -25.04
C ALA A 40 -18.67 17.25 -26.38
N ILE A 41 -17.99 16.93 -27.47
CA ILE A 41 -18.50 17.16 -28.81
C ILE A 41 -19.09 15.85 -29.33
N PRO A 42 -20.41 15.78 -29.57
CA PRO A 42 -20.98 14.56 -30.17
C PRO A 42 -21.10 14.70 -31.68
N PHE A 43 -20.47 13.78 -32.43
CA PHE A 43 -20.64 13.73 -33.87
C PHE A 43 -20.53 12.28 -34.29
N GLU A 44 -20.76 12.03 -35.57
CA GLU A 44 -20.73 10.69 -36.14
C GLU A 44 -19.72 10.70 -37.28
N VAL A 45 -19.28 9.51 -37.66
CA VAL A 45 -18.41 9.32 -38.82
C VAL A 45 -18.80 8.01 -39.48
N SER A 46 -18.91 8.02 -40.80
CA SER A 46 -19.19 6.80 -41.53
C SER A 46 -17.94 5.93 -41.55
N VAL A 47 -18.15 4.62 -41.40
CA VAL A 47 -17.06 3.65 -41.38
C VAL A 47 -17.41 2.53 -42.34
N GLN A 48 -16.42 2.11 -43.12
CA GLN A 48 -16.56 1.00 -44.06
C GLN A 48 -16.07 -0.28 -43.40
N SER A 49 -16.56 -1.40 -43.92
CA SER A 49 -16.14 -2.69 -43.42
C SER A 49 -14.68 -2.93 -43.76
N GLY A 50 -13.89 -3.28 -42.75
CA GLY A 50 -12.51 -3.64 -42.95
C GLY A 50 -11.57 -2.51 -43.32
N ILE A 51 -12.01 -1.26 -43.20
CA ILE A 51 -11.16 -0.12 -43.52
C ILE A 51 -11.09 0.79 -42.30
N ALA A 52 -9.99 1.54 -42.22
CA ALA A 52 -9.72 2.44 -41.10
C ALA A 52 -9.94 3.87 -41.55
N PHE A 53 -10.92 4.54 -40.93
CA PHE A 53 -11.27 5.92 -41.21
C PHE A 53 -10.53 6.84 -40.25
N LYS A 54 -9.81 7.81 -40.80
CA LYS A 54 -9.06 8.77 -39.99
CA LYS A 54 -9.06 8.77 -40.00
C LYS A 54 -9.96 9.95 -39.67
N VAL A 55 -10.22 10.16 -38.38
CA VAL A 55 -11.13 11.22 -37.94
C VAL A 55 -10.43 12.57 -38.04
N PRO A 56 -10.94 13.49 -38.86
CA PRO A 56 -10.31 14.82 -38.96
C PRO A 56 -10.67 15.68 -37.76
N VAL A 57 -9.70 16.46 -37.30
CA VAL A 57 -9.95 17.41 -36.22
C VAL A 57 -10.84 18.55 -36.70
N GLY A 58 -10.92 18.77 -38.01
CA GLY A 58 -11.78 19.81 -38.55
C GLY A 58 -13.25 19.56 -38.37
N SER A 59 -13.64 18.38 -37.89
CA SER A 59 -15.03 18.13 -37.57
C SER A 59 -15.44 18.73 -36.24
N LEU A 60 -14.46 19.02 -35.37
CA LEU A 60 -14.76 19.62 -34.07
C LEU A 60 -14.99 21.12 -34.17
N PHE A 61 -14.68 21.75 -35.31
CA PHE A 61 -14.91 23.17 -35.51
C PHE A 61 -16.10 23.34 -36.45
N SER A 62 -17.23 23.76 -35.91
CA SER A 62 -18.45 23.93 -36.69
C SER A 62 -19.38 24.83 -35.90
N ALA A 63 -20.24 25.56 -36.61
CA ALA A 63 -21.28 26.31 -35.94
C ALA A 63 -22.29 25.40 -35.27
N ASN A 64 -22.42 24.16 -35.74
CA ASN A 64 -23.34 23.21 -35.11
C ASN A 64 -22.96 22.93 -33.67
N PHE A 65 -21.73 23.24 -33.27
CA PHE A 65 -21.27 23.06 -31.91
C PHE A 65 -20.97 24.38 -31.23
N ARG A 66 -21.23 25.49 -31.91
CA ARG A 66 -20.87 26.83 -31.45
C ARG A 66 -19.37 27.03 -31.43
N THR A 67 -18.62 26.17 -32.13
CA THR A 67 -17.16 26.20 -32.12
C THR A 67 -16.57 26.65 -33.45
N ASP A 68 -17.38 27.20 -34.34
CA ASP A 68 -16.88 27.70 -35.61
C ASP A 68 -15.86 28.81 -35.45
N SER A 69 -15.72 29.38 -34.24
CA SER A 69 -14.79 30.48 -34.00
C SER A 69 -13.41 29.99 -33.62
N PHE A 70 -13.24 28.72 -33.29
CA PHE A 70 -11.96 28.18 -32.88
C PHE A 70 -11.17 27.64 -34.07
N THR A 71 -9.84 27.69 -33.94
CA THR A 71 -8.93 27.14 -34.93
C THR A 71 -8.07 26.01 -34.38
N SER A 72 -7.96 25.88 -33.06
CA SER A 72 -7.18 24.84 -32.42
C SER A 72 -7.99 24.23 -31.29
N VAL A 73 -7.60 23.04 -30.86
CA VAL A 73 -8.31 22.33 -29.80
C VAL A 73 -7.39 21.28 -29.21
N THR A 74 -7.42 21.17 -27.89
CA THR A 74 -6.68 20.15 -27.16
C THR A 74 -7.63 19.01 -26.85
N VAL A 75 -7.32 17.82 -27.35
CA VAL A 75 -8.18 16.65 -27.15
C VAL A 75 -7.72 15.91 -25.91
N MET A 76 -8.66 15.60 -25.02
CA MET A 76 -8.36 14.95 -23.76
C MET A 76 -8.73 13.46 -23.77
N SER A 77 -9.97 13.13 -24.10
CA SER A 77 -10.40 11.73 -24.13
C SER A 77 -11.34 11.51 -25.31
N VAL A 78 -11.35 10.29 -25.83
CA VAL A 78 -12.19 9.91 -26.95
C VAL A 78 -13.03 8.70 -26.55
N ARG A 79 -14.31 8.73 -26.92
CA ARG A 79 -15.23 7.61 -26.74
C ARG A 79 -15.98 7.40 -28.05
N ALA A 80 -16.25 6.13 -28.38
CA ALA A 80 -16.87 5.80 -29.66
C ALA A 80 -17.94 4.73 -29.46
N TRP A 81 -19.01 4.84 -30.24
CA TRP A 81 -20.14 3.92 -30.20
C TRP A 81 -20.55 3.56 -31.62
N THR A 82 -20.91 2.31 -31.84
CA THR A 82 -21.50 1.92 -33.11
C THR A 82 -22.87 2.59 -33.24
N GLN A 83 -23.09 3.27 -34.37
CA GLN A 83 -24.31 4.03 -34.57
C GLN A 83 -25.36 3.30 -35.40
N LEU A 84 -24.99 2.21 -36.07
CA LEU A 84 -25.94 1.45 -36.88
C LEU A 84 -25.82 -0.04 -36.59
N THR A 85 -26.79 -0.80 -37.10
CA THR A 85 -26.83 -2.22 -36.78
C THR A 85 -25.62 -2.93 -37.38
N PRO A 86 -25.17 -4.01 -36.74
CA PRO A 86 -24.05 -4.76 -37.26
C PRO A 86 -24.50 -5.72 -38.34
N PRO A 87 -23.57 -6.30 -39.10
CA PRO A 87 -23.95 -7.34 -40.06
C PRO A 87 -24.79 -8.42 -39.43
N VAL A 88 -25.50 -9.18 -40.26
CA VAL A 88 -26.28 -10.31 -39.78
C VAL A 88 -25.35 -11.34 -39.14
N ASN A 89 -25.84 -11.97 -38.08
CA ASN A 89 -25.12 -12.98 -37.31
C ASN A 89 -23.93 -12.40 -36.55
N GLU A 90 -23.67 -11.11 -36.63
CA GLU A 90 -22.52 -10.50 -36.00
C GLU A 90 -22.92 -9.60 -34.83
N TYR A 91 -22.02 -9.52 -33.85
CA TYR A 91 -22.15 -8.59 -32.73
C TYR A 91 -21.38 -7.31 -33.04
N SER A 92 -21.99 -6.17 -32.73
CA SER A 92 -21.37 -4.89 -33.03
C SER A 92 -19.97 -4.83 -32.42
N PHE A 93 -19.09 -4.07 -33.06
CA PHE A 93 -17.77 -3.81 -32.50
C PHE A 93 -17.23 -2.49 -33.05
N VAL A 94 -16.25 -1.95 -32.32
CA VAL A 94 -15.59 -0.70 -32.71
C VAL A 94 -14.17 -0.75 -32.16
N ARG A 95 -13.21 -0.32 -32.97
CA ARG A 95 -11.81 -0.23 -32.56
C ARG A 95 -11.34 1.21 -32.62
N LEU A 96 -10.36 1.53 -31.78
CA LEU A 96 -9.77 2.87 -31.76
C LEU A 96 -8.25 2.77 -31.70
N LYS A 97 -7.59 3.47 -32.60
CA LYS A 97 -6.13 3.58 -32.60
C LYS A 97 -5.77 5.05 -32.42
N PRO A 98 -5.24 5.46 -31.28
CA PRO A 98 -4.91 6.89 -31.11
C PRO A 98 -3.88 7.35 -32.14
N LEU A 99 -4.00 8.62 -32.53
CA LEU A 99 -3.07 9.24 -33.47
C LEU A 99 -2.51 10.49 -32.85
N PHE A 100 -1.23 10.77 -33.14
CA PHE A 100 -0.57 11.96 -32.65
C PHE A 100 0.36 12.48 -33.74
N LYS A 101 0.53 13.81 -33.76
CA LYS A 101 1.43 14.42 -34.73
C LYS A 101 2.89 14.08 -34.41
N THR A 102 3.23 14.00 -33.12
CA THR A 102 4.59 13.62 -32.74
C THR A 102 4.86 12.14 -32.96
N GLY A 103 3.82 11.33 -33.11
CA GLY A 103 3.98 9.91 -33.35
C GLY A 103 2.72 9.11 -33.14
N ASP A 104 2.24 8.44 -34.19
CA ASP A 104 1.01 7.67 -34.10
C ASP A 104 1.17 6.46 -33.20
N SER A 105 0.05 5.99 -32.67
CA SER A 105 0.05 4.82 -31.81
C SER A 105 -0.22 3.55 -32.63
N THR A 106 -0.08 2.40 -31.95
CA THR A 106 -0.42 1.10 -32.53
C THR A 106 -1.50 0.37 -31.75
N GLU A 107 -1.90 0.87 -30.59
CA GLU A 107 -2.96 0.23 -29.82
C GLU A 107 -4.25 0.20 -30.62
N GLU A 108 -4.98 -0.92 -30.53
CA GLU A 108 -6.30 -1.06 -31.13
C GLU A 108 -7.30 -1.30 -30.00
N PHE A 109 -7.60 -0.24 -29.23
CA PHE A 109 -8.64 -0.33 -28.21
C PHE A 109 -9.93 -0.82 -28.85
N GLU A 110 -10.41 -1.98 -28.42
CA GLU A 110 -11.56 -2.62 -29.06
C GLU A 110 -12.63 -2.92 -28.03
N GLY A 111 -13.89 -2.71 -28.44
CA GLY A 111 -15.03 -3.02 -27.60
C GLY A 111 -16.11 -3.70 -28.41
N ARG A 112 -16.63 -4.79 -27.88
CA ARG A 112 -17.65 -5.57 -28.57
C ARG A 112 -18.93 -5.61 -27.75
N ALA A 113 -20.06 -5.66 -28.46
CA ALA A 113 -21.35 -5.84 -27.82
C ALA A 113 -21.56 -7.30 -27.42
N SER A 114 -22.27 -7.48 -26.31
CA SER A 114 -22.72 -8.82 -25.92
C SER A 114 -24.12 -9.14 -26.41
N ASN A 115 -24.84 -8.15 -26.94
CA ASN A 115 -26.15 -8.34 -27.54
C ASN A 115 -26.14 -7.66 -28.91
N ILE A 116 -26.54 -8.41 -29.94
CA ILE A 116 -26.46 -7.89 -31.30
C ILE A 116 -27.24 -6.58 -31.41
N ASN A 117 -28.38 -6.49 -30.73
CA ASN A 117 -29.19 -5.28 -30.78
C ASN A 117 -28.58 -4.14 -30.00
N THR A 118 -27.48 -4.38 -29.29
CA THR A 118 -26.88 -3.37 -28.43
C THR A 118 -25.64 -2.79 -29.09
N ARG A 119 -25.46 -1.48 -28.92
CA ARG A 119 -24.28 -0.82 -29.44
C ARG A 119 -23.03 -1.46 -28.84
N ALA A 120 -21.89 -1.19 -29.47
CA ALA A 120 -20.58 -1.42 -28.90
C ALA A 120 -20.00 -0.07 -28.48
N SER A 121 -19.07 -0.09 -27.53
CA SER A 121 -18.49 1.15 -27.04
C SER A 121 -17.04 0.89 -26.65
N VAL A 122 -16.26 1.95 -26.68
CA VAL A 122 -14.87 1.91 -26.24
C VAL A 122 -14.29 3.32 -26.37
N GLY A 123 -13.22 3.59 -25.64
CA GLY A 123 -12.59 4.89 -25.67
C GLY A 123 -11.22 4.82 -25.03
N TYR A 124 -10.46 5.90 -25.20
CA TYR A 124 -9.12 5.98 -24.64
C TYR A 124 -8.90 7.36 -24.06
N ARG A 125 -7.91 7.45 -23.17
CA ARG A 125 -7.54 8.69 -22.52
C ARG A 125 -6.14 9.11 -22.97
N ILE A 126 -6.02 10.33 -23.45
CA ILE A 126 -4.72 10.88 -23.85
C ILE A 126 -4.04 11.41 -22.59
N PRO A 127 -2.83 10.92 -22.26
CA PRO A 127 -2.18 11.36 -21.02
C PRO A 127 -1.86 12.86 -21.08
N THR A 128 -1.71 13.45 -19.90
CA THR A 128 -1.32 14.85 -19.82
C THR A 128 -0.21 15.17 -20.81
N ASN A 129 0.89 14.42 -20.74
CA ASN A 129 2.09 14.74 -21.52
C ASN A 129 1.86 14.68 -23.01
N LEU A 130 0.70 14.24 -23.48
CA LEU A 130 0.40 14.21 -24.90
C LEU A 130 -0.77 15.10 -25.29
N ARG A 131 -1.20 15.99 -24.41
CA ARG A 131 -2.36 16.85 -24.67
C ARG A 131 -1.88 18.19 -25.20
N GLN A 132 -1.51 18.20 -26.47
CA GLN A 132 -1.16 19.42 -27.18
C GLN A 132 -2.27 19.78 -28.16
N ASN A 133 -2.17 20.98 -28.73
CA ASN A 133 -3.17 21.44 -29.69
C ASN A 133 -3.11 20.64 -30.98
N THR A 134 -4.25 20.59 -31.66
CA THR A 134 -4.40 19.89 -32.94
C THR A 134 -5.34 20.72 -33.80
N VAL A 135 -4.95 20.99 -35.04
CA VAL A 135 -5.73 21.82 -35.93
C VAL A 135 -6.55 20.93 -36.86
N ALA A 136 -7.42 21.57 -37.65
CA ALA A 136 -8.41 20.83 -38.43
C ALA A 136 -7.76 19.80 -39.35
N ALA A 137 -6.59 20.12 -39.90
CA ALA A 137 -5.93 19.19 -40.81
C ALA A 137 -5.44 17.95 -40.08
N ASP A 138 -5.15 18.06 -38.78
CA ASP A 138 -4.69 16.92 -38.02
C ASP A 138 -5.80 15.88 -37.91
N ASN A 139 -5.43 14.71 -37.36
CA ASN A 139 -6.37 13.63 -37.11
C ASN A 139 -6.24 13.16 -35.68
N VAL A 140 -7.37 12.73 -35.11
CA VAL A 140 -7.41 12.32 -33.72
C VAL A 140 -7.07 10.84 -33.62
N CYS A 141 -7.80 10.00 -34.33
CA CYS A 141 -7.58 8.56 -34.24
C CYS A 141 -8.27 7.86 -35.40
N GLU A 142 -7.96 6.56 -35.53
CA GLU A 142 -8.55 5.70 -36.55
C GLU A 142 -9.65 4.86 -35.92
N VAL A 143 -10.75 4.69 -36.66
CA VAL A 143 -11.94 3.97 -36.20
CA VAL A 143 -11.92 3.97 -36.20
C VAL A 143 -12.22 2.84 -37.17
N ARG A 144 -12.45 1.64 -36.63
CA ARG A 144 -12.83 0.48 -37.42
C ARG A 144 -14.13 -0.08 -36.86
N SER A 145 -14.98 -0.61 -37.74
CA SER A 145 -16.21 -1.21 -37.25
C SER A 145 -16.92 -1.93 -38.40
N ASN A 146 -17.62 -3.01 -38.03
CA ASN A 146 -18.53 -3.69 -38.94
C ASN A 146 -19.85 -2.94 -39.10
N CYS A 147 -20.14 -1.98 -38.25
CA CYS A 147 -21.30 -1.11 -38.40
C CYS A 147 -20.92 0.08 -39.27
N ARG A 148 -21.81 0.42 -40.20
CA ARG A 148 -21.50 1.40 -41.24
C ARG A 148 -21.44 2.84 -40.72
N GLN A 149 -21.71 3.07 -39.44
CA GLN A 149 -21.51 4.38 -38.83
C GLN A 149 -21.00 4.18 -37.42
N VAL A 150 -20.43 5.24 -36.86
CA VAL A 150 -19.96 5.25 -35.48
C VAL A 150 -20.30 6.60 -34.87
N ALA A 151 -20.69 6.59 -33.60
CA ALA A 151 -20.96 7.82 -32.85
C ALA A 151 -19.77 8.08 -31.92
N LEU A 152 -19.23 9.30 -31.99
CA LEU A 152 -18.09 9.71 -31.19
C LEU A 152 -18.53 10.78 -30.19
N VAL A 153 -17.78 10.88 -29.09
CA VAL A 153 -18.01 11.90 -28.09
C VAL A 153 -16.67 12.30 -27.51
N ILE A 154 -16.08 13.37 -28.03
CA ILE A 154 -14.71 13.75 -27.71
C ILE A 154 -14.74 14.85 -26.67
N SER A 155 -14.25 14.55 -25.47
CA SER A 155 -14.04 15.55 -24.45
C SER A 155 -12.76 16.32 -24.79
N CYS A 156 -12.89 17.63 -24.98
CA CYS A 156 -11.77 18.42 -25.45
C CYS A 156 -11.93 19.86 -24.95
N CYS A 157 -10.88 20.65 -25.14
CA CYS A 157 -10.81 22.03 -24.65
C CYS A 157 -10.50 22.93 -25.84
N PHE A 158 -11.50 23.63 -26.33
CA PHE A 158 -11.29 24.56 -27.42
C PHE A 158 -10.52 25.78 -26.93
N ASN A 159 -9.44 26.11 -27.62
CA ASN A 159 -8.63 27.28 -27.31
C ASN A 159 -8.10 27.81 -28.64
N ASN B 16 -59.54 4.06 14.26
CA ASN B 16 -59.77 4.92 15.42
C ASN B 16 -61.20 4.81 15.93
N SER B 17 -62.15 4.65 15.01
CA SER B 17 -63.56 4.61 15.35
C SER B 17 -64.31 3.90 14.22
N ASN B 18 -65.62 3.70 14.42
CA ASN B 18 -66.48 3.06 13.44
C ASN B 18 -67.79 3.80 13.20
N VAL B 19 -67.99 4.96 13.80
CA VAL B 19 -69.25 5.67 13.69
C VAL B 19 -68.98 7.16 13.50
N VAL B 20 -70.00 7.85 13.00
CA VAL B 20 -69.89 9.28 12.79
C VAL B 20 -69.54 9.97 14.12
N THR B 21 -68.83 11.10 14.01
CA THR B 21 -68.42 11.89 15.15
C THR B 21 -68.72 13.35 14.85
N MET B 22 -68.93 14.15 15.89
CA MET B 22 -69.29 15.54 15.72
CA MET B 22 -69.29 15.55 15.73
C MET B 22 -68.04 16.40 15.59
N ILE B 23 -68.10 17.37 14.67
CA ILE B 23 -67.01 18.29 14.39
C ILE B 23 -67.41 19.66 14.92
N ARG B 24 -66.59 20.23 15.81
CA ARG B 24 -66.90 21.52 16.44
C ARG B 24 -66.31 22.65 15.60
N ALA B 25 -66.96 22.87 14.46
CA ALA B 25 -66.53 23.88 13.51
C ALA B 25 -66.87 25.28 14.02
N GLY B 26 -66.12 26.25 13.51
CA GLY B 26 -66.28 27.63 13.91
C GLY B 26 -66.62 28.57 12.78
N SER B 27 -65.86 29.66 12.65
CA SER B 27 -66.15 30.65 11.61
C SER B 27 -66.03 30.02 10.24
N TYR B 28 -66.81 30.53 9.29
CA TYR B 28 -66.67 30.10 7.91
C TYR B 28 -65.21 30.32 7.52
N PRO B 29 -64.49 29.28 7.10
CA PRO B 29 -63.08 29.46 6.72
C PRO B 29 -62.96 30.09 5.35
N LYS B 30 -61.74 30.55 5.04
CA LYS B 30 -61.40 30.89 3.67
C LYS B 30 -61.58 29.65 2.81
N VAL B 31 -62.23 29.81 1.65
CA VAL B 31 -62.46 28.72 0.72
C VAL B 31 -61.90 29.12 -0.63
N ASN B 32 -61.79 28.14 -1.52
CA ASN B 32 -61.43 28.33 -2.90
C ASN B 32 -62.09 27.20 -3.68
N PRO B 33 -62.98 27.49 -4.64
CA PRO B 33 -63.59 26.40 -5.41
C PRO B 33 -62.73 25.87 -6.54
N THR B 34 -61.72 26.62 -6.99
CA THR B 34 -60.88 26.22 -8.12
C THR B 34 -59.42 26.38 -7.72
N PRO B 35 -58.75 25.30 -7.31
CA PRO B 35 -57.34 25.41 -6.93
C PRO B 35 -56.39 25.27 -8.11
N THR B 36 -55.13 24.95 -7.82
CA THR B 36 -54.08 24.89 -8.84
C THR B 36 -53.83 23.47 -9.34
N TRP B 37 -53.39 22.57 -8.46
CA TRP B 37 -53.14 21.18 -8.83
C TRP B 37 -51.84 21.08 -9.62
N VAL B 38 -50.92 20.22 -9.17
CA VAL B 38 -49.65 20.01 -9.85
C VAL B 38 -49.68 18.64 -10.50
N ARG B 39 -49.23 18.58 -11.76
CA ARG B 39 -49.50 17.44 -12.59
C ARG B 39 -48.27 17.01 -13.38
N ALA B 40 -48.37 15.83 -13.99
CA ALA B 40 -47.40 15.30 -14.96
C ALA B 40 -48.24 14.75 -16.10
N ILE B 41 -48.38 15.51 -17.18
CA ILE B 41 -49.34 15.23 -18.24
C ILE B 41 -48.68 14.28 -19.24
N PRO B 42 -49.28 13.10 -19.51
CA PRO B 42 -48.74 12.24 -20.56
C PRO B 42 -49.54 12.35 -21.85
N PHE B 43 -48.88 12.73 -22.94
CA PHE B 43 -49.51 12.77 -24.24
C PHE B 43 -48.47 12.49 -25.30
N GLU B 44 -48.94 12.33 -26.54
CA GLU B 44 -48.09 11.99 -27.66
C GLU B 44 -48.25 13.04 -28.75
N VAL B 45 -47.25 13.09 -29.63
CA VAL B 45 -47.25 13.97 -30.79
C VAL B 45 -46.76 13.16 -31.98
N SER B 46 -47.12 13.61 -33.17
CA SER B 46 -46.68 12.99 -34.41
C SER B 46 -45.50 13.79 -34.94
N VAL B 47 -44.38 13.11 -35.16
CA VAL B 47 -43.14 13.74 -35.61
C VAL B 47 -42.81 13.19 -36.99
N GLN B 48 -42.33 14.08 -37.86
CA GLN B 48 -41.83 13.71 -39.17
C GLN B 48 -40.31 13.65 -39.15
N SER B 49 -39.76 12.94 -40.12
CA SER B 49 -38.32 12.76 -40.19
C SER B 49 -37.66 14.05 -40.66
N GLY B 50 -36.77 14.60 -39.84
CA GLY B 50 -36.04 15.80 -40.17
C GLY B 50 -36.79 17.09 -39.94
N ILE B 51 -38.02 17.03 -39.44
CA ILE B 51 -38.84 18.21 -39.24
C ILE B 51 -39.09 18.40 -37.75
N ALA B 52 -38.80 19.60 -37.26
CA ALA B 52 -38.97 19.95 -35.86
C ALA B 52 -40.42 20.34 -35.61
N PHE B 53 -41.03 19.73 -34.61
CA PHE B 53 -42.43 19.93 -34.28
C PHE B 53 -42.53 20.75 -33.00
N LYS B 54 -43.17 21.90 -33.09
CA LYS B 54 -43.44 22.70 -31.90
C LYS B 54 -44.61 22.08 -31.15
N VAL B 55 -44.42 21.81 -29.85
CA VAL B 55 -45.45 21.20 -29.02
C VAL B 55 -46.34 22.32 -28.49
N PRO B 56 -47.63 22.32 -28.80
CA PRO B 56 -48.51 23.39 -28.29
C PRO B 56 -48.90 23.14 -26.85
N VAL B 57 -48.82 24.20 -26.04
CA VAL B 57 -49.30 24.13 -24.66
C VAL B 57 -50.76 23.72 -24.63
N GLY B 58 -51.50 24.02 -25.70
CA GLY B 58 -52.92 23.69 -25.76
C GLY B 58 -53.24 22.22 -25.57
N SER B 59 -52.23 21.35 -25.61
CA SER B 59 -52.45 19.94 -25.38
C SER B 59 -52.51 19.58 -23.90
N LEU B 60 -51.99 20.45 -23.03
CA LEU B 60 -52.11 20.23 -21.59
C LEU B 60 -53.51 20.50 -21.06
N PHE B 61 -54.29 21.33 -21.76
CA PHE B 61 -55.66 21.63 -21.36
C PHE B 61 -56.59 20.69 -22.12
N SER B 62 -57.12 19.69 -21.43
CA SER B 62 -57.98 18.69 -22.05
C SER B 62 -58.75 17.94 -20.97
N ALA B 63 -60.01 17.60 -21.28
CA ALA B 63 -60.82 16.82 -20.34
C ALA B 63 -60.31 15.40 -20.16
N ASN B 64 -59.38 14.95 -21.01
CA ASN B 64 -58.75 13.66 -20.80
C ASN B 64 -57.84 13.68 -19.57
N PHE B 65 -57.34 14.85 -19.18
CA PHE B 65 -56.51 15.00 -18.01
C PHE B 65 -57.25 15.67 -16.86
N ARG B 66 -58.54 15.93 -17.01
CA ARG B 66 -59.34 16.66 -16.04
C ARG B 66 -58.98 18.14 -15.99
N THR B 67 -58.40 18.66 -17.06
CA THR B 67 -57.83 20.00 -17.06
C THR B 67 -58.52 20.98 -18.01
N ASP B 68 -59.71 20.66 -18.50
CA ASP B 68 -60.40 21.55 -19.42
C ASP B 68 -60.95 22.79 -18.74
N SER B 69 -60.70 22.97 -17.46
CA SER B 69 -61.14 24.13 -16.70
C SER B 69 -60.02 25.14 -16.51
N PHE B 70 -58.79 24.82 -16.94
CA PHE B 70 -57.65 25.71 -16.82
C PHE B 70 -57.34 26.39 -18.15
N THR B 71 -56.83 27.63 -18.06
CA THR B 71 -56.36 28.37 -19.22
C THR B 71 -54.90 28.79 -19.10
N SER B 72 -54.25 28.48 -17.97
CA SER B 72 -52.86 28.86 -17.76
C SER B 72 -52.18 27.73 -17.02
N VAL B 73 -50.91 27.53 -17.34
CA VAL B 73 -50.12 26.45 -16.75
C VAL B 73 -48.66 26.88 -16.77
N THR B 74 -47.97 26.58 -15.67
CA THR B 74 -46.55 26.90 -15.52
C THR B 74 -45.76 25.61 -15.71
N VAL B 75 -44.96 25.55 -16.76
CA VAL B 75 -44.20 24.35 -17.05
C VAL B 75 -42.92 24.37 -16.25
N MET B 76 -42.57 23.21 -15.69
CA MET B 76 -41.38 23.06 -14.86
C MET B 76 -40.33 22.17 -15.50
N SER B 77 -40.70 21.00 -16.00
CA SER B 77 -39.74 20.08 -16.60
C SER B 77 -40.45 19.20 -17.61
N VAL B 78 -39.75 18.91 -18.70
CA VAL B 78 -40.29 18.11 -19.81
C VAL B 78 -39.42 16.89 -20.00
N ARG B 79 -40.05 15.75 -20.30
CA ARG B 79 -39.38 14.49 -20.58
C ARG B 79 -40.04 13.88 -21.81
N ALA B 80 -39.23 13.26 -22.67
CA ALA B 80 -39.73 12.75 -23.93
C ALA B 80 -39.18 11.36 -24.19
N TRP B 81 -40.03 10.49 -24.76
CA TRP B 81 -39.65 9.15 -25.15
C TRP B 81 -40.11 8.88 -26.58
N THR B 82 -39.30 8.13 -27.31
CA THR B 82 -39.73 7.65 -28.62
C THR B 82 -40.89 6.68 -28.43
N GLN B 83 -41.96 6.88 -29.20
CA GLN B 83 -43.17 6.10 -29.06
C GLN B 83 -43.27 4.97 -30.07
N LEU B 84 -42.62 5.08 -31.23
CA LEU B 84 -42.61 4.04 -32.24
C LEU B 84 -41.17 3.59 -32.50
N THR B 85 -41.03 2.48 -33.21
CA THR B 85 -39.70 1.96 -33.50
C THR B 85 -38.96 2.91 -34.44
N PRO B 86 -37.63 2.98 -34.34
CA PRO B 86 -36.86 3.82 -35.27
C PRO B 86 -36.82 3.20 -36.65
N PRO B 87 -36.26 3.91 -37.62
CA PRO B 87 -36.09 3.30 -38.96
C PRO B 87 -35.24 2.05 -38.91
N VAL B 88 -35.08 1.38 -40.05
CA VAL B 88 -34.31 0.14 -40.11
C VAL B 88 -32.84 0.48 -39.99
N ASN B 89 -32.12 -0.37 -39.28
CA ASN B 89 -30.69 -0.29 -39.01
C ASN B 89 -30.31 0.78 -38.00
N GLU B 90 -31.26 1.51 -37.43
CA GLU B 90 -30.96 2.69 -36.65
C GLU B 90 -31.36 2.51 -35.18
N TYR B 91 -30.70 3.29 -34.32
CA TYR B 91 -31.00 3.37 -32.90
C TYR B 91 -31.82 4.63 -32.63
N SER B 92 -32.91 4.48 -31.89
CA SER B 92 -33.82 5.60 -31.64
C SER B 92 -33.06 6.80 -31.08
N PHE B 93 -33.55 8.00 -31.41
CA PHE B 93 -33.00 9.23 -30.87
C PHE B 93 -34.10 10.28 -30.80
N VAL B 94 -33.92 11.25 -29.91
CA VAL B 94 -34.92 12.30 -29.69
C VAL B 94 -34.22 13.55 -29.20
N ARG B 95 -34.69 14.71 -29.69
CA ARG B 95 -34.12 16.00 -29.31
C ARG B 95 -35.23 16.93 -28.83
N LEU B 96 -34.86 17.81 -27.88
CA LEU B 96 -35.78 18.81 -27.33
C LEU B 96 -35.08 20.17 -27.32
N LYS B 97 -35.72 21.17 -27.93
CA LYS B 97 -35.21 22.54 -27.90
C LYS B 97 -36.14 23.42 -27.10
N PRO B 98 -35.82 23.75 -25.85
CA PRO B 98 -36.77 24.53 -25.03
C PRO B 98 -37.19 25.80 -25.76
N LEU B 99 -38.48 26.10 -25.70
CA LEU B 99 -39.04 27.32 -26.27
C LEU B 99 -39.63 28.19 -25.18
N PHE B 100 -39.62 29.49 -25.41
CA PHE B 100 -40.11 30.46 -24.45
C PHE B 100 -40.65 31.67 -25.20
N LYS B 101 -41.48 32.44 -24.50
CA LYS B 101 -42.02 33.68 -25.08
C LYS B 101 -41.02 34.82 -25.00
N THR B 102 -40.13 34.80 -24.01
CA THR B 102 -39.13 35.85 -23.85
C THR B 102 -37.91 35.64 -24.73
N GLY B 103 -37.83 34.50 -25.42
CA GLY B 103 -36.71 34.22 -26.31
C GLY B 103 -36.39 32.74 -26.38
N ASP B 104 -36.50 32.16 -27.57
CA ASP B 104 -36.32 30.72 -27.70
C ASP B 104 -34.88 30.32 -27.36
N SER B 105 -34.71 29.05 -27.03
CA SER B 105 -33.40 28.48 -26.73
C SER B 105 -32.86 27.74 -27.95
N THR B 106 -31.52 27.70 -28.04
CA THR B 106 -30.83 27.00 -29.11
C THR B 106 -30.17 25.71 -28.62
N GLU B 107 -30.51 25.25 -27.42
CA GLU B 107 -30.10 23.94 -26.94
C GLU B 107 -30.96 22.88 -27.62
N GLU B 108 -30.36 21.74 -27.94
CA GLU B 108 -31.08 20.63 -28.57
C GLU B 108 -30.79 19.35 -27.78
N PHE B 109 -31.12 19.38 -26.48
CA PHE B 109 -30.84 18.24 -25.60
C PHE B 109 -31.26 16.94 -26.25
N GLU B 110 -30.30 16.04 -26.50
CA GLU B 110 -30.53 14.82 -27.26
C GLU B 110 -30.36 13.59 -26.38
N GLY B 111 -31.06 12.52 -26.76
CA GLY B 111 -30.93 11.23 -26.10
C GLY B 111 -31.14 10.09 -27.06
N ARG B 112 -30.24 9.11 -27.05
CA ARG B 112 -30.32 7.98 -27.96
C ARG B 112 -30.47 6.68 -27.17
N ALA B 113 -30.96 5.66 -27.87
CA ALA B 113 -31.16 4.34 -27.32
C ALA B 113 -29.96 3.45 -27.63
N SER B 114 -29.55 2.66 -26.65
CA SER B 114 -28.48 1.70 -26.84
C SER B 114 -29.00 0.34 -27.31
N ASN B 115 -30.24 0.27 -27.76
CA ASN B 115 -30.87 -0.96 -28.21
C ASN B 115 -31.95 -0.58 -29.22
N ILE B 116 -31.88 -1.16 -30.42
CA ILE B 116 -32.79 -0.78 -31.49
C ILE B 116 -34.23 -0.96 -31.06
N ASN B 117 -34.50 -1.93 -30.19
CA ASN B 117 -35.86 -2.21 -29.73
C ASN B 117 -36.27 -1.35 -28.55
N THR B 118 -35.36 -0.54 -28.01
CA THR B 118 -35.63 0.23 -26.80
C THR B 118 -35.93 1.68 -27.15
N ARG B 119 -36.68 2.32 -26.27
CA ARG B 119 -36.98 3.73 -26.45
C ARG B 119 -35.73 4.58 -26.25
N ALA B 120 -35.74 5.76 -26.87
CA ALA B 120 -34.80 6.82 -26.58
C ALA B 120 -35.47 7.82 -25.65
N SER B 121 -34.67 8.44 -24.77
CA SER B 121 -35.25 9.34 -23.79
C SER B 121 -34.31 10.48 -23.49
N VAL B 122 -34.88 11.68 -23.29
CA VAL B 122 -34.13 12.83 -22.83
C VAL B 122 -35.14 13.85 -22.34
N GLY B 123 -34.72 14.70 -21.42
CA GLY B 123 -35.58 15.74 -20.88
C GLY B 123 -34.77 16.95 -20.45
N TYR B 124 -35.46 18.01 -20.07
CA TYR B 124 -34.82 19.22 -19.59
C TYR B 124 -35.71 19.89 -18.54
N ARG B 125 -35.05 20.50 -17.55
CA ARG B 125 -35.71 21.21 -16.46
C ARG B 125 -35.76 22.69 -16.79
N ILE B 126 -36.85 23.36 -16.40
CA ILE B 126 -36.99 24.79 -16.55
C ILE B 126 -36.64 25.44 -15.21
N PRO B 127 -35.66 26.34 -15.17
CA PRO B 127 -35.31 26.98 -13.89
C PRO B 127 -36.41 27.92 -13.43
N THR B 128 -36.34 28.23 -12.14
CA THR B 128 -37.32 29.10 -11.50
C THR B 128 -37.55 30.38 -12.32
N ASN B 129 -36.49 31.13 -12.55
CA ASN B 129 -36.61 32.43 -13.20
C ASN B 129 -37.28 32.36 -14.56
N LEU B 130 -37.52 31.16 -15.07
CA LEU B 130 -38.16 30.99 -16.37
C LEU B 130 -39.51 30.28 -16.26
N ARG B 131 -40.03 30.08 -15.05
CA ARG B 131 -41.28 29.36 -14.85
C ARG B 131 -42.41 30.39 -14.74
N GLN B 132 -42.85 30.89 -15.89
CA GLN B 132 -44.01 31.75 -15.96
C GLN B 132 -45.21 30.94 -16.47
N ASN B 133 -46.35 31.62 -16.61
CA ASN B 133 -47.52 30.96 -17.15
C ASN B 133 -47.45 30.95 -18.68
N THR B 134 -48.21 30.03 -19.27
CA THR B 134 -48.28 29.85 -20.71
C THR B 134 -49.72 29.49 -21.06
N VAL B 135 -50.19 29.97 -22.20
CA VAL B 135 -51.56 29.71 -22.64
C VAL B 135 -51.54 28.75 -23.81
N ALA B 136 -52.70 28.52 -24.44
CA ALA B 136 -52.80 27.49 -25.45
C ALA B 136 -52.09 27.89 -26.74
N ALA B 137 -52.08 29.18 -27.07
CA ALA B 137 -51.47 29.65 -28.30
C ALA B 137 -49.96 29.60 -28.29
N ASP B 138 -49.35 29.19 -27.18
CA ASP B 138 -47.90 29.17 -27.05
C ASP B 138 -47.38 27.75 -27.30
N ASN B 139 -46.06 27.65 -27.41
CA ASN B 139 -45.37 26.40 -27.67
C ASN B 139 -44.39 26.11 -26.53
N VAL B 140 -44.14 24.83 -26.31
CA VAL B 140 -43.27 24.38 -25.23
C VAL B 140 -41.85 24.16 -25.70
N CYS B 141 -41.67 23.44 -26.81
CA CYS B 141 -40.34 23.01 -27.23
C CYS B 141 -40.44 22.37 -28.61
N GLU B 142 -39.32 22.40 -29.33
CA GLU B 142 -39.20 21.71 -30.60
C GLU B 142 -38.74 20.27 -30.38
N VAL B 143 -39.49 19.32 -30.92
CA VAL B 143 -39.14 17.90 -30.83
C VAL B 143 -38.56 17.46 -32.16
N ARG B 144 -37.45 16.73 -32.11
CA ARG B 144 -36.85 16.11 -33.28
C ARG B 144 -36.56 14.65 -32.96
N SER B 145 -36.76 13.77 -33.95
CA SER B 145 -36.54 12.34 -33.75
C SER B 145 -36.73 11.61 -35.07
N ASN B 146 -36.32 10.34 -35.08
CA ASN B 146 -36.46 9.46 -36.24
C ASN B 146 -37.72 8.61 -36.18
N CYS B 147 -38.29 8.40 -34.99
CA CYS B 147 -39.55 7.70 -34.87
C CYS B 147 -40.70 8.65 -35.12
N ARG B 148 -41.73 8.16 -35.76
CA ARG B 148 -42.84 9.00 -36.19
C ARG B 148 -43.76 9.44 -35.05
N GLN B 149 -43.46 9.12 -33.80
CA GLN B 149 -44.26 9.60 -32.68
C GLN B 149 -43.39 9.59 -31.43
N VAL B 150 -43.67 10.53 -30.53
CA VAL B 150 -42.92 10.71 -29.29
C VAL B 150 -43.93 10.92 -28.17
N ALA B 151 -43.68 10.32 -27.01
CA ALA B 151 -44.52 10.47 -25.83
C ALA B 151 -43.88 11.48 -24.89
N LEU B 152 -44.66 12.47 -24.46
CA LEU B 152 -44.16 13.55 -23.62
C LEU B 152 -44.82 13.49 -22.26
N VAL B 153 -44.02 13.68 -21.22
CA VAL B 153 -44.50 13.72 -19.85
C VAL B 153 -44.02 15.03 -19.23
N ILE B 154 -44.93 16.00 -19.13
CA ILE B 154 -44.59 17.35 -18.71
C ILE B 154 -45.00 17.54 -17.26
N SER B 155 -44.06 18.01 -16.44
CA SER B 155 -44.33 18.42 -15.07
C SER B 155 -44.70 19.90 -15.08
N CYS B 156 -45.93 20.21 -14.71
CA CYS B 156 -46.45 21.56 -14.88
C CYS B 156 -47.52 21.86 -13.86
N CYS B 157 -47.58 23.13 -13.46
CA CYS B 157 -48.49 23.60 -12.42
C CYS B 157 -49.63 24.37 -13.07
N PHE B 158 -50.82 23.78 -13.08
CA PHE B 158 -51.99 24.43 -13.64
C PHE B 158 -52.54 25.46 -12.66
N ASN B 159 -52.99 26.59 -13.18
CA ASN B 159 -53.60 27.62 -12.34
C ASN B 159 -54.34 28.65 -13.18
N ASP C 15 -34.61 -33.91 22.19
CA ASP C 15 -33.64 -34.56 21.31
C ASP C 15 -34.17 -34.72 19.90
N ASN C 16 -34.86 -33.69 19.40
CA ASN C 16 -35.47 -33.71 18.07
C ASN C 16 -36.49 -34.83 17.90
N SER C 17 -36.13 -36.06 18.28
CA SER C 17 -37.05 -37.20 18.29
C SER C 17 -37.24 -37.79 16.90
N ASN C 18 -37.30 -39.12 16.82
CA ASN C 18 -37.56 -39.81 15.57
C ASN C 18 -38.82 -40.68 15.62
N VAL C 19 -39.59 -40.62 16.69
CA VAL C 19 -40.74 -41.49 16.85
C VAL C 19 -41.92 -40.73 17.42
N VAL C 20 -43.12 -41.19 17.11
CA VAL C 20 -44.36 -40.52 17.52
C VAL C 20 -44.32 -40.22 19.01
N THR C 21 -44.95 -39.12 19.40
CA THR C 21 -44.92 -38.63 20.77
C THR C 21 -46.34 -38.29 21.21
N MET C 22 -46.67 -38.60 22.46
CA MET C 22 -48.02 -38.39 22.91
C MET C 22 -48.30 -36.91 23.12
N ILE C 23 -49.54 -36.49 22.82
CA ILE C 23 -49.99 -35.13 23.03
C ILE C 23 -51.01 -35.14 24.16
N ARG C 24 -50.88 -34.19 25.07
CA ARG C 24 -51.81 -34.06 26.20
C ARG C 24 -52.89 -33.03 25.86
N ALA C 25 -53.64 -33.32 24.81
CA ALA C 25 -54.69 -32.41 24.37
C ALA C 25 -55.76 -32.29 25.45
N GLY C 26 -56.49 -31.17 25.40
CA GLY C 26 -57.48 -30.86 26.40
C GLY C 26 -58.89 -30.78 25.87
N SER C 27 -59.60 -29.69 26.17
CA SER C 27 -60.97 -29.55 25.72
C SER C 27 -61.02 -29.43 24.20
N TYR C 28 -62.20 -29.66 23.63
CA TYR C 28 -62.37 -29.60 22.18
C TYR C 28 -62.17 -28.16 21.72
N PRO C 29 -61.25 -27.89 20.80
CA PRO C 29 -60.98 -26.50 20.42
C PRO C 29 -62.02 -25.96 19.43
N LYS C 30 -62.07 -24.63 19.35
CA LYS C 30 -62.85 -23.99 18.30
C LYS C 30 -62.26 -24.38 16.94
N VAL C 31 -63.13 -24.74 16.00
CA VAL C 31 -62.73 -25.27 14.70
C VAL C 31 -63.49 -24.50 13.62
N ASN C 32 -63.25 -24.89 12.38
CA ASN C 32 -63.85 -24.28 11.20
C ASN C 32 -63.47 -25.11 9.97
N PRO C 33 -64.41 -25.86 9.38
CA PRO C 33 -64.02 -26.70 8.24
C PRO C 33 -63.78 -25.90 6.97
N THR C 34 -64.30 -24.68 6.88
CA THR C 34 -64.27 -23.89 5.65
C THR C 34 -63.69 -22.51 5.95
N PRO C 35 -62.37 -22.44 6.15
CA PRO C 35 -61.76 -21.16 6.54
C PRO C 35 -61.49 -20.26 5.34
N THR C 36 -61.05 -19.05 5.66
CA THR C 36 -60.66 -18.05 4.67
C THR C 36 -59.26 -18.36 4.13
N TRP C 37 -58.88 -17.65 3.07
CA TRP C 37 -57.61 -17.94 2.39
C TRP C 37 -57.21 -16.73 1.56
N VAL C 38 -56.06 -16.14 1.90
CA VAL C 38 -55.48 -15.06 1.10
C VAL C 38 -54.71 -15.68 -0.06
N ARG C 39 -54.88 -15.12 -1.25
CA ARG C 39 -54.28 -15.72 -2.43
C ARG C 39 -53.77 -14.65 -3.39
N ALA C 40 -52.84 -15.08 -4.24
CA ALA C 40 -52.33 -14.28 -5.37
C ALA C 40 -52.72 -15.10 -6.61
N ILE C 41 -53.90 -14.82 -7.16
CA ILE C 41 -54.51 -15.64 -8.20
C ILE C 41 -53.97 -15.16 -9.56
N PRO C 42 -53.34 -16.04 -10.36
CA PRO C 42 -53.00 -15.65 -11.73
C PRO C 42 -54.01 -16.18 -12.73
N PHE C 43 -54.27 -15.41 -13.78
CA PHE C 43 -55.15 -15.83 -14.86
C PHE C 43 -54.98 -14.80 -15.96
N GLU C 44 -55.51 -15.13 -17.14
CA GLU C 44 -55.41 -14.29 -18.31
C GLU C 44 -56.81 -13.90 -18.77
N VAL C 45 -56.88 -12.90 -19.67
CA VAL C 45 -58.14 -12.51 -20.29
C VAL C 45 -57.87 -12.13 -21.73
N SER C 46 -58.94 -12.10 -22.52
CA SER C 46 -58.90 -11.70 -23.91
C SER C 46 -59.30 -10.23 -24.04
N VAL C 47 -58.46 -9.45 -24.72
CA VAL C 47 -58.71 -8.03 -24.93
C VAL C 47 -58.71 -7.74 -26.42
N GLN C 48 -59.58 -6.81 -26.82
CA GLN C 48 -59.55 -6.24 -28.15
C GLN C 48 -58.83 -4.91 -28.13
N SER C 49 -58.17 -4.58 -29.24
CA SER C 49 -57.42 -3.34 -29.36
C SER C 49 -58.38 -2.16 -29.28
N GLY C 50 -58.11 -1.25 -28.35
CA GLY C 50 -58.90 -0.05 -28.20
C GLY C 50 -60.23 -0.22 -27.51
N ILE C 51 -60.54 -1.41 -27.00
CA ILE C 51 -61.80 -1.67 -26.32
C ILE C 51 -61.52 -2.16 -24.91
N ALA C 52 -62.23 -1.58 -23.94
CA ALA C 52 -62.06 -1.94 -22.54
C ALA C 52 -62.76 -3.26 -22.25
N PHE C 53 -62.13 -4.09 -21.43
CA PHE C 53 -62.67 -5.37 -21.00
C PHE C 53 -62.95 -5.30 -19.51
N LYS C 54 -64.16 -5.69 -19.12
CA LYS C 54 -64.56 -5.69 -17.70
C LYS C 54 -64.17 -7.04 -17.13
N VAL C 55 -63.08 -7.07 -16.36
CA VAL C 55 -62.61 -8.31 -15.73
C VAL C 55 -63.66 -8.78 -14.73
N PRO C 56 -64.29 -9.93 -14.95
CA PRO C 56 -65.32 -10.38 -14.00
C PRO C 56 -64.70 -11.01 -12.76
N VAL C 57 -65.34 -10.78 -11.60
CA VAL C 57 -64.84 -11.35 -10.36
C VAL C 57 -64.90 -12.87 -10.40
N GLY C 58 -65.92 -13.42 -11.05
CA GLY C 58 -66.13 -14.85 -11.08
C GLY C 58 -64.96 -15.66 -11.60
N SER C 59 -64.03 -14.99 -12.29
CA SER C 59 -62.85 -15.68 -12.80
C SER C 59 -61.98 -16.19 -11.66
N LEU C 60 -62.03 -15.56 -10.49
CA LEU C 60 -61.24 -16.00 -9.35
C LEU C 60 -61.80 -17.28 -8.74
N PHE C 61 -63.12 -17.49 -8.85
CA PHE C 61 -63.75 -18.71 -8.36
C PHE C 61 -63.69 -19.76 -9.46
N SER C 62 -62.84 -20.76 -9.28
CA SER C 62 -62.63 -21.81 -10.26
C SER C 62 -61.79 -22.88 -9.60
N ALA C 63 -62.10 -24.14 -9.91
CA ALA C 63 -61.32 -25.23 -9.32
C ALA C 63 -59.84 -25.07 -9.62
N ASN C 64 -59.49 -24.51 -10.79
CA ASN C 64 -58.09 -24.37 -11.17
C ASN C 64 -57.27 -23.65 -10.09
N PHE C 65 -57.91 -22.84 -9.26
CA PHE C 65 -57.25 -22.11 -8.19
C PHE C 65 -57.56 -22.69 -6.82
N ARG C 66 -58.27 -23.81 -6.77
CA ARG C 66 -58.76 -24.38 -5.52
C ARG C 66 -59.71 -23.42 -4.81
N THR C 67 -60.46 -22.64 -5.57
CA THR C 67 -61.37 -21.65 -5.02
C THR C 67 -62.78 -21.79 -5.59
N ASP C 68 -63.15 -22.96 -6.07
CA ASP C 68 -64.53 -23.11 -6.53
C ASP C 68 -65.50 -23.31 -5.36
N SER C 69 -65.00 -23.45 -4.14
CA SER C 69 -65.84 -23.59 -2.95
C SER C 69 -66.16 -22.25 -2.29
N PHE C 70 -65.70 -21.15 -2.87
CA PHE C 70 -65.95 -19.82 -2.35
C PHE C 70 -67.00 -19.09 -3.19
N THR C 71 -67.82 -18.27 -2.53
CA THR C 71 -68.82 -17.47 -3.23
C THR C 71 -68.61 -15.98 -3.13
N SER C 72 -67.64 -15.52 -2.32
CA SER C 72 -67.35 -14.10 -2.19
C SER C 72 -65.85 -13.95 -1.94
N VAL C 73 -65.30 -12.80 -2.33
CA VAL C 73 -63.88 -12.54 -2.21
C VAL C 73 -63.66 -11.04 -2.14
N THR C 74 -62.84 -10.61 -1.19
CA THR C 74 -62.53 -9.20 -0.99
C THR C 74 -61.22 -8.88 -1.70
N VAL C 75 -61.30 -8.13 -2.79
CA VAL C 75 -60.08 -7.80 -3.53
C VAL C 75 -59.24 -6.80 -2.75
N MET C 76 -57.92 -6.93 -2.84
CA MET C 76 -56.99 -6.02 -2.19
C MET C 76 -56.19 -5.25 -3.22
N SER C 77 -55.46 -5.95 -4.10
CA SER C 77 -54.64 -5.28 -5.11
C SER C 77 -54.72 -6.04 -6.42
N VAL C 78 -54.55 -5.31 -7.52
CA VAL C 78 -54.65 -5.86 -8.88
C VAL C 78 -53.45 -5.40 -9.68
N ARG C 79 -52.83 -6.34 -10.41
CA ARG C 79 -51.68 -6.06 -11.26
C ARG C 79 -51.93 -6.66 -12.63
N ALA C 80 -51.29 -6.07 -13.64
CA ALA C 80 -51.52 -6.46 -15.03
C ALA C 80 -50.20 -6.54 -15.78
N TRP C 81 -50.18 -7.40 -16.80
CA TRP C 81 -49.05 -7.57 -17.70
C TRP C 81 -49.60 -7.86 -19.08
N THR C 82 -48.97 -7.30 -20.11
CA THR C 82 -49.30 -7.68 -21.47
C THR C 82 -48.84 -9.11 -21.71
N GLN C 83 -49.76 -9.99 -22.11
CA GLN C 83 -49.44 -11.41 -22.25
C GLN C 83 -48.93 -11.78 -23.64
N LEU C 84 -49.25 -11.00 -24.66
CA LEU C 84 -48.78 -11.25 -26.01
C LEU C 84 -47.93 -10.07 -26.49
N THR C 85 -47.46 -10.15 -27.72
CA THR C 85 -46.66 -9.09 -28.31
C THR C 85 -47.56 -7.94 -28.71
N PRO C 86 -46.96 -6.78 -28.99
CA PRO C 86 -47.75 -5.63 -29.44
C PRO C 86 -47.83 -5.56 -30.95
N PRO C 87 -48.69 -4.70 -31.49
CA PRO C 87 -48.66 -4.46 -32.94
C PRO C 87 -47.25 -4.08 -33.38
N VAL C 88 -46.94 -4.39 -34.64
CA VAL C 88 -45.64 -4.06 -35.20
C VAL C 88 -45.39 -2.56 -34.98
N ASN C 89 -44.13 -2.22 -34.72
CA ASN C 89 -43.67 -0.84 -34.54
C ASN C 89 -44.10 -0.21 -33.21
N GLU C 90 -44.93 -0.89 -32.43
CA GLU C 90 -45.48 -0.30 -31.21
C GLU C 90 -44.87 -0.91 -29.97
N TYR C 91 -44.85 -0.11 -28.89
CA TYR C 91 -44.45 -0.57 -27.56
C TYR C 91 -45.66 -1.01 -26.77
N SER C 92 -45.54 -2.16 -26.10
CA SER C 92 -46.66 -2.72 -25.34
C SER C 92 -47.20 -1.69 -24.35
N PHE C 93 -48.45 -1.84 -23.91
CA PHE C 93 -48.94 -1.01 -22.82
C PHE C 93 -50.17 -1.69 -22.20
N VAL C 94 -50.68 -1.08 -21.14
CA VAL C 94 -51.86 -1.59 -20.43
C VAL C 94 -52.35 -0.52 -19.48
N ARG C 95 -53.68 -0.43 -19.34
CA ARG C 95 -54.34 0.51 -18.44
C ARG C 95 -55.31 -0.25 -17.55
N LEU C 96 -55.53 0.26 -16.34
CA LEU C 96 -56.45 -0.34 -15.39
C LEU C 96 -57.33 0.75 -14.80
N LYS C 97 -58.64 0.61 -14.98
CA LYS C 97 -59.59 1.53 -14.35
C LYS C 97 -60.33 0.77 -13.26
N PRO C 98 -60.11 1.08 -11.98
CA PRO C 98 -60.80 0.34 -10.92
C PRO C 98 -62.32 0.51 -11.03
N LEU C 99 -63.04 -0.52 -10.60
CA LEU C 99 -64.48 -0.53 -10.61
C LEU C 99 -64.98 -0.98 -9.24
N PHE C 100 -66.06 -0.34 -8.79
CA PHE C 100 -66.65 -0.63 -7.48
C PHE C 100 -68.16 -0.58 -7.59
N LYS C 101 -68.83 -1.33 -6.72
CA LYS C 101 -70.30 -1.38 -6.76
C LYS C 101 -70.91 -0.05 -6.34
N THR C 102 -70.32 0.60 -5.32
CA THR C 102 -70.86 1.85 -4.81
C THR C 102 -70.48 3.05 -5.67
N GLY C 103 -69.83 2.84 -6.80
CA GLY C 103 -69.42 3.94 -7.65
C GLY C 103 -68.14 3.64 -8.38
N ASP C 104 -68.22 3.52 -9.70
CA ASP C 104 -67.04 3.23 -10.50
C ASP C 104 -66.06 4.39 -10.48
N SER C 105 -64.78 4.05 -10.62
CA SER C 105 -63.73 5.05 -10.63
C SER C 105 -63.47 5.51 -12.05
N THR C 106 -62.56 6.47 -12.20
CA THR C 106 -62.25 7.05 -13.50
C THR C 106 -60.77 7.03 -13.81
N GLU C 107 -59.95 6.43 -12.95
CA GLU C 107 -58.51 6.38 -13.18
C GLU C 107 -58.17 5.45 -14.34
N GLU C 108 -57.06 5.76 -15.02
CA GLU C 108 -56.50 4.90 -16.06
C GLU C 108 -55.02 4.69 -15.71
N PHE C 109 -54.75 3.66 -14.91
CA PHE C 109 -53.40 3.35 -14.43
C PHE C 109 -52.60 2.72 -15.56
N GLU C 110 -51.94 3.57 -16.33
CA GLU C 110 -51.21 3.13 -17.52
C GLU C 110 -49.77 2.80 -17.17
N GLY C 111 -49.33 1.64 -17.60
CA GLY C 111 -47.92 1.29 -17.57
C GLY C 111 -47.51 0.79 -18.93
N ARG C 112 -46.34 1.23 -19.38
CA ARG C 112 -45.85 0.90 -20.71
C ARG C 112 -44.54 0.14 -20.63
N ALA C 113 -44.18 -0.49 -21.74
CA ALA C 113 -42.88 -1.13 -21.92
C ALA C 113 -41.93 -0.19 -22.64
N SER C 114 -40.65 -0.31 -22.33
CA SER C 114 -39.62 0.47 -23.00
C SER C 114 -38.84 -0.35 -24.03
N ASN C 115 -39.07 -1.65 -24.10
CA ASN C 115 -38.54 -2.51 -25.14
C ASN C 115 -39.71 -3.26 -25.77
N ILE C 116 -39.87 -3.14 -27.09
CA ILE C 116 -41.02 -3.73 -27.75
C ILE C 116 -41.19 -5.20 -27.34
N ASN C 117 -40.09 -5.91 -27.19
CA ASN C 117 -40.10 -7.33 -26.87
C ASN C 117 -40.43 -7.60 -25.41
N THR C 118 -40.72 -6.57 -24.62
CA THR C 118 -40.95 -6.72 -23.19
C THR C 118 -42.40 -6.41 -22.84
N ARG C 119 -42.87 -7.03 -21.77
CA ARG C 119 -44.23 -6.81 -21.30
C ARG C 119 -44.38 -5.41 -20.71
N ALA C 120 -45.62 -4.94 -20.65
CA ALA C 120 -45.99 -3.70 -19.98
C ALA C 120 -46.79 -4.05 -18.74
N SER C 121 -46.45 -3.45 -17.60
CA SER C 121 -47.02 -3.82 -16.32
C SER C 121 -47.54 -2.59 -15.61
N VAL C 122 -48.56 -2.80 -14.77
CA VAL C 122 -49.17 -1.74 -13.99
C VAL C 122 -50.15 -2.38 -13.03
N GLY C 123 -50.52 -1.66 -11.98
CA GLY C 123 -51.46 -2.19 -11.01
C GLY C 123 -51.97 -1.08 -10.13
N TYR C 124 -52.84 -1.46 -9.19
CA TYR C 124 -53.40 -0.50 -8.24
C TYR C 124 -53.79 -1.23 -6.96
N ARG C 125 -53.81 -0.48 -5.87
CA ARG C 125 -54.14 -0.97 -4.54
C ARG C 125 -55.48 -0.40 -4.10
N ILE C 126 -56.35 -1.27 -3.58
CA ILE C 126 -57.67 -0.85 -3.10
C ILE C 126 -57.52 -0.46 -1.63
N PRO C 127 -57.91 0.75 -1.24
CA PRO C 127 -57.75 1.15 0.17
C PRO C 127 -58.66 0.34 1.09
N THR C 128 -58.29 0.32 2.36
CA THR C 128 -59.03 -0.50 3.32
C THR C 128 -60.52 -0.16 3.32
N ASN C 129 -60.84 1.13 3.21
CA ASN C 129 -62.24 1.55 3.26
C ASN C 129 -63.03 1.16 2.02
N LEU C 130 -62.40 0.50 1.04
CA LEU C 130 -63.11 0.04 -0.15
C LEU C 130 -62.99 -1.47 -0.34
N ARG C 131 -62.45 -2.18 0.64
CA ARG C 131 -62.25 -3.62 0.52
C ARG C 131 -63.47 -4.35 1.05
N GLN C 132 -64.53 -4.32 0.26
N GLN C 132 -64.53 -4.32 0.25
CA GLN C 132 -65.75 -5.06 0.55
CA GLN C 132 -65.76 -5.05 0.53
C GLN C 132 -65.80 -6.33 -0.30
C GLN C 132 -65.79 -6.33 -0.29
N ASN C 133 -66.79 -7.17 -0.01
CA ASN C 133 -66.92 -8.44 -0.70
C ASN C 133 -67.54 -8.23 -2.08
N THR C 134 -67.11 -9.07 -3.03
CA THR C 134 -67.69 -9.11 -4.37
C THR C 134 -67.97 -10.56 -4.73
N VAL C 135 -68.95 -10.75 -5.60
CA VAL C 135 -69.35 -12.09 -6.03
C VAL C 135 -69.02 -12.27 -7.51
N ALA C 136 -69.25 -13.47 -8.04
CA ALA C 136 -68.83 -13.79 -9.39
C ALA C 136 -69.39 -12.80 -10.40
N ALA C 137 -70.65 -12.37 -10.22
CA ALA C 137 -71.29 -11.53 -11.21
C ALA C 137 -70.61 -10.16 -11.32
N ASP C 138 -70.07 -9.65 -10.22
CA ASP C 138 -69.49 -8.31 -10.21
C ASP C 138 -68.33 -8.21 -11.20
N ASN C 139 -67.70 -7.05 -11.30
CA ASN C 139 -66.51 -6.86 -12.10
C ASN C 139 -65.45 -6.16 -11.27
N VAL C 140 -64.19 -6.36 -11.66
CA VAL C 140 -63.07 -5.85 -10.89
C VAL C 140 -62.62 -4.51 -11.46
N CYS C 141 -62.30 -4.49 -12.75
CA CYS C 141 -61.65 -3.33 -13.34
C CYS C 141 -61.71 -3.44 -14.85
N GLU C 142 -61.70 -2.28 -15.52
CA GLU C 142 -61.59 -2.24 -16.97
C GLU C 142 -60.13 -2.37 -17.39
N VAL C 143 -59.90 -3.11 -18.46
CA VAL C 143 -58.56 -3.39 -18.95
C VAL C 143 -58.53 -2.99 -20.43
N ARG C 144 -57.73 -1.97 -20.73
CA ARG C 144 -57.43 -1.58 -22.10
C ARG C 144 -55.99 -1.93 -22.43
N SER C 145 -55.75 -2.33 -23.67
CA SER C 145 -54.39 -2.69 -24.07
C SER C 145 -54.36 -2.90 -25.58
N ASN C 146 -53.23 -2.54 -26.18
CA ASN C 146 -53.01 -2.88 -27.59
C ASN C 146 -52.82 -4.39 -27.77
N CYS C 147 -52.17 -5.04 -26.81
CA CYS C 147 -51.93 -6.47 -26.90
C CYS C 147 -53.21 -7.26 -26.65
N ARG C 148 -53.41 -8.32 -27.43
CA ARG C 148 -54.69 -9.01 -27.47
C ARG C 148 -55.00 -9.79 -26.20
N GLN C 149 -54.02 -9.99 -25.32
CA GLN C 149 -54.27 -10.69 -24.06
C GLN C 149 -53.49 -10.02 -22.94
N VAL C 150 -54.00 -10.17 -21.72
CA VAL C 150 -53.41 -9.56 -20.53
C VAL C 150 -53.38 -10.60 -19.42
N ALA C 151 -52.25 -10.70 -18.73
CA ALA C 151 -52.08 -11.57 -17.57
C ALA C 151 -52.27 -10.75 -16.32
N LEU C 152 -53.24 -11.12 -15.50
CA LEU C 152 -53.51 -10.44 -14.24
C LEU C 152 -53.09 -11.32 -13.08
N VAL C 153 -52.71 -10.68 -11.97
CA VAL C 153 -52.34 -11.36 -10.74
C VAL C 153 -53.02 -10.62 -9.60
N ILE C 154 -54.19 -11.10 -9.19
CA ILE C 154 -55.04 -10.40 -8.22
C ILE C 154 -54.74 -10.94 -6.83
N SER C 155 -54.25 -10.06 -5.95
CA SER C 155 -54.03 -10.40 -4.55
C SER C 155 -55.33 -10.14 -3.79
N CYS C 156 -56.00 -11.20 -3.35
CA CYS C 156 -57.31 -11.08 -2.76
C CYS C 156 -57.49 -12.09 -1.62
N CYS C 157 -58.54 -11.88 -0.84
CA CYS C 157 -58.89 -12.74 0.29
C CYS C 157 -60.20 -13.46 -0.03
N PHE C 158 -60.18 -14.78 0.03
CA PHE C 158 -61.36 -15.60 -0.23
C PHE C 158 -62.09 -15.87 1.08
N ASN C 159 -63.41 -15.71 1.07
CA ASN C 159 -64.21 -16.03 2.25
C ASN C 159 -65.69 -16.25 1.91
N ASP D 15 7.16 -22.40 4.43
CA ASP D 15 7.24 -23.69 5.09
C ASP D 15 7.00 -24.82 4.08
N ASN D 16 6.48 -24.48 2.91
CA ASN D 16 6.11 -25.49 1.92
C ASN D 16 7.35 -26.06 1.24
N SER D 17 7.22 -27.31 0.78
CA SER D 17 8.34 -28.13 0.35
C SER D 17 8.41 -28.24 -1.17
N ASN D 18 9.64 -28.36 -1.68
CA ASN D 18 9.87 -28.57 -3.09
C ASN D 18 10.05 -30.04 -3.46
N VAL D 19 10.21 -30.92 -2.47
CA VAL D 19 10.48 -32.33 -2.72
C VAL D 19 9.54 -33.19 -1.90
N VAL D 20 9.41 -34.45 -2.31
CA VAL D 20 8.57 -35.41 -1.60
C VAL D 20 8.96 -35.42 -0.13
N THR D 21 8.02 -35.81 0.73
CA THR D 21 8.21 -35.83 2.17
C THR D 21 7.49 -37.05 2.71
N MET D 22 8.15 -37.78 3.60
CA MET D 22 7.57 -39.01 4.13
C MET D 22 6.30 -38.70 4.91
N ILE D 23 5.46 -39.71 5.05
CA ILE D 23 4.21 -39.64 5.82
C ILE D 23 4.26 -40.75 6.86
N ARG D 24 4.23 -40.38 8.14
CA ARG D 24 4.38 -41.36 9.22
C ARG D 24 3.03 -42.00 9.53
N ALA D 25 2.59 -42.84 8.58
CA ALA D 25 1.26 -43.43 8.66
C ALA D 25 1.17 -44.44 9.79
N GLY D 26 -0.08 -44.73 10.19
CA GLY D 26 -0.38 -45.65 11.25
C GLY D 26 -1.39 -46.70 10.82
N SER D 27 -2.22 -47.12 11.76
CA SER D 27 -3.15 -48.22 11.53
C SER D 27 -3.94 -48.01 10.25
N TYR D 28 -4.20 -49.09 9.51
CA TYR D 28 -4.96 -48.99 8.29
C TYR D 28 -6.28 -48.27 8.57
N PRO D 29 -6.60 -47.20 7.85
CA PRO D 29 -7.79 -46.41 8.19
C PRO D 29 -9.04 -47.00 7.56
N LYS D 30 -10.18 -46.42 7.94
CA LYS D 30 -11.44 -46.75 7.28
C LYS D 30 -11.40 -46.21 5.85
N VAL D 31 -12.01 -46.94 4.92
CA VAL D 31 -11.98 -46.58 3.52
C VAL D 31 -13.36 -46.78 2.93
N ASN D 32 -13.59 -46.15 1.78
CA ASN D 32 -14.79 -46.39 1.01
C ASN D 32 -14.48 -46.12 -0.45
N PRO D 33 -14.46 -47.15 -1.30
CA PRO D 33 -14.19 -46.90 -2.72
C PRO D 33 -15.34 -46.27 -3.48
N THR D 34 -16.56 -46.34 -2.96
CA THR D 34 -17.76 -45.93 -3.69
C THR D 34 -18.58 -44.96 -2.84
N PRO D 35 -18.11 -43.74 -2.68
CA PRO D 35 -18.76 -42.82 -1.74
C PRO D 35 -19.95 -42.09 -2.39
N THR D 36 -20.65 -41.34 -1.54
CA THR D 36 -21.74 -40.50 -2.00
C THR D 36 -21.18 -39.24 -2.64
N TRP D 37 -22.03 -38.58 -3.44
CA TRP D 37 -21.57 -37.48 -4.28
C TRP D 37 -22.73 -36.53 -4.49
N VAL D 38 -22.60 -35.32 -3.96
CA VAL D 38 -23.55 -34.26 -4.22
C VAL D 38 -23.27 -33.69 -5.60
N ARG D 39 -24.32 -33.40 -6.36
CA ARG D 39 -24.12 -33.00 -7.74
C ARG D 39 -25.20 -32.03 -8.20
N ALA D 40 -24.88 -31.31 -9.27
CA ALA D 40 -25.83 -30.49 -10.03
C ALA D 40 -25.83 -31.05 -11.45
N ILE D 41 -26.92 -31.70 -11.85
CA ILE D 41 -26.98 -32.45 -13.10
C ILE D 41 -27.80 -31.62 -14.08
N PRO D 42 -27.22 -31.14 -15.17
CA PRO D 42 -28.02 -30.42 -16.19
C PRO D 42 -28.39 -31.31 -17.36
N PHE D 43 -29.65 -31.31 -17.77
CA PHE D 43 -30.07 -32.08 -18.93
C PHE D 43 -31.30 -31.41 -19.53
N GLU D 44 -31.69 -31.89 -20.70
CA GLU D 44 -32.81 -31.32 -21.43
C GLU D 44 -33.84 -32.40 -21.73
N VAL D 45 -35.10 -32.00 -21.78
CA VAL D 45 -36.20 -32.89 -22.12
C VAL D 45 -37.03 -32.25 -23.20
N SER D 46 -37.62 -33.08 -24.04
CA SER D 46 -38.53 -32.64 -25.08
C SER D 46 -39.95 -32.64 -24.53
N VAL D 47 -40.64 -31.52 -24.71
N VAL D 47 -40.64 -31.52 -24.70
CA VAL D 47 -42.00 -31.35 -24.19
CA VAL D 47 -41.99 -31.33 -24.19
C VAL D 47 -42.91 -30.90 -25.32
C VAL D 47 -42.89 -30.93 -25.35
N GLN D 48 -44.09 -31.51 -25.40
CA GLN D 48 -45.05 -31.17 -26.42
C GLN D 48 -45.97 -30.06 -25.93
N SER D 49 -46.72 -29.47 -26.86
CA SER D 49 -47.64 -28.40 -26.49
C SER D 49 -48.86 -28.98 -25.80
N GLY D 50 -49.16 -28.44 -24.62
CA GLY D 50 -50.31 -28.85 -23.86
C GLY D 50 -50.16 -30.14 -23.09
N ILE D 51 -49.17 -30.97 -23.44
CA ILE D 51 -48.98 -32.28 -22.82
C ILE D 51 -47.87 -32.19 -21.80
N ALA D 52 -48.14 -32.66 -20.58
CA ALA D 52 -47.13 -32.72 -19.54
C ALA D 52 -46.22 -33.91 -19.76
N PHE D 53 -44.96 -33.77 -19.34
CA PHE D 53 -43.95 -34.81 -19.53
C PHE D 53 -43.36 -35.20 -18.19
N LYS D 54 -43.41 -36.48 -17.87
CA LYS D 54 -42.84 -36.99 -16.63
C LYS D 54 -41.33 -37.11 -16.81
N VAL D 55 -40.59 -36.31 -16.05
CA VAL D 55 -39.12 -36.31 -16.11
C VAL D 55 -38.60 -37.55 -15.40
N PRO D 56 -37.99 -38.51 -16.11
CA PRO D 56 -37.56 -39.74 -15.44
C PRO D 56 -36.28 -39.52 -14.65
N VAL D 57 -36.27 -40.06 -13.43
CA VAL D 57 -35.04 -40.09 -12.63
C VAL D 57 -33.90 -40.72 -13.41
N GLY D 58 -34.23 -41.74 -14.22
CA GLY D 58 -33.22 -42.47 -14.95
C GLY D 58 -32.36 -41.60 -15.86
N SER D 59 -32.82 -40.40 -16.17
CA SER D 59 -31.97 -39.48 -16.92
C SER D 59 -30.73 -39.10 -16.11
N LEU D 60 -30.85 -39.06 -14.78
CA LEU D 60 -29.73 -38.62 -13.95
C LEU D 60 -28.62 -39.66 -13.88
N PHE D 61 -28.96 -40.94 -13.97
CA PHE D 61 -27.98 -42.01 -14.01
C PHE D 61 -27.47 -42.15 -15.44
N SER D 62 -26.19 -41.87 -15.66
CA SER D 62 -25.62 -41.87 -16.99
C SER D 62 -24.12 -41.67 -16.87
N ALA D 63 -23.39 -42.17 -17.87
CA ALA D 63 -21.95 -41.93 -17.89
C ALA D 63 -21.64 -40.47 -18.20
N ASN D 64 -22.49 -39.82 -19.01
CA ASN D 64 -22.20 -38.44 -19.41
C ASN D 64 -22.03 -37.51 -18.22
N PHE D 65 -22.52 -37.91 -17.04
CA PHE D 65 -22.42 -37.11 -15.83
C PHE D 65 -21.46 -37.72 -14.83
N ARG D 66 -20.92 -38.89 -15.13
CA ARG D 66 -20.07 -39.68 -14.24
C ARG D 66 -20.89 -40.42 -13.20
N THR D 67 -22.17 -40.70 -13.47
CA THR D 67 -23.07 -41.25 -12.47
C THR D 67 -23.67 -42.60 -12.89
N ASP D 68 -23.07 -43.27 -13.87
CA ASP D 68 -23.60 -44.58 -14.25
C ASP D 68 -23.33 -45.66 -13.20
N SER D 69 -22.68 -45.31 -12.09
CA SER D 69 -22.36 -46.25 -11.02
C SER D 69 -23.36 -46.20 -9.87
N PHE D 70 -24.35 -45.32 -9.95
CA PHE D 70 -25.36 -45.18 -8.92
C PHE D 70 -26.69 -45.80 -9.35
N THR D 71 -27.39 -46.38 -8.38
CA THR D 71 -28.73 -46.93 -8.60
C THR D 71 -29.82 -46.19 -7.85
N SER D 72 -29.47 -45.28 -6.95
CA SER D 72 -30.44 -44.54 -6.15
C SER D 72 -29.88 -43.14 -5.92
N VAL D 73 -30.79 -42.19 -5.77
CA VAL D 73 -30.41 -40.79 -5.68
C VAL D 73 -31.47 -40.03 -4.91
N THR D 74 -31.02 -39.16 -3.99
CA THR D 74 -31.90 -38.36 -3.15
C THR D 74 -31.99 -36.96 -3.73
N VAL D 75 -33.13 -36.61 -4.32
CA VAL D 75 -33.30 -35.33 -5.01
C VAL D 75 -33.56 -34.23 -4.00
N MET D 76 -32.93 -33.07 -4.21
CA MET D 76 -33.07 -31.93 -3.30
C MET D 76 -33.93 -30.82 -3.88
N SER D 77 -33.56 -30.29 -5.05
CA SER D 77 -34.33 -29.21 -5.65
C SER D 77 -34.30 -29.34 -7.18
N VAL D 78 -35.35 -28.82 -7.82
CA VAL D 78 -35.50 -28.89 -9.27
C VAL D 78 -35.66 -27.48 -9.82
N ARG D 79 -34.80 -27.12 -10.76
CA ARG D 79 -34.87 -25.84 -11.46
C ARG D 79 -35.02 -26.08 -12.96
N ALA D 80 -35.90 -25.33 -13.59
CA ALA D 80 -36.21 -25.52 -14.99
C ALA D 80 -36.11 -24.21 -15.75
N TRP D 81 -35.54 -24.29 -16.94
CA TRP D 81 -35.52 -23.21 -17.90
C TRP D 81 -35.99 -23.73 -19.25
N THR D 82 -36.63 -22.87 -20.03
CA THR D 82 -36.95 -23.23 -21.41
C THR D 82 -35.67 -23.27 -22.25
N GLN D 83 -35.65 -24.19 -23.21
CA GLN D 83 -34.48 -24.42 -24.04
C GLN D 83 -34.62 -23.88 -25.45
N LEU D 84 -35.84 -23.69 -25.94
CA LEU D 84 -36.08 -23.18 -27.29
C LEU D 84 -36.94 -21.92 -27.21
N THR D 85 -37.21 -21.35 -28.38
CA THR D 85 -38.02 -20.14 -28.47
C THR D 85 -39.51 -20.50 -28.39
N PRO D 86 -40.33 -19.60 -27.87
CA PRO D 86 -41.76 -19.89 -27.72
C PRO D 86 -42.51 -19.59 -29.00
N PRO D 87 -43.75 -20.07 -29.12
CA PRO D 87 -44.53 -19.80 -30.35
C PRO D 87 -44.58 -18.31 -30.67
N VAL D 88 -44.86 -17.99 -31.95
CA VAL D 88 -44.88 -16.60 -32.35
C VAL D 88 -45.88 -15.84 -31.50
N ASN D 89 -45.53 -14.62 -31.15
CA ASN D 89 -46.36 -13.66 -30.41
C ASN D 89 -46.41 -13.99 -28.92
N GLU D 90 -46.00 -15.16 -28.48
CA GLU D 90 -46.11 -15.53 -27.08
C GLU D 90 -44.82 -15.27 -26.33
N TYR D 91 -44.92 -15.34 -25.01
CA TYR D 91 -43.78 -15.31 -24.10
C TYR D 91 -43.61 -16.71 -23.52
N SER D 92 -42.36 -17.08 -23.23
CA SER D 92 -42.07 -18.41 -22.72
C SER D 92 -42.71 -18.62 -21.34
N PHE D 93 -43.02 -19.88 -21.04
CA PHE D 93 -43.45 -20.26 -19.70
C PHE D 93 -43.12 -21.73 -19.49
N VAL D 94 -42.99 -22.10 -18.22
CA VAL D 94 -42.68 -23.47 -17.84
C VAL D 94 -43.29 -23.73 -16.47
N ARG D 95 -43.89 -24.91 -16.31
CA ARG D 95 -44.50 -25.32 -15.07
C ARG D 95 -43.85 -26.60 -14.56
N LEU D 96 -43.96 -26.82 -13.24
CA LEU D 96 -43.34 -27.97 -12.60
C LEU D 96 -44.30 -28.51 -11.56
N LYS D 97 -44.75 -29.76 -11.74
CA LYS D 97 -45.58 -30.43 -10.75
C LYS D 97 -44.76 -31.48 -10.04
N PRO D 98 -44.29 -31.25 -8.82
CA PRO D 98 -43.48 -32.26 -8.13
C PRO D 98 -44.18 -33.60 -8.11
N LEU D 99 -43.41 -34.68 -8.16
CA LEU D 99 -43.95 -36.03 -8.11
C LEU D 99 -43.24 -36.81 -7.02
N PHE D 100 -44.01 -37.66 -6.34
CA PHE D 100 -43.51 -38.43 -5.21
C PHE D 100 -44.22 -39.78 -5.16
N LYS D 101 -43.47 -40.83 -4.79
CA LYS D 101 -44.05 -42.17 -4.75
C LYS D 101 -45.12 -42.29 -3.67
N THR D 102 -44.93 -41.59 -2.54
CA THR D 102 -45.91 -41.60 -1.47
C THR D 102 -47.12 -40.75 -1.78
N GLY D 103 -47.09 -39.97 -2.86
CA GLY D 103 -48.20 -39.10 -3.18
C GLY D 103 -47.77 -37.91 -4.00
N ASP D 104 -48.17 -37.89 -5.27
CA ASP D 104 -47.86 -36.78 -6.16
C ASP D 104 -48.52 -35.49 -5.67
N SER D 105 -47.96 -34.37 -6.10
CA SER D 105 -48.46 -33.05 -5.73
C SER D 105 -49.39 -32.53 -6.81
N THR D 106 -50.10 -31.46 -6.46
CA THR D 106 -50.95 -30.74 -7.41
C THR D 106 -50.47 -29.32 -7.66
N GLU D 107 -49.41 -28.88 -7.00
CA GLU D 107 -48.84 -27.57 -7.27
C GLU D 107 -48.33 -27.51 -8.71
N GLU D 108 -48.47 -26.36 -9.34
CA GLU D 108 -47.99 -26.12 -10.70
C GLU D 108 -47.09 -24.89 -10.65
N PHE D 109 -45.87 -25.07 -10.15
CA PHE D 109 -44.92 -23.96 -10.04
C PHE D 109 -44.59 -23.41 -11.41
N GLU D 110 -45.13 -22.23 -11.74
CA GLU D 110 -45.00 -21.64 -13.05
C GLU D 110 -44.13 -20.40 -12.97
N GLY D 111 -43.35 -20.17 -14.03
CA GLY D 111 -42.53 -18.99 -14.14
C GLY D 111 -42.51 -18.52 -15.57
N ARG D 112 -42.81 -17.25 -15.80
CA ARG D 112 -42.94 -16.73 -17.14
C ARG D 112 -41.81 -15.78 -17.47
N ALA D 113 -41.59 -15.60 -18.77
CA ALA D 113 -40.63 -14.63 -19.29
C ALA D 113 -41.31 -13.28 -19.43
N SER D 114 -40.51 -12.22 -19.28
CA SER D 114 -40.95 -10.87 -19.57
C SER D 114 -40.39 -10.33 -20.88
N ASN D 115 -39.44 -11.04 -21.50
CA ASN D 115 -38.94 -10.71 -22.82
C ASN D 115 -39.06 -11.98 -23.66
N ILE D 116 -39.64 -11.85 -24.86
CA ILE D 116 -39.87 -13.01 -25.71
C ILE D 116 -38.57 -13.71 -26.05
N ASN D 117 -37.48 -12.96 -26.19
CA ASN D 117 -36.19 -13.51 -26.50
C ASN D 117 -35.52 -14.16 -25.31
N THR D 118 -36.13 -14.08 -24.12
CA THR D 118 -35.51 -14.53 -22.89
C THR D 118 -36.15 -15.82 -22.39
N ARG D 119 -35.33 -16.65 -21.75
CA ARG D 119 -35.84 -17.88 -21.16
C ARG D 119 -36.86 -17.58 -20.06
N ALA D 120 -37.63 -18.60 -19.68
CA ALA D 120 -38.51 -18.56 -18.53
C ALA D 120 -38.02 -19.61 -17.54
N SER D 121 -38.09 -19.29 -16.24
CA SER D 121 -37.47 -20.14 -15.23
C SER D 121 -38.39 -20.32 -14.04
N VAL D 122 -38.24 -21.47 -13.37
CA VAL D 122 -38.93 -21.74 -12.12
C VAL D 122 -38.31 -23.02 -11.54
N GLY D 123 -38.25 -23.11 -10.22
CA GLY D 123 -37.73 -24.28 -9.55
C GLY D 123 -38.35 -24.40 -8.18
N TYR D 124 -38.37 -25.62 -7.66
CA TYR D 124 -38.98 -25.89 -6.36
C TYR D 124 -38.02 -26.70 -5.50
N ARG D 125 -38.06 -26.41 -4.20
CA ARG D 125 -37.25 -27.10 -3.20
C ARG D 125 -38.05 -28.25 -2.60
N ILE D 126 -37.39 -29.38 -2.37
CA ILE D 126 -37.99 -30.49 -1.65
C ILE D 126 -37.60 -30.34 -0.19
N PRO D 127 -38.50 -30.63 0.75
CA PRO D 127 -38.15 -30.52 2.17
C PRO D 127 -37.55 -31.80 2.73
N THR D 128 -36.82 -31.63 3.84
CA THR D 128 -36.07 -32.74 4.40
C THR D 128 -36.96 -33.96 4.63
N ASN D 129 -38.18 -33.76 5.13
CA ASN D 129 -39.05 -34.88 5.45
C ASN D 129 -39.58 -35.62 4.24
N LEU D 130 -39.21 -35.19 3.03
CA LEU D 130 -39.55 -35.90 1.81
C LEU D 130 -38.32 -36.35 1.03
N ARG D 131 -37.11 -36.12 1.56
CA ARG D 131 -35.87 -36.41 0.84
C ARG D 131 -35.49 -37.87 1.07
N GLN D 132 -36.18 -38.75 0.37
CA GLN D 132 -35.84 -40.16 0.31
C GLN D 132 -35.16 -40.43 -1.05
N ASN D 133 -34.90 -41.70 -1.32
CA ASN D 133 -34.24 -42.08 -2.56
C ASN D 133 -35.26 -42.37 -3.66
N THR D 134 -34.78 -42.36 -4.90
CA THR D 134 -35.57 -42.67 -6.08
C THR D 134 -34.67 -43.40 -7.06
N VAL D 135 -35.26 -44.32 -7.83
CA VAL D 135 -34.48 -45.10 -8.79
C VAL D 135 -34.83 -44.67 -10.20
N ALA D 136 -34.27 -45.36 -11.20
CA ALA D 136 -34.46 -44.95 -12.58
C ALA D 136 -35.93 -44.98 -12.98
N ALA D 137 -36.67 -45.98 -12.48
CA ALA D 137 -38.05 -46.16 -12.91
C ALA D 137 -38.99 -45.10 -12.34
N ASP D 138 -38.55 -44.35 -11.34
CA ASP D 138 -39.41 -43.33 -10.75
C ASP D 138 -39.39 -42.06 -11.60
N ASN D 139 -40.19 -41.06 -11.18
CA ASN D 139 -40.29 -39.78 -11.86
C ASN D 139 -40.06 -38.66 -10.86
N VAL D 140 -39.49 -37.56 -11.35
CA VAL D 140 -39.19 -36.41 -10.49
C VAL D 140 -40.38 -35.48 -10.39
N CYS D 141 -40.94 -35.11 -11.54
CA CYS D 141 -41.98 -34.10 -11.63
C CYS D 141 -42.58 -34.16 -13.02
N GLU D 142 -43.56 -33.30 -13.27
CA GLU D 142 -44.10 -33.07 -14.60
C GLU D 142 -43.63 -31.72 -15.13
N VAL D 143 -43.56 -31.60 -16.45
CA VAL D 143 -43.09 -30.39 -17.10
C VAL D 143 -44.07 -30.04 -18.20
N ARG D 144 -44.58 -28.81 -18.17
CA ARG D 144 -45.41 -28.25 -19.23
C ARG D 144 -44.78 -26.94 -19.67
N SER D 145 -44.91 -26.64 -20.96
CA SER D 145 -44.33 -25.41 -21.48
C SER D 145 -44.80 -25.21 -22.92
N ASN D 146 -44.75 -23.96 -23.36
CA ASN D 146 -45.03 -23.61 -24.75
C ASN D 146 -43.79 -23.74 -25.63
N CYS D 147 -42.60 -23.87 -25.06
CA CYS D 147 -41.44 -24.23 -25.83
C CYS D 147 -41.39 -25.74 -26.02
N ARG D 148 -40.70 -26.16 -27.09
CA ARG D 148 -40.66 -27.56 -27.45
C ARG D 148 -39.61 -28.35 -26.68
N GLN D 149 -38.71 -27.69 -25.96
CA GLN D 149 -37.67 -28.37 -25.21
C GLN D 149 -37.33 -27.57 -23.96
N VAL D 150 -37.19 -28.26 -22.84
CA VAL D 150 -36.97 -27.64 -21.54
C VAL D 150 -35.68 -28.18 -20.93
N ALA D 151 -34.83 -27.26 -20.46
CA ALA D 151 -33.62 -27.63 -19.73
C ALA D 151 -33.91 -27.73 -18.24
N LEU D 152 -33.24 -28.67 -17.59
CA LEU D 152 -33.40 -28.89 -16.17
C LEU D 152 -32.04 -28.86 -15.50
N VAL D 153 -32.02 -28.41 -14.25
CA VAL D 153 -30.83 -28.48 -13.42
C VAL D 153 -31.27 -28.93 -12.04
N ILE D 154 -31.08 -30.21 -11.75
CA ILE D 154 -31.54 -30.84 -10.51
C ILE D 154 -30.36 -30.96 -9.56
N SER D 155 -30.54 -30.48 -8.33
CA SER D 155 -29.57 -30.67 -7.27
C SER D 155 -29.89 -31.97 -6.55
N CYS D 156 -28.92 -32.88 -6.48
CA CYS D 156 -29.22 -34.20 -5.96
C CYS D 156 -28.00 -34.83 -5.33
N CYS D 157 -28.25 -35.80 -4.44
CA CYS D 157 -27.22 -36.55 -3.72
C CYS D 157 -27.22 -37.97 -4.24
N PHE D 158 -26.27 -38.30 -5.12
CA PHE D 158 -26.10 -39.68 -5.54
C PHE D 158 -25.55 -40.53 -4.40
N ASN D 159 -26.04 -41.77 -4.31
CA ASN D 159 -25.56 -42.70 -3.29
C ASN D 159 -25.77 -44.13 -3.77
N VAL E 6 12.82 30.46 11.28
CA VAL E 6 11.91 31.35 10.57
C VAL E 6 11.35 30.67 9.32
N LYS E 7 10.90 29.42 9.47
CA LYS E 7 10.42 28.61 8.33
C LYS E 7 9.22 27.74 8.73
N PRO E 8 8.17 27.70 7.93
CA PRO E 8 7.04 26.80 8.21
C PRO E 8 7.33 25.37 7.78
N ASN E 9 6.39 24.47 8.11
CA ASN E 9 6.42 23.08 7.66
C ASN E 9 5.68 22.98 6.33
N ARG E 10 6.16 23.76 5.37
CA ARG E 10 5.49 23.94 4.08
C ARG E 10 6.44 23.67 2.92
N LYS E 11 6.30 22.51 2.27
CA LYS E 11 7.06 22.31 1.05
C LYS E 11 6.36 22.86 -0.17
N SER E 12 5.02 22.73 -0.27
CA SER E 12 4.23 22.97 -1.47
C SER E 12 5.04 23.66 -2.54
N THR E 13 5.37 22.92 -3.58
CA THR E 13 6.70 22.95 -4.18
C THR E 13 7.02 24.27 -4.90
N GLY E 14 8.23 24.76 -4.66
CA GLY E 14 8.71 25.97 -5.32
C GLY E 14 8.78 25.83 -6.82
N ASP E 15 8.97 24.60 -7.29
CA ASP E 15 8.52 24.21 -8.63
C ASP E 15 8.53 22.69 -8.69
N ASN E 16 7.54 22.12 -9.39
CA ASN E 16 7.61 20.75 -9.87
C ASN E 16 8.41 20.79 -11.16
N SER E 17 9.51 20.02 -11.22
CA SER E 17 10.48 20.16 -12.30
C SER E 17 9.80 20.21 -13.66
N ASN E 18 10.20 21.20 -14.47
CA ASN E 18 9.75 21.33 -15.86
C ASN E 18 10.89 21.15 -16.86
N VAL E 19 12.08 20.76 -16.40
CA VAL E 19 13.28 20.69 -17.24
C VAL E 19 14.05 19.42 -16.92
N VAL E 20 14.98 19.07 -17.81
CA VAL E 20 15.78 17.86 -17.62
C VAL E 20 16.64 17.99 -16.36
N THR E 21 16.83 16.86 -15.68
CA THR E 21 17.57 16.82 -14.43
C THR E 21 18.51 15.62 -14.43
N MET E 22 19.72 15.81 -13.91
CA MET E 22 20.74 14.78 -13.97
CA MET E 22 20.75 14.79 -13.97
C MET E 22 20.39 13.60 -13.08
N ILE E 23 20.94 12.43 -13.44
CA ILE E 23 20.82 11.20 -12.67
C ILE E 23 22.22 10.76 -12.30
N ARG E 24 22.47 10.54 -11.01
CA ARG E 24 23.78 10.14 -10.51
C ARG E 24 23.83 8.61 -10.43
N ALA E 25 24.01 8.00 -11.60
CA ALA E 25 24.05 6.55 -11.70
C ALA E 25 25.30 5.99 -11.03
N GLY E 26 25.46 4.67 -11.12
CA GLY E 26 26.57 4.01 -10.47
C GLY E 26 27.22 2.90 -11.27
N SER E 27 26.93 1.65 -10.90
CA SER E 27 27.45 0.49 -11.60
C SER E 27 26.45 0.02 -12.64
N TYR E 28 26.96 -0.49 -13.76
CA TYR E 28 26.09 -0.99 -14.82
C TYR E 28 25.13 -2.02 -14.24
N PRO E 29 23.82 -1.82 -14.36
CA PRO E 29 22.89 -2.74 -13.69
C PRO E 29 22.77 -4.11 -14.36
N LYS E 30 21.97 -4.99 -13.76
CA LYS E 30 21.57 -6.22 -14.45
C LYS E 30 20.45 -5.89 -15.42
N VAL E 31 20.62 -6.29 -16.68
CA VAL E 31 19.69 -5.90 -17.73
C VAL E 31 19.10 -7.15 -18.34
N ASN E 32 18.03 -6.94 -19.11
CA ASN E 32 17.43 -8.02 -19.89
C ASN E 32 16.71 -7.44 -21.09
N PRO E 33 17.13 -7.79 -22.31
CA PRO E 33 16.46 -7.21 -23.49
C PRO E 33 15.19 -7.93 -23.89
N THR E 34 14.95 -9.14 -23.41
CA THR E 34 13.82 -9.96 -23.84
C THR E 34 13.10 -10.49 -22.61
N PRO E 35 12.45 -9.61 -21.84
CA PRO E 35 11.83 -10.03 -20.59
C PRO E 35 10.50 -10.76 -20.77
N THR E 36 9.85 -11.04 -19.65
CA THR E 36 8.57 -11.72 -19.63
C THR E 36 7.42 -10.72 -19.66
N TRP E 37 6.27 -11.17 -20.16
CA TRP E 37 5.11 -10.30 -20.36
C TRP E 37 3.84 -11.06 -19.98
N VAL E 38 3.01 -10.43 -19.16
CA VAL E 38 1.72 -10.99 -18.78
C VAL E 38 0.65 -10.31 -19.62
N ARG E 39 -0.23 -11.11 -20.22
CA ARG E 39 -1.13 -10.59 -21.23
C ARG E 39 -2.50 -11.25 -21.13
N ALA E 40 -3.48 -10.63 -21.78
CA ALA E 40 -4.79 -11.20 -22.05
C ALA E 40 -4.97 -11.16 -23.56
N ILE E 41 -4.79 -12.31 -24.22
CA ILE E 41 -4.75 -12.38 -25.68
C ILE E 41 -6.17 -12.60 -26.18
N PRO E 42 -6.73 -11.69 -26.98
CA PRO E 42 -8.06 -11.93 -27.56
C PRO E 42 -7.97 -12.47 -28.97
N PHE E 43 -8.73 -13.53 -29.27
CA PHE E 43 -8.79 -14.05 -30.63
C PHE E 43 -10.01 -14.96 -30.76
N GLU E 44 -10.27 -15.38 -31.98
CA GLU E 44 -11.46 -16.15 -32.30
C GLU E 44 -11.08 -17.43 -33.04
N VAL E 45 -12.01 -18.37 -33.07
CA VAL E 45 -11.81 -19.65 -33.74
C VAL E 45 -13.15 -20.09 -34.32
N SER E 46 -13.14 -20.56 -35.56
CA SER E 46 -14.33 -21.17 -36.13
C SER E 46 -14.58 -22.52 -35.50
N VAL E 47 -15.84 -22.82 -35.20
CA VAL E 47 -16.22 -24.08 -34.60
C VAL E 47 -17.39 -24.69 -35.37
N GLN E 48 -17.39 -26.00 -35.50
CA GLN E 48 -18.44 -26.73 -36.19
C GLN E 48 -19.46 -27.30 -35.20
N SER E 49 -20.63 -27.63 -35.72
CA SER E 49 -21.74 -28.12 -34.91
C SER E 49 -21.48 -29.55 -34.46
N GLY E 50 -21.50 -29.78 -33.16
CA GLY E 50 -21.25 -31.09 -32.61
C GLY E 50 -19.82 -31.54 -32.62
N ILE E 51 -18.94 -30.87 -33.38
CA ILE E 51 -17.53 -31.25 -33.47
C ILE E 51 -16.71 -30.33 -32.58
N ALA E 52 -15.86 -30.94 -31.75
CA ALA E 52 -14.96 -30.18 -30.88
C ALA E 52 -13.76 -29.69 -31.68
N PHE E 53 -13.33 -28.47 -31.37
CA PHE E 53 -12.22 -27.83 -32.04
C PHE E 53 -11.08 -27.70 -31.03
N LYS E 54 -9.94 -28.30 -31.34
CA LYS E 54 -8.79 -28.23 -30.45
C LYS E 54 -8.05 -26.90 -30.67
N VAL E 55 -8.03 -26.05 -29.65
CA VAL E 55 -7.38 -24.75 -29.78
C VAL E 55 -5.87 -24.95 -29.73
N PRO E 56 -5.14 -24.45 -30.73
CA PRO E 56 -3.67 -24.55 -30.68
C PRO E 56 -3.04 -23.38 -29.93
N VAL E 57 -2.07 -23.71 -29.08
CA VAL E 57 -1.33 -22.68 -28.36
C VAL E 57 -0.62 -21.73 -29.31
N GLY E 58 -0.43 -22.13 -30.57
CA GLY E 58 0.26 -21.29 -31.53
C GLY E 58 -0.49 -20.04 -31.93
N SER E 59 -1.77 -19.93 -31.60
CA SER E 59 -2.49 -18.69 -31.89
C SER E 59 -1.96 -17.54 -31.05
N LEU E 60 -1.39 -17.82 -29.89
CA LEU E 60 -0.90 -16.75 -29.02
C LEU E 60 0.33 -16.07 -29.58
N PHE E 61 1.19 -16.82 -30.28
CA PHE E 61 2.43 -16.26 -30.83
C PHE E 61 2.11 -15.67 -32.19
N SER E 62 2.03 -14.35 -32.24
CA SER E 62 1.78 -13.64 -33.48
C SER E 62 2.16 -12.18 -33.26
N ALA E 63 2.42 -11.49 -34.37
CA ALA E 63 2.68 -10.05 -34.27
C ALA E 63 1.38 -9.28 -34.01
N ASN E 64 0.23 -9.89 -34.29
CA ASN E 64 -1.05 -9.27 -33.97
C ASN E 64 -1.20 -9.00 -32.48
N PHE E 65 -0.39 -9.65 -31.65
CA PHE E 65 -0.39 -9.42 -30.21
C PHE E 65 0.97 -8.94 -29.72
N ARG E 66 1.88 -8.64 -30.64
CA ARG E 66 3.27 -8.32 -30.30
C ARG E 66 3.99 -9.53 -29.70
N THR E 67 3.64 -10.73 -30.14
CA THR E 67 4.10 -11.96 -29.50
C THR E 67 4.83 -12.88 -30.45
N ASP E 68 5.28 -12.38 -31.61
CA ASP E 68 6.01 -13.23 -32.53
C ASP E 68 7.41 -13.57 -32.05
N SER E 69 7.84 -13.01 -30.91
CA SER E 69 9.18 -13.23 -30.39
C SER E 69 9.22 -14.18 -29.19
N PHE E 70 8.10 -14.78 -28.83
CA PHE E 70 8.04 -15.78 -27.78
C PHE E 70 7.83 -17.15 -28.41
N THR E 71 8.44 -18.18 -27.80
CA THR E 71 8.26 -19.56 -28.24
C THR E 71 7.57 -20.44 -27.21
N SER E 72 7.49 -20.00 -25.96
CA SER E 72 6.77 -20.70 -24.91
C SER E 72 5.84 -19.71 -24.23
N VAL E 73 4.86 -20.25 -23.50
CA VAL E 73 3.91 -19.43 -22.76
C VAL E 73 3.34 -20.28 -21.65
N THR E 74 2.95 -19.63 -20.57
CA THR E 74 2.32 -20.30 -19.43
C THR E 74 0.89 -19.80 -19.35
N VAL E 75 -0.06 -20.69 -19.59
CA VAL E 75 -1.47 -20.32 -19.54
C VAL E 75 -1.95 -20.37 -18.09
N MET E 76 -2.80 -19.41 -17.72
CA MET E 76 -3.39 -19.36 -16.39
C MET E 76 -4.89 -19.62 -16.44
N SER E 77 -5.64 -18.79 -17.16
CA SER E 77 -7.10 -18.90 -17.23
C SER E 77 -7.56 -18.72 -18.67
N VAL E 78 -8.71 -19.29 -18.99
CA VAL E 78 -9.26 -19.25 -20.34
C VAL E 78 -10.75 -18.94 -20.24
N ARG E 79 -11.19 -17.94 -21.01
CA ARG E 79 -12.58 -17.50 -21.00
C ARG E 79 -13.10 -17.36 -22.42
N ALA E 80 -14.29 -17.90 -22.66
CA ALA E 80 -14.82 -18.00 -24.01
C ALA E 80 -16.17 -17.31 -24.13
N TRP E 81 -16.43 -16.81 -25.33
CA TRP E 81 -17.71 -16.19 -25.70
C TRP E 81 -18.11 -16.68 -27.09
N THR E 82 -19.39 -16.95 -27.27
CA THR E 82 -19.90 -17.24 -28.60
C THR E 82 -19.77 -15.98 -29.47
N GLN E 83 -19.10 -16.10 -30.62
CA GLN E 83 -18.80 -14.92 -31.44
C GLN E 83 -19.89 -14.63 -32.48
N LEU E 84 -20.75 -15.59 -32.78
CA LEU E 84 -21.83 -15.33 -33.73
C LEU E 84 -23.18 -15.75 -33.18
N THR E 85 -24.26 -15.66 -34.01
CA THR E 85 -25.61 -15.98 -33.56
C THR E 85 -25.88 -17.47 -33.68
N PRO E 86 -26.70 -17.99 -32.76
CA PRO E 86 -26.92 -19.44 -32.73
C PRO E 86 -27.82 -19.90 -33.86
N PRO E 87 -28.17 -21.18 -33.90
CA PRO E 87 -29.20 -21.64 -34.84
C PRO E 87 -30.57 -21.07 -34.46
N VAL E 88 -31.51 -21.22 -35.40
CA VAL E 88 -32.84 -20.70 -35.16
C VAL E 88 -33.49 -21.44 -34.00
N ASN E 89 -34.18 -20.69 -33.14
CA ASN E 89 -34.94 -21.18 -31.99
C ASN E 89 -34.07 -21.71 -30.85
N GLU E 90 -32.74 -21.65 -30.97
CA GLU E 90 -31.85 -22.12 -29.92
C GLU E 90 -31.29 -20.97 -29.10
N TYR E 91 -30.68 -21.33 -27.97
CA TYR E 91 -29.98 -20.40 -27.09
C TYR E 91 -28.49 -20.70 -27.17
N SER E 92 -27.67 -19.65 -27.30
CA SER E 92 -26.23 -19.84 -27.44
C SER E 92 -25.69 -20.71 -26.32
N PHE E 93 -24.56 -21.37 -26.60
CA PHE E 93 -23.84 -22.11 -25.56
C PHE E 93 -22.42 -22.36 -26.03
N VAL E 94 -21.56 -22.66 -25.07
CA VAL E 94 -20.14 -22.90 -25.31
C VAL E 94 -19.63 -23.83 -24.22
N ARG E 95 -18.85 -24.83 -24.60
CA ARG E 95 -18.22 -25.74 -23.66
C ARG E 95 -16.70 -25.60 -23.74
N LEU E 96 -16.03 -25.93 -22.64
CA LEU E 96 -14.58 -25.95 -22.58
C LEU E 96 -14.13 -27.23 -21.92
N LYS E 97 -13.20 -27.94 -22.57
CA LYS E 97 -12.55 -29.11 -22.00
C LYS E 97 -11.06 -28.85 -21.92
N PRO E 98 -10.50 -28.57 -20.74
CA PRO E 98 -9.06 -28.27 -20.67
C PRO E 98 -8.20 -29.40 -21.22
N LEU E 99 -6.99 -29.04 -21.61
CA LEU E 99 -6.05 -30.02 -22.15
C LEU E 99 -4.66 -29.75 -21.58
N PHE E 100 -3.89 -30.83 -21.42
CA PHE E 100 -2.56 -30.78 -20.86
C PHE E 100 -1.74 -31.88 -21.52
N LYS E 101 -0.46 -31.60 -21.73
CA LYS E 101 0.42 -32.63 -22.26
C LYS E 101 0.50 -33.83 -21.32
N THR E 102 0.55 -33.55 -20.01
CA THR E 102 0.67 -34.62 -19.02
C THR E 102 -0.63 -35.39 -18.84
N GLY E 103 -1.72 -34.98 -19.48
CA GLY E 103 -2.97 -35.70 -19.36
C GLY E 103 -4.20 -34.83 -19.53
N ASP E 104 -4.97 -35.09 -20.59
CA ASP E 104 -6.15 -34.30 -20.88
C ASP E 104 -7.22 -34.48 -19.81
N SER E 105 -7.95 -33.39 -19.53
CA SER E 105 -9.05 -33.46 -18.59
C SER E 105 -10.35 -33.77 -19.34
N THR E 106 -11.38 -34.11 -18.57
CA THR E 106 -12.69 -34.44 -19.10
C THR E 106 -13.77 -33.49 -18.62
N GLU E 107 -13.40 -32.38 -17.97
CA GLU E 107 -14.38 -31.39 -17.58
C GLU E 107 -14.94 -30.71 -18.82
N GLU E 108 -16.26 -30.53 -18.87
CA GLU E 108 -16.90 -29.82 -19.98
C GLU E 108 -17.56 -28.56 -19.42
N PHE E 109 -16.72 -27.60 -19.02
CA PHE E 109 -17.23 -26.34 -18.47
C PHE E 109 -18.06 -25.61 -19.51
N GLU E 110 -19.32 -25.40 -19.20
CA GLU E 110 -20.31 -24.91 -20.14
C GLU E 110 -21.06 -23.73 -19.55
N GLY E 111 -21.37 -22.75 -20.41
CA GLY E 111 -22.31 -21.72 -20.07
C GLY E 111 -23.31 -21.58 -21.20
N ARG E 112 -24.47 -21.05 -20.86
CA ARG E 112 -25.54 -20.87 -21.84
C ARG E 112 -26.11 -19.47 -21.70
N ALA E 113 -26.57 -18.93 -22.82
CA ALA E 113 -27.21 -17.62 -22.83
C ALA E 113 -28.64 -17.72 -22.28
N SER E 114 -29.09 -16.63 -21.66
CA SER E 114 -30.49 -16.52 -21.28
C SER E 114 -31.29 -15.68 -22.26
N ASN E 115 -30.64 -14.99 -23.18
CA ASN E 115 -31.31 -14.31 -24.27
C ASN E 115 -30.70 -14.77 -25.58
N ILE E 116 -31.55 -15.14 -26.54
CA ILE E 116 -31.06 -15.66 -27.81
C ILE E 116 -30.09 -14.67 -28.46
N ASN E 117 -30.36 -13.38 -28.29
CA ASN E 117 -29.53 -12.35 -28.93
C ASN E 117 -28.21 -12.10 -28.21
N THR E 118 -27.94 -12.80 -27.10
CA THR E 118 -26.78 -12.50 -26.26
C THR E 118 -25.76 -13.63 -26.35
N ARG E 119 -24.49 -13.25 -26.30
CA ARG E 119 -23.43 -14.23 -26.31
C ARG E 119 -23.58 -15.19 -25.14
N ALA E 120 -22.94 -16.35 -25.26
CA ALA E 120 -22.76 -17.29 -24.15
C ALA E 120 -21.31 -17.22 -23.72
N SER E 121 -21.07 -17.38 -22.42
CA SER E 121 -19.72 -17.24 -21.87
C SER E 121 -19.46 -18.31 -20.83
N VAL E 122 -18.18 -18.62 -20.66
CA VAL E 122 -17.70 -19.55 -19.62
C VAL E 122 -16.19 -19.48 -19.61
N GLY E 123 -15.56 -20.07 -18.60
CA GLY E 123 -14.10 -20.08 -18.53
C GLY E 123 -13.62 -20.89 -17.36
N TYR E 124 -12.33 -21.22 -17.40
CA TYR E 124 -11.71 -22.03 -16.36
C TYR E 124 -10.31 -21.49 -16.03
N ARG E 125 -9.88 -21.77 -14.80
CA ARG E 125 -8.58 -21.36 -14.28
C ARG E 125 -7.69 -22.59 -14.13
N ILE E 126 -6.41 -22.43 -14.45
CA ILE E 126 -5.43 -23.51 -14.35
C ILE E 126 -4.69 -23.36 -13.02
N PRO E 127 -4.75 -24.34 -12.12
CA PRO E 127 -4.07 -24.19 -10.83
C PRO E 127 -2.57 -24.02 -11.02
N THR E 128 -1.92 -23.55 -9.96
CA THR E 128 -0.48 -23.32 -10.04
C THR E 128 0.27 -24.60 -10.41
N ASN E 129 -0.09 -25.72 -9.80
CA ASN E 129 0.65 -26.96 -10.07
C ASN E 129 0.50 -27.43 -11.51
N LEU E 130 -0.48 -26.89 -12.24
CA LEU E 130 -0.64 -27.23 -13.66
C LEU E 130 -0.24 -26.09 -14.58
N ARG E 131 0.47 -25.09 -14.06
CA ARG E 131 0.93 -23.94 -14.85
C ARG E 131 2.38 -24.20 -15.25
N GLN E 132 2.56 -24.88 -16.38
CA GLN E 132 3.85 -25.08 -17.00
C GLN E 132 3.85 -24.41 -18.39
N ASN E 133 4.96 -24.53 -19.09
CA ASN E 133 5.05 -23.95 -20.42
C ASN E 133 4.40 -24.87 -21.46
N THR E 134 3.91 -24.25 -22.52
CA THR E 134 3.31 -24.94 -23.65
C THR E 134 3.79 -24.24 -24.90
N VAL E 135 4.06 -25.02 -25.94
CA VAL E 135 4.56 -24.45 -27.18
C VAL E 135 3.46 -24.50 -28.23
N ALA E 136 3.75 -23.92 -29.40
CA ALA E 136 2.73 -23.78 -30.43
C ALA E 136 2.15 -25.12 -30.86
N ALA E 137 2.96 -26.18 -30.87
CA ALA E 137 2.45 -27.49 -31.27
C ALA E 137 1.51 -28.10 -30.23
N ASP E 138 1.34 -27.48 -29.07
CA ASP E 138 0.44 -27.99 -28.07
C ASP E 138 -0.97 -27.44 -28.27
N ASN E 139 -1.92 -28.00 -27.52
CA ASN E 139 -3.31 -27.58 -27.57
C ASN E 139 -3.79 -27.34 -26.15
N VAL E 140 -4.57 -26.27 -25.98
CA VAL E 140 -4.93 -25.79 -24.65
C VAL E 140 -6.25 -26.36 -24.17
N CYS E 141 -7.24 -26.47 -25.06
CA CYS E 141 -8.56 -26.93 -24.65
C CYS E 141 -9.45 -27.13 -25.86
N GLU E 142 -10.46 -27.99 -25.68
CA GLU E 142 -11.48 -28.20 -26.70
C GLU E 142 -12.58 -27.15 -26.55
N VAL E 143 -13.08 -26.65 -27.68
CA VAL E 143 -14.17 -25.68 -27.69
C VAL E 143 -15.32 -26.26 -28.51
N ARG E 144 -16.52 -26.22 -27.96
CA ARG E 144 -17.73 -26.61 -28.66
C ARG E 144 -18.74 -25.49 -28.56
N SER E 145 -19.59 -25.39 -29.58
CA SER E 145 -20.61 -24.35 -29.56
C SER E 145 -21.49 -24.43 -30.81
N ASN E 146 -22.80 -24.36 -30.61
CA ASN E 146 -23.73 -24.25 -31.73
C ASN E 146 -23.52 -22.99 -32.55
N CYS E 147 -22.76 -22.03 -32.04
CA CYS E 147 -22.33 -20.90 -32.84
C CYS E 147 -21.10 -21.26 -33.65
N ARG E 148 -21.00 -20.69 -34.85
CA ARG E 148 -19.92 -21.07 -35.76
C ARG E 148 -18.58 -20.49 -35.34
N GLN E 149 -18.55 -19.41 -34.56
CA GLN E 149 -17.31 -18.81 -34.12
C GLN E 149 -17.37 -18.52 -32.62
N VAL E 150 -16.21 -18.64 -31.96
CA VAL E 150 -16.10 -18.48 -30.51
C VAL E 150 -14.92 -17.55 -30.22
N ALA E 151 -15.15 -16.56 -29.37
CA ALA E 151 -14.13 -15.56 -29.05
C ALA E 151 -13.46 -15.93 -27.72
N LEU E 152 -12.14 -16.05 -27.75
CA LEU E 152 -11.37 -16.48 -26.59
C LEU E 152 -10.48 -15.35 -26.09
N VAL E 153 -10.30 -15.28 -24.78
CA VAL E 153 -9.41 -14.34 -24.12
C VAL E 153 -8.62 -15.14 -23.10
N ILE E 154 -7.34 -15.33 -23.37
CA ILE E 154 -6.50 -16.24 -22.59
C ILE E 154 -5.52 -15.40 -21.78
N SER E 155 -5.70 -15.41 -20.46
CA SER E 155 -4.70 -14.85 -19.56
C SER E 155 -3.49 -15.78 -19.51
N CYS E 156 -2.31 -15.22 -19.79
CA CYS E 156 -1.13 -16.04 -19.94
C CYS E 156 0.13 -15.22 -19.72
N CYS E 157 1.20 -15.92 -19.33
CA CYS E 157 2.51 -15.34 -19.09
C CYS E 157 3.43 -15.79 -20.23
N PHE E 158 3.84 -14.84 -21.06
CA PHE E 158 4.77 -15.13 -22.16
C PHE E 158 6.21 -15.13 -21.66
N ASN E 159 6.97 -16.15 -22.07
CA ASN E 159 8.38 -16.24 -21.70
C ASN E 159 9.18 -17.16 -22.61
N ARG F 10 -10.30 -26.20 9.52
CA ARG F 10 -11.54 -25.65 9.00
C ARG F 10 -11.26 -24.57 7.96
N LYS F 11 -9.99 -24.41 7.59
CA LYS F 11 -9.60 -23.54 6.49
C LYS F 11 -9.93 -24.27 5.20
N SER F 12 -10.94 -23.79 4.48
CA SER F 12 -11.54 -24.47 3.32
C SER F 12 -10.58 -25.46 2.69
N THR F 13 -10.95 -26.74 2.70
CA THR F 13 -10.04 -27.78 2.24
C THR F 13 -9.68 -27.60 0.78
N GLY F 14 -10.68 -27.43 -0.08
CA GLY F 14 -10.43 -27.09 -1.47
C GLY F 14 -9.91 -25.68 -1.63
N ASP F 15 -8.84 -25.36 -0.91
CA ASP F 15 -8.16 -24.07 -1.04
C ASP F 15 -7.19 -24.13 -2.21
N ASN F 16 -6.90 -22.96 -2.79
CA ASN F 16 -6.08 -22.87 -3.98
C ASN F 16 -4.81 -23.69 -3.85
N SER F 17 -4.71 -24.81 -4.57
CA SER F 17 -5.76 -25.38 -5.42
C SER F 17 -5.12 -26.70 -5.89
N ASN F 18 -5.84 -27.51 -6.66
CA ASN F 18 -5.20 -28.69 -7.23
C ASN F 18 -5.83 -29.10 -8.56
N VAL F 19 -6.97 -28.50 -8.90
CA VAL F 19 -7.60 -28.78 -10.19
C VAL F 19 -8.21 -27.51 -10.75
N VAL F 20 -8.57 -27.58 -12.03
CA VAL F 20 -9.19 -26.46 -12.70
C VAL F 20 -10.48 -26.09 -11.96
N THR F 21 -10.89 -24.84 -12.13
CA THR F 21 -12.06 -24.32 -11.45
C THR F 21 -12.81 -23.43 -12.42
N MET F 22 -14.14 -23.53 -12.40
CA MET F 22 -14.95 -22.78 -13.34
CA MET F 22 -14.97 -22.79 -13.32
C MET F 22 -14.95 -21.30 -13.00
N ILE F 23 -15.02 -20.48 -14.04
CA ILE F 23 -15.10 -19.03 -13.93
C ILE F 23 -16.46 -18.60 -14.44
N ARG F 24 -17.25 -17.94 -13.59
CA ARG F 24 -18.60 -17.50 -13.98
C ARG F 24 -18.51 -16.17 -14.74
N ALA F 25 -17.91 -16.26 -15.92
CA ALA F 25 -17.63 -15.06 -16.70
C ALA F 25 -18.92 -14.38 -17.14
N GLY F 26 -18.78 -13.12 -17.53
CA GLY F 26 -19.90 -12.34 -17.98
C GLY F 26 -19.70 -11.72 -19.35
N SER F 27 -20.20 -10.51 -19.58
CA SER F 27 -20.18 -9.92 -20.91
C SER F 27 -18.76 -9.85 -21.46
N TYR F 28 -18.66 -9.68 -22.77
CA TYR F 28 -17.37 -9.64 -23.43
C TYR F 28 -16.68 -8.32 -23.08
N PRO F 29 -15.52 -8.35 -22.43
CA PRO F 29 -14.96 -7.09 -21.92
C PRO F 29 -14.38 -6.21 -23.03
N LYS F 30 -13.72 -5.13 -22.62
CA LYS F 30 -12.93 -4.31 -23.51
C LYS F 30 -11.54 -4.93 -23.60
N VAL F 31 -11.05 -5.15 -24.83
CA VAL F 31 -9.79 -5.83 -25.05
C VAL F 31 -8.90 -4.98 -25.94
N ASN F 32 -7.63 -5.37 -26.01
CA ASN F 32 -6.65 -4.69 -26.84
C ASN F 32 -5.52 -5.64 -27.17
N PRO F 33 -5.37 -6.06 -28.44
CA PRO F 33 -4.31 -7.01 -28.78
C PRO F 33 -2.93 -6.39 -28.77
N THR F 34 -2.82 -5.07 -28.92
CA THR F 34 -1.53 -4.39 -29.11
C THR F 34 -1.33 -3.32 -28.06
N PRO F 35 -1.29 -3.71 -26.78
CA PRO F 35 -1.17 -2.71 -25.71
C PRO F 35 0.21 -2.08 -25.66
N THR F 36 0.32 -1.05 -24.81
CA THR F 36 1.57 -0.33 -24.65
C THR F 36 2.56 -1.18 -23.85
N TRP F 37 3.74 -0.62 -23.55
CA TRP F 37 4.76 -1.36 -22.82
C TRP F 37 5.81 -0.39 -22.32
N VAL F 38 5.98 -0.35 -20.99
CA VAL F 38 7.08 0.37 -20.35
C VAL F 38 8.29 -0.55 -20.28
N ARG F 39 9.45 -0.04 -20.66
CA ARG F 39 10.64 -0.88 -20.73
C ARG F 39 11.88 -0.06 -20.37
N ALA F 40 12.90 -0.78 -19.90
CA ALA F 40 14.26 -0.26 -19.75
C ALA F 40 15.10 -1.01 -20.78
N ILE F 41 15.45 -0.34 -21.86
CA ILE F 41 16.07 -0.98 -23.03
C ILE F 41 17.58 -0.80 -22.93
N PRO F 42 18.36 -1.89 -22.93
CA PRO F 42 19.82 -1.75 -23.00
C PRO F 42 20.37 -1.94 -24.40
N PHE F 43 21.36 -1.13 -24.79
CA PHE F 43 22.04 -1.32 -26.07
C PHE F 43 23.26 -0.42 -26.14
N GLU F 44 24.16 -0.76 -27.07
CA GLU F 44 25.45 -0.08 -27.20
C GLU F 44 25.52 0.71 -28.51
N VAL F 45 26.29 1.80 -28.47
CA VAL F 45 26.56 2.63 -29.64
C VAL F 45 28.05 2.98 -29.65
N SER F 46 28.69 2.81 -30.80
CA SER F 46 30.11 3.15 -30.93
C SER F 46 30.27 4.66 -31.09
N VAL F 47 31.31 5.19 -30.44
CA VAL F 47 31.60 6.62 -30.43
C VAL F 47 33.06 6.83 -30.79
N GLN F 48 33.35 7.99 -31.38
CA GLN F 48 34.71 8.36 -31.74
C GLN F 48 35.26 9.41 -30.79
N SER F 49 36.59 9.50 -30.73
CA SER F 49 37.23 10.45 -29.85
C SER F 49 37.08 11.86 -30.41
N GLY F 50 36.53 12.76 -29.59
CA GLY F 50 36.37 14.14 -29.98
C GLY F 50 35.06 14.46 -30.67
N ILE F 51 34.35 13.46 -31.16
CA ILE F 51 33.14 13.69 -31.96
C ILE F 51 31.91 13.33 -31.13
N ALA F 52 30.80 13.99 -31.44
CA ALA F 52 29.51 13.71 -30.82
C ALA F 52 28.69 12.81 -31.73
N PHE F 53 28.13 11.75 -31.17
CA PHE F 53 27.32 10.78 -31.88
C PHE F 53 25.85 10.97 -31.51
N LYS F 54 25.00 11.10 -32.51
CA LYS F 54 23.57 11.24 -32.27
C LYS F 54 22.96 9.85 -32.13
N VAL F 55 22.35 9.59 -30.98
CA VAL F 55 21.69 8.30 -30.75
C VAL F 55 20.34 8.31 -31.46
N PRO F 56 20.05 7.33 -32.31
CA PRO F 56 18.74 7.31 -32.98
C PRO F 56 17.70 6.53 -32.22
N VAL F 57 16.47 7.07 -32.21
CA VAL F 57 15.35 6.35 -31.60
C VAL F 57 15.12 5.01 -32.29
N GLY F 58 15.43 4.94 -33.59
CA GLY F 58 15.25 3.70 -34.33
C GLY F 58 15.99 2.52 -33.75
N SER F 59 16.98 2.77 -32.89
CA SER F 59 17.64 1.69 -32.18
C SER F 59 16.74 1.06 -31.13
N LEU F 60 15.72 1.79 -30.67
CA LEU F 60 14.78 1.23 -29.70
C LEU F 60 13.77 0.29 -30.33
N PHE F 61 13.62 0.31 -31.65
CA PHE F 61 12.72 -0.60 -32.35
C PHE F 61 13.55 -1.72 -32.98
N SER F 62 13.34 -2.95 -32.51
CA SER F 62 14.12 -4.08 -32.98
C SER F 62 13.57 -5.34 -32.37
N ALA F 63 13.68 -6.44 -33.13
CA ALA F 63 13.22 -7.73 -32.63
C ALA F 63 14.04 -8.18 -31.42
N ASN F 64 15.32 -7.79 -31.35
CA ASN F 64 16.14 -8.18 -30.21
C ASN F 64 15.50 -7.78 -28.89
N PHE F 65 14.65 -6.76 -28.88
CA PHE F 65 14.01 -6.27 -27.67
C PHE F 65 12.54 -6.64 -27.59
N ARG F 66 12.00 -7.31 -28.61
CA ARG F 66 10.59 -7.66 -28.73
C ARG F 66 9.72 -6.47 -29.11
N THR F 67 10.33 -5.37 -29.55
CA THR F 67 9.62 -4.12 -29.83
C THR F 67 9.52 -3.81 -31.31
N ASP F 68 9.84 -4.77 -32.18
CA ASP F 68 9.73 -4.51 -33.62
C ASP F 68 8.31 -4.16 -34.03
N SER F 69 7.34 -4.30 -33.12
CA SER F 69 5.93 -4.00 -33.39
C SER F 69 5.52 -2.59 -32.96
N PHE F 70 6.48 -1.76 -32.55
CA PHE F 70 6.20 -0.38 -32.17
C PHE F 70 6.82 0.56 -33.19
N THR F 71 6.10 1.65 -33.49
CA THR F 71 6.62 2.69 -34.37
C THR F 71 6.81 4.02 -33.65
N SER F 72 6.28 4.17 -32.45
CA SER F 72 6.44 5.38 -31.66
C SER F 72 6.76 5.00 -30.22
N VAL F 73 7.28 5.96 -29.47
CA VAL F 73 7.74 5.69 -28.11
C VAL F 73 7.97 6.99 -27.36
N THR F 74 7.61 6.99 -26.08
CA THR F 74 7.71 8.16 -25.21
C THR F 74 8.91 7.96 -24.30
N VAL F 75 10.00 8.71 -24.54
CA VAL F 75 11.24 8.52 -23.79
C VAL F 75 11.15 9.28 -22.47
N MET F 76 11.58 8.63 -21.39
CA MET F 76 11.52 9.21 -20.05
C MET F 76 12.90 9.54 -19.50
N SER F 77 13.75 8.54 -19.28
CA SER F 77 15.05 8.75 -18.67
C SER F 77 16.11 7.92 -19.37
N VAL F 78 17.30 8.49 -19.52
CA VAL F 78 18.38 7.88 -20.29
C VAL F 78 19.65 7.88 -19.45
N ARG F 79 20.19 6.68 -19.21
CA ARG F 79 21.46 6.49 -18.52
C ARG F 79 22.53 6.08 -19.52
N ALA F 80 23.78 6.07 -19.07
CA ALA F 80 24.89 5.68 -19.93
C ALA F 80 26.05 5.17 -19.10
N TRP F 81 26.83 4.27 -19.70
CA TRP F 81 28.05 3.72 -19.13
C TRP F 81 29.06 3.53 -20.24
N THR F 82 30.35 3.75 -19.94
CA THR F 82 31.39 3.42 -20.91
C THR F 82 31.48 1.91 -21.03
N GLN F 83 31.34 1.40 -22.26
CA GLN F 83 31.37 -0.03 -22.50
C GLN F 83 32.79 -0.57 -22.65
N LEU F 84 33.77 0.30 -22.93
CA LEU F 84 35.16 -0.12 -23.12
C LEU F 84 36.07 0.75 -22.28
N THR F 85 37.36 0.41 -22.28
CA THR F 85 38.37 1.07 -21.47
C THR F 85 38.77 2.41 -22.07
N PRO F 86 39.29 3.31 -21.24
CA PRO F 86 39.67 4.64 -21.74
C PRO F 86 41.09 4.63 -22.29
N PRO F 87 41.51 5.70 -22.97
CA PRO F 87 42.89 5.77 -23.47
C PRO F 87 43.90 5.58 -22.34
N VAL F 88 45.17 5.45 -22.73
CA VAL F 88 46.23 5.28 -21.74
C VAL F 88 46.38 6.57 -20.94
N ASN F 89 46.42 6.43 -19.62
CA ASN F 89 46.61 7.50 -18.65
C ASN F 89 45.33 8.29 -18.39
N GLU F 90 44.22 7.95 -19.04
CA GLU F 90 42.97 8.70 -18.90
C GLU F 90 41.99 7.94 -18.02
N TYR F 91 41.05 8.71 -17.46
CA TYR F 91 39.93 8.16 -16.70
C TYR F 91 38.67 8.26 -17.56
N SER F 92 37.96 7.15 -17.70
CA SER F 92 36.80 7.12 -18.58
C SER F 92 35.81 8.23 -18.21
N PHE F 93 35.14 8.79 -19.23
CA PHE F 93 34.11 9.79 -19.02
C PHE F 93 33.01 9.64 -20.07
N VAL F 94 31.92 10.38 -19.89
CA VAL F 94 30.78 10.33 -20.81
C VAL F 94 29.89 11.55 -20.61
N ARG F 95 29.53 12.20 -21.72
CA ARG F 95 28.67 13.37 -21.71
C ARG F 95 27.40 13.13 -22.52
N LEU F 96 26.26 13.58 -22.01
CA LEU F 96 24.97 13.44 -22.70
C LEU F 96 24.34 14.81 -22.94
N LYS F 97 23.96 15.08 -24.18
CA LYS F 97 23.24 16.31 -24.51
C LYS F 97 21.83 15.97 -24.98
N PRO F 98 20.78 16.29 -24.23
CA PRO F 98 19.42 15.92 -24.66
C PRO F 98 19.07 16.54 -26.00
N LEU F 99 18.37 15.76 -26.82
CA LEU F 99 17.86 16.22 -28.11
C LEU F 99 16.35 16.11 -28.14
N PHE F 100 15.70 17.15 -28.68
CA PHE F 100 14.26 17.22 -28.79
C PHE F 100 13.88 17.86 -30.11
N LYS F 101 12.85 17.31 -30.75
CA LYS F 101 12.38 17.86 -32.01
C LYS F 101 12.05 19.35 -31.87
N THR F 102 11.24 19.70 -30.86
CA THR F 102 10.87 21.09 -30.66
C THR F 102 12.08 21.98 -30.44
N GLY F 103 13.23 21.40 -30.10
CA GLY F 103 14.41 22.18 -29.84
C GLY F 103 15.44 21.38 -29.06
N ASP F 104 16.68 21.38 -29.54
CA ASP F 104 17.73 20.65 -28.86
C ASP F 104 18.27 21.45 -27.67
N SER F 105 18.68 20.71 -26.65
CA SER F 105 19.24 21.35 -25.47
C SER F 105 20.72 21.64 -25.69
N THR F 106 21.30 22.37 -24.74
CA THR F 106 22.74 22.64 -24.73
C THR F 106 23.41 22.08 -23.47
N GLU F 107 22.67 21.35 -22.64
CA GLU F 107 23.27 20.74 -21.47
C GLU F 107 24.22 19.63 -21.88
N GLU F 108 25.31 19.47 -21.13
CA GLU F 108 26.27 18.36 -21.33
C GLU F 108 26.46 17.66 -19.98
N PHE F 109 25.43 16.94 -19.54
CA PHE F 109 25.51 16.14 -18.32
C PHE F 109 26.68 15.17 -18.42
N GLU F 110 27.69 15.38 -17.60
CA GLU F 110 28.93 14.62 -17.67
C GLU F 110 29.15 13.83 -16.39
N GLY F 111 29.74 12.66 -16.56
CA GLY F 111 30.21 11.89 -15.44
C GLY F 111 31.55 11.27 -15.78
N ARG F 112 32.38 11.10 -14.75
CA ARG F 112 33.72 10.58 -14.94
C ARG F 112 33.96 9.43 -13.98
N ALA F 113 34.96 8.62 -14.30
CA ALA F 113 35.39 7.52 -13.46
C ALA F 113 36.57 7.97 -12.61
N SER F 114 36.63 7.45 -11.39
CA SER F 114 37.72 7.75 -10.48
C SER F 114 38.77 6.65 -10.43
N ASN F 115 38.43 5.43 -10.87
CA ASN F 115 39.37 4.33 -11.03
C ASN F 115 39.45 4.03 -12.52
N ILE F 116 40.67 4.08 -13.09
CA ILE F 116 40.80 3.98 -14.54
C ILE F 116 40.11 2.73 -15.05
N ASN F 117 40.07 1.67 -14.25
CA ASN F 117 39.49 0.42 -14.70
C ASN F 117 37.98 0.38 -14.59
N THR F 118 37.36 1.32 -13.88
CA THR F 118 35.91 1.30 -13.74
C THR F 118 35.23 1.91 -14.97
N ARG F 119 33.91 1.87 -14.97
CA ARG F 119 33.12 2.56 -15.97
C ARG F 119 32.79 3.97 -15.48
N ALA F 120 32.56 4.88 -16.43
CA ALA F 120 32.01 6.21 -16.15
C ALA F 120 30.54 6.18 -16.52
N SER F 121 29.71 6.85 -15.71
CA SER F 121 28.27 6.79 -15.88
C SER F 121 27.65 8.15 -15.67
N VAL F 122 26.42 8.30 -16.17
CA VAL F 122 25.62 9.52 -15.99
C VAL F 122 24.31 9.36 -16.75
N GLY F 123 23.30 10.15 -16.39
CA GLY F 123 22.02 10.10 -17.05
C GLY F 123 21.26 11.38 -16.84
N TYR F 124 20.09 11.47 -17.49
CA TYR F 124 19.23 12.64 -17.34
C TYR F 124 17.77 12.20 -17.47
N ARG F 125 16.91 12.82 -16.66
CA ARG F 125 15.49 12.52 -16.65
C ARG F 125 14.74 13.59 -17.45
N ILE F 126 13.85 13.15 -18.32
CA ILE F 126 13.05 14.06 -19.14
C ILE F 126 11.82 14.49 -18.36
N PRO F 127 11.55 15.79 -18.21
CA PRO F 127 10.35 16.20 -17.47
C PRO F 127 9.09 15.83 -18.23
N THR F 128 7.99 15.70 -17.47
CA THR F 128 6.72 15.31 -18.07
C THR F 128 6.36 16.21 -19.25
N ASN F 129 6.54 17.52 -19.09
CA ASN F 129 6.12 18.46 -20.12
C ASN F 129 6.82 18.25 -21.46
N LEU F 130 7.87 17.43 -21.50
CA LEU F 130 8.58 17.14 -22.74
C LEU F 130 8.41 15.68 -23.17
N ARG F 131 7.55 14.93 -22.49
CA ARG F 131 7.41 13.49 -22.75
C ARG F 131 6.37 13.28 -23.86
N GLN F 132 6.79 13.58 -25.09
CA GLN F 132 5.99 13.26 -26.27
C GLN F 132 6.57 12.05 -26.99
N ASN F 133 5.82 11.56 -27.98
CA ASN F 133 6.26 10.39 -28.72
C ASN F 133 7.42 10.75 -29.65
N THR F 134 8.26 9.75 -29.92
CA THR F 134 9.39 9.90 -30.83
C THR F 134 9.37 8.72 -31.79
N VAL F 135 9.77 8.97 -33.03
CA VAL F 135 9.81 7.94 -34.07
C VAL F 135 11.27 7.67 -34.42
N ALA F 136 11.48 6.64 -35.24
CA ALA F 136 12.82 6.12 -35.48
C ALA F 136 13.74 7.19 -36.06
N ALA F 137 13.20 8.07 -36.90
CA ALA F 137 14.04 9.08 -37.53
C ALA F 137 14.54 10.14 -36.56
N ASP F 138 13.98 10.19 -35.35
CA ASP F 138 14.40 11.18 -34.38
C ASP F 138 15.73 10.78 -33.74
N ASN F 139 16.22 11.63 -32.84
CA ASN F 139 17.44 11.38 -32.09
C ASN F 139 17.17 11.72 -30.64
N VAL F 140 17.71 10.92 -29.73
CA VAL F 140 17.43 11.10 -28.31
C VAL F 140 18.42 12.05 -27.66
N CYS F 141 19.69 11.96 -28.01
CA CYS F 141 20.72 12.73 -27.35
C CYS F 141 22.04 12.50 -28.04
N GLU F 142 22.97 13.44 -27.86
CA GLU F 142 24.34 13.26 -28.31
C GLU F 142 25.14 12.54 -27.25
N VAL F 143 26.21 11.86 -27.68
CA VAL F 143 27.07 11.10 -26.78
C VAL F 143 28.51 11.42 -27.13
N ARG F 144 29.28 11.87 -26.15
CA ARG F 144 30.70 12.12 -26.29
C ARG F 144 31.44 11.27 -25.26
N SER F 145 32.58 10.71 -25.67
CA SER F 145 33.36 9.89 -24.74
C SER F 145 34.73 9.62 -25.33
N ASN F 146 35.71 9.44 -24.44
CA ASN F 146 37.04 8.97 -24.81
C ASN F 146 37.09 7.48 -25.05
N CYS F 147 36.05 6.74 -24.66
CA CYS F 147 35.94 5.32 -24.93
C CYS F 147 35.28 5.08 -26.28
N ARG F 148 35.57 3.93 -26.88
CA ARG F 148 35.13 3.66 -28.24
C ARG F 148 33.73 3.06 -28.32
N GLN F 149 33.11 2.77 -27.18
N GLN F 149 33.09 2.78 -27.18
CA GLN F 149 31.75 2.24 -27.15
CA GLN F 149 31.74 2.24 -27.17
C GLN F 149 31.10 2.69 -25.85
C GLN F 149 31.09 2.62 -25.85
N VAL F 150 29.80 2.91 -25.90
CA VAL F 150 29.03 3.33 -24.73
C VAL F 150 27.83 2.41 -24.59
N ALA F 151 27.52 2.02 -23.36
CA ALA F 151 26.34 1.22 -23.05
C ALA F 151 25.24 2.16 -22.57
N LEU F 152 24.04 1.98 -23.10
CA LEU F 152 22.90 2.82 -22.77
C LEU F 152 21.79 1.97 -22.19
N VAL F 153 21.02 2.57 -21.29
CA VAL F 153 19.82 1.94 -20.74
C VAL F 153 18.73 2.98 -20.72
N ILE F 154 17.80 2.89 -21.66
CA ILE F 154 16.78 3.92 -21.86
C ILE F 154 15.46 3.36 -21.36
N SER F 155 14.98 3.90 -20.25
CA SER F 155 13.60 3.66 -19.83
C SER F 155 12.66 4.42 -20.76
N CYS F 156 11.59 3.75 -21.18
CA CYS F 156 10.67 4.38 -22.12
C CYS F 156 9.34 3.64 -22.08
N CYS F 157 8.36 4.23 -22.76
CA CYS F 157 7.00 3.71 -22.81
C CYS F 157 6.64 3.46 -24.27
N PHE F 158 6.68 2.19 -24.67
CA PHE F 158 6.35 1.82 -26.05
C PHE F 158 4.85 1.88 -26.26
N ASN F 159 4.44 2.45 -27.39
CA ASN F 159 3.03 2.55 -27.73
C ASN F 159 2.83 2.60 -29.24
N LYS G 5 24.02 -32.40 38.64
CA LYS G 5 25.14 -33.25 38.27
C LYS G 5 26.31 -33.07 39.26
N VAL G 6 26.29 -33.84 40.35
CA VAL G 6 27.27 -33.82 41.44
C VAL G 6 27.30 -32.44 42.11
N LYS G 7 28.49 -31.95 42.44
CA LYS G 7 28.68 -30.64 43.05
C LYS G 7 29.78 -29.86 42.33
N PRO G 8 29.65 -29.66 41.01
CA PRO G 8 30.62 -28.83 40.30
C PRO G 8 30.43 -27.36 40.63
N ASN G 9 29.17 -26.91 40.52
CA ASN G 9 28.73 -25.62 41.03
C ASN G 9 27.21 -25.70 41.11
N ARG G 10 26.64 -24.97 42.07
CA ARG G 10 25.21 -25.05 42.34
C ARG G 10 24.41 -25.11 41.05
N LYS G 11 24.44 -24.03 40.26
CA LYS G 11 23.67 -23.95 39.03
C LYS G 11 24.50 -24.05 37.76
N SER G 12 25.82 -23.97 37.87
CA SER G 12 26.65 -23.29 36.88
C SER G 12 27.39 -24.23 35.92
N THR G 13 27.83 -23.64 34.80
CA THR G 13 28.70 -24.27 33.82
C THR G 13 28.08 -25.53 33.20
N GLY G 14 26.78 -25.49 32.97
CA GLY G 14 26.10 -26.60 32.33
C GLY G 14 26.11 -27.86 33.15
N ASP G 15 26.81 -28.90 32.70
CA ASP G 15 27.34 -28.96 31.34
C ASP G 15 26.25 -29.55 30.47
N ASN G 16 25.09 -29.70 31.08
CA ASN G 16 24.17 -30.80 30.79
C ASN G 16 24.87 -32.10 31.17
N SER G 17 25.48 -32.77 30.18
CA SER G 17 25.96 -34.14 30.37
C SER G 17 27.47 -34.26 30.19
N ASN G 18 28.00 -35.37 30.73
CA ASN G 18 29.40 -35.75 30.55
C ASN G 18 29.59 -37.22 30.21
N VAL G 19 28.56 -38.06 30.32
CA VAL G 19 28.69 -39.49 30.07
C VAL G 19 27.49 -39.98 29.26
N VAL G 20 27.60 -41.22 28.79
CA VAL G 20 26.53 -41.82 28.01
C VAL G 20 25.29 -41.99 28.86
N THR G 21 24.13 -41.78 28.25
CA THR G 21 22.85 -41.79 28.95
C THR G 21 21.84 -42.61 28.16
N MET G 22 21.19 -43.57 28.82
CA MET G 22 20.23 -44.44 28.15
CA MET G 22 20.21 -44.44 28.19
C MET G 22 19.20 -43.63 27.38
N ILE G 23 18.52 -44.28 26.45
CA ILE G 23 17.45 -43.67 25.67
C ILE G 23 16.27 -44.62 25.61
N ARG G 24 15.08 -44.13 26.00
CA ARG G 24 13.90 -44.97 26.14
C ARG G 24 13.16 -45.08 24.81
N ALA G 25 13.78 -45.82 23.90
CA ALA G 25 13.22 -46.01 22.57
C ALA G 25 11.85 -46.68 22.64
N GLY G 26 11.14 -46.60 21.51
CA GLY G 26 9.84 -47.22 21.37
C GLY G 26 9.72 -48.08 20.12
N SER G 27 8.67 -47.85 19.32
CA SER G 27 8.45 -48.63 18.11
C SER G 27 9.40 -48.20 17.00
N TYR G 28 9.70 -49.13 16.09
CA TYR G 28 10.68 -48.85 15.04
C TYR G 28 10.18 -47.71 14.16
N PRO G 29 10.98 -46.67 13.94
CA PRO G 29 10.47 -45.48 13.26
C PRO G 29 10.42 -45.69 11.75
N LYS G 30 9.80 -44.72 11.08
CA LYS G 30 9.84 -44.65 9.63
C LYS G 30 11.24 -44.17 9.22
N VAL G 31 11.91 -44.96 8.40
CA VAL G 31 13.31 -44.70 8.08
C VAL G 31 13.44 -44.42 6.59
N ASN G 32 14.56 -43.82 6.23
CA ASN G 32 14.94 -43.59 4.84
C ASN G 32 16.46 -43.70 4.75
N PRO G 33 16.97 -44.63 3.94
CA PRO G 33 18.43 -44.69 3.77
C PRO G 33 18.94 -43.73 2.71
N THR G 34 18.09 -43.37 1.74
CA THR G 34 18.47 -42.56 0.59
C THR G 34 17.55 -41.36 0.48
N PRO G 35 17.72 -40.37 1.34
CA PRO G 35 16.75 -39.26 1.41
C PRO G 35 17.05 -38.19 0.38
N THR G 36 16.26 -37.13 0.43
CA THR G 36 16.44 -35.94 -0.39
C THR G 36 17.51 -35.05 0.23
N TRP G 37 17.92 -34.03 -0.53
CA TRP G 37 19.02 -33.16 -0.10
C TRP G 37 18.96 -31.85 -0.87
N VAL G 38 18.81 -30.75 -0.16
CA VAL G 38 18.91 -29.42 -0.77
C VAL G 38 20.39 -29.06 -0.88
N ARG G 39 20.80 -28.62 -2.06
CA ARG G 39 22.21 -28.38 -2.32
C ARG G 39 22.42 -27.14 -3.18
N ALA G 40 23.58 -26.50 -2.99
CA ALA G 40 24.11 -25.46 -3.87
C ALA G 40 25.37 -26.06 -4.47
N ILE G 41 25.30 -26.50 -5.72
CA ILE G 41 26.41 -27.22 -6.37
C ILE G 41 27.24 -26.20 -7.15
N PRO G 42 28.52 -26.01 -6.83
CA PRO G 42 29.37 -25.15 -7.66
C PRO G 42 30.07 -25.96 -8.75
N PHE G 43 30.25 -25.35 -9.92
CA PHE G 43 31.06 -25.94 -10.98
C PHE G 43 31.23 -24.91 -12.09
N GLU G 44 32.17 -25.21 -12.99
CA GLU G 44 32.56 -24.31 -14.07
C GLU G 44 32.22 -24.94 -15.42
N VAL G 45 32.07 -24.07 -16.43
CA VAL G 45 31.80 -24.50 -17.81
C VAL G 45 32.65 -23.67 -18.75
N SER G 46 33.34 -24.33 -19.68
CA SER G 46 34.11 -23.62 -20.68
C SER G 46 33.18 -23.12 -21.78
N VAL G 47 33.32 -21.83 -22.11
CA VAL G 47 32.47 -21.16 -23.09
C VAL G 47 33.34 -20.58 -24.19
N GLN G 48 32.73 -20.41 -25.36
CA GLN G 48 33.36 -19.77 -26.50
C GLN G 48 32.65 -18.44 -26.77
N SER G 49 33.34 -17.54 -27.47
CA SER G 49 32.77 -16.22 -27.74
C SER G 49 31.72 -16.33 -28.82
N GLY G 50 30.56 -15.76 -28.56
CA GLY G 50 29.48 -15.74 -29.54
C GLY G 50 28.74 -17.04 -29.70
N ILE G 51 28.78 -17.93 -28.70
CA ILE G 51 28.24 -19.27 -28.83
C ILE G 51 27.66 -19.68 -27.50
N ALA G 52 26.37 -20.02 -27.48
CA ALA G 52 25.70 -20.52 -26.28
C ALA G 52 26.22 -21.91 -25.94
N PHE G 53 26.23 -22.21 -24.64
CA PHE G 53 26.67 -23.52 -24.15
C PHE G 53 25.61 -24.12 -23.24
N LYS G 54 24.89 -25.11 -23.73
CA LYS G 54 23.79 -25.71 -22.98
C LYS G 54 24.36 -26.47 -21.78
N VAL G 55 24.23 -25.87 -20.60
CA VAL G 55 24.72 -26.50 -19.37
C VAL G 55 24.01 -27.83 -19.21
N PRO G 56 24.73 -28.95 -19.20
CA PRO G 56 24.07 -30.24 -18.99
C PRO G 56 23.70 -30.44 -17.54
N VAL G 57 22.52 -31.04 -17.32
CA VAL G 57 22.10 -31.36 -15.97
C VAL G 57 23.02 -32.40 -15.36
N GLY G 58 23.63 -33.25 -16.20
CA GLY G 58 24.47 -34.33 -15.71
C GLY G 58 25.66 -33.87 -14.90
N SER G 59 26.01 -32.58 -14.99
CA SER G 59 27.11 -32.05 -14.20
C SER G 59 26.79 -32.01 -12.71
N LEU G 60 25.51 -31.99 -12.35
CA LEU G 60 25.10 -31.94 -10.96
C LEU G 60 25.19 -33.29 -10.27
N PHE G 61 25.34 -34.38 -11.02
CA PHE G 61 25.46 -35.72 -10.44
C PHE G 61 26.93 -36.13 -10.58
N SER G 62 27.67 -35.98 -9.49
CA SER G 62 29.09 -36.34 -9.51
C SER G 62 29.58 -36.59 -8.10
N ALA G 63 30.49 -37.56 -7.96
CA ALA G 63 31.06 -37.87 -6.66
C ALA G 63 31.87 -36.72 -6.09
N ASN G 64 32.30 -35.77 -6.92
CA ASN G 64 32.93 -34.57 -6.39
C ASN G 64 31.97 -33.78 -5.50
N PHE G 65 30.67 -33.97 -5.68
CA PHE G 65 29.66 -33.29 -4.88
C PHE G 65 28.89 -34.22 -3.96
N ARG G 66 29.28 -35.50 -3.88
CA ARG G 66 28.56 -36.52 -3.12
C ARG G 66 27.20 -36.84 -3.72
N THR G 67 26.98 -36.48 -4.98
CA THR G 67 25.69 -36.64 -5.63
C THR G 67 25.71 -37.73 -6.69
N ASP G 68 26.77 -38.53 -6.76
CA ASP G 68 26.83 -39.57 -7.78
C ASP G 68 25.68 -40.55 -7.67
N SER G 69 25.03 -40.63 -6.50
CA SER G 69 23.99 -41.61 -6.24
C SER G 69 22.59 -41.11 -6.60
N PHE G 70 22.47 -39.92 -7.17
CA PHE G 70 21.20 -39.37 -7.60
C PHE G 70 21.08 -39.48 -9.12
N THR G 71 19.85 -39.53 -9.61
CA THR G 71 19.56 -39.56 -11.04
C THR G 71 18.65 -38.44 -11.50
N SER G 72 17.97 -37.77 -10.58
CA SER G 72 17.04 -36.71 -10.90
C SER G 72 17.25 -35.59 -9.91
N VAL G 73 16.97 -34.37 -10.34
CA VAL G 73 17.18 -33.20 -9.51
C VAL G 73 16.22 -32.12 -9.97
N THR G 74 15.68 -31.40 -9.00
CA THR G 74 14.78 -30.28 -9.26
C THR G 74 15.57 -28.99 -9.05
N VAL G 75 15.72 -28.21 -10.12
CA VAL G 75 16.50 -26.98 -10.06
C VAL G 75 15.60 -25.85 -9.56
N MET G 76 16.12 -25.04 -8.66
CA MET G 76 15.38 -23.91 -8.08
C MET G 76 15.88 -22.57 -8.60
N SER G 77 17.18 -22.32 -8.53
CA SER G 77 17.74 -21.05 -8.95
C SER G 77 19.16 -21.25 -9.46
N VAL G 78 19.58 -20.35 -10.34
CA VAL G 78 20.86 -20.45 -11.04
C VAL G 78 21.55 -19.10 -10.95
N ARG G 79 22.86 -19.11 -10.70
CA ARG G 79 23.67 -17.91 -10.60
C ARG G 79 25.02 -18.19 -11.24
N ALA G 80 25.48 -17.26 -12.09
CA ALA G 80 26.64 -17.51 -12.95
C ALA G 80 27.64 -16.37 -12.88
N TRP G 81 28.91 -16.72 -12.66
CA TRP G 81 30.01 -15.77 -12.62
C TRP G 81 31.02 -16.07 -13.72
N THR G 82 31.61 -15.02 -14.28
CA THR G 82 32.71 -15.20 -15.23
C THR G 82 33.93 -15.72 -14.48
N GLN G 83 34.53 -16.78 -15.01
CA GLN G 83 35.64 -17.45 -14.35
C GLN G 83 37.01 -16.98 -14.85
N LEU G 84 37.05 -16.15 -15.89
CA LEU G 84 38.33 -15.68 -16.41
C LEU G 84 38.23 -14.21 -16.83
N THR G 85 39.38 -13.60 -17.09
CA THR G 85 39.39 -12.21 -17.51
C THR G 85 38.71 -12.08 -18.88
N PRO G 86 38.18 -10.90 -19.17
CA PRO G 86 37.57 -10.67 -20.48
C PRO G 86 38.63 -10.37 -21.52
N PRO G 87 38.24 -10.24 -22.79
CA PRO G 87 39.20 -9.80 -23.81
C PRO G 87 39.73 -8.41 -23.49
N VAL G 88 40.83 -8.07 -24.16
CA VAL G 88 41.46 -6.78 -23.93
C VAL G 88 40.48 -5.67 -24.31
N ASN G 89 40.35 -4.69 -23.42
CA ASN G 89 39.56 -3.48 -23.57
C ASN G 89 38.10 -3.67 -23.22
N GLU G 90 37.66 -4.87 -22.85
CA GLU G 90 36.26 -5.12 -22.55
C GLU G 90 36.04 -5.28 -21.05
N TYR G 91 34.78 -5.11 -20.65
CA TYR G 91 34.31 -5.48 -19.32
C TYR G 91 33.65 -6.85 -19.40
N SER G 92 33.75 -7.62 -18.32
CA SER G 92 33.20 -8.97 -18.33
C SER G 92 31.68 -8.94 -18.46
N PHE G 93 31.11 -9.93 -19.18
CA PHE G 93 29.67 -10.06 -19.23
C PHE G 93 29.29 -11.53 -19.35
N VAL G 94 28.07 -11.84 -18.90
CA VAL G 94 27.53 -13.19 -18.90
C VAL G 94 26.01 -13.10 -19.00
N ARG G 95 25.43 -13.95 -19.85
CA ARG G 95 23.99 -14.01 -20.08
C ARG G 95 23.48 -15.41 -19.75
N LEU G 96 22.17 -15.51 -19.48
CA LEU G 96 21.54 -16.78 -19.19
C LEU G 96 20.16 -16.84 -19.83
N LYS G 97 19.87 -17.95 -20.51
CA LYS G 97 18.54 -18.22 -21.07
C LYS G 97 17.97 -19.46 -20.42
N PRO G 98 16.92 -19.34 -19.59
CA PRO G 98 16.35 -20.55 -18.97
C PRO G 98 15.84 -21.54 -20.01
N LEU G 99 15.96 -22.82 -19.69
CA LEU G 99 15.49 -23.90 -20.54
C LEU G 99 14.62 -24.86 -19.74
N PHE G 100 13.61 -25.41 -20.41
CA PHE G 100 12.68 -26.33 -19.78
C PHE G 100 12.27 -27.38 -20.80
N LYS G 101 12.09 -28.62 -20.35
CA LYS G 101 11.59 -29.66 -21.25
C LYS G 101 10.24 -29.30 -21.82
N THR G 102 9.41 -28.59 -21.05
CA THR G 102 8.08 -28.19 -21.49
C THR G 102 8.09 -26.97 -22.40
N GLY G 103 9.26 -26.44 -22.73
CA GLY G 103 9.33 -25.27 -23.59
C GLY G 103 10.40 -24.30 -23.11
N ASP G 104 11.41 -24.10 -23.94
CA ASP G 104 12.50 -23.20 -23.58
C ASP G 104 12.01 -21.76 -23.49
N SER G 105 12.79 -20.95 -22.78
CA SER G 105 12.51 -19.53 -22.67
C SER G 105 13.41 -18.73 -23.60
N THR G 106 13.00 -17.50 -23.84
CA THR G 106 13.75 -16.56 -24.65
C THR G 106 14.42 -15.48 -23.84
N GLU G 107 14.18 -15.42 -22.53
CA GLU G 107 14.81 -14.41 -21.71
C GLU G 107 16.33 -14.50 -21.84
N GLU G 108 16.98 -13.35 -21.88
CA GLU G 108 18.43 -13.25 -21.90
C GLU G 108 18.86 -12.38 -20.73
N PHE G 109 18.71 -12.91 -19.51
CA PHE G 109 19.14 -12.20 -18.31
C PHE G 109 20.65 -11.98 -18.37
N GLU G 110 21.05 -10.70 -18.37
CA GLU G 110 22.44 -10.32 -18.55
C GLU G 110 22.91 -9.51 -17.36
N GLY G 111 24.14 -9.79 -16.92
CA GLY G 111 24.79 -9.00 -15.90
C GLY G 111 26.21 -8.71 -16.34
N ARG G 112 26.62 -7.45 -16.29
CA ARG G 112 27.97 -7.06 -16.65
C ARG G 112 28.72 -6.58 -15.41
N ALA G 113 30.02 -6.41 -15.59
CA ALA G 113 30.88 -5.85 -14.56
C ALA G 113 31.07 -4.35 -14.80
N SER G 114 31.19 -3.61 -13.71
CA SER G 114 31.63 -2.22 -13.76
C SER G 114 33.13 -2.09 -13.53
N ASN G 115 33.88 -3.18 -13.76
CA ASN G 115 35.31 -3.22 -13.57
C ASN G 115 35.84 -4.31 -14.49
N ILE G 116 36.89 -3.98 -15.24
CA ILE G 116 37.47 -4.99 -16.13
C ILE G 116 38.07 -6.14 -15.32
N ASN G 117 38.66 -5.83 -14.16
CA ASN G 117 39.26 -6.87 -13.33
C ASN G 117 38.22 -7.72 -12.60
N THR G 118 36.99 -7.25 -12.48
CA THR G 118 35.98 -7.90 -11.68
C THR G 118 35.17 -8.89 -12.52
N ARG G 119 34.56 -9.85 -11.83
CA ARG G 119 33.66 -10.78 -12.48
C ARG G 119 32.34 -10.10 -12.85
N ALA G 120 31.66 -10.67 -13.83
CA ALA G 120 30.27 -10.33 -14.12
C ALA G 120 29.39 -11.40 -13.52
N SER G 121 28.21 -11.01 -13.06
CA SER G 121 27.31 -11.94 -12.41
C SER G 121 25.88 -11.68 -12.85
N VAL G 122 25.06 -12.73 -12.76
CA VAL G 122 23.62 -12.64 -13.03
C VAL G 122 23.02 -14.00 -12.67
N GLY G 123 21.69 -14.05 -12.55
CA GLY G 123 21.05 -15.31 -12.26
C GLY G 123 19.54 -15.18 -12.41
N TYR G 124 18.87 -16.32 -12.28
CA TYR G 124 17.41 -16.35 -12.36
C TYR G 124 16.89 -17.43 -11.41
N ARG G 125 15.67 -17.21 -10.93
CA ARG G 125 14.99 -18.15 -10.06
C ARG G 125 13.85 -18.80 -10.83
N ILE G 126 13.80 -20.13 -10.81
CA ILE G 126 12.71 -20.85 -11.47
C ILE G 126 11.45 -20.76 -10.59
N PRO G 127 10.31 -20.37 -11.15
CA PRO G 127 9.09 -20.30 -10.34
C PRO G 127 8.67 -21.71 -9.93
N THR G 128 7.97 -21.77 -8.79
CA THR G 128 7.50 -23.05 -8.28
C THR G 128 6.85 -23.89 -9.37
N ASN G 129 5.90 -23.31 -10.10
CA ASN G 129 5.13 -24.05 -11.09
C ASN G 129 6.00 -24.65 -12.19
N LEU G 130 7.30 -24.36 -12.20
CA LEU G 130 8.22 -24.95 -13.15
C LEU G 130 9.26 -25.82 -12.46
N ARG G 131 9.12 -26.04 -11.15
CA ARG G 131 10.13 -26.75 -10.37
C ARG G 131 9.85 -28.25 -10.39
N GLN G 132 10.05 -28.85 -11.56
CA GLN G 132 9.96 -30.29 -11.74
C GLN G 132 11.36 -30.89 -11.74
N ASN G 133 11.42 -32.20 -11.95
CA ASN G 133 12.71 -32.88 -11.99
C ASN G 133 13.36 -32.74 -13.37
N THR G 134 14.68 -32.83 -13.38
CA THR G 134 15.48 -32.88 -14.60
C THR G 134 16.53 -33.97 -14.44
N VAL G 135 16.76 -34.72 -15.50
CA VAL G 135 17.71 -35.82 -15.48
C VAL G 135 18.95 -35.40 -16.26
N ALA G 136 19.99 -36.25 -16.20
CA ALA G 136 21.31 -35.86 -16.69
C ALA G 136 21.25 -35.42 -18.14
N ALA G 137 20.62 -36.22 -19.01
CA ALA G 137 20.57 -35.87 -20.42
C ALA G 137 20.05 -34.46 -20.63
N ASP G 138 19.18 -33.99 -19.76
CA ASP G 138 18.55 -32.68 -19.91
C ASP G 138 19.57 -31.54 -19.88
N ASN G 139 19.09 -30.31 -20.02
CA ASN G 139 19.91 -29.12 -19.92
CA ASN G 139 19.91 -29.12 -19.93
C ASN G 139 19.22 -28.10 -19.04
N VAL G 140 20.02 -27.26 -18.39
CA VAL G 140 19.48 -26.29 -17.45
C VAL G 140 19.22 -24.94 -18.11
N CYS G 141 20.22 -24.38 -18.79
CA CYS G 141 20.11 -23.08 -19.43
C CYS G 141 21.37 -22.81 -20.21
N GLU G 142 21.24 -22.05 -21.30
CA GLU G 142 22.39 -21.68 -22.10
C GLU G 142 23.22 -20.61 -21.37
N VAL G 143 24.48 -20.45 -21.80
CA VAL G 143 25.39 -19.45 -21.24
CA VAL G 143 25.36 -19.44 -21.24
C VAL G 143 26.14 -18.80 -22.39
N ARG G 144 26.16 -17.46 -22.41
CA ARG G 144 26.92 -16.68 -23.39
C ARG G 144 27.86 -15.78 -22.62
N SER G 145 29.13 -15.73 -23.02
CA SER G 145 30.08 -14.92 -22.31
C SER G 145 31.28 -14.63 -23.19
N ASN G 146 31.79 -13.39 -23.08
CA ASN G 146 33.05 -13.06 -23.70
C ASN G 146 34.21 -13.79 -23.02
N CYS G 147 34.12 -13.99 -21.71
CA CYS G 147 35.13 -14.74 -20.97
C CYS G 147 35.01 -16.23 -21.26
N ARG G 148 36.16 -16.91 -21.25
CA ARG G 148 36.24 -18.27 -21.75
C ARG G 148 35.76 -19.32 -20.77
N GLN G 149 35.58 -18.98 -19.50
CA GLN G 149 35.01 -19.91 -18.54
C GLN G 149 33.99 -19.18 -17.67
N VAL G 150 33.00 -19.92 -17.19
CA VAL G 150 31.91 -19.35 -16.39
C VAL G 150 31.68 -20.25 -15.19
N ALA G 151 31.91 -19.72 -13.99
CA ALA G 151 31.61 -20.45 -12.77
C ALA G 151 30.11 -20.40 -12.50
N LEU G 152 29.56 -21.50 -12.02
CA LEU G 152 28.13 -21.62 -11.79
C LEU G 152 27.85 -22.07 -10.37
N VAL G 153 26.68 -21.69 -9.86
CA VAL G 153 26.23 -22.09 -8.54
C VAL G 153 24.73 -22.30 -8.59
N ILE G 154 24.31 -23.55 -8.71
CA ILE G 154 22.91 -23.90 -8.86
C ILE G 154 22.40 -24.42 -7.51
N SER G 155 21.46 -23.68 -6.92
CA SER G 155 20.73 -24.18 -5.77
C SER G 155 19.67 -25.16 -6.25
N CYS G 156 19.81 -26.42 -5.87
CA CYS G 156 18.91 -27.44 -6.39
C CYS G 156 18.68 -28.52 -5.33
N CYS G 157 17.56 -29.24 -5.50
CA CYS G 157 17.17 -30.33 -4.62
C CYS G 157 17.39 -31.64 -5.35
N PHE G 158 18.27 -32.48 -4.80
CA PHE G 158 18.54 -33.81 -5.34
C PHE G 158 17.54 -34.81 -4.78
N ASN G 159 17.02 -35.67 -5.66
CA ASN G 159 16.12 -36.72 -5.22
C ASN G 159 16.03 -37.86 -6.23
N ARG H 3 27.96 17.14 35.73
CA ARG H 3 26.68 16.96 36.41
C ARG H 3 26.58 17.81 37.67
N GLY H 4 25.36 18.25 37.99
CA GLY H 4 25.09 18.84 39.28
C GLY H 4 25.89 20.14 39.51
N LYS H 5 26.67 20.15 40.57
CA LYS H 5 27.45 21.31 41.00
C LYS H 5 28.79 21.32 40.26
N VAL H 6 29.01 22.37 39.46
CA VAL H 6 30.01 22.44 38.40
C VAL H 6 30.53 21.05 38.02
N LYS H 7 31.44 20.49 38.82
CA LYS H 7 32.06 19.20 38.59
C LYS H 7 32.45 19.01 37.11
N PRO H 8 33.26 19.92 36.56
CA PRO H 8 33.43 19.91 35.09
C PRO H 8 34.12 18.66 34.53
N ASN H 9 35.24 18.25 35.10
CA ASN H 9 35.88 17.00 34.68
C ASN H 9 37.13 16.65 35.49
N ARG H 10 38.29 16.60 34.84
CA ARG H 10 39.47 15.95 35.41
C ARG H 10 40.23 16.89 36.34
N LYS H 11 41.07 16.29 37.18
CA LYS H 11 41.63 16.96 38.35
C LYS H 11 43.10 16.55 38.51
N SER H 12 43.72 16.97 39.60
CA SER H 12 45.11 16.66 39.90
C SER H 12 45.25 15.25 40.47
N THR H 13 44.35 14.36 40.05
CA THR H 13 44.53 12.90 40.06
C THR H 13 44.78 12.37 41.48
N GLY H 14 43.78 12.52 42.33
CA GLY H 14 43.73 11.65 43.48
C GLY H 14 43.53 10.18 43.14
N ASP H 15 43.18 9.88 41.89
CA ASP H 15 42.93 8.51 41.45
C ASP H 15 44.20 7.75 41.20
N ASN H 16 45.14 8.32 40.45
CA ASN H 16 46.46 7.71 40.41
C ASN H 16 47.14 7.73 41.78
N SER H 17 47.33 8.91 42.37
CA SER H 17 48.27 9.05 43.48
C SER H 17 49.55 8.53 42.90
N ASN H 18 50.32 9.64 42.79
CA ASN H 18 51.56 9.69 42.06
C ASN H 18 52.66 9.09 42.86
N VAL H 19 52.58 9.23 44.21
CA VAL H 19 53.45 8.34 44.96
C VAL H 19 52.89 6.92 45.03
N VAL H 20 53.81 6.00 45.30
CA VAL H 20 53.51 4.56 45.40
C VAL H 20 52.63 4.35 46.63
N THR H 21 52.09 3.14 46.77
CA THR H 21 51.16 2.84 47.84
C THR H 21 51.38 1.40 48.31
N MET H 22 50.95 1.14 49.54
CA MET H 22 51.16 -0.15 50.17
CA MET H 22 51.15 -0.14 50.18
C MET H 22 50.02 -1.10 49.82
N ILE H 23 50.34 -2.40 49.81
CA ILE H 23 49.40 -3.47 49.57
C ILE H 23 49.37 -4.35 50.82
N ARG H 24 48.16 -4.63 51.32
CA ARG H 24 48.00 -5.41 52.54
C ARG H 24 47.83 -6.89 52.18
N ALA H 25 48.94 -7.47 51.72
CA ALA H 25 48.91 -8.83 51.19
C ALA H 25 48.74 -9.85 52.31
N GLY H 26 47.91 -10.86 52.03
CA GLY H 26 47.66 -11.91 52.99
C GLY H 26 48.42 -13.17 52.66
N SER H 27 47.72 -14.30 52.61
CA SER H 27 48.37 -15.58 52.35
C SER H 27 49.17 -15.51 51.05
N TYR H 28 50.02 -16.53 50.86
CA TYR H 28 50.63 -16.75 49.55
C TYR H 28 49.60 -17.41 48.65
N PRO H 29 49.27 -16.83 47.50
CA PRO H 29 48.18 -17.36 46.66
C PRO H 29 48.67 -18.53 45.80
N LYS H 30 47.74 -19.12 45.06
CA LYS H 30 48.09 -20.09 44.05
C LYS H 30 48.79 -19.38 42.89
N VAL H 31 49.85 -19.99 42.38
CA VAL H 31 50.64 -19.38 41.31
C VAL H 31 50.78 -20.38 40.16
N ASN H 32 51.07 -19.84 38.97
CA ASN H 32 51.36 -20.64 37.79
C ASN H 32 52.36 -19.87 36.94
N PRO H 33 53.60 -20.38 36.78
CA PRO H 33 54.56 -19.67 35.93
C PRO H 33 54.38 -19.94 34.44
N THR H 34 53.71 -21.02 34.06
CA THR H 34 53.58 -21.44 32.67
C THR H 34 52.10 -21.57 32.32
N PRO H 35 51.40 -20.45 32.23
CA PRO H 35 49.94 -20.49 32.01
C PRO H 35 49.60 -20.72 30.54
N THR H 36 48.31 -20.89 30.29
CA THR H 36 47.78 -21.04 28.94
C THR H 36 47.68 -19.67 28.27
N TRP H 37 47.40 -19.69 26.96
CA TRP H 37 47.40 -18.45 26.18
C TRP H 37 46.57 -18.68 24.93
N VAL H 38 45.39 -18.06 24.86
CA VAL H 38 44.69 -17.95 23.60
C VAL H 38 45.45 -17.00 22.68
N ARG H 39 45.36 -17.24 21.37
CA ARG H 39 46.25 -16.49 20.49
C ARG H 39 45.80 -16.64 19.05
N ALA H 40 46.16 -15.64 18.24
CA ALA H 40 45.86 -15.61 16.80
C ALA H 40 47.19 -15.55 16.06
N ILE H 41 47.55 -16.65 15.41
CA ILE H 41 48.89 -16.86 14.87
C ILE H 41 48.87 -16.60 13.37
N PRO H 42 49.60 -15.60 12.86
CA PRO H 42 49.69 -15.44 11.39
C PRO H 42 51.00 -15.99 10.82
N PHE H 43 50.90 -16.76 9.73
CA PHE H 43 52.09 -17.31 9.09
C PHE H 43 51.73 -17.71 7.67
N GLU H 44 52.75 -18.03 6.88
CA GLU H 44 52.60 -18.34 5.47
C GLU H 44 53.16 -19.72 5.16
N VAL H 45 52.64 -20.32 4.09
CA VAL H 45 53.04 -21.66 3.65
C VAL H 45 53.01 -21.69 2.13
N SER H 46 54.03 -22.32 1.53
CA SER H 46 54.13 -22.42 0.07
C SER H 46 53.27 -23.57 -0.45
N VAL H 47 52.57 -23.32 -1.55
N VAL H 47 52.56 -23.32 -1.53
CA VAL H 47 51.64 -24.28 -2.14
CA VAL H 47 51.67 -24.31 -2.12
C VAL H 47 51.90 -24.37 -3.64
C VAL H 47 51.95 -24.38 -3.62
N GLN H 48 52.00 -25.60 -4.14
CA GLN H 48 52.22 -25.83 -5.56
C GLN H 48 50.89 -25.97 -6.30
N SER H 49 50.97 -26.06 -7.62
CA SER H 49 49.78 -26.03 -8.46
C SER H 49 49.14 -27.41 -8.49
N GLY H 50 47.86 -27.47 -8.12
CA GLY H 50 47.13 -28.72 -8.12
C GLY H 50 47.47 -29.68 -7.01
N ILE H 51 48.31 -29.26 -6.06
CA ILE H 51 48.80 -30.13 -4.99
C ILE H 51 48.29 -29.59 -3.66
N ALA H 52 48.05 -30.52 -2.73
CA ALA H 52 47.50 -30.20 -1.43
C ALA H 52 48.61 -30.29 -0.38
N PHE H 53 48.81 -29.19 0.35
CA PHE H 53 49.89 -29.08 1.34
C PHE H 53 49.33 -29.31 2.73
N LYS H 54 49.87 -30.30 3.43
CA LYS H 54 49.44 -30.60 4.79
C LYS H 54 50.08 -29.59 5.74
N VAL H 55 49.28 -28.70 6.30
CA VAL H 55 49.78 -27.68 7.22
C VAL H 55 50.15 -28.35 8.54
N PRO H 56 51.39 -28.25 8.99
CA PRO H 56 51.77 -28.88 10.27
C PRO H 56 51.47 -27.97 11.45
N VAL H 57 51.00 -28.59 12.54
CA VAL H 57 50.76 -27.85 13.77
C VAL H 57 52.05 -27.26 14.29
N GLY H 58 53.17 -27.98 14.12
CA GLY H 58 54.43 -27.48 14.64
C GLY H 58 54.74 -26.06 14.21
N SER H 59 54.17 -25.61 13.09
CA SER H 59 54.35 -24.22 12.66
C SER H 59 53.81 -23.25 13.69
N LEU H 60 52.91 -23.69 14.58
CA LEU H 60 52.38 -22.83 15.61
C LEU H 60 53.32 -22.65 16.78
N PHE H 61 54.48 -23.30 16.77
CA PHE H 61 55.46 -23.20 17.84
C PHE H 61 56.75 -22.61 17.27
N SER H 62 57.03 -21.36 17.61
CA SER H 62 58.28 -20.71 17.22
C SER H 62 58.45 -19.43 18.02
N ALA H 63 59.70 -19.11 18.32
CA ALA H 63 60.00 -17.89 19.05
C ALA H 63 59.49 -16.64 18.32
N ASN H 64 59.28 -16.72 17.01
CA ASN H 64 58.71 -15.60 16.27
C ASN H 64 57.29 -15.27 16.74
N PHE H 65 56.68 -16.12 17.55
CA PHE H 65 55.35 -15.89 18.07
C PHE H 65 55.30 -15.88 19.59
N ARG H 66 56.42 -16.17 20.25
CA ARG H 66 56.61 -16.27 21.70
C ARG H 66 56.20 -17.63 22.25
N THR H 67 55.77 -18.55 21.40
CA THR H 67 55.20 -19.83 21.84
C THR H 67 56.19 -20.98 21.78
N ASP H 68 57.50 -20.69 21.74
CA ASP H 68 58.49 -21.75 21.75
C ASP H 68 58.52 -22.53 23.06
N SER H 69 57.64 -22.18 24.00
CA SER H 69 57.57 -22.80 25.31
C SER H 69 56.39 -23.76 25.44
N PHE H 70 55.56 -23.87 24.42
CA PHE H 70 54.46 -24.82 24.41
C PHE H 70 54.80 -26.04 23.57
N THR H 71 54.11 -27.14 23.86
CA THR H 71 54.20 -28.35 23.05
C THR H 71 52.85 -28.85 22.59
N SER H 72 51.76 -28.31 23.12
CA SER H 72 50.41 -28.76 22.78
C SER H 72 49.54 -27.54 22.61
N VAL H 73 48.60 -27.63 21.68
CA VAL H 73 47.75 -26.50 21.35
C VAL H 73 46.41 -27.03 20.88
N THR H 74 45.35 -26.36 21.30
CA THR H 74 43.98 -26.71 20.93
C THR H 74 43.52 -25.69 19.91
N VAL H 75 43.28 -26.14 18.68
CA VAL H 75 42.93 -25.25 17.58
C VAL H 75 41.42 -25.07 17.54
N MET H 76 40.98 -23.82 17.39
CA MET H 76 39.56 -23.50 17.36
C MET H 76 39.08 -23.22 15.94
N SER H 77 39.63 -22.18 15.31
CA SER H 77 39.25 -21.82 13.96
C SER H 77 40.50 -21.64 13.11
N VAL H 78 40.31 -21.68 11.81
CA VAL H 78 41.36 -21.48 10.82
C VAL H 78 40.83 -20.45 9.82
N ARG H 79 41.74 -19.68 9.25
CA ARG H 79 41.38 -18.73 8.20
C ARG H 79 42.58 -18.59 7.28
N ALA H 80 42.31 -18.54 5.98
CA ALA H 80 43.37 -18.52 4.98
C ALA H 80 43.13 -17.37 4.00
N TRP H 81 44.23 -16.88 3.43
CA TRP H 81 44.21 -15.86 2.40
C TRP H 81 45.33 -16.19 1.40
N THR H 82 45.12 -15.82 0.15
CA THR H 82 46.14 -16.04 -0.87
C THR H 82 47.21 -14.95 -0.76
N GLN H 83 48.48 -15.35 -0.64
CA GLN H 83 49.58 -14.43 -0.36
C GLN H 83 50.27 -13.91 -1.62
N LEU H 84 50.15 -14.61 -2.75
CA LEU H 84 50.73 -14.15 -4.00
C LEU H 84 49.64 -14.04 -5.08
N THR H 85 49.93 -13.23 -6.10
CA THR H 85 48.97 -13.06 -7.18
C THR H 85 48.73 -14.40 -7.87
N PRO H 86 47.65 -14.50 -8.64
CA PRO H 86 47.32 -15.77 -9.30
C PRO H 86 47.98 -15.87 -10.66
N PRO H 87 47.86 -17.03 -11.33
CA PRO H 87 48.29 -17.12 -12.73
C PRO H 87 47.57 -16.08 -13.56
N VAL H 88 48.08 -15.87 -14.77
CA VAL H 88 47.47 -14.88 -15.66
C VAL H 88 46.04 -15.31 -15.97
N ASN H 89 45.13 -14.33 -15.97
CA ASN H 89 43.74 -14.51 -16.37
C ASN H 89 42.88 -15.17 -15.30
N GLU H 90 43.51 -15.82 -14.33
CA GLU H 90 42.75 -16.56 -13.33
C GLU H 90 42.33 -15.69 -12.15
N TYR H 91 41.29 -16.14 -11.46
CA TYR H 91 40.84 -15.54 -10.20
C TYR H 91 41.32 -16.42 -9.06
N SER H 92 42.02 -15.81 -8.09
CA SER H 92 42.55 -16.55 -6.96
C SER H 92 41.48 -17.42 -6.31
N PHE H 93 41.90 -18.45 -5.59
CA PHE H 93 40.99 -19.26 -4.80
C PHE H 93 41.83 -20.01 -3.76
N VAL H 94 41.15 -20.65 -2.83
CA VAL H 94 41.85 -21.36 -1.76
C VAL H 94 40.84 -22.30 -1.10
N ARG H 95 41.29 -23.52 -0.85
CA ARG H 95 40.47 -24.56 -0.23
C ARG H 95 41.13 -25.06 1.05
N LEU H 96 40.31 -25.42 2.04
CA LEU H 96 40.78 -25.90 3.32
C LEU H 96 40.01 -27.17 3.69
N LYS H 97 40.75 -28.25 3.93
CA LYS H 97 40.16 -29.55 4.26
C LYS H 97 40.54 -29.93 5.68
N PRO H 98 39.63 -29.80 6.65
CA PRO H 98 40.01 -30.09 8.03
C PRO H 98 40.64 -31.47 8.15
N LEU H 99 41.63 -31.58 9.03
CA LEU H 99 42.29 -32.84 9.34
C LEU H 99 42.30 -33.03 10.85
N PHE H 100 41.88 -34.22 11.29
CA PHE H 100 41.85 -34.56 12.70
C PHE H 100 42.46 -35.94 12.88
N LYS H 101 43.15 -36.13 13.99
CA LYS H 101 43.79 -37.42 14.25
C LYS H 101 42.75 -38.53 14.31
N THR H 102 41.61 -38.27 14.96
CA THR H 102 40.57 -39.29 15.08
C THR H 102 39.86 -39.58 13.77
N GLY H 103 40.12 -38.79 12.73
CA GLY H 103 39.48 -39.01 11.44
C GLY H 103 39.54 -37.81 10.53
N ASP H 104 40.18 -37.95 9.37
CA ASP H 104 40.32 -36.85 8.44
C ASP H 104 38.97 -36.56 7.76
N SER H 105 38.49 -35.32 7.88
CA SER H 105 37.30 -34.92 7.16
C SER H 105 37.59 -34.91 5.66
N THR H 106 36.60 -34.49 4.87
CA THR H 106 36.73 -34.48 3.43
C THR H 106 36.23 -33.19 2.78
N GLU H 107 35.81 -32.21 3.56
CA GLU H 107 35.30 -30.98 2.97
C GLU H 107 36.42 -30.25 2.22
N GLU H 108 36.03 -29.20 1.50
CA GLU H 108 36.97 -28.34 0.78
CA GLU H 108 36.96 -28.34 0.78
C GLU H 108 36.38 -26.92 0.80
N PHE H 109 36.42 -26.31 1.98
CA PHE H 109 35.90 -24.95 2.17
C PHE H 109 36.63 -23.97 1.27
N GLU H 110 36.01 -23.63 0.13
CA GLU H 110 36.65 -22.86 -0.91
C GLU H 110 36.20 -21.41 -0.84
N GLY H 111 37.13 -20.50 -1.12
CA GLY H 111 36.82 -19.09 -1.23
C GLY H 111 37.53 -18.50 -2.42
N ARG H 112 36.80 -17.79 -3.27
CA ARG H 112 37.35 -17.21 -4.49
C ARG H 112 37.22 -15.70 -4.46
N ALA H 113 38.20 -15.02 -5.06
CA ALA H 113 38.15 -13.58 -5.19
C ALA H 113 37.21 -13.18 -6.33
N SER H 114 36.74 -11.94 -6.27
CA SER H 114 35.92 -11.36 -7.33
C SER H 114 36.67 -10.26 -8.07
N ASN H 115 37.98 -10.18 -7.91
CA ASN H 115 38.83 -9.21 -8.57
C ASN H 115 40.22 -9.84 -8.64
N ILE H 116 40.79 -9.91 -9.84
CA ILE H 116 42.07 -10.61 -10.00
C ILE H 116 43.12 -10.04 -9.07
N ASN H 117 43.08 -8.75 -8.79
CA ASN H 117 44.08 -8.08 -7.96
C ASN H 117 43.84 -8.26 -6.48
N THR H 118 42.78 -8.97 -6.09
CA THR H 118 42.40 -9.15 -4.70
C THR H 118 42.72 -10.57 -4.25
N ARG H 119 42.76 -10.75 -2.94
CA ARG H 119 43.01 -12.07 -2.36
C ARG H 119 41.74 -12.90 -2.35
N ALA H 120 41.92 -14.22 -2.20
CA ALA H 120 40.83 -15.15 -1.95
C ALA H 120 40.92 -15.64 -0.52
N SER H 121 39.81 -15.54 0.22
CA SER H 121 39.79 -15.87 1.63
C SER H 121 38.70 -16.90 1.92
N VAL H 122 38.92 -17.69 2.97
CA VAL H 122 37.91 -18.61 3.47
C VAL H 122 38.41 -19.12 4.82
N GLY H 123 37.49 -19.62 5.64
CA GLY H 123 37.86 -20.17 6.92
C GLY H 123 36.94 -21.31 7.31
N TYR H 124 37.35 -22.06 8.34
CA TYR H 124 36.53 -23.12 8.90
C TYR H 124 36.68 -23.16 10.42
N ARG H 125 35.56 -23.34 11.12
CA ARG H 125 35.50 -23.42 12.57
C ARG H 125 35.53 -24.89 13.00
N ILE H 126 36.05 -25.14 14.18
CA ILE H 126 36.16 -26.49 14.72
C ILE H 126 35.24 -26.60 15.93
N PRO H 127 34.32 -27.57 15.97
CA PRO H 127 33.41 -27.68 17.11
C PRO H 127 34.14 -28.14 18.36
N THR H 128 33.55 -27.78 19.51
CA THR H 128 34.16 -28.06 20.80
C THR H 128 34.46 -29.54 20.96
N ASN H 129 33.51 -30.40 20.64
CA ASN H 129 33.73 -31.84 20.73
C ASN H 129 35.00 -32.27 19.99
N LEU H 130 35.40 -31.49 18.98
CA LEU H 130 36.62 -31.76 18.22
C LEU H 130 37.76 -30.83 18.61
N ARG H 131 37.68 -30.20 19.78
CA ARG H 131 38.70 -29.26 20.23
C ARG H 131 39.64 -29.94 21.21
N GLN H 132 40.42 -30.88 20.70
CA GLN H 132 41.44 -31.55 21.49
C GLN H 132 42.80 -30.88 21.23
N ASN H 133 43.83 -31.39 21.90
CA ASN H 133 45.17 -30.88 21.73
C ASN H 133 45.85 -31.55 20.54
N THR H 134 46.81 -30.83 19.96
CA THR H 134 47.56 -31.32 18.80
C THR H 134 49.00 -30.89 18.95
N VAL H 135 49.92 -31.79 18.58
CA VAL H 135 51.34 -31.57 18.78
C VAL H 135 52.02 -31.24 17.45
N ALA H 136 53.35 -31.11 17.48
CA ALA H 136 54.07 -30.61 16.32
C ALA H 136 53.88 -31.51 15.10
N ALA H 137 54.07 -32.82 15.28
CA ALA H 137 54.01 -33.73 14.15
C ALA H 137 52.64 -33.83 13.51
N ASP H 138 51.59 -33.38 14.19
CA ASP H 138 50.24 -33.48 13.66
C ASP H 138 50.04 -32.49 12.50
N ASN H 139 48.83 -32.49 11.93
CA ASN H 139 48.49 -31.63 10.81
C ASN H 139 47.11 -31.03 11.05
N VAL H 140 46.96 -29.76 10.72
N VAL H 140 46.94 -29.77 10.67
CA VAL H 140 45.71 -29.04 10.96
CA VAL H 140 45.71 -29.05 10.98
C VAL H 140 44.72 -29.25 9.82
C VAL H 140 44.70 -29.11 9.83
N CYS H 141 45.18 -29.05 8.58
CA CYS H 141 44.30 -29.12 7.42
C CYS H 141 45.10 -28.95 6.15
N GLU H 142 44.55 -29.46 5.05
CA GLU H 142 45.15 -29.27 3.74
C GLU H 142 44.79 -27.91 3.16
N VAL H 143 45.67 -27.42 2.28
CA VAL H 143 45.47 -26.14 1.61
CA VAL H 143 45.46 -26.14 1.61
C VAL H 143 45.74 -26.33 0.12
N ARG H 144 44.82 -25.84 -0.71
CA ARG H 144 44.96 -25.89 -2.16
C ARG H 144 44.68 -24.49 -2.70
N SER H 145 45.41 -24.09 -3.75
CA SER H 145 45.24 -22.77 -4.31
C SER H 145 46.15 -22.61 -5.52
N ASN H 146 45.75 -21.74 -6.44
CA ASN H 146 46.52 -21.42 -7.63
C ASN H 146 47.58 -20.35 -7.38
N CYS H 147 47.64 -19.81 -6.17
CA CYS H 147 48.68 -18.87 -5.77
C CYS H 147 49.77 -19.63 -5.04
N ARG H 148 51.03 -19.41 -5.45
CA ARG H 148 52.14 -20.22 -4.97
C ARG H 148 52.40 -20.09 -3.48
N GLN H 149 51.66 -19.24 -2.78
CA GLN H 149 51.80 -19.10 -1.33
C GLN H 149 50.44 -18.71 -0.77
N VAL H 150 50.19 -19.10 0.48
CA VAL H 150 48.92 -18.85 1.15
C VAL H 150 49.22 -18.37 2.56
N ALA H 151 48.47 -17.37 3.01
CA ALA H 151 48.61 -16.81 4.35
C ALA H 151 47.51 -17.36 5.26
N LEU H 152 47.88 -17.71 6.48
CA LEU H 152 46.98 -18.32 7.44
C LEU H 152 46.91 -17.48 8.71
N VAL H 153 45.79 -17.60 9.42
CA VAL H 153 45.60 -16.96 10.72
C VAL H 153 44.79 -17.90 11.60
N ILE H 154 45.46 -18.62 12.50
CA ILE H 154 44.83 -19.70 13.27
C ILE H 154 44.59 -19.22 14.68
N SER H 155 43.31 -19.14 15.06
CA SER H 155 42.92 -18.93 16.45
C SER H 155 43.04 -20.25 17.20
N CYS H 156 43.75 -20.23 18.32
CA CYS H 156 44.03 -21.47 19.04
C CYS H 156 44.35 -21.16 20.49
N CYS H 157 44.25 -22.17 21.32
CA CYS H 157 44.52 -22.09 22.76
C CYS H 157 45.79 -22.87 23.05
N PHE H 158 46.85 -22.16 23.45
CA PHE H 158 48.11 -22.81 23.80
C PHE H 158 48.05 -23.20 25.27
N ASN H 159 48.49 -24.44 25.57
CA ASN H 159 48.56 -24.93 26.93
C ASN H 159 49.76 -25.86 27.07
N LYS I 7 30.65 31.63 35.78
CA LYS I 7 31.63 32.69 35.64
C LYS I 7 32.94 32.22 34.98
N PRO I 8 32.88 31.69 33.74
CA PRO I 8 34.12 31.44 32.99
C PRO I 8 34.64 32.72 32.34
N ASN I 9 34.32 32.94 31.06
CA ASN I 9 34.45 34.23 30.41
C ASN I 9 34.20 34.14 28.91
N ARG I 10 34.23 35.30 28.23
CA ARG I 10 34.07 35.37 26.78
C ARG I 10 32.65 35.06 26.34
N LYS I 11 32.51 34.42 25.19
CA LYS I 11 31.20 34.07 24.64
C LYS I 11 30.34 35.28 24.35
N SER I 12 29.16 35.40 24.97
CA SER I 12 28.28 36.50 24.60
C SER I 12 28.61 37.80 25.34
N THR I 13 28.15 38.91 24.76
CA THR I 13 28.53 40.30 24.96
C THR I 13 28.09 40.95 23.65
N GLY I 14 28.18 42.26 23.50
CA GLY I 14 27.76 42.89 22.25
C GLY I 14 28.33 42.22 21.01
N ASP I 15 27.47 41.77 20.09
CA ASP I 15 27.82 40.79 19.06
C ASP I 15 27.70 41.34 17.64
N ASN I 16 28.47 40.72 16.76
CA ASN I 16 28.15 40.46 15.34
C ASN I 16 27.89 41.71 14.50
N SER I 17 28.37 42.87 14.88
CA SER I 17 28.05 44.07 14.09
C SER I 17 28.83 44.09 12.78
N ASN I 18 28.73 45.20 12.05
CA ASN I 18 29.55 45.47 10.88
C ASN I 18 30.56 46.58 11.14
N VAL I 19 30.90 46.80 12.42
CA VAL I 19 31.88 47.80 12.80
C VAL I 19 32.59 47.31 14.06
N VAL I 20 33.76 47.90 14.33
CA VAL I 20 34.52 47.54 15.52
C VAL I 20 33.72 47.90 16.76
N THR I 21 34.08 47.27 17.88
CA THR I 21 33.49 47.56 19.17
C THR I 21 34.58 47.62 20.23
N MET I 22 34.28 48.27 21.35
CA MET I 22 35.25 48.45 22.42
CA MET I 22 35.24 48.45 22.43
C MET I 22 35.21 47.27 23.39
N ILE I 23 36.40 46.87 23.84
CA ILE I 23 36.56 45.80 24.81
C ILE I 23 37.06 46.41 26.11
N ARG I 24 36.38 46.10 27.21
CA ARG I 24 36.67 46.74 28.50
C ARG I 24 37.76 45.95 29.27
N ALA I 25 38.89 45.79 28.60
CA ALA I 25 39.96 44.96 29.13
C ALA I 25 40.41 45.44 30.50
N GLY I 26 40.79 44.47 31.34
CA GLY I 26 41.24 44.75 32.69
C GLY I 26 42.71 44.46 32.90
N SER I 27 43.06 43.86 34.04
CA SER I 27 44.47 43.62 34.39
C SER I 27 45.23 42.98 33.23
N TYR I 28 46.56 43.07 33.24
CA TYR I 28 47.31 42.36 32.20
C TYR I 28 47.30 40.87 32.50
N PRO I 29 46.97 40.03 31.52
CA PRO I 29 46.78 38.60 31.80
C PRO I 29 48.13 37.88 31.94
N LYS I 30 48.04 36.59 32.21
CA LYS I 30 49.18 35.70 32.03
C LYS I 30 49.29 35.33 30.56
N VAL I 31 50.50 35.37 30.02
CA VAL I 31 50.71 35.18 28.58
C VAL I 31 51.76 34.11 28.37
N ASN I 32 51.64 33.43 27.24
CA ASN I 32 52.65 32.46 26.79
C ASN I 32 52.96 32.78 25.33
N PRO I 33 54.16 33.23 25.00
CA PRO I 33 54.51 33.44 23.58
C PRO I 33 54.94 32.17 22.85
N THR I 34 55.16 31.06 23.55
CA THR I 34 55.62 29.82 22.93
C THR I 34 54.80 28.64 23.46
N PRO I 35 53.52 28.57 23.11
CA PRO I 35 52.64 27.56 23.70
C PRO I 35 52.77 26.22 22.97
N THR I 36 52.14 25.21 23.57
CA THR I 36 52.17 23.86 23.01
C THR I 36 51.21 23.76 21.82
N TRP I 37 51.34 22.65 21.10
CA TRP I 37 50.57 22.45 19.87
C TRP I 37 50.36 20.96 19.64
N VAL I 38 49.11 20.55 19.51
CA VAL I 38 48.76 19.19 19.13
C VAL I 38 48.67 19.14 17.62
N ARG I 39 49.41 18.21 17.01
CA ARG I 39 49.55 18.17 15.56
C ARG I 39 49.54 16.74 15.04
N ALA I 40 49.24 16.59 13.75
CA ALA I 40 49.46 15.36 13.01
C ALA I 40 50.49 15.67 11.93
N ILE I 41 51.64 15.02 12.01
CA ILE I 41 52.78 15.34 11.16
C ILE I 41 52.91 14.28 10.08
N PRO I 42 52.54 14.59 8.83
CA PRO I 42 52.76 13.61 7.75
C PRO I 42 54.16 13.72 7.15
N PHE I 43 54.86 12.60 7.07
CA PHE I 43 56.19 12.57 6.49
C PHE I 43 56.47 11.14 6.07
N GLU I 44 57.46 10.97 5.21
CA GLU I 44 57.75 9.71 4.54
C GLU I 44 59.17 9.29 4.88
N VAL I 45 59.47 8.02 4.64
CA VAL I 45 60.78 7.46 4.97
C VAL I 45 61.17 6.41 3.95
N SER I 46 62.48 6.26 3.74
CA SER I 46 63.02 5.22 2.87
C SER I 46 63.19 3.93 3.66
N VAL I 47 62.79 2.82 3.07
CA VAL I 47 62.89 1.50 3.70
C VAL I 47 63.52 0.53 2.70
N GLN I 48 64.49 -0.24 3.16
CA GLN I 48 65.17 -1.21 2.31
C GLN I 48 64.61 -2.61 2.54
N SER I 49 64.65 -3.41 1.48
CA SER I 49 64.07 -4.74 1.53
C SER I 49 64.57 -5.49 2.76
N GLY I 50 63.63 -5.94 3.58
CA GLY I 50 63.94 -6.80 4.70
C GLY I 50 64.74 -6.17 5.82
N ILE I 51 65.09 -4.89 5.72
CA ILE I 51 65.88 -4.22 6.75
C ILE I 51 64.99 -3.20 7.45
N ALA I 52 65.04 -3.19 8.77
CA ALA I 52 64.29 -2.22 9.55
C ALA I 52 65.00 -0.87 9.53
N PHE I 53 64.22 0.19 9.69
CA PHE I 53 64.72 1.56 9.67
C PHE I 53 64.19 2.27 10.90
N LYS I 54 65.08 2.70 11.78
CA LYS I 54 64.66 3.39 12.99
C LYS I 54 64.19 4.80 12.63
N VAL I 55 62.93 5.09 12.92
CA VAL I 55 62.33 6.38 12.60
C VAL I 55 62.80 7.43 13.60
N PRO I 56 63.77 8.28 13.25
CA PRO I 56 64.27 9.23 14.24
C PRO I 56 63.22 10.28 14.57
N VAL I 57 63.28 10.76 15.81
CA VAL I 57 62.39 11.83 16.24
C VAL I 57 62.79 13.16 15.62
N GLY I 58 64.02 13.25 15.08
CA GLY I 58 64.46 14.49 14.46
C GLY I 58 63.62 14.93 13.29
N SER I 59 62.86 14.01 12.70
CA SER I 59 62.11 14.33 11.49
C SER I 59 60.91 15.24 11.77
N LEU I 60 60.35 15.16 12.99
CA LEU I 60 59.24 16.03 13.33
C LEU I 60 59.66 17.48 13.46
N PHE I 61 60.93 17.73 13.78
CA PHE I 61 61.43 19.09 13.96
C PHE I 61 61.97 19.60 12.63
N SER I 62 61.13 20.33 11.91
CA SER I 62 61.44 20.86 10.60
C SER I 62 60.50 22.01 10.31
N ALA I 63 61.01 23.06 9.66
CA ALA I 63 60.18 24.21 9.31
C ALA I 63 59.11 23.87 8.29
N ASN I 64 59.16 22.68 7.70
CA ASN I 64 58.07 22.24 6.82
C ASN I 64 56.81 21.89 7.58
N PHE I 65 56.88 21.76 8.91
CA PHE I 65 55.72 21.51 9.75
C PHE I 65 55.40 22.66 10.68
N ARG I 66 56.20 23.74 10.64
CA ARG I 66 56.08 24.87 11.56
C ARG I 66 56.56 24.52 12.96
N THR I 67 57.39 23.48 13.09
CA THR I 67 57.82 23.00 14.39
C THR I 67 59.32 23.13 14.60
N ASP I 68 60.02 23.90 13.76
CA ASP I 68 61.45 24.10 13.95
C ASP I 68 61.78 24.83 15.25
N SER I 69 60.77 25.44 15.88
CA SER I 69 60.96 26.13 17.16
C SER I 69 60.87 25.19 18.35
N PHE I 70 60.43 23.95 18.14
CA PHE I 70 60.31 22.98 19.22
C PHE I 70 61.58 22.13 19.29
N THR I 71 61.91 21.68 20.50
CA THR I 71 63.06 20.82 20.73
C THR I 71 62.69 19.49 21.37
N SER I 72 61.49 19.36 21.92
CA SER I 72 61.00 18.14 22.52
C SER I 72 59.59 17.88 22.01
N VAL I 73 59.13 16.64 22.13
CA VAL I 73 57.79 16.29 21.67
C VAL I 73 57.35 15.02 22.37
N THR I 74 56.07 14.96 22.69
CA THR I 74 55.43 13.78 23.26
C THR I 74 54.64 13.11 22.16
N VAL I 75 55.10 11.95 21.71
CA VAL I 75 54.40 11.18 20.69
C VAL I 75 53.23 10.45 21.34
N MET I 76 52.09 10.42 20.66
CA MET I 76 50.89 9.77 21.16
C MET I 76 50.49 8.56 20.34
N SER I 77 50.51 8.65 19.01
CA SER I 77 50.19 7.51 18.16
C SER I 77 51.03 7.59 16.90
N VAL I 78 51.15 6.45 16.23
CA VAL I 78 51.86 6.34 14.96
C VAL I 78 51.03 5.50 14.01
N ARG I 79 50.84 5.98 12.79
CA ARG I 79 50.04 5.30 11.78
C ARG I 79 50.82 5.31 10.47
N ALA I 80 51.05 4.12 9.92
CA ALA I 80 51.94 3.94 8.78
C ALA I 80 51.20 3.35 7.58
N TRP I 81 51.56 3.83 6.40
CA TRP I 81 51.10 3.29 5.12
C TRP I 81 52.31 2.91 4.28
N THR I 82 52.06 2.23 3.17
CA THR I 82 53.09 1.97 2.17
C THR I 82 52.96 3.03 1.08
N GLN I 83 54.05 3.73 0.80
CA GLN I 83 54.04 4.91 -0.06
C GLN I 83 54.27 4.61 -1.53
N LEU I 84 54.75 3.42 -1.86
CA LEU I 84 55.01 3.03 -3.24
C LEU I 84 54.43 1.63 -3.47
N THR I 85 54.65 1.11 -4.67
CA THR I 85 54.12 -0.19 -5.02
C THR I 85 55.01 -1.29 -4.44
N PRO I 86 54.43 -2.47 -4.22
CA PRO I 86 55.22 -3.59 -3.67
C PRO I 86 55.89 -4.38 -4.78
N PRO I 87 56.77 -5.32 -4.44
CA PRO I 87 57.40 -6.14 -5.48
C PRO I 87 56.34 -6.87 -6.30
N VAL I 88 56.76 -7.36 -7.47
CA VAL I 88 55.84 -8.04 -8.35
C VAL I 88 55.34 -9.31 -7.68
N ASN I 89 54.03 -9.55 -7.77
CA ASN I 89 53.30 -10.71 -7.26
C ASN I 89 52.97 -10.59 -5.77
N GLU I 90 53.51 -9.61 -5.07
CA GLU I 90 53.36 -9.49 -3.62
C GLU I 90 52.33 -8.43 -3.25
N TYR I 91 51.65 -8.65 -2.12
CA TYR I 91 50.70 -7.68 -1.57
C TYR I 91 51.42 -6.80 -0.55
N SER I 92 51.12 -5.50 -0.58
CA SER I 92 51.82 -4.57 0.30
C SER I 92 51.67 -4.96 1.77
N PHE I 93 52.73 -4.70 2.55
CA PHE I 93 52.67 -4.94 3.99
C PHE I 93 53.59 -3.93 4.68
N VAL I 94 53.24 -3.61 5.92
CA VAL I 94 53.99 -2.65 6.73
C VAL I 94 53.99 -3.12 8.18
N ARG I 95 55.16 -3.06 8.81
CA ARG I 95 55.33 -3.49 10.20
C ARG I 95 55.93 -2.37 11.02
N LEU I 96 55.35 -2.11 12.19
CA LEU I 96 55.81 -1.08 13.10
C LEU I 96 56.18 -1.70 14.44
N LYS I 97 57.39 -1.43 14.91
CA LYS I 97 57.84 -1.88 16.21
C LYS I 97 58.01 -0.70 17.14
N PRO I 98 57.23 -0.57 18.21
CA PRO I 98 57.39 0.58 19.10
C PRO I 98 58.77 0.60 19.73
N LEU I 99 59.34 1.79 19.86
CA LEU I 99 60.63 2.00 20.50
C LEU I 99 60.46 3.04 21.60
N PHE I 100 61.18 2.84 22.69
CA PHE I 100 61.12 3.72 23.86
C PHE I 100 62.50 3.77 24.50
N LYS I 101 62.74 4.86 25.24
CA LYS I 101 64.03 5.04 25.89
C LYS I 101 64.14 4.24 27.19
N THR I 102 63.02 3.89 27.81
CA THR I 102 63.00 3.11 29.04
C THR I 102 63.00 1.61 28.75
N GLY I 103 63.20 1.22 27.49
CA GLY I 103 63.14 -0.18 27.11
C GLY I 103 62.33 -0.33 25.84
N ASP I 104 62.97 -0.80 24.77
CA ASP I 104 62.27 -0.96 23.51
C ASP I 104 61.27 -2.12 23.57
N SER I 105 60.30 -2.08 22.68
CA SER I 105 59.30 -3.13 22.66
C SER I 105 59.72 -4.21 21.67
N THR I 106 58.92 -5.28 21.64
CA THR I 106 59.10 -6.38 20.71
C THR I 106 57.81 -6.65 19.92
N GLU I 107 56.85 -5.74 19.96
CA GLU I 107 55.63 -5.90 19.18
C GLU I 107 55.88 -5.52 17.73
N GLU I 108 55.27 -6.28 16.82
CA GLU I 108 55.35 -6.02 15.37
C GLU I 108 53.93 -5.82 14.87
N PHE I 109 53.41 -4.60 15.04
CA PHE I 109 52.05 -4.27 14.58
C PHE I 109 52.07 -4.14 13.07
N GLU I 110 51.41 -5.08 12.39
CA GLU I 110 51.51 -5.27 10.95
C GLU I 110 50.13 -5.15 10.31
N GLY I 111 50.14 -4.82 9.03
CA GLY I 111 48.92 -4.74 8.27
C GLY I 111 49.21 -5.10 6.83
N ARG I 112 48.32 -5.85 6.19
CA ARG I 112 48.53 -6.29 4.82
C ARG I 112 47.39 -5.81 3.94
N ALA I 113 47.74 -5.36 2.74
CA ALA I 113 46.74 -4.98 1.75
C ALA I 113 46.11 -6.21 1.15
N SER I 114 44.79 -6.17 0.97
CA SER I 114 44.06 -7.22 0.26
C SER I 114 43.94 -6.92 -1.23
N ASN I 115 44.65 -5.90 -1.72
CA ASN I 115 44.75 -5.61 -3.15
C ASN I 115 46.18 -5.14 -3.40
N ILE I 116 46.83 -5.71 -4.41
CA ILE I 116 48.20 -5.32 -4.69
C ILE I 116 48.32 -3.82 -4.88
N ASN I 117 47.35 -3.22 -5.58
CA ASN I 117 47.41 -1.79 -5.89
C ASN I 117 47.18 -0.91 -4.67
N THR I 118 46.61 -1.45 -3.59
CA THR I 118 46.20 -0.66 -2.45
C THR I 118 47.29 -0.64 -1.39
N ARG I 119 47.33 0.47 -0.64
CA ARG I 119 48.32 0.59 0.42
C ARG I 119 47.99 -0.37 1.56
N ALA I 120 49.04 -0.95 2.15
CA ALA I 120 48.92 -1.60 3.45
C ALA I 120 49.02 -0.52 4.53
N SER I 121 48.33 -0.74 5.64
CA SER I 121 48.32 0.23 6.72
C SER I 121 48.28 -0.50 8.04
N VAL I 122 48.64 0.22 9.10
CA VAL I 122 48.57 -0.28 10.46
C VAL I 122 49.07 0.85 11.35
N GLY I 123 48.80 0.77 12.64
CA GLY I 123 49.24 1.81 13.57
C GLY I 123 49.22 1.27 14.97
N TYR I 124 49.79 2.05 15.88
CA TYR I 124 49.83 1.69 17.30
C TYR I 124 49.64 2.94 18.15
N ARG I 125 49.00 2.75 19.30
CA ARG I 125 48.76 3.81 20.27
C ARG I 125 49.71 3.63 21.45
N ILE I 126 50.23 4.75 21.94
CA ILE I 126 51.11 4.75 23.11
C ILE I 126 50.27 4.98 24.36
N PRO I 127 50.38 4.14 25.38
CA PRO I 127 49.61 4.38 26.60
C PRO I 127 50.12 5.62 27.34
N THR I 128 49.25 6.14 28.21
CA THR I 128 49.57 7.36 28.93
C THR I 128 50.85 7.21 29.74
N ASN I 129 51.00 6.08 30.44
CA ASN I 129 52.17 5.89 31.30
C ASN I 129 53.48 5.82 30.54
N LEU I 130 53.47 5.89 29.21
CA LEU I 130 54.69 5.89 28.42
C LEU I 130 54.85 7.16 27.58
N ARG I 131 53.98 8.15 27.76
CA ARG I 131 54.04 9.38 26.97
C ARG I 131 54.96 10.38 27.66
N GLN I 132 56.25 10.09 27.58
CA GLN I 132 57.29 11.02 28.02
C GLN I 132 57.82 11.79 26.83
N ASN I 133 58.63 12.81 27.13
CA ASN I 133 59.22 13.62 26.08
C ASN I 133 60.37 12.87 25.39
N THR I 134 60.57 13.20 24.11
CA THR I 134 61.70 12.69 23.34
C THR I 134 62.39 13.90 22.71
N VAL I 135 63.58 13.66 22.18
CA VAL I 135 64.38 14.69 21.52
C VAL I 135 64.78 14.16 20.15
N ALA I 136 65.47 15.01 19.39
CA ALA I 136 65.77 14.69 18.00
C ALA I 136 66.66 13.46 17.86
N ALA I 137 67.42 13.11 18.88
CA ALA I 137 68.30 11.95 18.83
C ALA I 137 67.56 10.64 19.04
N ASP I 138 66.36 10.68 19.62
CA ASP I 138 65.60 9.48 19.91
C ASP I 138 64.93 8.95 18.64
N ASN I 139 64.48 7.70 18.72
CA ASN I 139 63.84 7.00 17.61
C ASN I 139 62.43 6.59 18.00
N VAL I 140 61.49 6.77 17.06
CA VAL I 140 60.09 6.51 17.36
C VAL I 140 59.79 5.03 17.26
N CYS I 141 60.15 4.41 16.14
CA CYS I 141 59.83 3.00 15.92
C CYS I 141 60.69 2.47 14.77
N GLU I 142 60.71 1.14 14.65
CA GLU I 142 61.24 0.49 13.47
C GLU I 142 60.14 0.33 12.44
N VAL I 143 60.52 0.39 11.16
CA VAL I 143 59.58 0.27 10.06
C VAL I 143 60.15 -0.74 9.07
N ARG I 144 59.47 -1.87 8.92
CA ARG I 144 59.80 -2.85 7.89
C ARG I 144 58.71 -2.82 6.83
N SER I 145 59.07 -3.23 5.62
CA SER I 145 58.10 -3.29 4.53
C SER I 145 58.81 -3.78 3.28
N ASN I 146 58.03 -4.34 2.37
CA ASN I 146 58.51 -4.72 1.05
C ASN I 146 58.46 -3.55 0.06
N CYS I 147 57.76 -2.47 0.39
CA CYS I 147 57.77 -1.26 -0.42
C CYS I 147 58.91 -0.35 0.05
N ARG I 148 59.57 0.30 -0.92
CA ARG I 148 60.78 1.05 -0.63
C ARG I 148 60.51 2.41 -0.01
N GLN I 149 59.26 2.75 0.27
CA GLN I 149 58.93 4.02 0.93
CA GLN I 149 58.94 4.01 0.94
C GLN I 149 57.66 3.83 1.75
N VAL I 150 57.65 4.40 2.95
CA VAL I 150 56.55 4.28 3.88
C VAL I 150 56.07 5.68 4.25
N ALA I 151 54.78 5.92 4.10
CA ALA I 151 54.17 7.19 4.47
C ALA I 151 53.74 7.13 5.93
N LEU I 152 54.20 8.09 6.72
CA LEU I 152 53.91 8.13 8.14
C LEU I 152 53.03 9.32 8.48
N VAL I 153 52.31 9.19 9.58
CA VAL I 153 51.53 10.26 10.19
C VAL I 153 51.59 10.02 11.69
N ILE I 154 52.18 10.96 12.43
CA ILE I 154 52.40 10.81 13.86
C ILE I 154 51.58 11.87 14.58
N SER I 155 50.64 11.42 15.42
CA SER I 155 49.95 12.32 16.33
C SER I 155 50.82 12.55 17.56
N CYS I 156 51.06 13.82 17.88
CA CYS I 156 52.03 14.14 18.93
C CYS I 156 51.74 15.53 19.45
N CYS I 157 52.22 15.78 20.67
CA CYS I 157 52.08 17.07 21.35
C CYS I 157 53.47 17.67 21.47
N PHE I 158 53.73 18.72 20.68
CA PHE I 158 55.02 19.40 20.75
C PHE I 158 55.07 20.32 21.97
N ASN I 159 56.26 20.48 22.52
CA ASN I 159 56.48 21.41 23.63
C ASN I 159 57.97 21.67 23.83
N ARG J 3 -25.83 4.46 -9.93
CA ARG J 3 -25.42 5.86 -9.90
C ARG J 3 -25.58 6.56 -11.23
N GLY J 4 -25.02 7.77 -11.34
CA GLY J 4 -25.12 8.52 -12.56
C GLY J 4 -24.23 9.74 -12.52
N LYS J 5 -24.23 10.48 -13.62
CA LYS J 5 -23.46 11.70 -13.86
C LYS J 5 -22.10 11.40 -14.51
N VAL J 6 -21.77 10.12 -14.74
CA VAL J 6 -20.44 9.67 -15.15
C VAL J 6 -19.44 10.14 -14.10
N LYS J 7 -19.79 9.94 -12.82
CA LYS J 7 -19.19 10.68 -11.71
C LYS J 7 -17.81 10.12 -11.34
N PRO J 8 -16.78 10.99 -11.21
CA PRO J 8 -15.58 10.60 -10.44
C PRO J 8 -15.94 10.48 -8.97
N ASN J 9 -16.29 9.26 -8.56
CA ASN J 9 -17.05 9.07 -7.32
C ASN J 9 -16.32 9.62 -6.09
N ARG J 10 -15.01 9.39 -5.99
CA ARG J 10 -14.27 9.62 -4.75
C ARG J 10 -13.47 10.93 -4.76
N LYS J 11 -13.84 11.90 -5.60
CA LYS J 11 -13.10 13.15 -5.67
C LYS J 11 -14.01 14.27 -6.18
N SER J 12 -13.60 15.50 -5.89
CA SER J 12 -14.26 16.71 -6.34
C SER J 12 -13.84 17.03 -7.79
N THR J 13 -14.67 17.83 -8.47
CA THR J 13 -14.31 18.34 -9.79
C THR J 13 -13.64 19.69 -9.60
N GLY J 14 -12.32 19.68 -9.41
CA GLY J 14 -11.61 20.88 -9.03
C GLY J 14 -10.29 21.18 -9.72
N ASP J 15 -9.20 21.02 -8.98
CA ASP J 15 -7.90 21.55 -9.38
C ASP J 15 -7.44 20.99 -10.72
N ASN J 16 -7.30 21.88 -11.70
CA ASN J 16 -7.04 21.47 -13.07
C ASN J 16 -6.11 22.44 -13.78
N SER J 17 -5.67 22.02 -14.97
CA SER J 17 -5.29 22.90 -16.07
C SER J 17 -4.79 22.08 -17.25
N ASN J 18 -5.52 22.10 -18.37
CA ASN J 18 -5.02 21.63 -19.65
C ASN J 18 -5.00 22.75 -20.68
N VAL J 19 -5.23 23.99 -20.26
CA VAL J 19 -5.42 25.12 -21.16
C VAL J 19 -4.83 26.37 -20.53
N VAL J 20 -4.48 27.33 -21.39
CA VAL J 20 -3.96 28.60 -20.92
C VAL J 20 -4.96 29.27 -19.99
N THR J 21 -4.44 30.06 -19.06
CA THR J 21 -5.26 30.78 -18.09
C THR J 21 -4.78 32.22 -18.02
N MET J 22 -5.62 33.08 -17.44
CA MET J 22 -5.29 34.48 -17.31
CA MET J 22 -5.30 34.49 -17.30
C MET J 22 -4.63 34.75 -15.96
N ILE J 23 -3.62 35.62 -15.98
CA ILE J 23 -2.89 36.06 -14.79
C ILE J 23 -3.31 37.51 -14.51
N ARG J 24 -3.94 37.75 -13.36
CA ARG J 24 -4.35 39.11 -12.99
C ARG J 24 -3.13 39.86 -12.43
N ALA J 25 -2.20 40.16 -13.33
CA ALA J 25 -1.01 40.91 -12.95
C ALA J 25 -1.38 42.30 -12.45
N GLY J 26 -0.39 42.99 -11.90
CA GLY J 26 -0.65 44.30 -11.33
C GLY J 26 0.29 45.39 -11.80
N SER J 27 0.95 46.05 -10.86
CA SER J 27 1.98 47.03 -11.19
C SER J 27 3.21 46.32 -11.75
N TYR J 28 3.91 47.00 -12.64
CA TYR J 28 5.13 46.43 -13.21
C TYR J 28 6.11 46.13 -12.09
N PRO J 29 6.72 44.93 -12.06
CA PRO J 29 7.52 44.54 -10.89
C PRO J 29 8.98 44.94 -10.96
N LYS J 30 9.73 44.64 -9.89
CA LYS J 30 11.17 44.84 -9.88
C LYS J 30 11.85 43.71 -10.65
N VAL J 31 12.75 44.07 -11.56
CA VAL J 31 13.33 43.13 -12.50
C VAL J 31 14.85 43.19 -12.40
N ASN J 32 15.50 42.29 -13.14
CA ASN J 32 16.95 42.25 -13.24
C ASN J 32 17.35 41.39 -14.43
N PRO J 33 17.77 41.99 -15.56
CA PRO J 33 18.09 41.17 -16.74
C PRO J 33 19.37 40.36 -16.57
N THR J 34 20.26 40.74 -15.65
CA THR J 34 21.58 40.13 -15.52
C THR J 34 21.81 39.69 -14.08
N PRO J 35 21.08 38.70 -13.62
CA PRO J 35 21.15 38.33 -12.20
C PRO J 35 22.42 37.57 -11.84
N THR J 36 22.51 37.17 -10.56
CA THR J 36 23.61 36.35 -10.10
C THR J 36 23.36 34.87 -10.44
N TRP J 37 24.37 34.05 -10.21
CA TRP J 37 24.26 32.61 -10.50
C TRP J 37 25.23 31.86 -9.60
N VAL J 38 24.70 31.05 -8.71
CA VAL J 38 25.51 30.12 -7.94
C VAL J 38 25.76 28.89 -8.79
N ARG J 39 27.03 28.55 -8.99
CA ARG J 39 27.41 27.52 -9.95
C ARG J 39 28.44 26.58 -9.33
N ALA J 40 28.60 25.43 -9.99
CA ALA J 40 29.73 24.53 -9.77
C ALA J 40 30.41 24.38 -11.13
N ILE J 41 31.61 24.94 -11.28
CA ILE J 41 32.28 25.03 -12.57
C ILE J 41 33.36 23.95 -12.62
N PRO J 42 33.31 23.04 -13.59
CA PRO J 42 34.43 22.09 -13.77
C PRO J 42 35.39 22.52 -14.85
N PHE J 43 36.68 22.32 -14.62
CA PHE J 43 37.71 22.62 -15.61
C PHE J 43 39.03 22.05 -15.10
N GLU J 44 39.91 21.77 -16.05
CA GLU J 44 41.18 21.11 -15.77
C GLU J 44 42.34 22.07 -16.00
N VAL J 45 43.47 21.76 -15.38
CA VAL J 45 44.70 22.52 -15.54
C VAL J 45 45.85 21.53 -15.73
N SER J 46 46.94 22.04 -16.28
CA SER J 46 48.14 21.23 -16.52
C SER J 46 49.19 21.61 -15.48
N VAL J 47 49.72 20.61 -14.78
N VAL J 47 49.71 20.62 -14.77
CA VAL J 47 50.65 20.81 -13.68
CA VAL J 47 50.67 20.83 -13.70
C VAL J 47 51.95 20.06 -13.97
C VAL J 47 51.95 20.08 -14.02
N GLN J 48 53.07 20.76 -13.82
CA GLN J 48 54.38 20.16 -14.03
C GLN J 48 54.87 19.49 -12.75
N SER J 49 55.76 18.51 -12.94
CA SER J 49 56.29 17.77 -11.80
C SER J 49 57.06 18.68 -10.85
N GLY J 50 56.55 18.84 -9.62
CA GLY J 50 57.23 19.62 -8.61
C GLY J 50 57.11 21.11 -8.75
N ILE J 51 56.45 21.61 -9.80
CA ILE J 51 56.23 23.03 -9.98
C ILE J 51 54.76 23.34 -9.66
N ALA J 52 54.55 24.37 -8.84
CA ALA J 52 53.20 24.83 -8.58
C ALA J 52 52.63 25.53 -9.80
N PHE J 53 51.33 25.33 -10.04
CA PHE J 53 50.60 26.03 -11.09
C PHE J 53 49.57 26.93 -10.41
N LYS J 54 49.49 28.18 -10.84
CA LYS J 54 48.53 29.14 -10.29
C LYS J 54 47.28 29.09 -11.15
N VAL J 55 46.18 28.60 -10.58
CA VAL J 55 44.88 28.62 -11.25
C VAL J 55 44.43 30.06 -11.35
N PRO J 56 44.30 30.61 -12.56
CA PRO J 56 43.77 31.97 -12.68
C PRO J 56 42.27 32.00 -12.43
N VAL J 57 41.80 33.03 -11.72
CA VAL J 57 40.37 33.22 -11.57
C VAL J 57 39.67 33.37 -12.91
N GLY J 58 40.44 33.60 -13.98
CA GLY J 58 39.86 33.76 -15.31
C GLY J 58 39.35 32.49 -15.92
N SER J 59 39.87 31.33 -15.50
CA SER J 59 39.37 30.07 -16.04
C SER J 59 37.88 29.90 -15.80
N LEU J 60 37.30 30.69 -14.91
CA LEU J 60 35.89 30.55 -14.54
C LEU J 60 34.96 31.41 -15.39
N PHE J 61 35.48 32.38 -16.12
CA PHE J 61 34.67 33.20 -17.01
C PHE J 61 34.90 32.70 -18.44
N SER J 62 33.92 31.98 -18.96
CA SER J 62 33.98 31.47 -20.33
C SER J 62 32.57 31.15 -20.81
N ALA J 63 32.43 31.07 -22.13
CA ALA J 63 31.13 30.70 -22.70
C ALA J 63 30.82 29.24 -22.47
N ASN J 64 31.85 28.39 -22.38
CA ASN J 64 31.64 26.97 -22.13
C ASN J 64 30.74 26.74 -20.92
N PHE J 65 30.80 27.65 -19.94
CA PHE J 65 30.03 27.57 -18.71
C PHE J 65 28.87 28.55 -18.71
N ARG J 66 28.67 29.29 -19.80
CA ARG J 66 27.65 30.31 -19.97
C ARG J 66 28.04 31.59 -19.23
N THR J 67 29.24 31.65 -18.63
CA THR J 67 29.61 32.70 -17.69
C THR J 67 30.52 33.75 -18.31
N ASP J 68 30.56 33.85 -19.64
CA ASP J 68 31.32 34.92 -20.28
C ASP J 68 30.66 36.28 -20.14
N SER J 69 29.47 36.34 -19.55
CA SER J 69 28.75 37.58 -19.32
C SER J 69 29.04 38.20 -17.97
N PHE J 70 29.81 37.51 -17.13
CA PHE J 70 30.22 38.01 -15.82
C PHE J 70 31.65 38.55 -15.89
N THR J 71 31.98 39.35 -14.89
CA THR J 71 33.34 39.86 -14.73
C THR J 71 33.93 39.60 -13.35
N SER J 72 33.09 39.38 -12.33
CA SER J 72 33.55 39.12 -10.97
C SER J 72 32.85 37.87 -10.47
N VAL J 73 33.50 37.21 -9.51
CA VAL J 73 32.98 35.97 -8.94
C VAL J 73 33.54 35.84 -7.52
N THR J 74 32.72 35.31 -6.63
CA THR J 74 33.05 35.17 -5.22
C THR J 74 33.27 33.70 -4.90
N VAL J 75 34.52 33.25 -4.91
CA VAL J 75 34.78 31.83 -4.69
C VAL J 75 34.36 31.45 -3.28
N MET J 76 33.72 30.28 -3.17
CA MET J 76 33.34 29.72 -1.88
C MET J 76 34.26 28.58 -1.48
N SER J 77 34.30 27.51 -2.28
CA SER J 77 35.11 26.34 -1.98
C SER J 77 35.75 25.83 -3.26
N VAL J 78 36.85 25.09 -3.09
CA VAL J 78 37.60 24.52 -4.20
C VAL J 78 37.81 23.03 -3.94
N ARG J 79 37.70 22.23 -5.01
CA ARG J 79 37.91 20.79 -4.95
C ARG J 79 38.70 20.39 -6.19
N ALA J 80 39.66 19.48 -6.01
CA ALA J 80 40.59 19.11 -7.07
C ALA J 80 40.85 17.61 -7.06
N TRP J 81 40.83 17.02 -8.26
CA TRP J 81 41.12 15.61 -8.44
C TRP J 81 42.19 15.42 -9.51
N THR J 82 42.98 14.35 -9.39
CA THR J 82 43.98 14.04 -10.40
C THR J 82 43.30 13.54 -11.67
N GLN J 83 43.71 14.11 -12.81
CA GLN J 83 43.05 13.81 -14.08
C GLN J 83 43.72 12.65 -14.84
N LEU J 84 45.00 12.41 -14.60
CA LEU J 84 45.75 11.40 -15.35
C LEU J 84 46.44 10.46 -14.37
N THR J 85 47.14 9.46 -14.93
CA THR J 85 47.76 8.45 -14.10
C THR J 85 49.04 9.00 -13.46
N PRO J 86 49.36 8.52 -12.26
CA PRO J 86 50.59 8.99 -11.60
C PRO J 86 51.80 8.26 -12.14
N PRO J 87 52.99 8.74 -11.82
CA PRO J 87 54.22 8.07 -12.30
C PRO J 87 54.25 6.61 -11.87
N VAL J 88 55.08 5.85 -12.58
CA VAL J 88 55.18 4.41 -12.31
C VAL J 88 55.55 4.20 -10.85
N ASN J 89 54.93 3.18 -10.25
CA ASN J 89 55.17 2.76 -8.87
C ASN J 89 54.67 3.77 -7.84
N GLU J 90 54.04 4.86 -8.24
CA GLU J 90 53.65 5.91 -7.30
C GLU J 90 52.14 5.95 -7.10
N TYR J 91 51.73 6.47 -5.95
CA TYR J 91 50.33 6.70 -5.62
C TYR J 91 49.96 8.15 -5.89
N SER J 92 48.80 8.37 -6.51
CA SER J 92 48.39 9.72 -6.88
C SER J 92 48.31 10.63 -5.66
N PHE J 93 48.70 11.90 -5.85
CA PHE J 93 48.55 12.89 -4.80
C PHE J 93 48.32 14.25 -5.44
N VAL J 94 47.73 15.15 -4.65
CA VAL J 94 47.40 16.50 -5.10
C VAL J 94 47.38 17.43 -3.89
N ARG J 95 47.80 18.67 -4.11
CA ARG J 95 47.89 19.68 -3.05
C ARG J 95 47.25 20.99 -3.52
N LEU J 96 46.72 21.75 -2.56
CA LEU J 96 46.08 23.03 -2.86
C LEU J 96 46.49 24.06 -1.82
N LYS J 97 47.10 25.16 -2.26
CA LYS J 97 47.50 26.24 -1.38
C LYS J 97 46.64 27.47 -1.65
N PRO J 98 45.78 27.89 -0.72
CA PRO J 98 44.89 29.03 -1.01
C PRO J 98 45.68 30.30 -1.28
N LEU J 99 45.22 31.06 -2.26
CA LEU J 99 45.82 32.34 -2.62
C LEU J 99 44.73 33.41 -2.56
N PHE J 100 44.98 34.45 -1.79
CA PHE J 100 44.08 35.59 -1.65
C PHE J 100 44.80 36.86 -2.05
N LYS J 101 44.04 37.90 -2.37
CA LYS J 101 44.66 39.17 -2.69
CA LYS J 101 44.64 39.18 -2.68
C LYS J 101 45.11 39.88 -1.41
N THR J 102 44.32 39.79 -0.34
CA THR J 102 44.69 40.46 0.91
C THR J 102 45.90 39.83 1.58
N GLY J 103 46.31 38.64 1.14
CA GLY J 103 47.37 37.91 1.80
C GLY J 103 47.23 36.44 1.51
N ASP J 104 48.16 35.90 0.72
CA ASP J 104 48.14 34.49 0.40
C ASP J 104 48.40 33.65 1.64
N SER J 105 48.04 32.38 1.55
CA SER J 105 48.22 31.45 2.65
C SER J 105 49.42 30.54 2.39
N THR J 106 49.81 29.81 3.44
CA THR J 106 50.88 28.83 3.36
C THR J 106 50.38 27.41 3.55
N GLU J 107 49.07 27.22 3.68
CA GLU J 107 48.55 25.87 3.84
C GLU J 107 48.78 25.04 2.58
N GLU J 108 49.05 23.76 2.77
N GLU J 108 49.02 23.75 2.80
CA GLU J 108 49.24 22.83 1.66
CA GLU J 108 49.27 22.78 1.73
C GLU J 108 48.28 21.66 1.89
C GLU J 108 48.27 21.63 1.88
N PHE J 109 46.98 21.93 1.73
CA PHE J 109 45.94 20.91 1.83
C PHE J 109 46.22 19.83 0.81
N GLU J 110 46.72 18.69 1.25
CA GLU J 110 47.15 17.60 0.40
C GLU J 110 46.19 16.43 0.54
N GLY J 111 45.93 15.75 -0.56
CA GLY J 111 45.16 14.52 -0.54
C GLY J 111 45.81 13.51 -1.44
N ARG J 112 45.88 12.27 -1.00
CA ARG J 112 46.52 11.20 -1.76
C ARG J 112 45.47 10.17 -2.16
N ALA J 113 45.92 9.18 -2.93
CA ALA J 113 45.14 7.99 -3.23
C ALA J 113 45.69 6.83 -2.41
N SER J 114 44.81 5.90 -2.05
CA SER J 114 45.25 4.62 -1.51
C SER J 114 45.38 3.55 -2.59
N ASN J 115 44.92 3.83 -3.81
CA ASN J 115 45.04 2.95 -4.96
C ASN J 115 45.71 3.70 -6.08
N ILE J 116 46.66 3.04 -6.77
CA ILE J 116 47.40 3.69 -7.84
C ILE J 116 46.51 3.92 -9.05
N ASN J 117 45.51 3.08 -9.25
CA ASN J 117 44.59 3.25 -10.36
C ASN J 117 43.50 4.28 -10.07
N THR J 118 43.49 4.86 -8.87
CA THR J 118 42.46 5.79 -8.44
C THR J 118 43.00 7.20 -8.32
N ARG J 119 42.10 8.17 -8.45
CA ARG J 119 42.45 9.57 -8.35
C ARG J 119 42.72 9.98 -6.90
N ALA J 120 43.51 11.03 -6.74
CA ALA J 120 43.70 11.68 -5.45
C ALA J 120 42.85 12.94 -5.40
N SER J 121 42.38 13.28 -4.20
CA SER J 121 41.41 14.36 -4.08
C SER J 121 41.59 15.11 -2.78
N VAL J 122 41.27 16.40 -2.83
CA VAL J 122 41.21 17.24 -1.63
C VAL J 122 40.59 18.57 -2.03
N GLY J 123 40.03 19.28 -1.05
CA GLY J 123 39.44 20.59 -1.30
C GLY J 123 39.53 21.43 -0.06
N TYR J 124 39.20 22.71 -0.21
CA TYR J 124 39.23 23.64 0.92
C TYR J 124 38.07 24.61 0.81
N ARG J 125 37.49 24.93 1.96
CA ARG J 125 36.40 25.89 2.06
C ARG J 125 36.96 27.25 2.46
N ILE J 126 36.39 28.31 1.88
CA ILE J 126 36.79 29.69 2.18
C ILE J 126 35.80 30.25 3.18
N PRO J 127 36.27 30.85 4.28
CA PRO J 127 35.35 31.38 5.29
C PRO J 127 34.62 32.61 4.79
N THR J 128 33.48 32.89 5.42
CA THR J 128 32.64 34.00 4.99
C THR J 128 33.36 35.33 5.06
N ASN J 129 34.23 35.52 6.05
CA ASN J 129 34.96 36.79 6.15
C ASN J 129 36.03 36.94 5.08
N LEU J 130 36.26 35.92 4.26
CA LEU J 130 37.20 36.02 3.14
C LEU J 130 36.53 35.84 1.79
N ARG J 131 35.19 35.87 1.73
CA ARG J 131 34.45 35.65 0.50
C ARG J 131 34.17 37.00 -0.15
N GLN J 132 35.18 37.52 -0.85
CA GLN J 132 35.07 38.75 -1.62
C GLN J 132 35.06 38.39 -3.11
N ASN J 133 35.12 39.40 -3.97
CA ASN J 133 35.06 39.18 -5.40
C ASN J 133 36.45 39.06 -6.01
N THR J 134 36.53 38.34 -7.12
CA THR J 134 37.78 38.12 -7.84
C THR J 134 37.50 38.22 -9.33
N VAL J 135 38.48 38.71 -10.08
CA VAL J 135 38.35 38.87 -11.53
C VAL J 135 39.27 37.89 -12.22
N ALA J 136 39.37 38.00 -13.55
CA ALA J 136 40.15 37.04 -14.32
C ALA J 136 41.63 37.08 -13.93
N ALA J 137 42.16 38.29 -13.69
CA ALA J 137 43.59 38.41 -13.42
C ALA J 137 43.99 37.75 -12.11
N ASP J 138 43.08 37.71 -11.13
CA ASP J 138 43.39 37.10 -9.85
C ASP J 138 43.63 35.60 -10.02
N ASN J 139 44.24 35.00 -8.99
CA ASN J 139 44.49 33.57 -8.94
C ASN J 139 43.77 33.00 -7.73
N VAL J 140 43.28 31.77 -7.86
CA VAL J 140 42.53 31.14 -6.78
C VAL J 140 43.46 30.49 -5.77
N CYS J 141 44.46 29.74 -6.23
CA CYS J 141 45.29 28.91 -5.37
C CYS J 141 46.29 28.15 -6.23
N GLU J 142 47.39 27.74 -5.61
CA GLU J 142 48.38 26.91 -6.29
C GLU J 142 47.96 25.45 -6.27
N VAL J 143 48.41 24.70 -7.28
CA VAL J 143 48.15 23.26 -7.39
C VAL J 143 49.48 22.56 -7.61
N ARG J 144 49.74 21.51 -6.84
CA ARG J 144 50.92 20.68 -6.99
C ARG J 144 50.50 19.22 -7.04
N SER J 145 51.16 18.44 -7.88
CA SER J 145 50.74 17.05 -8.03
C SER J 145 51.74 16.29 -8.89
N ASN J 146 51.84 14.99 -8.65
CA ASN J 146 52.66 14.13 -9.49
C ASN J 146 51.99 13.84 -10.83
N CYS J 147 50.65 13.85 -10.89
CA CYS J 147 49.94 13.65 -12.14
C CYS J 147 49.97 14.91 -12.99
N ARG J 148 50.01 14.73 -14.30
CA ARG J 148 50.22 15.84 -15.23
C ARG J 148 48.97 16.67 -15.48
N GLN J 149 47.83 16.28 -14.94
CA GLN J 149 46.61 17.06 -15.08
C GLN J 149 45.73 16.84 -13.86
N VAL J 150 45.14 17.92 -13.37
CA VAL J 150 44.29 17.90 -12.19
C VAL J 150 42.95 18.53 -12.56
N ALA J 151 41.87 17.80 -12.33
CA ALA J 151 40.55 18.38 -12.47
C ALA J 151 40.27 19.34 -11.31
N LEU J 152 39.36 20.28 -11.54
CA LEU J 152 38.87 21.16 -10.48
C LEU J 152 37.38 21.33 -10.63
N VAL J 153 36.71 21.60 -9.52
CA VAL J 153 35.27 21.82 -9.48
C VAL J 153 35.00 22.87 -8.42
N ILE J 154 35.06 24.14 -8.79
CA ILE J 154 35.00 25.25 -7.84
C ILE J 154 33.56 25.71 -7.66
N SER J 155 33.03 25.57 -6.44
CA SER J 155 31.73 26.10 -6.10
C SER J 155 31.89 27.59 -5.82
N CYS J 156 31.29 28.43 -6.66
CA CYS J 156 31.47 29.87 -6.59
C CYS J 156 30.11 30.56 -6.82
N CYS J 157 30.12 31.88 -6.71
CA CYS J 157 28.93 32.69 -6.94
C CYS J 157 29.29 33.81 -7.90
N PHE J 158 28.77 33.73 -9.12
CA PHE J 158 29.06 34.74 -10.13
C PHE J 158 28.14 35.94 -9.94
N ASN J 159 28.67 37.11 -10.28
CA ASN J 159 27.92 38.36 -10.14
C ASN J 159 28.60 39.42 -10.99
N VAL K 6 33.47 11.20 20.51
CA VAL K 6 34.55 11.05 19.53
C VAL K 6 34.47 12.13 18.47
N LYS K 7 33.54 11.97 17.54
CA LYS K 7 33.28 12.93 16.47
C LYS K 7 31.77 13.19 16.42
N PRO K 8 31.21 13.79 17.46
CA PRO K 8 29.75 13.97 17.51
C PRO K 8 29.19 14.97 16.50
N ASN K 9 29.70 16.20 16.47
CA ASN K 9 29.20 17.22 15.56
C ASN K 9 30.26 17.57 14.50
N ARG K 10 29.90 18.45 13.57
CA ARG K 10 30.84 18.84 12.53
C ARG K 10 31.98 19.67 13.11
N LYS K 11 31.66 20.78 13.76
CA LYS K 11 32.66 21.65 14.36
C LYS K 11 32.66 21.42 15.87
N SER K 12 33.79 20.93 16.39
CA SER K 12 33.95 20.78 17.84
C SER K 12 34.14 22.12 18.53
N THR K 13 34.78 23.08 17.86
CA THR K 13 34.77 24.45 18.35
C THR K 13 33.37 25.02 18.42
N GLY K 14 32.42 24.41 17.72
CA GLY K 14 31.03 24.87 17.75
C GLY K 14 30.84 26.31 17.33
N ASP K 15 31.73 26.84 16.48
CA ASP K 15 31.71 28.23 16.07
C ASP K 15 31.81 28.35 14.55
N ASN K 16 31.43 29.51 14.04
CA ASN K 16 31.63 29.83 12.64
C ASN K 16 33.12 29.98 12.34
N SER K 17 33.51 29.68 11.11
CA SER K 17 34.93 29.64 10.80
C SER K 17 35.47 31.03 10.46
N ASN K 18 36.78 31.19 10.64
CA ASN K 18 37.49 32.42 10.35
C ASN K 18 38.65 32.21 9.39
N VAL K 19 38.91 30.98 8.95
CA VAL K 19 40.00 30.66 8.02
C VAL K 19 39.59 29.47 7.17
N VAL K 20 40.42 29.16 6.17
CA VAL K 20 40.15 28.03 5.30
C VAL K 20 40.16 26.74 6.11
N THR K 21 39.42 25.76 5.61
CA THR K 21 39.31 24.46 6.26
C THR K 21 39.33 23.36 5.21
N MET K 22 39.99 22.26 5.54
CA MET K 22 40.13 21.17 4.58
C MET K 22 38.80 20.46 4.38
N ILE K 23 38.53 20.12 3.12
CA ILE K 23 37.42 19.25 2.73
C ILE K 23 38.00 17.91 2.32
N ARG K 24 37.35 16.82 2.73
CA ARG K 24 37.85 15.48 2.46
C ARG K 24 37.10 14.83 1.32
N ALA K 25 37.06 15.55 0.18
CA ALA K 25 36.23 15.16 -0.95
C ALA K 25 36.57 13.75 -1.45
N GLY K 26 35.59 13.15 -2.12
CA GLY K 26 35.73 11.78 -2.57
C GLY K 26 35.85 11.60 -4.08
N SER K 27 35.07 10.69 -4.62
CA SER K 27 35.09 10.43 -6.06
C SER K 27 34.70 11.67 -6.84
N TYR K 28 35.04 11.68 -8.13
CA TYR K 28 34.75 12.85 -8.97
C TYR K 28 33.25 12.91 -9.26
N PRO K 29 32.56 14.00 -8.90
CA PRO K 29 31.10 13.99 -9.01
C PRO K 29 30.59 14.02 -10.44
N LYS K 30 29.26 14.00 -10.59
CA LYS K 30 28.62 14.21 -11.88
C LYS K 30 28.50 15.72 -12.09
N VAL K 31 29.07 16.21 -13.19
CA VAL K 31 29.16 17.64 -13.44
C VAL K 31 28.31 18.00 -14.64
N ASN K 32 28.05 19.28 -14.79
CA ASN K 32 27.38 19.84 -15.96
C ASN K 32 27.91 21.26 -16.16
N PRO K 33 28.69 21.52 -17.21
CA PRO K 33 29.18 22.89 -17.42
C PRO K 33 28.13 23.83 -17.99
N THR K 34 27.08 23.30 -18.61
CA THR K 34 26.08 24.10 -19.30
C THR K 34 24.68 23.82 -18.76
N PRO K 35 24.44 24.13 -17.49
CA PRO K 35 23.17 23.74 -16.85
C PRO K 35 22.03 24.63 -17.31
N THR K 36 20.83 24.23 -16.89
CA THR K 36 19.61 24.96 -17.19
C THR K 36 19.49 26.18 -16.29
N TRP K 37 18.49 27.02 -16.58
CA TRP K 37 18.35 28.25 -15.82
C TRP K 37 16.91 28.76 -15.93
N VAL K 38 16.27 28.92 -14.78
CA VAL K 38 14.92 29.47 -14.72
C VAL K 38 15.05 30.98 -14.55
N ARG K 39 14.42 31.72 -15.46
CA ARG K 39 14.61 33.16 -15.50
C ARG K 39 13.29 33.86 -15.79
N ALA K 40 13.16 35.06 -15.24
CA ALA K 40 12.13 36.02 -15.63
C ALA K 40 12.80 37.06 -16.50
N ILE K 41 12.54 37.03 -17.80
CA ILE K 41 13.25 37.86 -18.77
C ILE K 41 12.41 39.11 -19.04
N PRO K 42 12.92 40.31 -18.72
CA PRO K 42 12.22 41.54 -19.11
C PRO K 42 12.75 42.11 -20.42
N PHE K 43 11.87 42.71 -21.22
CA PHE K 43 12.26 43.38 -22.46
C PHE K 43 11.02 44.07 -23.02
N GLU K 44 11.25 44.90 -24.04
CA GLU K 44 10.18 45.67 -24.66
C GLU K 44 10.08 45.34 -26.16
N VAL K 45 8.91 45.65 -26.73
CA VAL K 45 8.67 45.47 -28.15
C VAL K 45 7.82 46.63 -28.65
N SER K 46 8.02 46.98 -29.92
CA SER K 46 7.29 48.07 -30.56
C SER K 46 5.97 47.55 -31.13
N VAL K 47 4.90 48.33 -30.93
N VAL K 47 4.90 48.33 -30.94
CA VAL K 47 3.56 47.95 -31.35
CA VAL K 47 3.58 47.94 -31.39
C VAL K 47 2.89 49.12 -32.06
C VAL K 47 2.90 49.12 -32.07
N GLN K 48 2.19 48.84 -33.15
CA GLN K 48 1.46 49.85 -33.90
C GLN K 48 -0.01 49.82 -33.51
N SER K 49 -0.70 50.92 -33.79
CA SER K 49 -2.14 50.99 -33.57
C SER K 49 -2.84 50.01 -34.50
N GLY K 50 -3.78 49.26 -33.94
CA GLY K 50 -4.59 48.35 -34.71
C GLY K 50 -3.87 47.20 -35.37
N ILE K 51 -2.60 46.97 -35.04
CA ILE K 51 -1.81 45.91 -35.67
C ILE K 51 -1.19 45.04 -34.60
N ALA K 52 -1.29 43.72 -34.77
CA ALA K 52 -0.77 42.75 -33.84
C ALA K 52 0.70 42.46 -34.17
N PHE K 53 1.50 42.32 -33.12
CA PHE K 53 2.93 42.07 -33.22
C PHE K 53 3.24 40.69 -32.65
N LYS K 54 3.99 39.89 -33.41
CA LYS K 54 4.35 38.55 -32.99
C LYS K 54 5.70 38.58 -32.28
N VAL K 55 5.68 38.41 -30.95
CA VAL K 55 6.89 38.48 -30.14
C VAL K 55 7.81 37.31 -30.46
N PRO K 56 8.95 37.51 -31.11
N PRO K 56 8.93 37.51 -31.14
CA PRO K 56 9.80 36.36 -31.47
CA PRO K 56 9.80 36.37 -31.46
C PRO K 56 10.54 35.81 -30.25
C PRO K 56 10.48 35.82 -30.22
N VAL K 57 10.62 34.49 -30.19
CA VAL K 57 11.34 33.83 -29.11
C VAL K 57 12.81 34.27 -29.09
N GLY K 58 13.37 34.54 -30.27
CA GLY K 58 14.77 34.88 -30.37
C GLY K 58 15.17 36.07 -29.54
N SER K 59 14.22 36.96 -29.24
CA SER K 59 14.49 38.09 -28.36
C SER K 59 14.94 37.62 -26.98
N LEU K 60 14.68 36.35 -26.63
CA LEU K 60 15.04 35.81 -25.33
C LEU K 60 16.47 35.29 -25.29
N PHE K 61 17.15 35.18 -26.43
CA PHE K 61 18.53 34.71 -26.48
C PHE K 61 19.41 35.90 -26.81
N SER K 62 19.97 36.52 -25.77
CA SER K 62 20.85 37.67 -25.93
C SER K 62 21.91 37.68 -24.85
N ALA K 63 23.01 38.37 -25.13
CA ALA K 63 24.07 38.61 -24.16
C ALA K 63 23.68 39.70 -23.17
N ASN K 64 22.57 40.40 -23.41
CA ASN K 64 22.05 41.33 -22.41
C ASN K 64 21.45 40.58 -21.24
N PHE K 65 21.06 39.33 -21.43
CA PHE K 65 20.38 38.55 -20.40
C PHE K 65 21.22 37.42 -19.84
N ARG K 66 22.45 37.25 -20.30
CA ARG K 66 23.28 36.11 -19.94
C ARG K 66 22.71 34.82 -20.52
N THR K 67 22.14 34.89 -21.73
CA THR K 67 21.42 33.76 -22.31
C THR K 67 21.82 33.46 -23.75
N ASP K 68 22.71 34.23 -24.35
N ASP K 68 22.71 34.22 -24.36
CA ASP K 68 23.16 33.98 -25.72
CA ASP K 68 23.11 33.95 -25.73
C ASP K 68 23.67 32.55 -25.88
C ASP K 68 23.67 32.55 -25.89
N SER K 69 24.07 31.92 -24.79
CA SER K 69 24.58 30.56 -24.86
C SER K 69 23.49 29.54 -25.14
N PHE K 70 22.23 29.89 -24.94
CA PHE K 70 21.15 28.94 -25.11
C PHE K 70 20.61 28.96 -26.53
N THR K 71 19.91 27.88 -26.88
CA THR K 71 19.18 27.77 -28.12
C THR K 71 17.73 27.34 -27.93
N SER K 72 17.35 26.91 -26.73
CA SER K 72 15.99 26.44 -26.46
C SER K 72 15.53 26.97 -25.11
N VAL K 73 14.22 27.15 -25.00
CA VAL K 73 13.59 27.74 -23.83
C VAL K 73 12.15 27.22 -23.75
N THR K 74 11.75 26.73 -22.58
CA THR K 74 10.40 26.23 -22.36
C THR K 74 9.62 27.30 -21.60
N VAL K 75 8.75 28.01 -22.30
CA VAL K 75 8.07 29.18 -21.72
C VAL K 75 6.95 28.73 -20.79
N MET K 76 6.78 29.47 -19.70
CA MET K 76 5.83 29.13 -18.65
C MET K 76 4.71 30.14 -18.50
N SER K 77 5.02 31.43 -18.43
CA SER K 77 4.00 32.46 -18.39
C SER K 77 4.52 33.70 -19.12
N VAL K 78 3.60 34.64 -19.34
CA VAL K 78 3.87 35.87 -20.06
C VAL K 78 3.07 37.00 -19.40
N ARG K 79 3.75 38.06 -18.97
CA ARG K 79 3.08 39.24 -18.41
C ARG K 79 3.48 40.45 -19.22
N ALA K 80 2.48 41.28 -19.57
CA ALA K 80 2.70 42.44 -20.42
C ALA K 80 2.19 43.70 -19.75
N TRP K 81 2.94 44.79 -19.95
CA TRP K 81 2.59 46.12 -19.47
C TRP K 81 2.79 47.11 -20.60
N THR K 82 1.85 48.05 -20.75
CA THR K 82 2.07 49.16 -21.68
C THR K 82 3.32 49.91 -21.25
N GLN K 83 4.25 50.14 -22.18
CA GLN K 83 5.51 50.81 -21.83
C GLN K 83 5.44 52.32 -22.01
N LEU K 84 4.59 52.82 -22.90
CA LEU K 84 4.45 54.24 -23.14
C LEU K 84 3.01 54.67 -22.87
N THR K 85 2.75 55.96 -23.03
CA THR K 85 1.43 56.51 -22.77
C THR K 85 0.48 56.20 -23.92
N PRO K 86 -0.82 56.19 -23.64
CA PRO K 86 -1.79 55.92 -24.69
C PRO K 86 -2.16 57.18 -25.45
N PRO K 87 -2.98 57.07 -26.48
CA PRO K 87 -3.45 58.27 -27.19
C PRO K 87 -4.22 59.19 -26.24
N VAL K 88 -4.49 60.40 -26.74
CA VAL K 88 -5.18 61.40 -25.95
C VAL K 88 -6.63 60.97 -25.76
N ASN K 89 -7.11 61.05 -24.52
CA ASN K 89 -8.48 60.77 -24.10
C ASN K 89 -8.77 59.28 -23.95
N GLU K 90 -7.77 58.42 -24.09
CA GLU K 90 -7.96 56.98 -24.00
C GLU K 90 -7.29 56.39 -22.77
N TYR K 91 -7.78 55.22 -22.36
CA TYR K 91 -7.19 54.45 -21.26
C TYR K 91 -6.39 53.29 -21.84
N SER K 92 -5.16 53.12 -21.37
CA SER K 92 -4.27 52.10 -21.92
C SER K 92 -4.94 50.72 -21.92
N PHE K 93 -4.48 49.83 -22.80
CA PHE K 93 -4.96 48.46 -22.83
C PHE K 93 -3.94 47.61 -23.56
N VAL K 94 -3.88 46.33 -23.21
CA VAL K 94 -2.95 45.40 -23.83
C VAL K 94 -3.59 44.03 -23.92
N ARG K 95 -3.60 43.46 -25.14
CA ARG K 95 -4.12 42.13 -25.40
C ARG K 95 -2.96 41.17 -25.67
N LEU K 96 -3.21 39.89 -25.45
CA LEU K 96 -2.22 38.86 -25.68
C LEU K 96 -2.91 37.63 -26.25
N LYS K 97 -2.40 37.13 -27.37
CA LYS K 97 -2.90 35.89 -27.96
C LYS K 97 -1.80 34.84 -27.91
N PRO K 98 -1.84 33.91 -26.96
CA PRO K 98 -0.77 32.89 -26.91
C PRO K 98 -0.66 32.13 -28.22
N LEU K 99 0.58 31.87 -28.63
CA LEU K 99 0.87 31.18 -29.87
C LEU K 99 1.66 29.90 -29.60
N PHE K 100 1.35 28.86 -30.36
CA PHE K 100 1.98 27.55 -30.16
C PHE K 100 2.16 26.86 -31.50
N LYS K 101 3.25 26.11 -31.63
CA LYS K 101 3.56 25.47 -32.91
C LYS K 101 2.51 24.43 -33.28
N THR K 102 1.99 23.70 -32.29
CA THR K 102 0.93 22.73 -32.56
C THR K 102 -0.32 23.43 -33.06
N GLY K 103 -0.78 24.45 -32.32
CA GLY K 103 -1.96 25.19 -32.71
C GLY K 103 -2.03 26.59 -32.14
N ASP K 104 -2.31 27.57 -32.99
CA ASP K 104 -2.43 28.95 -32.56
C ASP K 104 -3.81 29.18 -31.93
N SER K 105 -3.83 29.81 -30.76
CA SER K 105 -5.05 30.03 -30.01
C SER K 105 -5.73 31.34 -30.43
N THR K 106 -6.97 31.51 -29.97
CA THR K 106 -7.77 32.67 -30.33
C THR K 106 -8.18 33.51 -29.13
N GLU K 107 -7.65 33.21 -27.94
CA GLU K 107 -7.94 34.03 -26.77
C GLU K 107 -7.32 35.43 -26.92
N GLU K 108 -8.01 36.42 -26.38
CA GLU K 108 -7.50 37.78 -26.35
C GLU K 108 -7.49 38.27 -24.90
N PHE K 109 -6.54 37.74 -24.11
CA PHE K 109 -6.39 38.14 -22.72
C PHE K 109 -6.11 39.64 -22.64
N GLU K 110 -7.08 40.42 -22.20
CA GLU K 110 -7.00 41.87 -22.24
C GLU K 110 -7.08 42.43 -20.83
N GLY K 111 -6.39 43.55 -20.64
CA GLY K 111 -6.42 44.28 -19.38
C GLY K 111 -6.23 45.75 -19.63
N ARG K 112 -7.13 46.58 -19.09
CA ARG K 112 -7.11 48.01 -19.33
C ARG K 112 -6.77 48.76 -18.05
N ALA K 113 -6.10 49.91 -18.21
CA ALA K 113 -5.84 50.79 -17.09
C ALA K 113 -7.09 51.57 -16.73
N SER K 114 -7.30 51.77 -15.43
CA SER K 114 -8.42 52.57 -14.96
C SER K 114 -8.06 54.04 -14.77
N ASN K 115 -6.77 54.39 -14.89
CA ASN K 115 -6.31 55.76 -14.89
C ASN K 115 -5.40 55.97 -16.09
N ILE K 116 -5.65 57.03 -16.84
CA ILE K 116 -4.88 57.25 -18.07
C ILE K 116 -3.38 57.27 -17.79
N ASN K 117 -2.98 57.76 -16.62
CA ASN K 117 -1.58 57.88 -16.30
C ASN K 117 -0.92 56.55 -15.93
N THR K 118 -1.71 55.49 -15.79
CA THR K 118 -1.21 54.23 -15.28
C THR K 118 -1.13 53.19 -16.39
N ARG K 119 -0.19 52.26 -16.22
CA ARG K 119 0.00 51.21 -17.21
C ARG K 119 -1.24 50.32 -17.30
N ALA K 120 -1.37 49.63 -18.42
CA ALA K 120 -2.35 48.57 -18.62
C ALA K 120 -1.60 47.25 -18.64
N SER K 121 -2.05 46.28 -17.84
CA SER K 121 -1.33 45.03 -17.66
C SER K 121 -2.29 43.86 -17.83
N VAL K 122 -1.70 42.71 -18.16
CA VAL K 122 -2.43 41.44 -18.27
C VAL K 122 -1.38 40.35 -18.40
N GLY K 123 -1.79 39.10 -18.24
CA GLY K 123 -0.86 37.99 -18.36
C GLY K 123 -1.59 36.67 -18.41
N TYR K 124 -0.89 35.65 -18.90
CA TYR K 124 -1.44 34.31 -18.98
C TYR K 124 -0.37 33.29 -18.61
N ARG K 125 -0.85 32.11 -18.21
CA ARG K 125 0.01 30.98 -17.83
C ARG K 125 -0.14 29.88 -18.86
N ILE K 126 0.97 29.22 -19.16
CA ILE K 126 0.98 28.10 -20.10
C ILE K 126 0.87 26.81 -19.29
N PRO K 127 -0.15 25.98 -19.51
CA PRO K 127 -0.31 24.77 -18.69
C PRO K 127 0.82 23.79 -18.90
N THR K 128 0.93 22.84 -17.97
CA THR K 128 2.02 21.88 -18.03
C THR K 128 2.07 21.17 -19.37
N ASN K 129 0.91 20.71 -19.86
CA ASN K 129 0.85 19.90 -21.07
C ASN K 129 1.21 20.67 -22.33
N LEU K 130 1.51 21.96 -22.24
CA LEU K 130 1.92 22.73 -23.42
C LEU K 130 3.26 23.41 -23.22
N ARG K 131 4.02 23.01 -22.20
CA ARG K 131 5.32 23.61 -21.92
C ARG K 131 6.43 22.79 -22.58
N GLN K 132 6.51 22.91 -23.89
CA GLN K 132 7.57 22.33 -24.70
C GLN K 132 8.59 23.43 -25.02
N ASN K 133 9.56 23.11 -25.87
CA ASN K 133 10.63 24.05 -26.18
C ASN K 133 10.32 24.85 -27.44
N THR K 134 10.91 26.04 -27.53
CA THR K 134 10.77 26.93 -28.68
C THR K 134 12.11 27.56 -28.98
N VAL K 135 12.38 27.76 -30.28
CA VAL K 135 13.67 28.31 -30.73
C VAL K 135 13.51 29.74 -31.22
N ALA K 136 14.60 30.34 -31.71
CA ALA K 136 14.59 31.77 -32.04
C ALA K 136 13.65 32.09 -33.20
N ALA K 137 13.42 31.13 -34.10
CA ALA K 137 12.52 31.36 -35.22
C ALA K 137 11.05 31.31 -34.81
N ASP K 138 10.74 30.79 -33.62
CA ASP K 138 9.35 30.66 -33.21
C ASP K 138 8.83 31.98 -32.65
N ASN K 139 7.54 31.99 -32.32
CA ASN K 139 6.88 33.14 -31.74
C ASN K 139 6.12 32.72 -30.49
N VAL K 140 5.98 33.65 -29.56
CA VAL K 140 5.34 33.39 -28.26
C VAL K 140 3.87 33.75 -28.35
N CYS K 141 3.59 35.02 -28.65
CA CYS K 141 2.22 35.51 -28.65
C CYS K 141 2.13 36.79 -29.46
N GLU K 142 0.90 37.20 -29.74
CA GLU K 142 0.62 38.46 -30.40
C GLU K 142 0.31 39.53 -29.36
N VAL K 143 0.94 40.69 -29.50
CA VAL K 143 0.73 41.83 -28.60
C VAL K 143 0.01 42.92 -29.38
N ARG K 144 -1.12 43.35 -28.88
CA ARG K 144 -1.85 44.50 -29.40
C ARG K 144 -1.94 45.56 -28.31
N SER K 145 -1.97 46.82 -28.72
CA SER K 145 -2.12 47.89 -27.75
C SER K 145 -2.17 49.27 -28.39
N ASN K 146 -2.91 50.20 -27.77
CA ASN K 146 -2.98 51.57 -28.27
C ASN K 146 -1.69 52.35 -27.99
N CYS K 147 -0.95 51.98 -26.95
CA CYS K 147 0.38 52.53 -26.74
C CYS K 147 1.35 51.91 -27.76
N ARG K 148 2.41 52.63 -28.06
CA ARG K 148 3.32 52.23 -29.12
C ARG K 148 4.41 51.27 -28.67
N GLN K 149 4.68 51.16 -27.37
CA GLN K 149 5.70 50.26 -26.86
C GLN K 149 5.12 49.49 -25.67
N VAL K 150 5.32 48.18 -25.65
CA VAL K 150 4.82 47.31 -24.60
C VAL K 150 6.00 46.61 -23.96
N ALA K 151 6.08 46.66 -22.63
CA ALA K 151 7.10 45.94 -21.89
C ALA K 151 6.56 44.56 -21.52
N LEU K 152 7.42 43.55 -21.65
CA LEU K 152 7.04 42.16 -21.43
C LEU K 152 7.95 41.55 -20.38
N VAL K 153 7.36 40.74 -19.50
CA VAL K 153 8.10 39.94 -18.54
C VAL K 153 7.66 38.49 -18.75
N ILE K 154 8.62 37.62 -19.03
CA ILE K 154 8.33 36.24 -19.40
C ILE K 154 9.11 35.34 -18.47
N SER K 155 8.39 34.64 -17.59
CA SER K 155 8.96 33.56 -16.80
C SER K 155 9.14 32.34 -17.70
N CYS K 156 10.35 31.79 -17.72
CA CYS K 156 10.67 30.70 -18.63
C CYS K 156 11.81 29.89 -18.05
N CYS K 157 12.13 28.79 -18.74
CA CYS K 157 13.18 27.87 -18.32
C CYS K 157 14.10 27.62 -19.50
N PHE K 158 15.35 28.05 -19.37
CA PHE K 158 16.33 27.95 -20.45
C PHE K 158 17.05 26.61 -20.38
N ASN K 159 17.28 26.02 -21.55
CA ASN K 159 18.00 24.74 -21.62
C ASN K 159 18.68 24.49 -22.97
N GLY L 2 -12.99 54.77 57.86
CA GLY L 2 -12.27 55.11 56.65
C GLY L 2 -13.16 55.28 55.43
N ARG L 3 -14.13 56.19 55.52
CA ARG L 3 -15.04 56.48 54.42
C ARG L 3 -14.93 57.91 53.91
N GLY L 4 -13.93 58.66 54.36
CA GLY L 4 -13.77 60.04 53.91
C GLY L 4 -12.60 60.20 52.97
N LYS L 5 -12.02 61.40 52.94
CA LYS L 5 -10.78 61.67 52.23
C LYS L 5 -10.77 61.05 50.83
N VAL L 6 -9.83 60.14 50.59
CA VAL L 6 -9.65 59.44 49.32
C VAL L 6 -9.61 60.45 48.16
N LYS L 7 -9.03 61.62 48.42
CA LYS L 7 -8.40 62.46 47.40
C LYS L 7 -7.07 62.92 47.96
N PRO L 8 -6.20 61.98 48.36
CA PRO L 8 -5.14 62.30 49.31
C PRO L 8 -3.72 62.14 48.77
N ASN L 9 -3.31 63.02 47.84
CA ASN L 9 -2.04 62.87 47.15
C ASN L 9 -2.10 61.71 46.16
N ARG L 10 -1.96 60.48 46.70
CA ARG L 10 -1.84 59.23 45.96
C ARG L 10 -0.37 58.82 45.89
N LYS L 11 0.23 58.89 44.72
CA LYS L 11 1.65 58.58 44.53
C LYS L 11 1.91 57.17 45.07
N SER L 12 2.96 56.94 45.86
CA SER L 12 3.33 55.62 46.36
C SER L 12 3.92 54.72 45.29
N THR L 13 4.39 55.29 44.17
CA THR L 13 5.01 54.50 43.12
C THR L 13 6.22 55.16 42.46
N GLY L 14 6.58 56.37 42.86
CA GLY L 14 7.72 57.02 42.25
C GLY L 14 8.90 57.14 43.18
N ASP L 15 10.09 57.35 42.61
CA ASP L 15 11.25 57.73 43.41
C ASP L 15 11.13 59.22 43.75
N ASN L 16 12.20 59.82 44.25
CA ASN L 16 12.15 61.24 44.59
C ASN L 16 11.94 62.10 43.33
N SER L 17 12.89 62.05 42.40
CA SER L 17 12.74 62.70 41.09
C SER L 17 12.53 64.20 41.17
N ASN L 18 12.34 64.83 40.02
N ASN L 18 12.37 64.83 40.01
CA ASN L 18 12.10 66.27 39.89
CA ASN L 18 12.10 66.26 39.91
C ASN L 18 13.17 67.10 40.59
C ASN L 18 13.16 67.09 40.63
N VAL L 19 14.41 66.62 40.63
CA VAL L 19 15.51 67.34 41.24
C VAL L 19 16.80 66.64 40.90
N VAL L 20 17.92 67.36 40.98
CA VAL L 20 19.21 66.74 40.77
C VAL L 20 19.45 65.70 41.86
N THR L 21 20.21 64.66 41.53
CA THR L 21 20.51 63.58 42.44
C THR L 21 21.95 63.14 42.24
N MET L 22 22.58 62.65 43.31
CA MET L 22 23.98 62.29 43.26
CA MET L 22 23.98 62.29 43.26
C MET L 22 24.19 60.94 42.59
N ILE L 23 25.28 60.83 41.83
CA ILE L 23 25.67 59.60 41.16
C ILE L 23 26.97 59.14 41.79
N ARG L 24 26.96 57.95 42.40
CA ARG L 24 28.13 57.43 43.11
C ARG L 24 29.09 56.76 42.12
N ALA L 25 29.70 57.60 41.28
CA ALA L 25 30.63 57.11 40.27
C ALA L 25 31.84 56.44 40.92
N GLY L 26 32.51 55.59 40.14
CA GLY L 26 33.64 54.84 40.62
C GLY L 26 34.92 55.10 39.87
N SER L 27 35.41 54.09 39.15
CA SER L 27 36.65 54.21 38.40
CA SER L 27 36.65 54.22 38.41
C SER L 27 36.40 54.83 37.04
N TYR L 28 37.40 55.54 36.53
CA TYR L 28 37.29 56.18 35.22
C TYR L 28 37.06 55.11 34.16
N PRO L 29 35.97 55.18 33.40
CA PRO L 29 35.65 54.07 32.49
C PRO L 29 36.53 54.03 31.25
N LYS L 30 36.09 53.25 30.27
CA LYS L 30 36.65 53.28 28.93
C LYS L 30 35.81 54.24 28.10
N VAL L 31 36.46 55.21 27.46
CA VAL L 31 35.78 56.24 26.70
C VAL L 31 36.20 56.16 25.24
N ASN L 32 35.56 57.00 24.41
CA ASN L 32 35.92 57.15 23.01
C ASN L 32 35.35 58.48 22.51
N PRO L 33 36.18 59.50 22.30
CA PRO L 33 35.62 60.79 21.87
C PRO L 33 35.01 60.71 20.47
N THR L 34 35.47 59.79 19.64
CA THR L 34 35.06 59.71 18.24
C THR L 34 34.50 58.32 17.95
N PRO L 35 33.24 58.07 18.29
CA PRO L 35 32.64 56.77 18.06
C PRO L 35 32.13 56.63 16.63
N THR L 36 31.47 55.49 16.38
CA THR L 36 30.89 55.20 15.07
C THR L 36 29.46 55.71 15.00
N TRP L 37 28.83 55.58 13.83
CA TRP L 37 27.50 56.12 13.65
C TRP L 37 26.80 55.41 12.50
N VAL L 38 25.80 54.61 12.82
CA VAL L 38 24.98 53.97 11.81
C VAL L 38 23.96 54.99 11.29
N ARG L 39 23.91 55.16 9.97
CA ARG L 39 23.13 56.21 9.35
C ARG L 39 22.46 55.71 8.09
N ALA L 40 21.39 56.40 7.71
CA ALA L 40 20.73 56.26 6.41
C ALA L 40 20.82 57.63 5.75
N ILE L 41 21.83 57.81 4.91
CA ILE L 41 22.18 59.13 4.37
C ILE L 41 21.35 59.39 3.12
N PRO L 42 20.64 60.54 3.04
CA PRO L 42 19.92 60.87 1.80
C PRO L 42 20.65 61.92 0.98
N PHE L 43 20.71 61.73 -0.34
CA PHE L 43 21.30 62.73 -1.22
C PHE L 43 20.85 62.43 -2.64
N GLU L 44 21.17 63.35 -3.54
CA GLU L 44 20.74 63.26 -4.93
C GLU L 44 21.96 63.23 -5.83
N VAL L 45 21.88 62.44 -6.90
CA VAL L 45 22.89 62.39 -7.95
C VAL L 45 22.18 62.57 -9.28
N SER L 46 22.79 63.35 -10.17
CA SER L 46 22.20 63.63 -11.48
C SER L 46 22.62 62.56 -12.48
N VAL L 47 21.76 62.33 -13.47
CA VAL L 47 21.96 61.26 -14.44
C VAL L 47 21.48 61.73 -15.81
N GLN L 48 22.15 61.23 -16.84
CA GLN L 48 21.78 61.48 -18.23
C GLN L 48 21.10 60.25 -18.81
N SER L 49 20.31 60.47 -19.86
CA SER L 49 19.52 59.40 -20.47
C SER L 49 20.42 58.58 -21.38
N GLY L 50 20.76 57.37 -20.95
CA GLY L 50 21.52 56.43 -21.74
C GLY L 50 22.88 56.08 -21.17
N ILE L 51 23.43 56.92 -20.30
CA ILE L 51 24.75 56.70 -19.71
C ILE L 51 24.58 56.36 -18.25
N ALA L 52 25.49 55.54 -17.74
CA ALA L 52 25.53 55.26 -16.31
C ALA L 52 26.31 56.36 -15.60
N PHE L 53 26.17 56.41 -14.28
CA PHE L 53 26.92 57.36 -13.46
C PHE L 53 27.39 56.68 -12.20
N LYS L 54 28.68 56.80 -11.90
CA LYS L 54 29.27 56.19 -10.72
C LYS L 54 29.09 57.10 -9.51
N VAL L 55 28.52 56.55 -8.44
CA VAL L 55 28.22 57.30 -7.23
C VAL L 55 29.49 57.30 -6.36
N PRO L 56 30.17 58.41 -6.20
CA PRO L 56 31.40 58.41 -5.39
C PRO L 56 31.07 58.33 -3.91
N VAL L 57 31.87 57.53 -3.19
CA VAL L 57 31.70 57.41 -1.75
C VAL L 57 31.97 58.74 -1.05
N GLY L 58 32.65 59.67 -1.72
CA GLY L 58 32.98 60.94 -1.10
C GLY L 58 31.76 61.78 -0.76
N SER L 59 30.60 61.51 -1.36
CA SER L 59 29.42 62.30 -1.06
C SER L 59 28.87 62.04 0.34
N LEU L 60 29.12 60.84 0.89
CA LEU L 60 28.60 60.55 2.23
C LEU L 60 29.23 61.42 3.29
N PHE L 61 30.54 61.62 3.24
CA PHE L 61 31.22 62.51 4.18
C PHE L 61 30.90 63.95 3.81
N SER L 62 30.19 64.64 4.69
CA SER L 62 29.84 66.03 4.45
C SER L 62 29.30 66.65 5.72
N ALA L 63 29.36 67.98 5.78
CA ALA L 63 28.81 68.71 6.91
C ALA L 63 27.30 68.62 6.94
N ASN L 64 26.65 68.62 5.77
CA ASN L 64 25.21 68.53 5.71
C ASN L 64 24.67 67.27 6.39
N PHE L 65 25.51 66.26 6.58
CA PHE L 65 25.11 64.99 7.17
C PHE L 65 25.61 64.81 8.60
N ARG L 66 26.50 65.70 9.06
CA ARG L 66 27.22 65.54 10.33
C ARG L 66 28.30 64.47 10.26
N THR L 67 28.33 63.76 9.14
CA THR L 67 29.34 62.73 8.91
C THR L 67 30.64 63.31 8.34
N ASP L 68 31.13 64.39 8.94
CA ASP L 68 32.22 65.15 8.35
C ASP L 68 33.59 64.78 8.89
N SER L 69 33.68 64.31 10.13
CA SER L 69 34.94 63.92 10.72
C SER L 69 35.37 62.51 10.32
N PHE L 70 34.63 61.85 9.43
CA PHE L 70 34.92 60.49 9.02
C PHE L 70 35.71 60.45 7.72
N THR L 71 36.51 59.39 7.55
CA THR L 71 37.20 59.14 6.31
C THR L 71 36.85 57.78 5.70
N SER L 72 36.16 56.91 6.43
CA SER L 72 35.84 55.56 5.98
C SER L 72 34.40 55.25 6.35
N VAL L 73 33.75 54.43 5.53
CA VAL L 73 32.35 54.09 5.73
C VAL L 73 32.06 52.72 5.15
N THR L 74 31.26 51.94 5.88
CA THR L 74 30.89 50.59 5.48
C THR L 74 29.44 50.62 5.01
N VAL L 75 29.25 50.45 3.71
CA VAL L 75 27.90 50.51 3.14
C VAL L 75 27.19 49.19 3.38
N MET L 76 25.92 49.26 3.75
CA MET L 76 25.11 48.08 4.00
CA MET L 76 25.09 48.08 4.01
C MET L 76 24.12 47.82 2.86
N SER L 77 23.26 48.79 2.55
CA SER L 77 22.28 48.65 1.49
C SER L 77 22.11 49.99 0.79
N VAL L 78 21.61 49.93 -0.45
CA VAL L 78 21.45 51.11 -1.29
C VAL L 78 20.05 51.13 -1.86
N ARG L 79 19.41 52.29 -1.82
CA ARG L 79 18.06 52.48 -2.33
C ARG L 79 18.01 53.72 -3.21
N ALA L 80 17.20 53.68 -4.26
CA ALA L 80 17.22 54.73 -5.27
C ALA L 80 15.81 55.07 -5.73
N TRP L 81 15.57 56.36 -5.93
CA TRP L 81 14.29 56.89 -6.38
C TRP L 81 14.56 57.93 -7.47
N THR L 82 13.63 58.03 -8.43
CA THR L 82 13.72 59.08 -9.45
C THR L 82 13.30 60.41 -8.82
N GLN L 83 14.15 61.43 -8.91
CA GLN L 83 13.88 62.73 -8.29
C GLN L 83 13.30 63.75 -9.25
N LEU L 84 13.23 63.45 -10.56
CA LEU L 84 12.63 64.36 -11.52
C LEU L 84 11.71 63.60 -12.46
N THR L 85 10.89 64.35 -13.21
CA THR L 85 9.89 63.73 -14.05
C THR L 85 10.56 63.10 -15.28
N PRO L 86 9.95 62.05 -15.83
CA PRO L 86 10.57 61.33 -16.94
C PRO L 86 10.34 62.07 -18.24
N PRO L 87 11.00 61.63 -19.32
CA PRO L 87 10.67 62.16 -20.64
C PRO L 87 9.19 61.94 -20.96
N VAL L 88 8.68 62.77 -21.86
CA VAL L 88 7.28 62.68 -22.24
C VAL L 88 7.00 61.29 -22.82
N ASN L 89 5.80 60.79 -22.54
CA ASN L 89 5.27 59.52 -23.04
C ASN L 89 5.86 58.32 -22.29
N GLU L 90 6.82 58.51 -21.40
CA GLU L 90 7.52 57.40 -20.77
C GLU L 90 7.12 57.25 -19.32
N TYR L 91 7.50 56.10 -18.75
CA TYR L 91 7.36 55.82 -17.32
C TYR L 91 8.76 55.82 -16.70
N SER L 92 8.86 56.38 -15.49
CA SER L 92 10.14 56.49 -14.80
C SER L 92 10.79 55.11 -14.65
N PHE L 93 12.11 55.11 -14.51
CA PHE L 93 12.84 53.87 -14.24
C PHE L 93 14.26 54.18 -13.81
N VAL L 94 14.83 53.28 -13.02
CA VAL L 94 16.17 53.44 -12.47
C VAL L 94 16.84 52.08 -12.37
N ARG L 95 18.13 52.03 -12.67
CA ARG L 95 18.92 50.82 -12.54
C ARG L 95 20.06 51.07 -11.55
N LEU L 96 20.39 50.03 -10.79
CA LEU L 96 21.50 50.08 -9.83
C LEU L 96 22.38 48.87 -10.05
N LYS L 97 23.65 49.11 -10.40
CA LYS L 97 24.63 48.05 -10.55
C LYS L 97 25.67 48.20 -9.45
N PRO L 98 25.70 47.34 -8.45
CA PRO L 98 26.69 47.50 -7.37
C PRO L 98 28.11 47.52 -7.92
N LEU L 99 29.00 48.14 -7.14
CA LEU L 99 30.41 48.24 -7.49
C LEU L 99 31.23 48.03 -6.23
N PHE L 100 32.27 47.21 -6.32
CA PHE L 100 33.15 46.92 -5.20
C PHE L 100 34.60 47.01 -5.65
N LYS L 101 35.48 47.35 -4.70
CA LYS L 101 36.88 47.50 -5.04
CA LYS L 101 36.89 47.49 -5.03
C LYS L 101 37.51 46.16 -5.42
N THR L 102 36.96 45.06 -4.93
CA THR L 102 37.47 43.72 -5.25
C THR L 102 36.85 43.17 -6.52
N GLY L 103 36.01 43.94 -7.21
CA GLY L 103 35.40 43.48 -8.45
C GLY L 103 34.03 44.08 -8.69
N ASP L 104 33.90 44.89 -9.73
CA ASP L 104 32.59 45.44 -10.08
C ASP L 104 31.63 44.31 -10.43
N SER L 105 30.36 44.51 -10.09
CA SER L 105 29.32 43.54 -10.41
CA SER L 105 29.34 43.52 -10.42
C SER L 105 28.73 43.83 -11.79
N THR L 106 27.88 42.91 -12.25
CA THR L 106 27.17 43.06 -13.51
C THR L 106 25.66 42.91 -13.30
N GLU L 107 25.18 43.12 -12.08
CA GLU L 107 23.75 43.15 -11.82
C GLU L 107 23.20 44.53 -12.10
N GLU L 108 21.96 44.59 -12.60
CA GLU L 108 21.32 45.86 -12.94
C GLU L 108 19.91 45.89 -12.35
N PHE L 109 19.86 45.81 -11.01
CA PHE L 109 18.60 45.89 -10.29
C PHE L 109 17.81 47.11 -10.76
N GLU L 110 16.56 46.88 -11.16
CA GLU L 110 15.77 47.89 -11.85
C GLU L 110 14.34 47.88 -11.32
N GLY L 111 13.72 49.05 -11.37
CA GLY L 111 12.33 49.21 -11.01
C GLY L 111 11.67 50.25 -11.88
N ARG L 112 10.42 50.05 -12.25
CA ARG L 112 9.70 50.97 -13.12
C ARG L 112 8.41 51.41 -12.43
N ALA L 113 8.14 52.71 -12.48
CA ALA L 113 6.89 53.24 -11.95
C ALA L 113 5.73 52.84 -12.85
N SER L 114 4.61 52.47 -12.23
CA SER L 114 3.41 52.15 -12.98
C SER L 114 2.60 53.38 -13.33
N ASN L 115 2.88 54.52 -12.71
CA ASN L 115 2.23 55.79 -13.03
C ASN L 115 3.31 56.78 -13.44
N ILE L 116 3.07 57.47 -14.56
CA ILE L 116 4.10 58.37 -15.11
C ILE L 116 4.48 59.43 -14.07
N ASN L 117 3.51 59.88 -13.28
CA ASN L 117 3.77 60.90 -12.27
C ASN L 117 4.48 60.35 -11.04
N THR L 118 4.63 59.04 -10.93
CA THR L 118 5.19 58.41 -9.75
C THR L 118 6.69 58.14 -9.93
N ARG L 119 7.39 58.07 -8.81
CA ARG L 119 8.79 57.73 -8.82
C ARG L 119 8.97 56.24 -9.13
N ALA L 120 10.19 55.88 -9.51
CA ALA L 120 10.61 54.49 -9.67
C ALA L 120 11.64 54.19 -8.60
N SER L 121 11.46 53.08 -7.89
CA SER L 121 12.33 52.72 -6.77
C SER L 121 12.93 51.33 -6.98
N VAL L 122 14.14 51.16 -6.46
CA VAL L 122 14.83 49.88 -6.50
C VAL L 122 16.10 50.01 -5.65
N GLY L 123 16.41 48.97 -4.88
CA GLY L 123 17.60 48.98 -4.06
C GLY L 123 18.28 47.62 -4.10
N TYR L 124 19.31 47.48 -3.27
CA TYR L 124 20.02 46.21 -3.16
C TYR L 124 20.75 46.15 -1.84
N ARG L 125 20.74 44.96 -1.23
CA ARG L 125 21.43 44.70 0.03
C ARG L 125 22.82 44.13 -0.25
N ILE L 126 23.81 44.63 0.47
CA ILE L 126 25.19 44.16 0.34
C ILE L 126 25.41 43.05 1.34
N PRO L 127 25.80 41.84 0.91
CA PRO L 127 25.99 40.74 1.87
C PRO L 127 27.07 41.08 2.89
N THR L 128 27.07 40.31 3.98
CA THR L 128 27.99 40.59 5.07
CA THR L 128 27.99 40.59 5.07
C THR L 128 29.44 40.43 4.62
N ASN L 129 29.71 39.48 3.73
CA ASN L 129 31.08 39.22 3.31
C ASN L 129 31.63 40.26 2.34
N LEU L 130 30.84 41.26 1.96
CA LEU L 130 31.33 42.37 1.14
C LEU L 130 31.19 43.70 1.86
N ARG L 131 31.08 43.68 3.18
CA ARG L 131 30.89 44.89 3.96
C ARG L 131 32.21 45.34 4.57
N GLN L 132 33.11 45.77 3.69
CA GLN L 132 34.38 46.36 4.09
C GLN L 132 34.25 47.88 4.01
N ASN L 133 35.35 48.58 4.23
CA ASN L 133 35.36 50.03 4.22
C ASN L 133 35.60 50.57 2.80
N THR L 134 35.16 51.81 2.59
CA THR L 134 35.31 52.49 1.31
C THR L 134 35.60 53.95 1.59
N VAL L 135 36.64 54.49 0.95
CA VAL L 135 37.05 55.86 1.17
C VAL L 135 36.46 56.77 0.10
N ALA L 136 36.67 58.07 0.26
CA ALA L 136 35.99 59.04 -0.61
C ALA L 136 36.28 58.81 -2.08
N ALA L 137 37.46 58.27 -2.41
CA ALA L 137 37.84 58.05 -3.80
C ALA L 137 37.26 56.76 -4.38
N ASP L 138 36.43 56.04 -3.63
CA ASP L 138 35.82 54.81 -4.10
C ASP L 138 34.39 55.07 -4.58
N ASN L 139 33.85 54.10 -5.33
CA ASN L 139 32.53 54.20 -5.93
C ASN L 139 31.61 53.14 -5.35
N VAL L 140 30.33 53.46 -5.25
CA VAL L 140 29.33 52.58 -4.63
C VAL L 140 28.61 51.74 -5.67
N CYS L 141 28.10 52.36 -6.73
CA CYS L 141 27.27 51.66 -7.69
C CYS L 141 27.14 52.51 -8.95
N GLU L 142 26.61 51.90 -10.00
CA GLU L 142 26.23 52.60 -11.22
C GLU L 142 24.74 52.88 -11.20
N VAL L 143 24.36 54.12 -11.54
CA VAL L 143 22.97 54.53 -11.59
CA VAL L 143 22.97 54.52 -11.60
C VAL L 143 22.63 54.90 -13.03
N ARG L 144 21.52 54.35 -13.53
CA ARG L 144 21.00 54.69 -14.84
C ARG L 144 19.55 55.14 -14.68
N SER L 145 19.10 56.01 -15.56
CA SER L 145 17.71 56.44 -15.47
C SER L 145 17.37 57.33 -16.66
N ASN L 146 16.10 57.28 -17.05
CA ASN L 146 15.59 58.21 -18.05
C ASN L 146 15.35 59.60 -17.47
N CYS L 147 15.20 59.72 -16.16
CA CYS L 147 15.07 61.01 -15.52
C CYS L 147 16.44 61.64 -15.30
N ARG L 148 16.46 62.97 -15.12
CA ARG L 148 17.71 63.68 -15.04
C ARG L 148 18.34 63.68 -13.66
N GLN L 149 17.63 63.24 -12.63
N GLN L 149 17.63 63.24 -12.62
CA GLN L 149 18.18 63.20 -11.29
CA GLN L 149 18.16 63.23 -11.27
C GLN L 149 17.62 62.03 -10.52
C GLN L 149 17.62 62.03 -10.51
N VAL L 150 18.45 61.45 -9.65
CA VAL L 150 18.10 60.27 -8.87
C VAL L 150 18.42 60.52 -7.40
N ALA L 151 17.43 60.31 -6.54
CA ALA L 151 17.61 60.43 -5.10
C ALA L 151 18.06 59.10 -4.52
N LEU L 152 19.03 59.15 -3.61
CA LEU L 152 19.59 57.96 -3.00
C LEU L 152 19.43 58.01 -1.49
N VAL L 153 19.30 56.83 -0.88
CA VAL L 153 19.23 56.68 0.57
C VAL L 153 20.13 55.51 0.90
N ILE L 154 21.32 55.80 1.44
CA ILE L 154 22.38 54.82 1.61
C ILE L 154 22.51 54.50 3.09
N SER L 155 22.08 53.31 3.48
CA SER L 155 22.25 52.83 4.84
CA SER L 155 22.25 52.82 4.84
C SER L 155 23.70 52.35 5.02
N CYS L 156 24.41 52.95 5.96
CA CYS L 156 25.81 52.61 6.15
C CYS L 156 26.24 52.82 7.59
N CYS L 157 27.47 52.41 7.87
CA CYS L 157 28.10 52.57 9.18
C CYS L 157 29.33 53.44 9.02
N PHE L 158 29.34 54.60 9.66
CA PHE L 158 30.47 55.53 9.61
C PHE L 158 31.46 55.21 10.73
N ASN L 159 32.74 55.06 10.39
CA ASN L 159 33.77 54.74 11.35
C ASN L 159 35.14 55.30 10.99
N ASN M 9 -48.77 49.30 21.15
CA ASN M 9 -47.75 50.31 21.33
C ASN M 9 -46.63 49.81 22.23
N ARG M 10 -46.55 48.48 22.37
CA ARG M 10 -45.52 47.82 23.19
C ARG M 10 -45.55 48.47 24.57
N LYS M 11 -44.40 48.81 25.15
CA LYS M 11 -44.32 49.50 26.44
C LYS M 11 -43.10 50.41 26.38
N SER M 12 -42.82 51.06 27.51
CA SER M 12 -41.62 51.90 27.67
C SER M 12 -41.61 52.95 26.58
N THR M 13 -40.63 52.98 25.68
CA THR M 13 -40.46 54.02 24.67
C THR M 13 -40.06 55.36 25.25
N GLY M 14 -39.63 55.38 26.52
CA GLY M 14 -39.17 56.60 27.15
C GLY M 14 -38.42 56.35 28.44
N ASP M 15 -37.72 55.22 28.49
CA ASP M 15 -37.03 54.83 29.72
C ASP M 15 -36.00 55.87 30.14
N ASN M 16 -35.33 56.51 29.18
CA ASN M 16 -34.42 57.62 29.46
C ASN M 16 -35.27 58.89 29.47
N SER M 17 -35.46 59.48 30.65
CA SER M 17 -36.52 60.46 30.85
C SER M 17 -36.32 61.70 29.98
N ASN M 18 -37.41 62.47 29.83
CA ASN M 18 -37.45 63.61 28.91
C ASN M 18 -38.16 64.81 29.54
N VAL M 19 -38.04 64.99 30.85
CA VAL M 19 -38.52 66.18 31.53
C VAL M 19 -37.39 66.72 32.39
N VAL M 20 -37.45 68.02 32.66
CA VAL M 20 -36.45 68.62 33.53
C VAL M 20 -36.47 67.91 34.87
N THR M 21 -35.29 67.78 35.47
CA THR M 21 -35.12 67.11 36.74
C THR M 21 -34.26 67.98 37.65
N MET M 22 -34.54 67.93 38.94
CA MET M 22 -33.81 68.76 39.89
CA MET M 22 -33.82 68.75 39.90
C MET M 22 -32.43 68.18 40.17
N ILE M 23 -31.47 69.07 40.37
CA ILE M 23 -30.11 68.71 40.74
C ILE M 23 -29.91 69.12 42.20
N ARG M 24 -29.67 68.13 43.07
CA ARG M 24 -29.42 68.40 44.48
C ARG M 24 -27.97 68.85 44.65
N ALA M 25 -27.73 70.08 44.21
CA ALA M 25 -26.38 70.63 44.24
C ALA M 25 -25.93 70.90 45.68
N GLY M 26 -24.62 71.07 45.83
CA GLY M 26 -24.05 71.28 47.14
C GLY M 26 -23.30 72.61 47.25
N SER M 27 -22.22 72.62 48.03
CA SER M 27 -21.44 73.84 48.21
C SER M 27 -20.99 74.38 46.86
N TYR M 28 -20.64 75.66 46.85
CA TYR M 28 -20.15 76.29 45.61
C TYR M 28 -18.84 75.63 45.20
N PRO M 29 -18.70 75.17 43.96
CA PRO M 29 -17.54 74.37 43.57
C PRO M 29 -16.35 75.26 43.23
N LYS M 30 -15.23 74.62 42.94
CA LYS M 30 -14.05 75.29 42.44
C LYS M 30 -14.24 75.51 40.94
N VAL M 31 -14.17 76.77 40.52
CA VAL M 31 -14.52 77.16 39.17
C VAL M 31 -13.30 77.78 38.50
N ASN M 32 -13.40 77.95 37.18
CA ASN M 32 -12.38 78.61 36.40
C ASN M 32 -13.03 79.09 35.10
N PRO M 33 -13.19 80.39 34.91
CA PRO M 33 -13.84 80.85 33.67
C PRO M 33 -12.93 80.73 32.47
N THR M 34 -11.62 80.83 32.69
CA THR M 34 -10.63 80.84 31.62
C THR M 34 -9.72 79.62 31.73
N PRO M 35 -10.24 78.45 31.36
CA PRO M 35 -9.44 77.22 31.44
C PRO M 35 -8.46 77.11 30.28
N THR M 36 -7.73 75.99 30.25
CA THR M 36 -6.82 75.65 29.19
C THR M 36 -7.60 74.92 28.09
N TRP M 37 -6.92 74.57 26.99
CA TRP M 37 -7.63 74.02 25.84
C TRP M 37 -6.65 73.38 24.86
N VAL M 38 -6.70 72.06 24.75
CA VAL M 38 -5.85 71.34 23.81
C VAL M 38 -6.46 71.40 22.42
N ARG M 39 -5.65 71.78 21.44
CA ARG M 39 -6.16 72.05 20.10
C ARG M 39 -5.20 71.57 19.03
N ALA M 40 -5.74 71.40 17.83
CA ALA M 40 -4.97 71.19 16.61
C ALA M 40 -5.26 72.38 15.70
N ILE M 41 -4.30 73.29 15.58
CA ILE M 41 -4.51 74.57 14.90
C ILE M 41 -4.03 74.42 13.46
N PRO M 42 -4.92 74.56 12.47
CA PRO M 42 -4.47 74.52 11.07
C PRO M 42 -4.31 75.91 10.49
N PHE M 43 -3.13 76.21 9.95
CA PHE M 43 -2.94 77.46 9.22
C PHE M 43 -1.90 77.20 8.13
N GLU M 44 -1.52 78.27 7.45
CA GLU M 44 -0.59 78.21 6.33
C GLU M 44 0.46 79.29 6.52
N VAL M 45 1.51 79.23 5.70
CA VAL M 45 2.58 80.22 5.74
C VAL M 45 3.24 80.23 4.37
N SER M 46 3.59 81.43 3.90
CA SER M 46 4.26 81.58 2.62
C SER M 46 5.74 81.30 2.75
N VAL M 47 6.28 80.53 1.81
CA VAL M 47 7.67 80.12 1.81
C VAL M 47 8.30 80.47 0.47
N GLN M 48 9.44 81.15 0.52
CA GLN M 48 10.19 81.48 -0.68
C GLN M 48 11.22 80.39 -0.97
N SER M 49 11.46 80.14 -2.25
CA SER M 49 12.39 79.10 -2.65
C SER M 49 13.77 79.37 -2.08
N GLY M 50 14.39 78.34 -1.50
CA GLY M 50 15.74 78.47 -1.00
C GLY M 50 15.90 79.30 0.25
N ILE M 51 14.81 79.57 0.96
CA ILE M 51 14.84 80.42 2.15
C ILE M 51 14.07 79.72 3.26
N ALA M 52 14.57 79.83 4.49
CA ALA M 52 13.94 79.26 5.66
C ALA M 52 13.06 80.31 6.31
N PHE M 53 11.76 80.02 6.45
CA PHE M 53 10.80 80.95 7.03
C PHE M 53 10.52 80.55 8.47
N LYS M 54 10.68 81.49 9.39
CA LYS M 54 10.47 81.24 10.81
C LYS M 54 8.99 81.36 11.15
N VAL M 55 8.40 80.26 11.61
CA VAL M 55 6.98 80.20 11.93
C VAL M 55 6.72 80.95 13.23
N PRO M 56 6.05 82.11 13.21
CA PRO M 56 5.83 82.85 14.45
C PRO M 56 4.70 82.25 15.28
N VAL M 57 4.92 82.20 16.59
CA VAL M 57 3.91 81.68 17.50
C VAL M 57 2.67 82.56 17.53
N GLY M 58 2.77 83.79 17.03
CA GLY M 58 1.64 84.69 17.04
C GLY M 58 0.53 84.33 16.08
N SER M 59 0.79 83.40 15.15
CA SER M 59 -0.22 82.93 14.23
C SER M 59 -1.19 81.94 14.87
N LEU M 60 -0.89 81.46 16.07
CA LEU M 60 -1.78 80.57 16.78
C LEU M 60 -2.82 81.31 17.60
N PHE M 61 -2.58 82.57 17.95
CA PHE M 61 -3.51 83.37 18.75
C PHE M 61 -4.32 84.25 17.79
N SER M 62 -5.49 83.78 17.39
CA SER M 62 -6.33 84.49 16.44
C SER M 62 -7.78 84.06 16.64
N ALA M 63 -8.70 84.99 16.33
CA ALA M 63 -10.12 84.70 16.48
C ALA M 63 -10.60 83.64 15.49
N ASN M 64 -9.84 83.39 14.43
CA ASN M 64 -10.17 82.33 13.50
C ASN M 64 -9.98 80.94 14.11
N PHE M 65 -9.32 80.86 15.26
CA PHE M 65 -9.16 79.61 15.98
C PHE M 65 -9.81 79.61 17.35
N ARG M 66 -10.48 80.70 17.73
CA ARG M 66 -11.06 80.90 19.06
C ARG M 66 -9.99 81.01 20.13
N THR M 67 -8.72 81.10 19.75
CA THR M 67 -7.62 81.09 20.70
C THR M 67 -7.06 82.49 20.98
N ASP M 68 -7.72 83.54 20.48
CA ASP M 68 -7.23 84.89 20.69
CA ASP M 68 -7.23 84.89 20.69
C ASP M 68 -7.27 85.31 22.15
N SER M 69 -7.97 84.58 23.00
CA SER M 69 -8.03 84.88 24.43
C SER M 69 -6.79 84.40 25.17
N PHE M 70 -5.84 83.79 24.48
CA PHE M 70 -4.63 83.27 25.09
C PHE M 70 -3.43 84.16 24.75
N THR M 71 -2.41 84.09 25.60
CA THR M 71 -1.16 84.81 25.38
C THR M 71 0.05 83.90 25.28
N SER M 72 0.00 82.72 25.89
CA SER M 72 1.07 81.74 25.82
C SER M 72 0.47 80.41 25.39
N VAL M 73 1.34 79.49 24.96
CA VAL M 73 0.91 78.18 24.49
C VAL M 73 2.08 77.22 24.67
N THR M 74 1.75 75.95 24.90
CA THR M 74 2.74 74.89 25.02
C THR M 74 2.61 73.99 23.81
N VAL M 75 3.59 74.06 22.91
CA VAL M 75 3.56 73.25 21.69
C VAL M 75 4.04 71.84 22.02
N MET M 76 3.55 70.87 21.26
CA MET M 76 3.88 69.46 21.47
C MET M 76 4.39 68.78 20.21
N SER M 77 3.66 68.89 19.10
CA SER M 77 4.11 68.33 17.83
C SER M 77 3.77 69.30 16.72
N VAL M 78 4.44 69.12 15.58
CA VAL M 78 4.31 70.01 14.44
C VAL M 78 4.34 69.20 13.15
N ARG M 79 3.25 69.25 12.38
N ARG M 79 3.26 69.26 12.37
CA ARG M 79 3.13 68.54 11.11
CA ARG M 79 3.14 68.55 11.11
C ARG M 79 2.97 69.57 9.99
C ARG M 79 2.98 69.57 9.99
N ALA M 80 3.60 69.29 8.85
CA ALA M 80 3.60 70.23 7.73
C ALA M 80 3.38 69.52 6.41
N TRP M 81 2.47 70.08 5.62
CA TRP M 81 2.20 69.64 4.25
C TRP M 81 2.54 70.75 3.27
N THR M 82 2.84 70.38 2.03
CA THR M 82 2.95 71.36 0.95
C THR M 82 1.54 71.75 0.53
N GLN M 83 1.28 73.06 0.46
CA GLN M 83 -0.05 73.58 0.17
C GLN M 83 -0.26 73.93 -1.31
N LEU M 84 0.82 74.13 -2.06
CA LEU M 84 0.74 74.42 -3.48
C LEU M 84 1.57 73.40 -4.26
N THR M 85 1.44 73.45 -5.58
CA THR M 85 2.15 72.52 -6.43
C THR M 85 3.63 72.84 -6.48
N PRO M 86 4.46 71.84 -6.78
CA PRO M 86 5.90 72.07 -6.85
C PRO M 86 6.31 72.57 -8.23
N PRO M 87 7.56 73.01 -8.39
CA PRO M 87 8.01 73.48 -9.71
C PRO M 87 7.87 72.40 -10.76
N VAL M 88 7.91 72.82 -12.03
CA VAL M 88 7.76 71.88 -13.12
C VAL M 88 8.89 70.85 -13.05
N ASN M 89 8.52 69.57 -13.14
CA ASN M 89 9.42 68.43 -13.18
C ASN M 89 9.97 68.10 -11.80
N GLU M 90 9.53 68.77 -10.73
CA GLU M 90 10.04 68.52 -9.39
C GLU M 90 8.96 67.85 -8.54
N TYR M 91 9.40 67.08 -7.56
CA TYR M 91 8.51 66.46 -6.58
C TYR M 91 8.52 67.32 -5.33
N SER M 92 7.33 67.58 -4.79
CA SER M 92 7.19 68.42 -3.60
C SER M 92 8.06 67.88 -2.47
N PHE M 93 8.48 68.79 -1.59
CA PHE M 93 9.19 68.40 -0.38
C PHE M 93 9.02 69.50 0.66
N VAL M 94 9.43 69.21 1.88
CA VAL M 94 9.30 70.15 3.00
C VAL M 94 10.24 69.71 4.10
N ARG M 95 10.86 70.68 4.76
CA ARG M 95 11.76 70.42 5.87
C ARG M 95 11.33 71.24 7.08
N LEU M 96 11.57 70.69 8.27
CA LEU M 96 11.28 71.38 9.52
C LEU M 96 12.53 71.41 10.38
N LYS M 97 12.89 72.59 10.85
CA LYS M 97 13.96 72.73 11.84
C LYS M 97 13.37 73.23 13.14
N PRO M 98 13.27 72.40 14.18
CA PRO M 98 12.70 72.87 15.45
C PRO M 98 13.52 74.00 16.05
N LEU M 99 12.82 74.94 16.69
CA LEU M 99 13.43 76.12 17.28
C LEU M 99 13.02 76.24 18.74
N PHE M 100 14.00 76.42 19.61
CA PHE M 100 13.79 76.51 21.05
C PHE M 100 14.53 77.72 21.60
N LYS M 101 13.89 78.41 22.56
CA LYS M 101 14.50 79.59 23.15
C LYS M 101 15.79 79.24 23.90
N THR M 102 15.84 78.04 24.49
CA THR M 102 17.02 77.63 25.24
C THR M 102 18.13 77.10 24.35
N GLY M 103 17.89 76.94 23.05
CA GLY M 103 18.93 76.47 22.15
C GLY M 103 18.38 75.88 20.87
N ASP M 104 18.39 76.67 19.79
CA ASP M 104 17.85 76.20 18.52
C ASP M 104 18.46 74.87 18.14
N SER M 105 17.66 74.05 17.45
CA SER M 105 18.11 72.75 16.98
C SER M 105 18.76 72.88 15.61
N THR M 106 19.22 71.74 15.09
CA THR M 106 19.87 71.69 13.78
C THR M 106 19.31 70.56 12.92
N GLU M 107 18.24 69.91 13.35
CA GLU M 107 17.62 68.87 12.55
C GLU M 107 16.86 69.46 11.37
N GLU M 108 16.83 68.73 10.27
CA GLU M 108 16.07 69.12 9.09
C GLU M 108 15.16 67.94 8.69
N PHE M 109 14.13 67.71 9.51
CA PHE M 109 13.16 66.65 9.23
C PHE M 109 12.49 66.89 7.88
N GLU M 110 12.81 66.04 6.90
CA GLU M 110 12.39 66.24 5.52
C GLU M 110 11.56 65.05 5.04
N GLY M 111 10.53 65.36 4.25
CA GLY M 111 9.72 64.34 3.63
C GLY M 111 9.37 64.71 2.19
N ARG M 112 9.37 63.73 1.30
CA ARG M 112 9.16 64.01 -0.12
C ARG M 112 8.00 63.19 -0.67
N ALA M 113 7.29 63.79 -1.60
CA ALA M 113 6.19 63.12 -2.29
C ALA M 113 6.76 62.14 -3.33
N SER M 114 6.02 61.07 -3.57
CA SER M 114 6.34 60.14 -4.65
C SER M 114 5.59 60.45 -5.94
N ASN M 115 4.46 61.14 -5.85
CA ASN M 115 3.70 61.60 -7.02
C ASN M 115 3.75 63.12 -7.04
N ILE M 116 4.19 63.68 -8.17
CA ILE M 116 4.33 65.13 -8.29
C ILE M 116 3.06 65.84 -7.87
N ASN M 117 1.91 65.24 -8.14
CA ASN M 117 0.62 65.86 -7.85
C ASN M 117 0.19 65.71 -6.39
N THR M 118 0.99 65.04 -5.55
CA THR M 118 0.64 64.79 -4.16
CA THR M 118 0.63 64.81 -4.17
C THR M 118 1.49 65.65 -3.24
N ARG M 119 0.92 66.02 -2.11
CA ARG M 119 1.64 66.82 -1.13
C ARG M 119 2.84 66.03 -0.58
N ALA M 120 3.84 66.77 -0.09
CA ALA M 120 4.91 66.22 0.71
C ALA M 120 4.63 66.54 2.17
N SER M 121 4.83 65.57 3.05
CA SER M 121 4.46 65.72 4.45
C SER M 121 5.64 65.31 5.32
N VAL M 122 5.69 65.91 6.52
CA VAL M 122 6.65 65.52 7.53
C VAL M 122 6.29 66.26 8.81
N GLY M 123 6.74 65.74 9.94
CA GLY M 123 6.46 66.37 11.23
C GLY M 123 7.42 65.84 12.28
N TYR M 124 7.38 66.50 13.44
CA TYR M 124 8.24 66.13 14.55
C TYR M 124 7.51 66.34 15.87
N ARG M 125 7.84 65.50 16.85
CA ARG M 125 7.29 65.58 18.20
C ARG M 125 8.31 66.21 19.12
N ILE M 126 7.83 67.02 20.06
CA ILE M 126 8.69 67.69 21.04
C ILE M 126 8.78 66.81 22.28
N PRO M 127 9.96 66.66 22.89
CA PRO M 127 10.05 65.89 24.14
C PRO M 127 9.50 66.67 25.33
N THR M 128 8.91 65.92 26.27
CA THR M 128 8.30 66.55 27.44
CA THR M 128 8.30 66.55 27.44
C THR M 128 9.25 67.53 28.10
N ASN M 129 10.54 67.21 28.13
CA ASN M 129 11.52 68.11 28.75
C ASN M 129 11.77 69.37 27.94
N LEU M 130 11.18 69.50 26.75
CA LEU M 130 11.28 70.71 25.97
C LEU M 130 9.93 71.38 25.74
N ARG M 131 8.89 70.91 26.45
CA ARG M 131 7.54 71.46 26.28
C ARG M 131 7.33 72.60 27.28
N GLN M 132 7.78 73.78 26.89
CA GLN M 132 7.59 74.98 27.69
C GLN M 132 6.73 75.98 26.91
N ASN M 133 6.35 77.06 27.60
CA ASN M 133 5.49 78.05 26.99
C ASN M 133 6.23 78.87 25.95
N THR M 134 5.47 79.43 25.00
CA THR M 134 6.00 80.29 23.97
C THR M 134 4.99 81.40 23.72
N VAL M 135 5.50 82.59 23.43
CA VAL M 135 4.67 83.76 23.21
C VAL M 135 4.73 84.16 21.73
N ALA M 136 3.82 85.04 21.33
CA ALA M 136 3.67 85.40 19.93
C ALA M 136 4.99 85.81 19.30
N ALA M 137 5.78 86.63 20.00
CA ALA M 137 7.07 87.04 19.46
C ALA M 137 7.92 85.85 19.05
N ASP M 138 7.85 84.77 19.83
CA ASP M 138 8.70 83.62 19.60
C ASP M 138 8.32 82.87 18.33
N ASN M 139 9.24 82.06 17.86
CA ASN M 139 9.06 81.25 16.67
C ASN M 139 8.95 79.78 17.06
N VAL M 140 8.44 78.98 16.12
CA VAL M 140 8.28 77.55 16.30
C VAL M 140 9.38 76.77 15.58
N CYS M 141 9.60 77.06 14.30
CA CYS M 141 10.51 76.25 13.51
C CYS M 141 10.79 76.92 12.18
N GLU M 142 11.82 76.44 11.50
CA GLU M 142 12.17 76.86 10.16
C GLU M 142 11.58 75.89 9.15
N VAL M 143 10.93 76.43 8.12
CA VAL M 143 10.28 75.64 7.07
CA VAL M 143 10.28 75.63 7.07
C VAL M 143 10.99 75.91 5.76
N ARG M 144 11.31 74.85 5.02
CA ARG M 144 12.00 74.96 3.74
C ARG M 144 11.29 74.09 2.71
N SER M 145 10.78 74.71 1.66
CA SER M 145 10.00 73.99 0.66
C SER M 145 10.18 74.66 -0.70
N ASN M 146 10.25 73.84 -1.75
CA ASN M 146 10.24 74.34 -3.11
C ASN M 146 8.88 74.92 -3.50
N CYS M 147 7.83 74.54 -2.79
CA CYS M 147 6.50 75.07 -3.02
C CYS M 147 6.35 76.43 -2.34
N ARG M 148 5.41 77.22 -2.85
CA ARG M 148 5.26 78.60 -2.39
C ARG M 148 4.41 78.75 -1.13
N GLN M 149 3.69 77.71 -0.72
CA GLN M 149 2.93 77.73 0.53
C GLN M 149 3.04 76.38 1.19
N VAL M 150 2.95 76.37 2.52
CA VAL M 150 3.06 75.16 3.33
C VAL M 150 1.94 75.17 4.35
N ALA M 151 1.08 74.14 4.32
CA ALA M 151 0.02 74.00 5.29
C ALA M 151 0.58 73.40 6.58
N LEU M 152 0.29 74.03 7.70
CA LEU M 152 0.73 73.54 9.00
C LEU M 152 -0.48 73.12 9.82
N VAL M 153 -0.23 72.23 10.77
CA VAL M 153 -1.20 71.81 11.76
C VAL M 153 -0.41 71.53 13.02
N ILE M 154 -0.52 72.38 14.03
CA ILE M 154 0.33 72.33 15.21
C ILE M 154 -0.52 71.88 16.40
N SER M 155 -0.17 70.72 16.95
CA SER M 155 -0.78 70.23 18.19
C SER M 155 -0.17 70.99 19.35
N CYS M 156 -1.01 71.68 20.12
CA CYS M 156 -0.51 72.62 21.11
C CYS M 156 -1.45 72.69 22.31
N CYS M 157 -0.93 73.24 23.41
CA CYS M 157 -1.67 73.44 24.65
C CYS M 157 -1.72 74.93 24.95
N PHE M 158 -2.90 75.53 24.79
CA PHE M 158 -3.10 76.93 25.12
C PHE M 158 -3.35 77.10 26.62
N ASN M 159 -2.69 78.08 27.21
CA ASN M 159 -2.86 78.36 28.64
C ASN M 159 -2.44 79.79 28.99
N ASN N 16 -39.33 27.06 -2.29
CA ASN N 16 -40.52 27.91 -2.44
C ASN N 16 -41.54 27.24 -3.36
N SER N 17 -42.57 28.00 -3.73
CA SER N 17 -43.66 27.49 -4.56
C SER N 17 -43.54 28.07 -5.96
N ASN N 18 -44.46 27.63 -6.84
CA ASN N 18 -44.45 28.04 -8.24
C ASN N 18 -45.76 28.66 -8.71
N VAL N 19 -46.81 28.64 -7.89
CA VAL N 19 -48.10 29.21 -8.24
C VAL N 19 -48.60 30.07 -7.07
N VAL N 20 -49.80 30.59 -7.21
CA VAL N 20 -50.39 31.43 -6.18
C VAL N 20 -50.87 30.55 -5.03
N THR N 21 -50.91 31.14 -3.83
CA THR N 21 -51.38 30.47 -2.63
C THR N 21 -52.29 31.42 -1.86
N MET N 22 -53.20 30.86 -1.07
CA MET N 22 -54.15 31.69 -0.36
CA MET N 22 -54.17 31.68 -0.36
C MET N 22 -53.55 32.21 0.94
N ILE N 23 -54.01 33.40 1.33
CA ILE N 23 -53.62 34.06 2.56
C ILE N 23 -54.88 34.17 3.42
N ARG N 24 -54.79 33.72 4.66
CA ARG N 24 -55.96 33.72 5.55
C ARG N 24 -56.07 35.05 6.29
N ALA N 25 -56.23 36.10 5.50
CA ALA N 25 -56.25 37.45 6.01
C ALA N 25 -57.34 37.61 7.07
N GLY N 26 -57.29 38.74 7.78
CA GLY N 26 -58.22 39.01 8.85
C GLY N 26 -58.70 40.45 8.89
N SER N 27 -58.82 41.02 10.09
CA SER N 27 -59.36 42.37 10.23
C SER N 27 -58.55 43.35 9.40
N TYR N 28 -59.20 44.44 8.99
CA TYR N 28 -58.51 45.45 8.20
C TYR N 28 -57.39 46.06 9.01
N PRO N 29 -56.14 46.02 8.54
CA PRO N 29 -55.01 46.46 9.38
C PRO N 29 -54.91 47.99 9.42
N LYS N 30 -54.00 48.45 10.28
CA LYS N 30 -53.59 49.85 10.23
C LYS N 30 -52.81 50.08 8.96
N VAL N 31 -53.17 51.13 8.22
CA VAL N 31 -52.55 51.44 6.93
C VAL N 31 -52.04 52.88 6.96
N ASN N 32 -51.34 53.24 5.91
CA ASN N 32 -50.81 54.59 5.76
C ASN N 32 -50.43 54.76 4.30
N PRO N 33 -51.02 55.73 3.60
CA PRO N 33 -50.70 55.88 2.17
C PRO N 33 -49.46 56.71 1.93
N THR N 34 -49.05 57.52 2.91
CA THR N 34 -47.93 58.45 2.75
C THR N 34 -46.95 58.26 3.90
N PRO N 35 -46.16 57.19 3.87
CA PRO N 35 -45.27 56.89 4.98
C PRO N 35 -44.01 57.75 4.93
N THR N 36 -43.23 57.66 6.01
CA THR N 36 -41.93 58.28 6.04
C THR N 36 -40.98 57.54 5.08
N TRP N 37 -39.76 58.04 4.98
CA TRP N 37 -38.79 57.43 4.08
C TRP N 37 -37.40 57.95 4.41
N VAL N 38 -36.49 57.04 4.72
CA VAL N 38 -35.11 57.39 5.04
C VAL N 38 -34.30 57.35 3.76
N ARG N 39 -33.57 58.42 3.48
CA ARG N 39 -32.94 58.59 2.18
C ARG N 39 -31.55 59.21 2.31
N ALA N 40 -30.76 59.00 1.26
CA ALA N 40 -29.45 59.65 1.07
C ALA N 40 -29.54 60.42 -0.24
N ILE N 41 -29.75 61.73 -0.13
CA ILE N 41 -30.09 62.56 -1.29
C ILE N 41 -28.80 63.13 -1.88
N PRO N 42 -28.48 62.82 -3.15
CA PRO N 42 -27.33 63.46 -3.79
C PRO N 42 -27.75 64.63 -4.66
N PHE N 43 -27.02 65.74 -4.61
CA PHE N 43 -27.25 66.84 -5.53
C PHE N 43 -26.03 67.73 -5.52
N GLU N 44 -26.01 68.69 -6.43
CA GLU N 44 -24.87 69.56 -6.63
C GLU N 44 -25.27 71.02 -6.46
N VAL N 45 -24.34 71.80 -5.91
CA VAL N 45 -24.54 73.22 -5.67
C VAL N 45 -23.35 73.96 -6.28
N SER N 46 -23.58 75.22 -6.65
CA SER N 46 -22.55 76.08 -7.19
C SER N 46 -21.97 76.93 -6.07
N VAL N 47 -20.64 76.96 -5.96
CA VAL N 47 -19.96 77.72 -4.93
C VAL N 47 -18.97 78.68 -5.58
N GLN N 48 -18.70 79.78 -4.89
CA GLN N 48 -17.74 80.78 -5.34
C GLN N 48 -16.52 80.79 -4.44
N SER N 49 -15.45 81.41 -4.94
CA SER N 49 -14.20 81.48 -4.19
CA SER N 49 -14.20 81.48 -4.19
C SER N 49 -14.34 82.40 -2.99
N GLY N 50 -13.87 81.93 -1.84
CA GLY N 50 -13.88 82.72 -0.63
C GLY N 50 -15.24 83.17 -0.15
N ILE N 51 -16.29 82.57 -0.70
CA ILE N 51 -17.67 82.91 -0.33
C ILE N 51 -18.39 81.64 0.07
N ALA N 52 -19.25 81.75 1.08
CA ALA N 52 -20.04 80.62 1.55
C ALA N 52 -21.44 80.67 0.95
N PHE N 53 -21.96 79.49 0.60
CA PHE N 53 -23.29 79.33 0.04
C PHE N 53 -24.18 78.60 1.04
N LYS N 54 -25.41 79.06 1.19
CA LYS N 54 -26.35 78.46 2.13
C LYS N 54 -27.18 77.42 1.40
N VAL N 55 -26.91 76.15 1.69
CA VAL N 55 -27.64 75.04 1.09
C VAL N 55 -29.09 75.11 1.54
N PRO N 56 -30.02 75.49 0.68
CA PRO N 56 -31.43 75.53 1.11
C PRO N 56 -31.98 74.12 1.25
N VAL N 57 -32.75 73.91 2.32
CA VAL N 57 -33.40 72.61 2.50
C VAL N 57 -34.30 72.30 1.32
N GLY N 58 -34.82 73.34 0.64
CA GLY N 58 -35.77 73.14 -0.43
C GLY N 58 -35.23 72.36 -1.62
N SER N 59 -33.91 72.22 -1.70
CA SER N 59 -33.32 71.42 -2.76
C SER N 59 -33.51 69.92 -2.53
N LEU N 60 -33.99 69.51 -1.36
CA LEU N 60 -34.21 68.11 -1.08
C LEU N 60 -35.58 67.63 -1.57
N PHE N 61 -36.56 68.52 -1.64
CA PHE N 61 -37.89 68.16 -2.11
C PHE N 61 -37.94 68.35 -3.62
N SER N 62 -38.05 67.25 -4.36
CA SER N 62 -38.09 67.28 -5.81
C SER N 62 -38.47 65.92 -6.35
N ALA N 63 -39.10 65.92 -7.54
CA ALA N 63 -39.48 64.68 -8.20
C ALA N 63 -38.27 63.92 -8.73
N ASN N 64 -37.14 64.59 -8.91
CA ASN N 64 -35.90 63.88 -9.25
C ASN N 64 -35.39 63.02 -8.11
N PHE N 65 -36.00 63.14 -6.92
CA PHE N 65 -35.70 62.26 -5.79
C PHE N 65 -36.95 61.58 -5.26
N ARG N 66 -38.07 61.70 -5.97
CA ARG N 66 -39.34 61.11 -5.55
C ARG N 66 -39.87 61.72 -4.26
N THR N 67 -39.37 62.91 -3.89
CA THR N 67 -39.71 63.53 -2.62
C THR N 67 -40.58 64.76 -2.78
N ASP N 68 -41.12 65.01 -3.97
CA ASP N 68 -41.94 66.20 -4.18
C ASP N 68 -43.21 66.20 -3.34
N SER N 69 -43.58 65.06 -2.76
CA SER N 69 -44.78 64.97 -1.94
C SER N 69 -44.56 65.39 -0.50
N PHE N 70 -43.31 65.38 -0.03
CA PHE N 70 -42.98 65.76 1.33
C PHE N 70 -42.81 67.27 1.44
N THR N 71 -43.04 67.79 2.64
CA THR N 71 -42.92 69.20 2.94
C THR N 71 -41.93 69.51 4.04
N SER N 72 -41.61 68.53 4.88
CA SER N 72 -40.65 68.66 5.96
C SER N 72 -39.69 67.47 5.91
N VAL N 73 -38.54 67.62 6.54
CA VAL N 73 -37.52 66.58 6.53
C VAL N 73 -36.65 66.75 7.77
N THR N 74 -36.05 65.65 8.20
CA THR N 74 -35.15 65.63 9.34
C THR N 74 -33.76 65.23 8.84
N VAL N 75 -32.78 66.13 9.00
CA VAL N 75 -31.43 65.90 8.49
C VAL N 75 -30.59 65.26 9.59
N MET N 76 -29.85 64.21 9.23
CA MET N 76 -29.04 63.49 10.21
CA MET N 76 -29.04 63.49 10.21
C MET N 76 -27.56 63.79 10.04
N SER N 77 -26.99 63.39 8.89
CA SER N 77 -25.57 63.62 8.62
C SER N 77 -25.38 64.18 7.22
N VAL N 78 -24.41 65.09 7.08
CA VAL N 78 -24.17 65.81 5.83
C VAL N 78 -22.77 65.49 5.36
N ARG N 79 -22.63 65.18 4.07
CA ARG N 79 -21.35 64.86 3.45
C ARG N 79 -21.16 65.69 2.20
N ALA N 80 -19.93 66.16 1.98
CA ALA N 80 -19.63 67.05 0.88
C ALA N 80 -18.39 66.58 0.12
N TRP N 81 -18.42 66.76 -1.19
CA TRP N 81 -17.31 66.47 -2.09
C TRP N 81 -17.20 67.59 -3.10
N THR N 82 -15.97 67.89 -3.53
CA THR N 82 -15.73 68.90 -4.55
C THR N 82 -15.99 68.28 -5.93
N GLN N 83 -16.91 68.87 -6.68
CA GLN N 83 -17.37 68.33 -7.95
C GLN N 83 -16.58 68.84 -9.16
N LEU N 84 -15.67 69.79 -8.97
CA LEU N 84 -14.91 70.36 -10.06
C LEU N 84 -13.46 70.47 -9.64
N THR N 85 -12.56 70.60 -10.60
CA THR N 85 -11.15 70.71 -10.29
C THR N 85 -10.88 72.01 -9.54
N PRO N 86 -9.82 72.05 -8.73
CA PRO N 86 -9.47 73.29 -8.03
C PRO N 86 -8.81 74.27 -8.98
N PRO N 87 -8.50 75.47 -8.51
CA PRO N 87 -7.76 76.44 -9.35
C PRO N 87 -6.38 75.91 -9.68
N VAL N 88 -5.68 76.66 -10.53
CA VAL N 88 -4.33 76.27 -10.92
C VAL N 88 -3.40 76.38 -9.72
N ASN N 89 -2.66 75.29 -9.46
CA ASN N 89 -1.65 75.16 -8.42
C ASN N 89 -2.22 74.89 -7.04
N GLU N 90 -3.53 74.64 -6.92
CA GLU N 90 -4.17 74.48 -5.62
C GLU N 90 -4.74 73.08 -5.44
N TYR N 91 -4.81 72.63 -4.18
CA TYR N 91 -5.44 71.37 -3.81
C TYR N 91 -6.88 71.66 -3.39
N SER N 92 -7.82 70.87 -3.92
CA SER N 92 -9.23 71.09 -3.63
C SER N 92 -9.50 71.03 -2.13
N PHE N 93 -10.39 71.91 -1.66
CA PHE N 93 -10.80 71.90 -0.26
C PHE N 93 -12.28 72.27 -0.15
N VAL N 94 -12.88 71.90 0.97
CA VAL N 94 -14.31 72.12 1.19
C VAL N 94 -14.56 72.24 2.69
N ARG N 95 -15.30 73.28 3.07
CA ARG N 95 -15.67 73.52 4.46
C ARG N 95 -17.17 73.40 4.63
N LEU N 96 -17.60 72.86 5.76
CA LEU N 96 -19.02 72.75 6.09
C LEU N 96 -19.27 73.39 7.44
N LYS N 97 -20.22 74.30 7.51
CA LYS N 97 -20.66 74.91 8.77
C LYS N 97 -22.09 74.50 9.03
N PRO N 98 -22.39 73.71 10.06
CA PRO N 98 -23.79 73.35 10.33
C PRO N 98 -24.62 74.58 10.64
N LEU N 99 -25.90 74.50 10.30
CA LEU N 99 -26.86 75.57 10.53
C LEU N 99 -28.12 75.01 11.17
N PHE N 100 -28.68 75.75 12.13
CA PHE N 100 -29.86 75.32 12.85
C PHE N 100 -30.76 76.53 13.09
N LYS N 101 -32.06 76.28 13.18
CA LYS N 101 -33.01 77.36 13.44
C LYS N 101 -32.90 77.86 14.87
N THR N 102 -32.71 76.96 15.82
CA THR N 102 -32.54 77.34 17.21
C THR N 102 -31.24 78.09 17.46
N GLY N 103 -30.32 78.10 16.49
CA GLY N 103 -29.06 78.80 16.63
C GLY N 103 -27.96 78.26 15.74
N ASP N 104 -27.59 79.01 14.70
CA ASP N 104 -26.59 78.54 13.77
C ASP N 104 -25.26 78.30 14.47
N SER N 105 -24.42 77.48 13.84
CA SER N 105 -23.13 77.12 14.39
C SER N 105 -22.03 77.98 13.77
N THR N 106 -20.85 77.92 14.39
CA THR N 106 -19.66 78.61 13.91
C THR N 106 -18.55 77.65 13.52
N GLU N 107 -18.81 76.34 13.54
CA GLU N 107 -17.81 75.36 13.17
C GLU N 107 -17.55 75.38 11.66
N GLU N 108 -16.29 75.13 11.30
CA GLU N 108 -15.87 75.10 9.90
C GLU N 108 -15.18 73.76 9.61
N PHE N 109 -15.95 72.68 9.69
CA PHE N 109 -15.44 71.36 9.34
C PHE N 109 -14.82 71.41 7.94
N GLU N 110 -13.49 71.39 7.88
CA GLU N 110 -12.73 71.47 6.63
C GLU N 110 -12.06 70.13 6.36
N GLY N 111 -11.64 69.96 5.11
CA GLY N 111 -10.98 68.75 4.69
C GLY N 111 -10.46 68.91 3.28
N ARG N 112 -9.15 68.70 3.09
CA ARG N 112 -8.50 68.98 1.83
C ARG N 112 -8.17 67.69 1.10
N ALA N 113 -7.94 67.83 -0.20
CA ALA N 113 -7.38 66.74 -0.99
C ALA N 113 -5.86 66.72 -0.83
N SER N 114 -5.27 65.56 -1.06
CA SER N 114 -3.82 65.44 -1.06
C SER N 114 -3.25 65.29 -2.47
N ASN N 115 -4.08 64.97 -3.46
CA ASN N 115 -3.68 64.90 -4.86
C ASN N 115 -4.55 65.88 -5.63
N ILE N 116 -3.90 66.88 -6.26
CA ILE N 116 -4.65 67.95 -6.91
C ILE N 116 -5.77 67.42 -7.79
N ASN N 117 -5.60 66.22 -8.33
CA ASN N 117 -6.56 65.60 -9.22
C ASN N 117 -7.66 64.86 -8.48
N THR N 118 -7.70 64.92 -7.15
CA THR N 118 -8.67 64.20 -6.34
CA THR N 118 -8.69 64.20 -6.36
C THR N 118 -9.61 65.18 -5.65
N ARG N 119 -10.82 64.71 -5.36
CA ARG N 119 -11.80 65.54 -4.69
C ARG N 119 -11.43 65.75 -3.22
N ALA N 120 -12.03 66.77 -2.62
CA ALA N 120 -11.93 67.03 -1.19
C ALA N 120 -13.26 66.66 -0.55
N SER N 121 -13.20 66.07 0.64
CA SER N 121 -14.38 65.50 1.26
C SER N 121 -14.42 65.84 2.75
N VAL N 122 -15.57 66.30 3.22
CA VAL N 122 -15.85 66.42 4.64
C VAL N 122 -17.31 66.10 4.86
N GLY N 123 -17.63 65.68 6.08
CA GLY N 123 -19.00 65.53 6.53
C GLY N 123 -19.08 65.84 8.02
N TYR N 124 -20.32 66.10 8.47
CA TYR N 124 -20.60 66.30 9.88
C TYR N 124 -21.90 65.62 10.24
N ARG N 125 -21.96 65.06 11.46
CA ARG N 125 -23.15 64.39 11.97
C ARG N 125 -23.90 65.33 12.91
N ILE N 126 -25.22 65.29 12.83
CA ILE N 126 -26.09 66.10 13.69
C ILE N 126 -26.51 65.26 14.89
N PRO N 127 -26.32 65.74 16.12
CA PRO N 127 -26.72 64.95 17.29
C PRO N 127 -28.22 64.79 17.36
N THR N 128 -28.65 63.82 18.17
CA THR N 128 -30.06 63.49 18.25
CA THR N 128 -30.06 63.49 18.26
C THR N 128 -30.88 64.63 18.83
N ASN N 129 -30.30 65.43 19.74
CA ASN N 129 -31.03 66.55 20.32
C ASN N 129 -31.23 67.69 19.33
N LEU N 130 -30.53 67.67 18.20
CA LEU N 130 -30.68 68.70 17.18
C LEU N 130 -31.31 68.19 15.90
N ARG N 131 -31.89 66.99 15.92
CA ARG N 131 -32.55 66.43 14.75
C ARG N 131 -34.04 66.75 14.84
N GLN N 132 -34.38 67.96 14.42
CA GLN N 132 -35.77 68.39 14.28
C GLN N 132 -36.09 68.61 12.81
N ASN N 133 -37.36 68.92 12.54
CA ASN N 133 -37.80 69.09 11.17
C ASN N 133 -37.35 70.42 10.60
N THR N 134 -37.24 70.46 9.27
CA THR N 134 -36.84 71.65 8.53
C THR N 134 -37.69 71.70 7.27
N VAL N 135 -38.07 72.92 6.87
CA VAL N 135 -38.90 73.10 5.68
C VAL N 135 -38.04 73.72 4.59
N ALA N 136 -38.65 74.03 3.44
CA ALA N 136 -37.88 74.42 2.27
C ALA N 136 -37.16 75.73 2.50
N ALA N 137 -37.78 76.67 3.21
CA ALA N 137 -37.13 77.96 3.43
C ALA N 137 -35.94 77.88 4.37
N ASP N 138 -35.87 76.83 5.21
CA ASP N 138 -34.74 76.69 6.11
C ASP N 138 -33.45 76.47 5.32
N ASN N 139 -32.35 76.37 6.04
CA ASN N 139 -31.03 76.10 5.47
C ASN N 139 -30.36 75.00 6.26
N VAL N 140 -29.53 74.22 5.58
CA VAL N 140 -28.84 73.12 6.25
C VAL N 140 -27.49 73.55 6.79
N CYS N 141 -26.67 74.18 5.97
CA CYS N 141 -25.29 74.44 6.33
C CYS N 141 -24.70 75.39 5.29
N GLU N 142 -23.52 75.92 5.61
CA GLU N 142 -22.75 76.73 4.69
C GLU N 142 -21.64 75.90 4.08
N VAL N 143 -21.38 76.13 2.80
CA VAL N 143 -20.40 75.37 2.02
C VAL N 143 -19.42 76.35 1.38
N ARG N 144 -18.15 76.25 1.77
CA ARG N 144 -17.09 77.02 1.16
C ARG N 144 -16.17 76.08 0.39
N SER N 145 -15.68 76.53 -0.77
CA SER N 145 -14.79 75.69 -1.55
C SER N 145 -14.13 76.52 -2.65
N ASN N 146 -12.87 76.20 -2.93
CA ASN N 146 -12.16 76.76 -4.08
C ASN N 146 -12.56 76.10 -5.39
N CYS N 147 -13.33 75.01 -5.33
CA CYS N 147 -13.91 74.39 -6.51
C CYS N 147 -15.28 75.01 -6.76
N ARG N 148 -15.63 75.17 -8.03
CA ARG N 148 -16.81 75.94 -8.41
C ARG N 148 -18.13 75.20 -8.20
N GLN N 149 -18.09 73.91 -7.85
CA GLN N 149 -19.29 73.13 -7.61
CA GLN N 149 -19.29 73.13 -7.61
C GLN N 149 -18.94 72.06 -6.59
N VAL N 150 -19.84 71.85 -5.64
CA VAL N 150 -19.65 70.89 -4.55
C VAL N 150 -20.78 69.88 -4.58
N ALA N 151 -20.43 68.61 -4.70
CA ALA N 151 -21.41 67.52 -4.71
C ALA N 151 -21.75 67.12 -3.28
N LEU N 152 -23.05 67.04 -3.00
CA LEU N 152 -23.51 66.75 -1.65
C LEU N 152 -24.26 65.43 -1.60
N VAL N 153 -24.24 64.83 -0.41
CA VAL N 153 -24.98 63.60 -0.14
C VAL N 153 -25.51 63.70 1.29
N ILE N 154 -26.78 64.05 1.43
CA ILE N 154 -27.38 64.35 2.72
C ILE N 154 -28.22 63.16 3.16
N SER N 155 -27.83 62.55 4.28
CA SER N 155 -28.61 61.47 4.88
CA SER N 155 -28.61 61.47 4.88
C SER N 155 -29.72 62.10 5.70
N CYS N 156 -30.97 62.00 5.23
CA CYS N 156 -32.10 62.62 5.90
C CYS N 156 -33.30 61.68 5.92
N CYS N 157 -34.32 62.09 6.68
N CYS N 157 -34.31 62.06 6.70
CA CYS N 157 -35.53 61.30 6.88
CA CYS N 157 -35.52 61.27 6.86
C CYS N 157 -36.73 62.16 6.52
C CYS N 157 -36.72 62.14 6.52
N PHE N 158 -37.46 61.76 5.48
CA PHE N 158 -38.56 62.56 4.96
C PHE N 158 -39.85 62.23 5.70
N ASN N 159 -40.54 63.27 6.15
CA ASN N 159 -41.81 63.13 6.85
C ASN N 159 -42.67 64.39 6.63
N LYS O 11 1.37 -0.29 -4.39
CA LYS O 11 2.02 0.71 -5.24
C LYS O 11 0.98 1.62 -5.88
N SER O 12 0.18 2.29 -5.06
CA SER O 12 -0.88 3.18 -5.54
C SER O 12 -0.46 4.64 -5.50
N THR O 13 0.79 4.93 -5.82
CA THR O 13 1.37 6.27 -5.67
C THR O 13 1.30 7.00 -7.02
N GLY O 14 0.26 7.79 -7.20
CA GLY O 14 0.17 8.71 -8.32
C GLY O 14 -0.71 8.20 -9.44
N ASP O 15 -1.33 9.13 -10.16
CA ASP O 15 -2.07 8.86 -11.38
C ASP O 15 -1.40 9.48 -12.60
N ASN O 16 -0.09 9.69 -12.52
CA ASN O 16 0.68 10.35 -13.57
C ASN O 16 0.91 9.34 -14.70
N SER O 17 -0.04 9.29 -15.62
CA SER O 17 0.02 8.38 -16.75
C SER O 17 0.79 9.00 -17.90
N ASN O 18 1.73 8.24 -18.46
CA ASN O 18 2.55 8.72 -19.56
C ASN O 18 2.03 8.27 -20.92
N VAL O 19 1.22 7.20 -20.96
CA VAL O 19 0.71 6.67 -22.23
C VAL O 19 -0.81 6.70 -22.21
N VAL O 20 -1.39 6.55 -23.40
CA VAL O 20 -2.83 6.44 -23.51
C VAL O 20 -3.32 5.29 -22.62
N THR O 21 -4.60 5.36 -22.27
CA THR O 21 -5.22 4.35 -21.43
C THR O 21 -6.64 4.14 -21.90
N MET O 22 -7.09 2.89 -21.85
CA MET O 22 -8.43 2.60 -22.31
C MET O 22 -9.46 3.23 -21.38
N ILE O 23 -10.67 3.40 -21.94
CA ILE O 23 -11.84 3.88 -21.21
C ILE O 23 -12.91 2.82 -21.41
N ARG O 24 -13.45 2.29 -20.31
CA ARG O 24 -14.45 1.24 -20.39
C ARG O 24 -15.85 1.87 -20.44
N ALA O 25 -16.16 2.41 -21.61
CA ALA O 25 -17.44 3.08 -21.80
C ALA O 25 -18.56 2.04 -21.87
N GLY O 26 -19.78 2.55 -21.81
CA GLY O 26 -20.96 1.70 -21.88
C GLY O 26 -22.01 2.25 -22.82
N SER O 27 -23.24 2.39 -22.35
CA SER O 27 -24.32 2.89 -23.19
C SER O 27 -24.07 4.33 -23.61
N TYR O 28 -24.71 4.73 -24.71
CA TYR O 28 -24.54 6.09 -25.23
C TYR O 28 -25.16 7.09 -24.27
N PRO O 29 -24.46 8.16 -23.90
CA PRO O 29 -24.98 9.09 -22.90
C PRO O 29 -25.87 10.16 -23.51
N LYS O 30 -26.45 10.95 -22.63
CA LYS O 30 -27.25 12.09 -23.04
C LYS O 30 -26.32 13.21 -23.47
N VAL O 31 -26.54 13.74 -24.68
CA VAL O 31 -25.63 14.70 -25.29
C VAL O 31 -26.40 15.96 -25.64
N ASN O 32 -25.65 17.03 -25.96
CA ASN O 32 -26.21 18.31 -26.37
C ASN O 32 -25.15 19.13 -27.09
N PRO O 33 -25.16 19.18 -28.43
CA PRO O 33 -24.08 19.88 -29.15
C PRO O 33 -24.14 21.40 -29.03
N THR O 34 -25.22 21.96 -28.49
CA THR O 34 -25.41 23.40 -28.43
C THR O 34 -25.79 23.81 -27.01
N PRO O 35 -24.91 23.55 -26.04
CA PRO O 35 -25.26 23.86 -24.64
C PRO O 35 -25.25 25.35 -24.35
N THR O 36 -25.65 25.69 -23.12
CA THR O 36 -25.65 27.07 -22.66
C THR O 36 -24.23 27.51 -22.33
N TRP O 37 -24.08 28.79 -21.97
CA TRP O 37 -22.76 29.33 -21.68
C TRP O 37 -22.93 30.54 -20.76
N VAL O 38 -22.24 30.50 -19.63
CA VAL O 38 -22.16 31.65 -18.71
C VAL O 38 -20.93 32.46 -19.10
N ARG O 39 -21.13 33.76 -19.34
CA ARG O 39 -20.10 34.59 -19.93
C ARG O 39 -20.07 35.98 -19.32
N ALA O 40 -18.90 36.60 -19.35
CA ALA O 40 -18.70 38.00 -19.03
C ALA O 40 -18.27 38.70 -20.32
N ILE O 41 -19.20 39.44 -20.91
CA ILE O 41 -19.04 40.00 -22.26
C ILE O 41 -18.59 41.44 -22.13
N PRO O 42 -17.37 41.79 -22.55
CA PRO O 42 -16.95 43.21 -22.55
C PRO O 42 -17.17 43.89 -23.90
N PHE O 43 -17.79 45.06 -23.91
CA PHE O 43 -18.02 45.80 -25.14
C PHE O 43 -18.22 47.28 -24.77
N GLU O 44 -18.21 48.13 -25.80
CA GLU O 44 -18.27 49.58 -25.60
C GLU O 44 -19.36 50.20 -26.47
N VAL O 45 -19.85 51.37 -26.02
CA VAL O 45 -20.91 52.10 -26.72
C VAL O 45 -20.61 53.59 -26.70
N SER O 46 -20.87 54.26 -27.82
CA SER O 46 -20.72 55.71 -27.86
C SER O 46 -21.87 56.40 -27.13
N VAL O 47 -21.53 57.46 -26.40
CA VAL O 47 -22.51 58.21 -25.61
C VAL O 47 -22.35 59.69 -25.89
N GLN O 48 -23.47 60.38 -26.00
CA GLN O 48 -23.51 61.82 -26.20
C GLN O 48 -23.77 62.53 -24.88
N SER O 49 -23.36 63.80 -24.82
CA SER O 49 -23.50 64.59 -23.60
C SER O 49 -24.96 64.99 -23.42
N GLY O 50 -25.54 64.58 -22.29
CA GLY O 50 -26.90 64.96 -21.97
C GLY O 50 -27.97 64.15 -22.65
N ILE O 51 -27.62 63.03 -23.27
CA ILE O 51 -28.58 62.17 -23.95
C ILE O 51 -28.44 60.75 -23.42
N ALA O 52 -29.56 60.08 -23.23
CA ALA O 52 -29.57 58.69 -22.81
C ALA O 52 -29.37 57.79 -24.02
N PHE O 53 -28.55 56.74 -23.84
CA PHE O 53 -28.29 55.77 -24.89
C PHE O 53 -28.80 54.40 -24.43
N LYS O 54 -29.65 53.78 -25.25
CA LYS O 54 -30.19 52.47 -24.96
C LYS O 54 -29.25 51.41 -25.49
N VAL O 55 -28.86 50.47 -24.63
CA VAL O 55 -27.91 49.42 -24.99
C VAL O 55 -28.66 48.27 -25.65
N PRO O 56 -28.30 47.88 -26.89
CA PRO O 56 -29.02 46.77 -27.53
C PRO O 56 -28.47 45.41 -27.15
N VAL O 57 -29.36 44.48 -26.81
CA VAL O 57 -28.93 43.13 -26.48
C VAL O 57 -28.19 42.49 -27.65
N GLY O 58 -28.54 42.86 -28.88
CA GLY O 58 -27.89 42.31 -30.05
C GLY O 58 -26.38 42.45 -30.04
N SER O 59 -25.85 43.35 -29.21
CA SER O 59 -24.41 43.46 -29.07
C SER O 59 -23.81 42.21 -28.43
N LEU O 60 -24.59 41.51 -27.60
CA LEU O 60 -24.11 40.28 -26.99
C LEU O 60 -24.01 39.14 -27.99
N PHE O 61 -24.79 39.18 -29.08
CA PHE O 61 -24.73 38.18 -30.13
C PHE O 61 -23.74 38.66 -31.19
N SER O 62 -22.54 38.08 -31.19
CA SER O 62 -21.51 38.43 -32.14
C SER O 62 -20.45 37.33 -32.13
N ALA O 63 -19.76 37.18 -33.26
CA ALA O 63 -18.66 36.23 -33.31
C ALA O 63 -17.44 36.74 -32.55
N ASN O 64 -17.32 38.05 -32.34
CA ASN O 64 -16.23 38.56 -31.50
C ASN O 64 -16.22 37.92 -30.13
N PHE O 65 -17.37 37.43 -29.67
CA PHE O 65 -17.52 36.80 -28.37
C PHE O 65 -17.87 35.32 -28.48
N ARG O 66 -17.80 34.75 -29.68
CA ARG O 66 -18.14 33.36 -29.98
C ARG O 66 -19.62 33.05 -29.77
N THR O 67 -20.46 34.07 -29.60
CA THR O 67 -21.86 33.87 -29.29
C THR O 67 -22.79 34.12 -30.47
N ASP O 68 -22.24 34.29 -31.67
CA ASP O 68 -23.09 34.52 -32.84
CA ASP O 68 -23.08 34.52 -32.84
C ASP O 68 -24.06 33.36 -33.06
N SER O 69 -23.81 32.21 -32.44
CA SER O 69 -24.66 31.04 -32.59
C SER O 69 -25.84 31.04 -31.64
N PHE O 70 -25.97 32.04 -30.78
CA PHE O 70 -27.08 32.13 -29.84
C PHE O 70 -28.15 33.08 -30.37
N THR O 71 -29.39 32.86 -29.91
CA THR O 71 -30.50 33.75 -30.21
C THR O 71 -31.22 34.22 -28.96
N SER O 72 -30.71 33.90 -27.77
CA SER O 72 -31.37 34.27 -26.52
C SER O 72 -30.30 34.32 -25.43
N VAL O 73 -30.49 35.24 -24.50
CA VAL O 73 -29.54 35.42 -23.40
C VAL O 73 -30.29 35.90 -22.18
N THR O 74 -29.92 35.33 -21.03
CA THR O 74 -30.50 35.73 -19.75
C THR O 74 -29.49 36.62 -19.02
N VAL O 75 -29.82 37.90 -18.91
CA VAL O 75 -28.91 38.87 -18.32
C VAL O 75 -29.01 38.80 -16.80
N MET O 76 -27.86 38.80 -16.13
CA MET O 76 -27.80 38.66 -14.68
C MET O 76 -27.32 39.92 -13.97
N SER O 77 -26.30 40.58 -14.50
CA SER O 77 -25.80 41.80 -13.89
C SER O 77 -25.12 42.63 -14.97
N VAL O 78 -25.20 43.94 -14.79
CA VAL O 78 -24.58 44.90 -15.71
C VAL O 78 -23.66 45.79 -14.90
N ARG O 79 -22.42 45.95 -15.36
CA ARG O 79 -21.45 46.87 -14.78
C ARG O 79 -20.98 47.79 -15.90
N ALA O 80 -20.60 49.02 -15.54
CA ALA O 80 -20.21 50.01 -16.53
C ALA O 80 -18.99 50.77 -16.04
N TRP O 81 -18.16 51.18 -16.99
CA TRP O 81 -16.97 51.99 -16.74
C TRP O 81 -16.84 53.03 -17.85
N THR O 82 -16.53 54.27 -17.48
CA THR O 82 -16.27 55.30 -18.49
C THR O 82 -14.98 54.96 -19.24
N GLN O 83 -15.01 55.12 -20.57
CA GLN O 83 -13.93 54.65 -21.43
C GLN O 83 -13.04 55.76 -21.97
N LEU O 84 -13.50 57.02 -21.91
CA LEU O 84 -12.70 58.15 -22.35
C LEU O 84 -12.67 59.20 -21.25
N THR O 85 -11.95 60.29 -21.52
CA THR O 85 -11.79 61.34 -20.52
C THR O 85 -13.01 62.23 -20.45
N PRO O 86 -13.34 62.73 -19.26
CA PRO O 86 -14.50 63.61 -19.12
C PRO O 86 -14.17 65.01 -19.62
N PRO O 87 -15.16 65.91 -19.63
CA PRO O 87 -14.88 67.30 -19.99
C PRO O 87 -13.82 67.90 -19.07
N VAL O 88 -13.15 68.93 -19.59
CA VAL O 88 -12.19 69.66 -18.76
C VAL O 88 -12.89 70.08 -17.48
N ASN O 89 -12.16 70.00 -16.37
CA ASN O 89 -12.58 70.44 -15.05
C ASN O 89 -13.55 69.45 -14.39
N GLU O 90 -14.11 68.51 -15.13
CA GLU O 90 -15.14 67.63 -14.57
C GLU O 90 -14.55 66.28 -14.18
N TYR O 91 -15.16 65.68 -13.17
CA TYR O 91 -14.91 64.29 -12.79
C TYR O 91 -15.86 63.39 -13.57
N SER O 92 -15.36 62.23 -13.98
CA SER O 92 -16.18 61.30 -14.76
C SER O 92 -17.41 60.88 -13.96
N PHE O 93 -18.46 60.49 -14.68
CA PHE O 93 -19.65 59.93 -14.04
C PHE O 93 -20.42 59.09 -15.05
N VAL O 94 -21.22 58.16 -14.53
CA VAL O 94 -22.00 57.26 -15.38
C VAL O 94 -23.25 56.85 -14.62
N ARG O 95 -24.36 56.72 -15.35
CA ARG O 95 -25.64 56.30 -14.79
C ARG O 95 -26.22 55.18 -15.63
N LEU O 96 -26.94 54.25 -14.97
CA LEU O 96 -27.57 53.13 -15.63
C LEU O 96 -29.04 53.05 -15.23
N LYS O 97 -29.92 52.94 -16.21
CA LYS O 97 -31.34 52.77 -15.94
C LYS O 97 -31.78 51.40 -16.45
N PRO O 98 -32.01 50.43 -15.57
CA PRO O 98 -32.41 49.09 -16.05
C PRO O 98 -33.69 49.15 -16.88
N LEU O 99 -33.71 48.37 -17.96
CA LEU O 99 -34.86 48.29 -18.85
C LEU O 99 -35.31 46.85 -18.96
N PHE O 100 -36.61 46.66 -19.03
CA PHE O 100 -37.21 45.34 -19.06
C PHE O 100 -38.46 45.38 -19.93
N LYS O 101 -38.72 44.29 -20.65
CA LYS O 101 -39.88 44.26 -21.53
C LYS O 101 -41.18 44.34 -20.75
N THR O 102 -41.21 43.81 -19.53
CA THR O 102 -42.42 43.80 -18.71
C THR O 102 -42.71 45.14 -18.07
N GLY O 103 -41.78 46.09 -18.10
CA GLY O 103 -42.00 47.39 -17.50
C GLY O 103 -40.71 48.06 -17.10
N ASP O 104 -40.37 49.14 -17.80
CA ASP O 104 -39.08 49.78 -17.59
C ASP O 104 -38.98 50.38 -16.19
N SER O 105 -37.78 50.31 -15.62
CA SER O 105 -37.51 50.86 -14.31
C SER O 105 -37.14 52.33 -14.42
N THR O 106 -37.18 53.00 -13.26
CA THR O 106 -36.83 54.41 -13.19
C THR O 106 -35.58 54.66 -12.35
N GLU O 107 -34.92 53.60 -11.88
CA GLU O 107 -33.71 53.79 -11.09
C GLU O 107 -32.58 54.32 -11.97
N GLU O 108 -31.82 55.26 -11.43
CA GLU O 108 -30.66 55.84 -12.12
C GLU O 108 -29.42 55.58 -11.27
N PHE O 109 -29.02 54.30 -11.18
CA PHE O 109 -27.80 53.94 -10.47
C PHE O 109 -26.62 54.74 -11.03
N GLU O 110 -25.94 55.47 -10.16
CA GLU O 110 -24.87 56.37 -10.57
C GLU O 110 -23.64 56.15 -9.72
N GLY O 111 -22.48 56.33 -10.34
CA GLY O 111 -21.21 56.26 -9.65
C GLY O 111 -20.22 57.22 -10.28
N ARG O 112 -19.53 58.00 -9.44
CA ARG O 112 -18.66 59.06 -9.92
C ARG O 112 -17.22 58.79 -9.54
N ALA O 113 -16.31 59.36 -10.33
CA ALA O 113 -14.88 59.20 -10.11
C ALA O 113 -14.39 60.25 -9.12
N SER O 114 -13.55 59.81 -8.18
CA SER O 114 -12.94 60.74 -7.22
C SER O 114 -11.68 61.39 -7.78
N ASN O 115 -11.05 60.79 -8.78
CA ASN O 115 -9.91 61.36 -9.48
C ASN O 115 -10.30 61.58 -10.93
N ILE O 116 -10.08 62.80 -11.43
CA ILE O 116 -10.47 63.12 -12.79
C ILE O 116 -9.85 62.14 -13.77
N ASN O 117 -8.59 61.77 -13.53
CA ASN O 117 -7.88 60.84 -14.41
C ASN O 117 -8.41 59.42 -14.33
N THR O 118 -9.29 59.14 -13.37
CA THR O 118 -9.79 57.80 -13.14
C THR O 118 -11.15 57.61 -13.81
N ARG O 119 -11.43 56.36 -14.18
CA ARG O 119 -12.74 56.02 -14.70
C ARG O 119 -13.80 56.23 -13.61
N ALA O 120 -15.06 56.26 -14.05
CA ALA O 120 -16.22 56.21 -13.17
C ALA O 120 -16.93 54.90 -13.45
N SER O 121 -17.48 54.28 -12.40
CA SER O 121 -18.04 52.94 -12.54
C SER O 121 -19.30 52.79 -11.71
N VAL O 122 -20.17 51.90 -12.18
CA VAL O 122 -21.38 51.53 -11.44
C VAL O 122 -21.98 50.32 -12.13
N GLY O 123 -22.83 49.59 -11.42
CA GLY O 123 -23.48 48.43 -11.98
C GLY O 123 -24.66 48.02 -11.14
N TYR O 124 -25.56 47.24 -11.76
CA TYR O 124 -26.78 46.80 -11.09
C TYR O 124 -27.03 45.31 -11.34
N ARG O 125 -27.47 44.61 -10.30
CA ARG O 125 -27.83 43.20 -10.39
C ARG O 125 -29.32 43.09 -10.67
N ILE O 126 -29.70 42.08 -11.44
CA ILE O 126 -31.08 41.79 -11.76
C ILE O 126 -31.56 40.66 -10.84
N PRO O 127 -32.65 40.82 -10.12
CA PRO O 127 -33.10 39.76 -9.22
C PRO O 127 -33.62 38.55 -9.99
N THR O 128 -33.65 37.42 -9.30
CA THR O 128 -34.05 36.17 -9.96
C THR O 128 -35.40 36.30 -10.64
N ASN O 129 -36.33 37.06 -10.03
CA ASN O 129 -37.69 37.15 -10.56
C ASN O 129 -37.78 38.01 -11.82
N LEU O 130 -36.67 38.55 -12.31
CA LEU O 130 -36.67 39.30 -13.56
C LEU O 130 -35.64 38.78 -14.56
N ARG O 131 -35.08 37.59 -14.31
CA ARG O 131 -34.06 37.02 -15.19
C ARG O 131 -34.75 36.18 -16.27
N GLN O 132 -35.48 36.88 -17.14
CA GLN O 132 -36.05 36.29 -18.33
C GLN O 132 -35.12 36.51 -19.52
N ASN O 133 -35.34 35.73 -20.58
CA ASN O 133 -34.51 35.86 -21.77
C ASN O 133 -34.76 37.20 -22.45
N THR O 134 -33.82 37.57 -23.34
CA THR O 134 -33.96 38.74 -24.17
C THR O 134 -33.37 38.40 -25.53
N VAL O 135 -33.93 39.02 -26.57
CA VAL O 135 -33.46 38.84 -27.93
C VAL O 135 -32.79 40.13 -28.39
N ALA O 136 -32.13 40.07 -29.55
CA ALA O 136 -31.33 41.19 -30.01
C ALA O 136 -32.12 42.48 -30.06
N ALA O 137 -33.41 42.39 -30.44
CA ALA O 137 -34.23 43.59 -30.55
C ALA O 137 -34.34 44.29 -29.20
N ASP O 138 -34.42 43.53 -28.11
CA ASP O 138 -34.61 44.11 -26.80
C ASP O 138 -33.45 45.06 -26.47
N ASN O 139 -33.60 45.76 -25.35
CA ASN O 139 -32.60 46.68 -24.85
C ASN O 139 -32.40 46.40 -23.36
N VAL O 140 -31.16 46.52 -22.92
CA VAL O 140 -30.82 46.14 -21.55
C VAL O 140 -31.14 47.28 -20.59
N CYS O 141 -30.59 48.48 -20.87
CA CYS O 141 -30.68 49.59 -19.93
C CYS O 141 -30.08 50.83 -20.57
N GLU O 142 -30.58 51.99 -20.16
CA GLU O 142 -30.06 53.27 -20.66
C GLU O 142 -28.76 53.65 -19.97
N VAL O 143 -27.89 54.33 -20.70
CA VAL O 143 -26.57 54.74 -20.20
C VAL O 143 -26.39 56.23 -20.42
N ARG O 144 -25.98 56.94 -19.37
CA ARG O 144 -25.65 58.36 -19.43
C ARG O 144 -24.27 58.59 -18.82
N SER O 145 -23.60 59.67 -19.26
CA SER O 145 -22.27 60.00 -18.74
C SER O 145 -21.76 61.24 -19.46
N ASN O 146 -20.85 61.96 -18.78
CA ASN O 146 -20.17 63.10 -19.38
C ASN O 146 -19.05 62.68 -20.33
N CYS O 147 -18.74 61.40 -20.44
CA CYS O 147 -17.74 60.88 -21.34
C CYS O 147 -18.41 60.37 -22.62
N ARG O 148 -17.68 60.45 -23.72
CA ARG O 148 -18.25 60.19 -25.04
C ARG O 148 -18.22 58.71 -25.44
N GLN O 149 -17.80 57.82 -24.54
CA GLN O 149 -17.77 56.39 -24.80
C GLN O 149 -17.67 55.68 -23.46
N VAL O 150 -18.44 54.59 -23.32
CA VAL O 150 -18.52 53.86 -22.06
C VAL O 150 -18.24 52.40 -22.33
N ALA O 151 -17.61 51.73 -21.35
CA ALA O 151 -17.26 50.32 -21.44
C ALA O 151 -18.15 49.53 -20.49
N LEU O 152 -18.67 48.41 -20.99
CA LEU O 152 -19.59 47.58 -20.23
C LEU O 152 -19.05 46.16 -20.06
N VAL O 153 -19.54 45.50 -19.02
CA VAL O 153 -19.24 44.10 -18.74
C VAL O 153 -20.54 43.48 -18.23
N ILE O 154 -21.13 42.60 -19.03
CA ILE O 154 -22.47 42.08 -18.77
C ILE O 154 -22.34 40.59 -18.47
N SER O 155 -22.42 40.23 -17.20
CA SER O 155 -22.48 38.82 -16.80
C SER O 155 -23.83 38.26 -17.22
N CYS O 156 -23.82 37.34 -18.19
CA CYS O 156 -25.05 36.88 -18.82
C CYS O 156 -24.93 35.40 -19.16
N CYS O 157 -26.09 34.77 -19.36
CA CYS O 157 -26.17 33.35 -19.64
C CYS O 157 -26.75 33.18 -21.04
N PHE O 158 -25.90 32.87 -22.01
CA PHE O 158 -26.34 32.63 -23.37
C PHE O 158 -27.04 31.28 -23.46
N ASN O 159 -28.19 31.23 -24.11
CA ASN O 159 -28.90 29.99 -24.36
C ASN O 159 -29.68 30.08 -25.67
N GLY P 14 34.30 -16.66 28.77
CA GLY P 14 33.48 -16.56 29.96
C GLY P 14 32.56 -17.75 30.17
N ASP P 15 32.76 -18.46 31.27
CA ASP P 15 31.94 -19.61 31.66
C ASP P 15 32.27 -20.84 30.84
N ASN P 16 32.90 -20.64 29.67
CA ASN P 16 33.26 -21.74 28.77
C ASN P 16 34.69 -21.50 28.28
N SER P 17 35.64 -22.25 28.80
CA SER P 17 37.04 -22.18 28.39
C SER P 17 37.46 -23.54 27.85
N ASN P 18 38.08 -23.55 26.67
CA ASN P 18 38.50 -24.79 26.03
C ASN P 18 39.87 -25.26 26.48
N VAL P 19 40.33 -24.84 27.67
CA VAL P 19 41.65 -25.19 28.18
C VAL P 19 41.55 -25.38 29.69
N VAL P 20 42.62 -25.94 30.25
CA VAL P 20 42.66 -26.19 31.68
C VAL P 20 42.64 -24.86 32.44
N THR P 21 42.07 -24.89 33.63
CA THR P 21 41.97 -23.73 34.50
C THR P 21 42.42 -24.13 35.90
N MET P 22 42.71 -23.13 36.74
CA MET P 22 43.20 -23.38 38.08
CA MET P 22 43.20 -23.37 38.08
C MET P 22 42.04 -23.33 39.08
N ILE P 23 42.09 -24.26 40.04
CA ILE P 23 41.17 -24.30 41.17
C ILE P 23 41.95 -23.83 42.39
N ARG P 24 41.38 -22.88 43.14
CA ARG P 24 42.06 -22.32 44.30
C ARG P 24 41.70 -23.10 45.58
N ALA P 25 41.98 -24.40 45.52
CA ALA P 25 41.59 -25.29 46.60
C ALA P 25 42.21 -24.86 47.92
N GLY P 26 41.64 -25.37 49.00
CA GLY P 26 42.09 -25.01 50.32
C GLY P 26 42.33 -26.21 51.22
N SER P 27 41.68 -26.24 52.37
CA SER P 27 41.87 -27.32 53.33
C SER P 27 41.41 -28.65 52.74
N TYR P 28 41.94 -29.73 53.30
CA TYR P 28 41.55 -31.06 52.84
C TYR P 28 40.15 -31.36 53.35
N PRO P 29 39.21 -31.74 52.48
CA PRO P 29 37.81 -31.88 52.88
C PRO P 29 37.54 -33.25 53.52
N LYS P 30 36.28 -33.47 53.85
CA LYS P 30 35.81 -34.79 54.25
C LYS P 30 35.60 -35.64 53.01
N VAL P 31 36.06 -36.89 53.05
CA VAL P 31 36.01 -37.77 51.90
C VAL P 31 35.44 -39.13 52.32
N ASN P 32 35.26 -40.00 51.32
CA ASN P 32 34.74 -41.35 51.51
C ASN P 32 35.06 -42.20 50.28
N PRO P 33 36.02 -43.14 50.39
CA PRO P 33 36.33 -43.96 49.21
C PRO P 33 35.25 -44.96 48.86
N THR P 34 34.36 -45.28 49.80
CA THR P 34 33.40 -46.36 49.65
C THR P 34 32.00 -45.82 49.89
N PRO P 35 31.49 -44.98 49.00
CA PRO P 35 30.21 -44.32 49.28
C PRO P 35 29.00 -45.24 49.16
N THR P 36 27.83 -44.67 49.45
CA THR P 36 26.56 -45.34 49.26
C THR P 36 26.08 -45.15 47.83
N TRP P 37 25.14 -45.98 47.42
CA TRP P 37 24.72 -46.02 46.03
C TRP P 37 23.26 -46.48 45.96
N VAL P 38 22.41 -45.61 45.46
CA VAL P 38 21.02 -45.95 45.18
C VAL P 38 20.95 -46.49 43.76
N ARG P 39 20.14 -47.53 43.55
CA ARG P 39 20.17 -48.24 42.29
C ARG P 39 18.78 -48.82 42.00
N ALA P 40 18.68 -49.48 40.85
CA ALA P 40 17.52 -50.29 40.46
C ALA P 40 18.10 -51.53 39.79
N ILE P 41 18.07 -52.66 40.48
CA ILE P 41 18.83 -53.84 40.07
C ILE P 41 17.91 -54.76 39.28
N PRO P 42 18.20 -55.04 38.02
CA PRO P 42 17.38 -56.00 37.26
C PRO P 42 17.99 -57.39 37.25
N PHE P 43 17.20 -58.40 37.62
CA PHE P 43 17.67 -59.78 37.60
C PHE P 43 16.46 -60.68 37.57
N GLU P 44 16.66 -61.87 37.00
CA GLU P 44 15.60 -62.84 36.85
C GLU P 44 15.75 -63.93 37.90
N VAL P 45 14.63 -64.61 38.18
CA VAL P 45 14.60 -65.72 39.12
C VAL P 45 13.75 -66.82 38.49
N SER P 46 13.99 -68.04 38.93
CA SER P 46 13.31 -69.22 38.40
C SER P 46 12.14 -69.57 39.32
N VAL P 47 10.96 -69.75 38.73
CA VAL P 47 9.75 -70.06 39.47
C VAL P 47 9.12 -71.31 38.88
N GLN P 48 8.34 -72.01 39.69
CA GLN P 48 7.77 -73.28 39.33
C GLN P 48 6.27 -73.26 39.57
N SER P 49 5.59 -74.22 38.94
CA SER P 49 4.13 -74.23 38.92
C SER P 49 3.58 -74.55 40.29
N GLY P 50 2.88 -73.59 40.89
CA GLY P 50 2.27 -73.78 42.18
C GLY P 50 3.27 -73.88 43.31
N ILE P 51 4.21 -72.94 43.35
CA ILE P 51 5.28 -72.93 44.33
C ILE P 51 5.77 -71.50 44.52
N ALA P 52 6.26 -71.23 45.71
CA ALA P 52 6.80 -69.91 46.06
C ALA P 52 8.32 -70.00 46.17
N PHE P 53 9.01 -69.09 45.50
CA PHE P 53 10.47 -69.02 45.55
C PHE P 53 10.90 -67.87 46.46
N LYS P 54 11.75 -68.19 47.44
CA LYS P 54 12.30 -67.17 48.33
C LYS P 54 13.44 -66.45 47.61
N VAL P 55 13.24 -65.15 47.34
CA VAL P 55 14.26 -64.32 46.70
C VAL P 55 15.37 -64.04 47.69
N PRO P 56 16.60 -64.52 47.46
CA PRO P 56 17.69 -64.24 48.40
C PRO P 56 18.31 -62.86 48.13
N VAL P 57 18.34 -62.03 49.18
CA VAL P 57 18.96 -60.71 49.07
C VAL P 57 20.33 -60.82 48.42
N GLY P 58 21.05 -61.90 48.71
CA GLY P 58 22.38 -62.12 48.19
C GLY P 58 22.48 -61.95 46.68
N SER P 59 21.35 -62.08 45.99
CA SER P 59 21.36 -61.86 44.55
C SER P 59 21.68 -60.41 44.21
N LEU P 60 21.55 -59.50 45.17
CA LEU P 60 21.83 -58.09 44.92
C LEU P 60 23.29 -57.72 45.14
N PHE P 61 24.13 -58.66 45.56
CA PHE P 61 25.57 -58.45 45.71
C PHE P 61 26.26 -59.27 44.62
N SER P 62 26.85 -58.58 43.64
CA SER P 62 27.46 -59.25 42.50
C SER P 62 28.20 -58.21 41.64
N ALA P 63 29.37 -58.62 41.12
CA ALA P 63 30.11 -57.74 40.23
C ALA P 63 29.36 -57.52 38.92
N ASN P 64 28.39 -58.37 38.59
CA ASN P 64 27.54 -58.13 37.43
C ASN P 64 26.66 -56.89 37.60
N PHE P 65 26.60 -56.34 38.80
CA PHE P 65 25.91 -55.09 39.07
C PHE P 65 26.83 -54.03 39.66
N ARG P 66 28.10 -54.37 39.88
CA ARG P 66 29.10 -53.51 40.49
C ARG P 66 28.91 -53.35 42.00
N THR P 67 28.25 -54.29 42.66
CA THR P 67 27.95 -54.16 44.08
C THR P 67 28.66 -55.20 44.93
N ASP P 68 29.51 -56.04 44.35
CA ASP P 68 30.14 -57.13 45.10
C ASP P 68 31.01 -56.64 46.26
N SER P 69 31.14 -55.32 46.40
CA SER P 69 31.87 -54.74 47.53
C SER P 69 30.97 -54.45 48.71
N PHE P 70 29.66 -54.46 48.52
CA PHE P 70 28.71 -54.19 49.59
C PHE P 70 28.36 -55.47 50.35
N THR P 71 27.95 -55.28 51.60
CA THR P 71 27.51 -56.40 52.45
C THR P 71 26.12 -56.17 53.04
N SER P 72 25.51 -55.02 52.77
CA SER P 72 24.20 -54.67 53.29
C SER P 72 23.45 -53.92 52.21
N VAL P 73 22.18 -53.64 52.45
CA VAL P 73 21.37 -52.91 51.49
C VAL P 73 20.00 -52.63 52.07
N THR P 74 19.44 -51.46 51.75
CA THR P 74 18.13 -51.05 52.22
C THR P 74 17.18 -51.14 51.04
N VAL P 75 16.37 -52.19 50.99
CA VAL P 75 15.39 -52.33 49.92
C VAL P 75 14.26 -51.33 50.14
N MET P 76 13.85 -50.67 49.06
CA MET P 76 12.77 -49.69 49.10
C MET P 76 11.52 -50.15 48.37
N SER P 77 11.66 -50.76 47.19
CA SER P 77 10.49 -51.16 46.43
C SER P 77 10.86 -52.31 45.51
N VAL P 78 9.87 -53.15 45.22
CA VAL P 78 10.02 -54.31 44.38
C VAL P 78 8.97 -54.26 43.29
N ARG P 79 9.36 -54.63 42.08
CA ARG P 79 8.47 -54.73 40.93
C ARG P 79 8.85 -56.00 40.18
N ALA P 80 7.84 -56.75 39.74
CA ALA P 80 8.08 -58.06 39.14
C ALA P 80 7.27 -58.27 37.86
N TRP P 81 7.95 -58.78 36.85
CA TRP P 81 7.37 -59.14 35.56
C TRP P 81 7.67 -60.60 35.23
N THR P 82 6.67 -61.31 34.72
CA THR P 82 6.94 -62.65 34.20
C THR P 82 7.94 -62.56 33.05
N GLN P 83 8.85 -63.53 32.96
CA GLN P 83 9.91 -63.51 31.96
C GLN P 83 9.73 -64.52 30.84
N LEU P 84 8.88 -65.53 31.02
CA LEU P 84 8.62 -66.52 29.98
C LEU P 84 7.12 -66.66 29.76
N THR P 85 6.77 -67.36 28.67
CA THR P 85 5.37 -67.54 28.34
C THR P 85 4.67 -68.35 29.42
N PRO P 86 3.35 -68.25 29.49
CA PRO P 86 2.59 -69.06 30.46
C PRO P 86 2.23 -70.41 29.87
N PRO P 87 1.73 -71.33 30.70
CA PRO P 87 1.27 -72.62 30.16
C PRO P 87 0.20 -72.43 29.11
N VAL P 88 -0.02 -73.49 28.33
CA VAL P 88 -0.95 -73.41 27.21
C VAL P 88 -2.35 -73.10 27.73
N ASN P 89 -2.98 -72.08 27.14
CA ASN P 89 -4.36 -71.65 27.36
C ASN P 89 -4.51 -70.73 28.57
N GLU P 90 -3.45 -70.48 29.33
CA GLU P 90 -3.54 -69.61 30.50
C GLU P 90 -3.07 -68.20 30.16
N TYR P 91 -3.32 -67.27 31.09
CA TYR P 91 -2.76 -65.93 31.06
C TYR P 91 -1.68 -65.84 32.15
N SER P 92 -0.61 -65.13 31.85
CA SER P 92 0.48 -64.97 32.81
C SER P 92 -0.05 -64.39 34.11
N PHE P 93 0.67 -64.59 35.23
CA PHE P 93 0.37 -63.94 36.48
C PHE P 93 1.62 -63.97 37.34
N VAL P 94 1.63 -63.19 38.42
CA VAL P 94 2.77 -63.15 39.32
C VAL P 94 2.30 -62.59 40.66
N ARG P 95 2.75 -63.24 41.73
CA ARG P 95 2.39 -62.85 43.10
C ARG P 95 3.65 -62.46 43.86
N LEU P 96 3.46 -61.62 44.88
CA LEU P 96 4.57 -61.16 45.72
C LEU P 96 4.11 -61.11 47.16
N LYS P 97 4.90 -61.70 48.06
CA LYS P 97 4.62 -61.65 49.50
C LYS P 97 5.82 -61.05 50.20
N PRO P 98 5.77 -59.78 50.61
CA PRO P 98 6.93 -59.17 51.27
C PRO P 98 7.36 -59.96 52.50
N LEU P 99 8.68 -60.09 52.66
CA LEU P 99 9.25 -60.80 53.80
C LEU P 99 10.10 -59.81 54.60
N PHE P 100 10.08 -59.97 55.92
CA PHE P 100 10.83 -59.10 56.81
C PHE P 100 11.32 -59.90 58.01
N LYS P 101 12.57 -59.66 58.41
CA LYS P 101 13.15 -60.41 59.51
C LYS P 101 12.32 -60.25 60.78
N THR P 102 11.76 -59.06 61.00
CA THR P 102 10.97 -58.80 62.20
C THR P 102 9.56 -59.38 62.12
N GLY P 103 9.25 -60.13 61.08
CA GLY P 103 7.93 -60.71 60.94
C GLY P 103 7.46 -60.75 59.51
N ASP P 104 7.34 -61.96 58.97
CA ASP P 104 6.98 -62.10 57.56
C ASP P 104 5.53 -61.66 57.33
N SER P 105 5.28 -61.16 56.13
CA SER P 105 3.95 -60.72 55.73
C SER P 105 3.15 -61.87 55.12
N THR P 106 1.84 -61.68 55.12
CA THR P 106 0.91 -62.64 54.51
C THR P 106 0.17 -62.04 53.32
N GLU P 107 0.62 -60.89 52.83
CA GLU P 107 0.03 -60.30 51.64
C GLU P 107 0.47 -61.07 50.40
N GLU P 108 -0.40 -61.06 49.39
CA GLU P 108 -0.13 -61.72 48.11
C GLU P 108 -0.40 -60.74 46.96
N PHE P 109 0.37 -59.66 46.92
CA PHE P 109 0.28 -58.70 45.83
C PHE P 109 0.35 -59.45 44.50
N GLU P 110 -0.78 -59.59 43.82
CA GLU P 110 -0.87 -60.31 42.56
C GLU P 110 -1.12 -59.34 41.40
N GLY P 111 -0.60 -59.71 40.24
CA GLY P 111 -0.86 -58.94 39.04
C GLY P 111 -0.95 -59.87 37.84
N ARG P 112 -2.07 -59.83 37.13
CA ARG P 112 -2.29 -60.68 35.98
C ARG P 112 -2.11 -59.91 34.67
N ALA P 113 -1.90 -60.65 33.59
CA ALA P 113 -1.86 -60.10 32.25
C ALA P 113 -3.22 -60.28 31.60
N SER P 114 -3.54 -59.39 30.67
CA SER P 114 -4.77 -59.49 29.91
C SER P 114 -4.54 -59.96 28.47
N ASN P 115 -3.29 -60.27 28.11
CA ASN P 115 -2.97 -60.82 26.80
C ASN P 115 -1.91 -61.90 27.00
N ILE P 116 -2.20 -63.12 26.53
CA ILE P 116 -1.30 -64.24 26.81
C ILE P 116 0.11 -63.95 26.32
N ASN P 117 0.22 -63.22 25.21
CA ASN P 117 1.53 -62.85 24.68
C ASN P 117 2.21 -61.75 25.47
N THR P 118 1.56 -61.22 26.53
CA THR P 118 2.07 -60.08 27.25
C THR P 118 2.45 -60.48 28.68
N ARG P 119 3.38 -59.72 29.24
CA ARG P 119 3.85 -59.98 30.59
C ARG P 119 2.82 -59.58 31.64
N ALA P 120 2.86 -60.27 32.77
CA ALA P 120 2.08 -59.92 33.96
C ALA P 120 2.99 -59.24 34.96
N SER P 121 2.58 -58.07 35.45
CA SER P 121 3.44 -57.22 36.26
C SER P 121 2.75 -56.88 37.58
N VAL P 122 3.56 -56.58 38.59
CA VAL P 122 3.05 -56.15 39.88
C VAL P 122 4.23 -55.73 40.76
N GLY P 123 3.95 -55.04 41.85
CA GLY P 123 5.02 -54.60 42.73
C GLY P 123 4.46 -54.04 44.02
N TYR P 124 5.35 -53.86 44.99
CA TYR P 124 5.01 -53.33 46.31
C TYR P 124 6.09 -52.38 46.80
N ARG P 125 5.66 -51.36 47.55
CA ARG P 125 6.55 -50.39 48.20
C ARG P 125 6.65 -50.72 49.68
N ILE P 126 7.85 -50.58 50.22
CA ILE P 126 8.11 -50.80 51.64
C ILE P 126 8.01 -49.46 52.37
N PRO P 127 7.20 -49.34 53.42
CA PRO P 127 7.09 -48.07 54.12
C PRO P 127 8.42 -47.75 54.80
N THR P 128 8.53 -46.49 55.25
CA THR P 128 9.78 -46.05 55.85
C THR P 128 10.10 -46.83 57.13
N ASN P 129 9.07 -47.15 57.92
CA ASN P 129 9.33 -47.81 59.20
C ASN P 129 9.74 -49.27 59.07
N LEU P 130 9.86 -49.79 57.85
CA LEU P 130 10.35 -51.13 57.62
C LEU P 130 11.57 -51.16 56.70
N ARG P 131 12.17 -50.01 56.43
CA ARG P 131 13.36 -49.93 55.57
C ARG P 131 14.61 -50.03 56.44
N GLN P 132 14.97 -51.26 56.77
CA GLN P 132 16.22 -51.57 57.45
C GLN P 132 17.14 -52.30 56.47
N ASN P 133 18.36 -52.51 56.91
CA ASN P 133 19.33 -53.22 56.08
C ASN P 133 19.06 -54.72 56.07
N THR P 134 19.33 -55.35 54.93
CA THR P 134 19.21 -56.78 54.76
C THR P 134 20.53 -57.28 54.19
N VAL P 135 21.04 -58.38 54.74
CA VAL P 135 22.27 -58.96 54.26
C VAL P 135 21.92 -60.08 53.29
N ALA P 136 22.95 -60.58 52.59
CA ALA P 136 22.74 -61.56 51.53
C ALA P 136 21.95 -62.77 52.02
N ALA P 137 22.20 -63.19 53.27
CA ALA P 137 21.56 -64.41 53.76
C ALA P 137 20.04 -64.25 53.83
N ASP P 138 19.55 -63.04 54.09
CA ASP P 138 18.13 -62.82 54.29
C ASP P 138 17.37 -62.94 52.97
N ASN P 139 16.06 -62.66 53.03
CA ASN P 139 15.19 -62.80 51.88
C ASN P 139 14.29 -61.57 51.76
N VAL P 140 13.86 -61.30 50.53
CA VAL P 140 13.08 -60.12 50.22
C VAL P 140 11.58 -60.39 50.21
N CYS P 141 11.18 -61.52 49.61
CA CYS P 141 9.78 -61.80 49.33
C CYS P 141 9.68 -63.17 48.68
N GLU P 142 8.47 -63.73 48.71
CA GLU P 142 8.17 -64.97 48.01
C GLU P 142 7.50 -64.65 46.68
N VAL P 143 7.86 -65.42 45.65
CA VAL P 143 7.37 -65.18 44.29
C VAL P 143 6.66 -66.45 43.82
N ARG P 144 5.40 -66.30 43.41
CA ARG P 144 4.64 -67.37 42.79
C ARG P 144 4.23 -66.95 41.39
N SER P 145 4.14 -67.91 40.48
CA SER P 145 3.72 -67.63 39.11
C SER P 145 3.61 -68.88 38.26
N ASN P 146 2.72 -68.86 37.26
CA ASN P 146 2.63 -69.97 36.32
C ASN P 146 3.79 -69.98 35.34
N CYS P 147 4.45 -68.85 35.14
CA CYS P 147 5.63 -68.80 34.27
C CYS P 147 6.83 -69.38 35.00
N ARG P 148 7.75 -69.98 34.23
CA ARG P 148 8.91 -70.64 34.80
C ARG P 148 9.99 -69.66 35.24
N GLN P 149 9.93 -68.40 34.82
CA GLN P 149 10.95 -67.43 35.16
C GLN P 149 10.31 -66.07 35.32
N VAL P 150 10.76 -65.32 36.33
CA VAL P 150 10.22 -63.99 36.64
C VAL P 150 11.37 -63.02 36.76
N ALA P 151 11.38 -62.01 35.89
CA ALA P 151 12.37 -60.93 35.97
C ALA P 151 12.02 -59.99 37.13
N LEU P 152 13.05 -59.44 37.74
CA LEU P 152 12.84 -58.53 38.86
C LEU P 152 13.56 -57.21 38.62
N VAL P 153 13.08 -56.18 39.32
CA VAL P 153 13.69 -54.86 39.34
C VAL P 153 13.46 -54.29 40.73
N ILE P 154 14.50 -54.26 41.55
CA ILE P 154 14.38 -53.85 42.95
C ILE P 154 15.09 -52.52 43.11
N SER P 155 14.35 -51.52 43.57
CA SER P 155 14.90 -50.20 43.87
C SER P 155 15.44 -50.23 45.29
N CYS P 156 16.77 -50.16 45.44
CA CYS P 156 17.37 -50.30 46.74
C CYS P 156 18.50 -49.30 46.91
N CYS P 157 19.02 -49.27 48.15
CA CYS P 157 20.08 -48.35 48.54
C CYS P 157 21.19 -49.18 49.16
N PHE P 158 22.33 -49.27 48.47
CA PHE P 158 23.45 -50.05 48.97
C PHE P 158 24.27 -49.23 49.96
N ASN P 159 24.72 -49.88 51.03
CA ASN P 159 25.60 -49.22 51.99
C ASN P 159 26.37 -50.23 52.86
N SER Q 12 15.04 -13.19 -0.28
CA SER Q 12 13.94 -12.30 -0.61
C SER Q 12 13.18 -12.74 -1.87
N THR Q 13 12.27 -11.87 -2.32
CA THR Q 13 11.43 -12.11 -3.50
C THR Q 13 10.62 -13.40 -3.36
N GLY Q 14 10.06 -13.62 -2.17
CA GLY Q 14 9.19 -14.75 -1.93
C GLY Q 14 7.76 -14.58 -2.38
N ASP Q 15 7.46 -13.50 -3.11
CA ASP Q 15 6.11 -13.32 -3.64
C ASP Q 15 5.77 -14.41 -4.63
N ASN Q 16 4.50 -14.78 -4.66
CA ASN Q 16 4.04 -15.80 -5.60
C ASN Q 16 4.12 -15.28 -7.03
N SER Q 17 4.69 -16.10 -7.92
CA SER Q 17 4.86 -15.71 -9.31
C SER Q 17 4.70 -16.95 -10.18
N ASN Q 18 4.72 -16.74 -11.50
CA ASN Q 18 4.62 -17.86 -12.44
C ASN Q 18 5.64 -17.80 -13.57
N VAL Q 19 6.70 -16.99 -13.44
CA VAL Q 19 7.70 -16.88 -14.49
C VAL Q 19 9.07 -16.65 -13.88
N VAL Q 20 10.09 -17.01 -14.66
CA VAL Q 20 11.46 -16.85 -14.22
C VAL Q 20 11.74 -15.38 -13.96
N THR Q 21 12.46 -15.11 -12.87
CA THR Q 21 12.81 -13.75 -12.49
C THR Q 21 14.32 -13.63 -12.36
N MET Q 22 14.81 -12.39 -12.37
CA MET Q 22 16.24 -12.13 -12.36
CA MET Q 22 16.23 -12.12 -12.36
C MET Q 22 16.75 -12.06 -10.92
N ILE Q 23 17.97 -12.58 -10.74
CA ILE Q 23 18.64 -12.61 -9.44
C ILE Q 23 19.84 -11.68 -9.54
N ARG Q 24 19.79 -10.57 -8.80
CA ARG Q 24 20.84 -9.54 -8.88
C ARG Q 24 21.99 -9.95 -7.96
N ALA Q 25 22.77 -10.91 -8.44
CA ALA Q 25 23.91 -11.43 -7.70
C ALA Q 25 25.08 -10.46 -7.77
N GLY Q 26 26.11 -10.76 -6.98
CA GLY Q 26 27.29 -9.92 -6.93
C GLY Q 26 28.58 -10.71 -6.93
N SER Q 27 29.40 -10.55 -5.90
CA SER Q 27 30.66 -11.27 -5.82
CA SER Q 27 30.66 -11.27 -5.81
C SER Q 27 30.43 -12.77 -5.65
N TYR Q 28 31.38 -13.56 -6.14
CA TYR Q 28 31.29 -15.01 -6.02
C TYR Q 28 31.31 -15.39 -4.53
N PRO Q 29 30.45 -16.32 -4.11
CA PRO Q 29 30.34 -16.60 -2.67
C PRO Q 29 31.35 -17.62 -2.17
N LYS Q 30 31.29 -17.91 -0.87
CA LYS Q 30 32.06 -19.00 -0.31
C LYS Q 30 31.31 -20.30 -0.58
N VAL Q 31 31.98 -21.26 -1.22
CA VAL Q 31 31.34 -22.49 -1.66
C VAL Q 31 31.96 -23.67 -0.91
N ASN Q 32 31.36 -24.84 -1.11
CA ASN Q 32 31.91 -26.10 -0.65
C ASN Q 32 31.28 -27.23 -1.46
N PRO Q 33 32.05 -27.91 -2.32
CA PRO Q 33 31.45 -28.95 -3.17
C PRO Q 33 31.13 -30.23 -2.43
N THR Q 34 31.86 -30.53 -1.35
CA THR Q 34 31.67 -31.76 -0.56
C THR Q 34 31.26 -31.36 0.85
N PRO Q 35 30.01 -30.95 1.05
CA PRO Q 35 29.60 -30.46 2.38
C PRO Q 35 29.45 -31.58 3.41
N THR Q 36 29.01 -31.21 4.61
CA THR Q 36 28.74 -32.15 5.69
C THR Q 36 27.26 -32.49 5.73
N TRP Q 37 26.95 -33.63 6.34
CA TRP Q 37 25.61 -34.20 6.26
C TRP Q 37 25.28 -34.93 7.55
N VAL Q 38 24.21 -34.48 8.22
CA VAL Q 38 23.66 -35.18 9.37
C VAL Q 38 22.76 -36.29 8.88
N ARG Q 39 22.75 -37.43 9.57
CA ARG Q 39 21.97 -38.55 9.08
C ARG Q 39 21.50 -39.45 10.23
N ALA Q 40 20.48 -40.24 9.91
CA ALA Q 40 20.07 -41.42 10.68
C ALA Q 40 20.14 -42.58 9.71
N ILE Q 41 21.10 -43.48 9.91
CA ILE Q 41 21.40 -44.56 8.98
C ILE Q 41 20.75 -45.83 9.51
N PRO Q 42 19.80 -46.44 8.78
CA PRO Q 42 19.19 -47.68 9.27
C PRO Q 42 19.79 -48.92 8.64
N PHE Q 43 20.55 -49.70 9.40
CA PHE Q 43 21.09 -50.96 8.89
C PHE Q 43 20.94 -52.04 9.95
N GLU Q 44 21.11 -53.28 9.50
CA GLU Q 44 20.89 -54.46 10.32
C GLU Q 44 22.15 -55.31 10.39
N VAL Q 45 22.21 -56.17 11.41
CA VAL Q 45 23.34 -57.04 11.66
C VAL Q 45 22.83 -58.43 11.99
N SER Q 46 23.74 -59.41 11.90
CA SER Q 46 23.45 -60.78 12.28
C SER Q 46 24.17 -61.05 13.60
N VAL Q 47 23.40 -61.47 14.62
CA VAL Q 47 23.93 -61.66 15.96
C VAL Q 47 23.71 -63.11 16.39
N GLN Q 48 24.66 -63.63 17.16
CA GLN Q 48 24.59 -65.00 17.66
C GLN Q 48 24.16 -65.02 19.12
N SER Q 49 23.45 -66.08 19.50
CA SER Q 49 22.98 -66.24 20.86
C SER Q 49 24.15 -66.49 21.80
N GLY Q 50 24.31 -65.60 22.78
CA GLY Q 50 25.38 -65.74 23.75
C GLY Q 50 26.71 -65.17 23.33
N ILE Q 51 26.75 -64.36 22.28
CA ILE Q 51 27.99 -63.76 21.82
C ILE Q 51 27.72 -62.31 21.44
N ALA Q 52 28.67 -61.43 21.77
CA ALA Q 52 28.56 -60.02 21.44
C ALA Q 52 29.16 -59.76 20.07
N PHE Q 53 28.52 -58.87 19.31
CA PHE Q 53 28.96 -58.50 17.98
C PHE Q 53 29.40 -57.04 17.98
N LYS Q 54 30.59 -56.78 17.44
CA LYS Q 54 31.13 -55.43 17.41
C LYS Q 54 30.71 -54.76 16.11
N VAL Q 55 29.92 -53.69 16.24
CA VAL Q 55 29.37 -52.97 15.09
C VAL Q 55 30.46 -52.14 14.43
N PRO Q 56 30.90 -52.45 13.21
CA PRO Q 56 31.95 -51.65 12.58
C PRO Q 56 31.41 -50.34 12.03
N VAL Q 57 32.12 -49.24 12.31
CA VAL Q 57 31.71 -47.95 11.78
C VAL Q 57 31.57 -48.01 10.26
N GLY Q 58 32.38 -48.84 9.60
CA GLY Q 58 32.38 -48.91 8.15
C GLY Q 58 31.03 -49.21 7.54
N SER Q 59 30.09 -49.72 8.33
CA SER Q 59 28.75 -49.97 7.81
C SER Q 59 28.01 -48.69 7.47
N LEU Q 60 28.38 -47.57 8.08
CA LEU Q 60 27.74 -46.30 7.80
C LEU Q 60 28.18 -45.69 6.48
N PHE Q 61 29.35 -46.07 5.97
CA PHE Q 61 29.85 -45.59 4.69
C PHE Q 61 29.38 -46.58 3.61
N SER Q 62 28.43 -46.15 2.78
CA SER Q 62 27.93 -47.02 1.73
C SER Q 62 27.09 -46.22 0.75
N ALA Q 63 27.25 -46.53 -0.53
CA ALA Q 63 26.38 -45.94 -1.55
C ALA Q 63 24.92 -46.25 -1.30
N ASN Q 64 24.63 -47.32 -0.55
CA ASN Q 64 23.26 -47.58 -0.14
C ASN Q 64 22.70 -46.47 0.73
N PHE Q 65 23.58 -45.65 1.32
CA PHE Q 65 23.16 -44.50 2.12
C PHE Q 65 23.62 -43.19 1.50
N ARG Q 66 24.12 -43.21 0.27
CA ARG Q 66 24.72 -42.05 -0.38
C ARG Q 66 25.94 -41.55 0.38
N THR Q 67 26.52 -42.38 1.23
CA THR Q 67 27.60 -41.98 2.10
C THR Q 67 28.93 -42.65 1.76
N ASP Q 68 29.03 -43.31 0.61
CA ASP Q 68 30.30 -43.91 0.22
C ASP Q 68 31.38 -42.87 -0.02
N SER Q 69 31.02 -41.59 -0.10
CA SER Q 69 31.96 -40.51 -0.36
C SER Q 69 32.54 -39.92 0.92
N PHE Q 70 32.13 -40.41 2.09
CA PHE Q 70 32.66 -39.96 3.36
C PHE Q 70 33.70 -40.96 3.87
N THR Q 71 34.59 -40.47 4.73
CA THR Q 71 35.58 -41.30 5.39
C THR Q 71 35.59 -41.16 6.90
N SER Q 72 34.91 -40.16 7.45
CA SER Q 72 34.86 -39.93 8.88
C SER Q 72 33.44 -39.56 9.28
N VAL Q 73 33.09 -39.87 10.53
CA VAL Q 73 31.74 -39.63 11.01
C VAL Q 73 31.78 -39.46 12.52
N THR Q 74 30.93 -38.56 13.01
CA THR Q 74 30.78 -38.31 14.43
C THR Q 74 29.40 -38.83 14.84
N VAL Q 75 29.39 -39.94 15.58
CA VAL Q 75 28.15 -40.58 15.98
C VAL Q 75 27.60 -39.85 17.20
N MET Q 76 26.27 -39.72 17.28
CA MET Q 76 25.61 -38.98 18.34
C MET Q 76 24.72 -39.85 19.21
N SER Q 77 23.90 -40.70 18.61
CA SER Q 77 23.07 -41.64 19.36
C SER Q 77 22.98 -42.93 18.58
N VAL Q 78 22.60 -44.00 19.29
CA VAL Q 78 22.47 -45.33 18.70
C VAL Q 78 21.21 -45.98 19.27
N ARG Q 79 20.30 -46.39 18.40
CA ARG Q 79 19.03 -46.99 18.78
C ARG Q 79 18.91 -48.35 18.12
N ALA Q 80 18.60 -49.38 18.91
CA ALA Q 80 18.57 -50.75 18.42
C ALA Q 80 17.19 -51.38 18.62
N TRP Q 81 16.83 -52.24 17.67
CA TRP Q 81 15.56 -52.96 17.68
C TRP Q 81 15.79 -54.40 17.25
N THR Q 82 15.14 -55.34 17.92
CA THR Q 82 15.21 -56.73 17.50
C THR Q 82 14.52 -56.90 16.16
N GLN Q 83 15.19 -57.57 15.21
CA GLN Q 83 14.70 -57.70 13.84
C GLN Q 83 14.03 -59.04 13.57
N LEU Q 84 14.21 -60.05 14.43
CA LEU Q 84 13.59 -61.35 14.20
C LEU Q 84 13.02 -61.86 15.52
N THR Q 85 12.11 -62.83 15.40
CA THR Q 85 11.43 -63.35 16.58
C THR Q 85 12.45 -63.94 17.54
N PRO Q 86 12.15 -63.92 18.84
CA PRO Q 86 13.06 -64.52 19.83
C PRO Q 86 12.92 -66.04 19.86
N PRO Q 87 13.75 -66.71 20.64
CA PRO Q 87 13.56 -68.16 20.82
C PRO Q 87 12.18 -68.45 21.38
N VAL Q 88 11.75 -69.70 21.22
CA VAL Q 88 10.44 -70.09 21.72
C VAL Q 88 10.40 -69.86 23.23
N ASN Q 89 9.24 -69.38 23.70
CA ASN Q 89 8.92 -69.11 25.10
C ASN Q 89 9.65 -67.89 25.67
N GLU Q 90 10.43 -67.17 24.86
CA GLU Q 90 11.23 -66.05 25.36
C GLU Q 90 10.72 -64.73 24.80
N TYR Q 91 10.91 -63.68 25.60
CA TYR Q 91 10.63 -62.32 25.15
C TYR Q 91 11.87 -61.69 24.54
N SER Q 92 11.69 -60.94 23.47
CA SER Q 92 12.82 -60.32 22.79
C SER Q 92 13.55 -59.38 23.75
N PHE Q 93 14.87 -59.37 23.66
CA PHE Q 93 15.66 -58.41 24.41
C PHE Q 93 16.88 -58.02 23.58
N VAL Q 94 17.46 -56.87 23.93
CA VAL Q 94 18.66 -56.39 23.27
C VAL Q 94 19.44 -55.55 24.26
N ARG Q 95 20.76 -55.66 24.21
CA ARG Q 95 21.66 -54.86 25.02
C ARG Q 95 22.52 -53.98 24.11
N LEU Q 96 23.37 -53.17 24.73
CA LEU Q 96 24.20 -52.24 23.95
C LEU Q 96 25.30 -51.71 24.85
N LYS Q 97 26.54 -52.08 24.53
CA LYS Q 97 27.71 -51.61 25.26
C LYS Q 97 28.45 -50.57 24.43
N PRO Q 98 28.45 -49.30 24.84
CA PRO Q 98 29.17 -48.29 24.05
C PRO Q 98 30.67 -48.56 24.02
N LEU Q 99 31.27 -48.31 22.86
CA LEU Q 99 32.70 -48.46 22.63
C LEU Q 99 33.26 -47.15 22.12
N PHE Q 100 34.46 -46.81 22.58
CA PHE Q 100 35.12 -45.58 22.19
C PHE Q 100 36.63 -45.83 22.12
N LYS Q 101 37.28 -45.23 21.13
CA LYS Q 101 38.70 -45.47 20.93
C LYS Q 101 39.50 -45.11 22.19
N THR Q 102 39.09 -44.05 22.89
CA THR Q 102 39.84 -43.59 24.05
C THR Q 102 39.69 -44.52 25.25
N GLY Q 103 38.67 -45.37 25.27
CA GLY Q 103 38.46 -46.27 26.39
C GLY Q 103 37.07 -46.89 26.44
N ASP Q 104 36.99 -48.16 26.07
CA ASP Q 104 35.70 -48.83 25.99
C ASP Q 104 34.94 -48.75 27.31
N SER Q 105 33.62 -48.66 27.23
CA SER Q 105 32.76 -48.62 28.39
C SER Q 105 32.34 -50.02 28.81
N THR Q 106 31.66 -50.10 29.95
CA THR Q 106 31.13 -51.36 30.46
C THR Q 106 29.63 -51.31 30.71
N GLU Q 107 28.96 -50.23 30.27
CA GLU Q 107 27.52 -50.14 30.42
C GLU Q 107 26.83 -51.14 29.49
N GLU Q 108 25.74 -51.72 29.96
CA GLU Q 108 24.93 -52.65 29.18
C GLU Q 108 23.49 -52.14 29.15
N PHE Q 109 23.26 -51.08 28.38
CA PHE Q 109 21.91 -50.58 28.21
C PHE Q 109 21.06 -51.65 27.56
N GLU Q 110 20.16 -52.24 28.34
CA GLU Q 110 19.36 -53.38 27.94
C GLU Q 110 17.92 -52.95 27.70
N GLY Q 111 17.23 -53.69 26.85
CA GLY Q 111 15.83 -53.43 26.58
C GLY Q 111 15.08 -54.71 26.28
N ARG Q 112 13.92 -54.88 26.89
CA ARG Q 112 13.15 -56.10 26.75
C ARG Q 112 11.74 -55.76 26.29
N ALA Q 113 11.11 -56.74 25.62
CA ALA Q 113 9.77 -56.58 25.08
C ALA Q 113 8.73 -57.09 26.06
N SER Q 114 7.65 -56.33 26.23
CA SER Q 114 6.55 -56.76 27.08
C SER Q 114 5.58 -57.69 26.35
N ASN Q 115 5.71 -57.84 25.04
CA ASN Q 115 4.86 -58.74 24.25
C ASN Q 115 5.77 -59.58 23.37
N ILE Q 116 5.59 -60.90 23.42
CA ILE Q 116 6.52 -61.79 22.74
C ILE Q 116 6.58 -61.48 21.25
N ASN Q 117 5.45 -61.08 20.67
CA ASN Q 117 5.39 -60.77 19.26
C ASN Q 117 5.97 -59.41 18.92
N THR Q 118 6.43 -58.66 19.92
CA THR Q 118 6.85 -57.28 19.75
C THR Q 118 8.36 -57.16 19.87
N ARG Q 119 8.93 -56.26 19.08
CA ARG Q 119 10.36 -56.01 19.14
C ARG Q 119 10.77 -55.50 20.52
N ALA Q 120 12.05 -55.62 20.84
CA ALA Q 120 12.67 -54.98 22.00
C ALA Q 120 13.52 -53.81 21.52
N SER Q 121 13.66 -52.78 22.35
CA SER Q 121 14.29 -51.55 21.89
C SER Q 121 15.04 -50.86 23.01
N VAL Q 122 16.19 -50.29 22.67
CA VAL Q 122 17.01 -49.55 23.61
C VAL Q 122 18.05 -48.77 22.82
N GLY Q 123 18.59 -47.72 23.44
CA GLY Q 123 19.58 -46.89 22.76
C GLY Q 123 20.26 -45.94 23.70
N TYR Q 124 21.44 -45.47 23.29
CA TYR Q 124 22.24 -44.58 24.12
C TYR Q 124 22.65 -43.33 23.35
N ARG Q 125 22.83 -42.25 24.11
CA ARG Q 125 23.30 -40.97 23.59
C ARG Q 125 24.74 -40.76 24.01
N ILE Q 126 25.56 -40.27 23.07
CA ILE Q 126 26.96 -39.95 23.34
C ILE Q 126 27.03 -38.52 23.84
N PRO Q 127 27.77 -38.24 24.91
CA PRO Q 127 27.87 -36.86 25.39
C PRO Q 127 28.74 -36.00 24.48
N THR Q 128 28.57 -34.69 24.62
CA THR Q 128 29.30 -33.76 23.76
C THR Q 128 30.81 -33.99 23.83
N ASN Q 129 31.34 -34.25 25.02
CA ASN Q 129 32.77 -34.41 25.21
C ASN Q 129 33.30 -35.70 24.63
N LEU Q 130 32.44 -36.53 24.05
N LEU Q 130 32.46 -36.54 24.02
CA LEU Q 130 32.84 -37.81 23.46
CA LEU Q 130 32.90 -37.81 23.44
C LEU Q 130 32.32 -37.96 22.04
C LEU Q 130 32.38 -37.96 22.02
N ARG Q 131 32.16 -36.85 21.32
CA ARG Q 131 31.64 -36.87 19.97
C ARG Q 131 32.79 -36.50 19.04
N GLN Q 132 33.68 -37.46 18.85
CA GLN Q 132 34.80 -37.33 17.92
C GLN Q 132 34.52 -38.14 16.67
N ASN Q 133 35.42 -38.01 15.69
CA ASN Q 133 35.28 -38.77 14.46
C ASN Q 133 35.75 -40.20 14.67
N THR Q 134 35.20 -41.09 13.86
CA THR Q 134 35.56 -42.50 13.86
C THR Q 134 35.62 -42.96 12.42
N VAL Q 135 36.63 -43.77 12.10
CA VAL Q 135 36.76 -44.28 10.74
C VAL Q 135 36.14 -45.67 10.68
N ALA Q 136 36.17 -46.28 9.50
CA ALA Q 136 35.45 -47.54 9.30
C ALA Q 136 36.00 -48.64 10.21
N ALA Q 137 37.32 -48.79 10.26
CA ALA Q 137 37.93 -49.93 10.95
C ALA Q 137 37.42 -50.05 12.39
N ASP Q 138 37.61 -49.01 13.20
CA ASP Q 138 37.19 -49.04 14.59
C ASP Q 138 35.66 -49.05 14.67
N ASN Q 139 35.16 -49.54 15.80
CA ASN Q 139 33.76 -49.92 15.96
C ASN Q 139 33.01 -48.93 16.83
N VAL Q 140 31.69 -49.09 16.86
CA VAL Q 140 30.79 -48.17 17.55
C VAL Q 140 30.42 -48.70 18.94
N CYS Q 141 30.02 -49.96 19.03
CA CYS Q 141 29.41 -50.50 20.24
C CYS Q 141 29.30 -52.02 20.10
N GLU Q 142 29.06 -52.68 21.22
CA GLU Q 142 28.75 -54.10 21.24
C GLU Q 142 27.25 -54.31 21.36
N VAL Q 143 26.75 -55.35 20.71
CA VAL Q 143 25.33 -55.68 20.70
CA VAL Q 143 25.33 -55.68 20.71
C VAL Q 143 25.17 -57.13 21.14
N ARG Q 144 24.22 -57.39 22.05
CA ARG Q 144 23.87 -58.72 22.50
C ARG Q 144 22.37 -58.90 22.37
N SER Q 145 21.94 -60.09 21.94
CA SER Q 145 20.50 -60.33 21.82
C SER Q 145 20.23 -61.79 21.52
N ASN Q 146 19.08 -62.27 22.00
CA ASN Q 146 18.64 -63.64 21.74
C ASN Q 146 18.09 -63.82 20.33
N CYS Q 147 17.65 -62.73 19.69
CA CYS Q 147 17.28 -62.79 18.28
C CYS Q 147 18.54 -62.89 17.42
N ARG Q 148 18.40 -63.51 16.26
CA ARG Q 148 19.53 -63.73 15.37
C ARG Q 148 19.84 -62.52 14.49
N GLN Q 149 19.01 -61.49 14.53
CA GLN Q 149 19.31 -60.24 13.82
C GLN Q 149 18.77 -59.07 14.63
N VAL Q 150 19.46 -57.93 14.51
CA VAL Q 150 19.08 -56.69 15.18
C VAL Q 150 19.09 -55.57 14.14
N ALA Q 151 18.12 -54.65 14.24
CA ALA Q 151 18.08 -53.48 13.38
C ALA Q 151 18.58 -52.26 14.14
N LEU Q 152 19.37 -51.43 13.46
CA LEU Q 152 20.01 -50.28 14.08
C LEU Q 152 19.63 -49.01 13.33
N VAL Q 153 19.77 -47.88 14.03
CA VAL Q 153 19.54 -46.57 13.42
C VAL Q 153 20.42 -45.54 14.12
N ILE Q 154 21.52 -45.15 13.47
CA ILE Q 154 22.59 -44.41 14.13
C ILE Q 154 22.48 -42.95 13.72
N SER Q 155 22.00 -42.11 14.64
CA SER Q 155 22.02 -40.67 14.43
C SER Q 155 23.48 -40.21 14.49
N CYS Q 156 24.07 -39.93 13.33
CA CYS Q 156 25.47 -39.56 13.24
C CYS Q 156 25.65 -38.44 12.24
N CYS Q 157 26.86 -37.86 12.21
CA CYS Q 157 27.16 -36.69 11.39
C CYS Q 157 28.37 -36.96 10.48
N PHE Q 158 28.10 -37.20 9.20
CA PHE Q 158 29.13 -37.52 8.23
C PHE Q 158 29.92 -36.26 7.86
N ASN Q 159 31.25 -36.34 7.92
CA ASN Q 159 32.10 -35.22 7.54
C ASN Q 159 33.46 -35.66 6.98
N ASN R 9 -39.88 -24.17 19.46
CA ASN R 9 -41.18 -24.08 18.79
C ASN R 9 -41.66 -25.46 18.35
N ARG R 10 -40.75 -26.43 18.34
CA ARG R 10 -41.06 -27.80 17.97
C ARG R 10 -39.96 -28.69 18.55
N LYS R 11 -39.80 -29.88 18.00
CA LYS R 11 -38.77 -30.81 18.42
C LYS R 11 -37.69 -30.97 17.34
N SER R 12 -38.04 -31.59 16.22
CA SER R 12 -37.11 -31.81 15.12
C SER R 12 -37.47 -30.94 13.93
N THR R 13 -36.46 -30.31 13.34
CA THR R 13 -36.63 -29.34 12.26
C THR R 13 -37.41 -28.12 12.73
N GLY R 14 -38.63 -28.33 13.23
CA GLY R 14 -39.41 -27.24 13.81
C GLY R 14 -40.17 -26.40 12.81
N ASP R 15 -39.61 -25.24 12.47
CA ASP R 15 -40.31 -24.30 11.60
C ASP R 15 -40.28 -24.69 10.13
N ASN R 16 -39.25 -25.44 9.71
CA ASN R 16 -38.93 -25.68 8.31
C ASN R 16 -40.11 -25.49 7.38
N SER R 17 -40.87 -26.55 7.06
CA SER R 17 -41.95 -26.39 6.09
C SER R 17 -43.30 -27.00 6.51
N ASN R 18 -43.50 -28.33 6.50
CA ASN R 18 -42.53 -29.35 6.12
C ASN R 18 -42.65 -29.77 4.65
N VAL R 19 -43.41 -29.02 3.86
CA VAL R 19 -43.70 -29.39 2.48
C VAL R 19 -43.02 -28.40 1.53
N VAL R 20 -42.98 -28.77 0.25
CA VAL R 20 -42.16 -28.07 -0.74
C VAL R 20 -42.43 -26.57 -0.74
N THR R 21 -41.43 -25.80 -1.19
CA THR R 21 -41.58 -24.37 -1.44
C THR R 21 -41.03 -24.07 -2.83
N MET R 22 -41.36 -22.90 -3.36
CA MET R 22 -40.93 -22.51 -4.70
CA MET R 22 -40.93 -22.52 -4.69
C MET R 22 -39.62 -21.73 -4.63
N ILE R 23 -38.74 -21.98 -5.61
CA ILE R 23 -37.47 -21.28 -5.76
C ILE R 23 -37.62 -20.31 -6.92
N ARG R 24 -37.20 -19.07 -6.72
CA ARG R 24 -37.33 -18.04 -7.74
C ARG R 24 -36.02 -17.90 -8.53
N ALA R 25 -35.76 -18.92 -9.34
CA ALA R 25 -34.54 -18.97 -10.11
C ALA R 25 -34.45 -17.79 -11.07
N GLY R 26 -33.25 -17.60 -11.63
CA GLY R 26 -32.96 -16.52 -12.55
C GLY R 26 -32.34 -17.04 -13.83
N SER R 27 -31.35 -16.31 -14.33
CA SER R 27 -30.69 -16.68 -15.58
C SER R 27 -30.12 -18.10 -15.50
N TYR R 28 -29.97 -18.73 -16.66
CA TYR R 28 -29.46 -20.09 -16.69
C TYR R 28 -28.00 -20.08 -16.28
N PRO R 29 -27.61 -20.82 -15.25
CA PRO R 29 -26.25 -20.68 -14.72
C PRO R 29 -25.20 -21.28 -15.63
N LYS R 30 -23.95 -21.28 -15.15
CA LYS R 30 -22.89 -22.08 -15.75
C LYS R 30 -22.95 -23.47 -15.12
N VAL R 31 -22.85 -24.49 -15.96
CA VAL R 31 -22.98 -25.87 -15.54
C VAL R 31 -21.74 -26.65 -15.98
N ASN R 32 -21.59 -27.85 -15.42
CA ASN R 32 -20.55 -28.79 -15.82
C ASN R 32 -21.05 -30.19 -15.53
N PRO R 33 -21.42 -30.96 -16.55
CA PRO R 33 -21.89 -32.33 -16.29
C PRO R 33 -20.80 -33.25 -15.79
N THR R 34 -19.54 -32.86 -15.92
CA THR R 34 -18.41 -33.77 -15.74
C THR R 34 -17.34 -33.13 -14.88
N PRO R 35 -17.65 -32.83 -13.64
CA PRO R 35 -16.72 -32.06 -12.80
C PRO R 35 -15.50 -32.87 -12.39
N THR R 36 -14.62 -32.25 -11.61
CA THR R 36 -13.50 -32.92 -10.99
C THR R 36 -13.98 -33.71 -9.76
N TRP R 37 -13.05 -34.34 -9.05
CA TRP R 37 -13.42 -35.09 -7.85
C TRP R 37 -12.19 -35.52 -7.05
N VAL R 38 -12.14 -35.16 -5.77
CA VAL R 38 -11.03 -35.50 -4.89
C VAL R 38 -11.41 -36.75 -4.10
N ARG R 39 -10.51 -37.73 -4.08
CA ARG R 39 -10.84 -39.04 -3.53
C ARG R 39 -9.68 -39.60 -2.71
N ALA R 40 -9.96 -40.70 -2.03
CA ALA R 40 -8.97 -41.55 -1.38
C ALA R 40 -9.26 -42.95 -1.90
N ILE R 41 -8.46 -43.42 -2.86
CA ILE R 41 -8.77 -44.64 -3.60
C ILE R 41 -8.07 -45.80 -2.91
N PRO R 42 -8.80 -46.87 -2.53
CA PRO R 42 -8.14 -48.03 -1.92
C PRO R 42 -8.01 -49.19 -2.88
N PHE R 43 -6.85 -49.85 -2.89
CA PHE R 43 -6.67 -51.03 -3.73
C PHE R 43 -5.33 -51.67 -3.37
N GLU R 44 -5.24 -52.95 -3.67
CA GLU R 44 -4.08 -53.77 -3.33
C GLU R 44 -3.31 -54.13 -4.59
N VAL R 45 -2.04 -54.48 -4.41
CA VAL R 45 -1.17 -54.90 -5.52
C VAL R 45 -0.27 -56.02 -5.04
N SER R 46 -0.17 -57.08 -5.83
CA SER R 46 0.68 -58.21 -5.47
C SER R 46 2.14 -57.82 -5.59
N VAL R 47 2.97 -58.44 -4.77
CA VAL R 47 4.39 -58.09 -4.68
C VAL R 47 5.19 -59.37 -4.49
N GLN R 48 6.28 -59.51 -5.25
CA GLN R 48 7.17 -60.64 -5.13
C GLN R 48 8.30 -60.32 -4.13
N SER R 49 8.84 -61.37 -3.53
CA SER R 49 9.90 -61.23 -2.55
C SER R 49 11.19 -60.80 -3.22
N GLY R 50 11.70 -59.63 -2.85
CA GLY R 50 12.92 -59.13 -3.43
C GLY R 50 12.79 -58.56 -4.81
N ILE R 51 11.60 -58.10 -5.19
CA ILE R 51 11.37 -57.48 -6.49
C ILE R 51 10.46 -56.28 -6.27
N ALA R 52 10.79 -55.19 -6.96
CA ALA R 52 10.00 -53.97 -6.89
C ALA R 52 8.90 -54.01 -7.95
N PHE R 53 7.71 -53.57 -7.55
CA PHE R 53 6.53 -53.59 -8.41
C PHE R 53 6.16 -52.18 -8.79
N LYS R 54 6.08 -51.93 -10.10
CA LYS R 54 5.67 -50.62 -10.60
C LYS R 54 4.15 -50.51 -10.57
N VAL R 55 3.63 -49.62 -9.71
CA VAL R 55 2.18 -49.44 -9.64
C VAL R 55 1.72 -48.61 -10.84
N PRO R 56 0.76 -49.12 -11.62
CA PRO R 56 0.22 -48.32 -12.74
C PRO R 56 -0.89 -47.38 -12.28
N VAL R 57 -0.89 -46.18 -12.86
CA VAL R 57 -1.96 -45.23 -12.56
C VAL R 57 -3.30 -45.71 -13.08
N GLY R 58 -3.30 -46.59 -14.08
CA GLY R 58 -4.53 -47.15 -14.63
C GLY R 58 -5.31 -48.02 -13.66
N SER R 59 -4.72 -48.33 -12.50
CA SER R 59 -5.46 -48.94 -11.41
C SER R 59 -6.37 -47.94 -10.71
N LEU R 60 -6.18 -46.64 -10.94
CA LEU R 60 -7.05 -45.62 -10.38
C LEU R 60 -8.29 -45.36 -11.24
N PHE R 61 -8.28 -45.82 -12.48
CA PHE R 61 -9.42 -45.69 -13.39
C PHE R 61 -10.12 -47.05 -13.42
N SER R 62 -11.21 -47.18 -12.64
CA SER R 62 -11.98 -48.41 -12.60
C SER R 62 -13.38 -48.06 -12.09
N ALA R 63 -14.37 -48.85 -12.53
CA ALA R 63 -15.73 -48.63 -12.07
C ALA R 63 -15.90 -48.99 -10.60
N ASN R 64 -15.05 -49.86 -10.05
CA ASN R 64 -15.06 -50.11 -8.61
C ASN R 64 -14.98 -48.81 -7.82
N PHE R 65 -14.41 -47.76 -8.42
CA PHE R 65 -14.24 -46.47 -7.76
C PHE R 65 -15.09 -45.38 -8.37
N ARG R 66 -15.95 -45.72 -9.34
CA ARG R 66 -16.78 -44.75 -10.05
C ARG R 66 -15.97 -43.84 -10.96
N THR R 67 -14.73 -44.22 -11.27
CA THR R 67 -13.82 -43.35 -12.00
C THR R 67 -13.51 -43.84 -13.40
N ASP R 68 -14.22 -44.85 -13.90
CA ASP R 68 -13.97 -45.33 -15.26
C ASP R 68 -14.20 -44.27 -16.32
N SER R 69 -14.82 -43.15 -15.97
CA SER R 69 -15.06 -42.06 -16.91
C SER R 69 -13.95 -41.02 -16.90
N PHE R 70 -12.90 -41.24 -16.13
CA PHE R 70 -11.74 -40.36 -16.13
C PHE R 70 -10.62 -40.95 -16.95
N THR R 71 -9.77 -40.08 -17.49
CA THR R 71 -8.59 -40.48 -18.24
C THR R 71 -7.29 -39.94 -17.66
N SER R 72 -7.37 -38.92 -16.81
CA SER R 72 -6.20 -38.33 -16.15
C SER R 72 -6.46 -38.24 -14.65
N VAL R 73 -5.41 -37.94 -13.90
CA VAL R 73 -5.54 -37.80 -12.46
C VAL R 73 -4.29 -37.14 -11.89
N THR R 74 -4.47 -36.31 -10.87
CA THR R 74 -3.38 -35.58 -10.24
C THR R 74 -3.13 -36.15 -8.86
N VAL R 75 -2.01 -36.86 -8.70
CA VAL R 75 -1.74 -37.59 -7.47
C VAL R 75 -1.10 -36.67 -6.46
N MET R 76 -1.63 -36.68 -5.23
CA MET R 76 -1.12 -35.84 -4.15
CA MET R 76 -1.13 -35.84 -4.14
C MET R 76 -0.29 -36.62 -3.15
N SER R 77 -0.81 -37.75 -2.64
CA SER R 77 -0.11 -38.50 -1.62
C SER R 77 -0.38 -39.99 -1.77
N VAL R 78 0.61 -40.79 -1.39
CA VAL R 78 0.58 -42.24 -1.49
C VAL R 78 0.89 -42.82 -0.12
N ARG R 79 -0.03 -43.62 0.43
CA ARG R 79 0.16 -44.33 1.69
C ARG R 79 0.04 -45.82 1.40
N ALA R 80 0.87 -46.62 2.06
CA ALA R 80 0.90 -48.05 1.82
C ALA R 80 0.90 -48.82 3.13
N TRP R 81 0.24 -49.97 3.10
CA TRP R 81 0.18 -50.90 4.22
C TRP R 81 0.42 -52.30 3.68
N THR R 82 1.02 -53.15 4.50
CA THR R 82 1.18 -54.55 4.12
C THR R 82 -0.16 -55.26 4.25
N GLN R 83 -0.48 -56.09 3.26
CA GLN R 83 -1.78 -56.76 3.23
C GLN R 83 -1.75 -58.21 3.68
N LEU R 84 -0.62 -58.88 3.61
CA LEU R 84 -0.52 -60.28 4.01
C LEU R 84 0.62 -60.46 5.02
N THR R 85 0.59 -61.59 5.72
CA THR R 85 1.54 -61.81 6.79
C THR R 85 2.96 -61.90 6.24
N PRO R 86 3.96 -61.58 7.06
CA PRO R 86 5.35 -61.66 6.59
C PRO R 86 5.87 -63.09 6.65
N PRO R 87 7.02 -63.37 6.03
CA PRO R 87 7.66 -64.67 6.22
C PRO R 87 7.83 -64.98 7.70
N VAL R 88 8.06 -66.25 8.02
CA VAL R 88 8.24 -66.62 9.42
C VAL R 88 9.47 -65.93 9.99
N ASN R 89 9.38 -65.58 11.27
CA ASN R 89 10.45 -64.97 12.04
C ASN R 89 10.69 -63.50 11.66
N GLU R 90 10.00 -63.00 10.63
CA GLU R 90 10.25 -61.67 10.10
C GLU R 90 9.12 -60.70 10.45
N TYR R 91 9.50 -59.44 10.68
CA TYR R 91 8.54 -58.37 10.86
C TYR R 91 8.21 -57.75 9.51
N SER R 92 6.95 -57.32 9.37
CA SER R 92 6.51 -56.73 8.11
C SER R 92 7.30 -55.47 7.78
N PHE R 93 7.44 -55.19 6.49
CA PHE R 93 8.02 -53.91 6.07
C PHE R 93 7.60 -53.61 4.64
N VAL R 94 7.62 -52.32 4.30
CA VAL R 94 7.23 -51.85 2.98
C VAL R 94 8.04 -50.61 2.65
N ARG R 95 8.39 -50.46 1.36
CA ARG R 95 9.15 -49.33 0.89
C ARG R 95 8.45 -48.71 -0.31
N LEU R 96 8.55 -47.39 -0.44
CA LEU R 96 7.91 -46.64 -1.51
C LEU R 96 8.94 -45.76 -2.21
N LYS R 97 9.19 -46.02 -3.49
CA LYS R 97 10.07 -45.16 -4.28
C LYS R 97 9.22 -44.36 -5.26
N PRO R 98 9.14 -43.04 -5.12
CA PRO R 98 8.28 -42.27 -6.04
C PRO R 98 8.82 -42.26 -7.45
N LEU R 99 7.91 -42.11 -8.41
CA LEU R 99 8.23 -42.08 -9.83
C LEU R 99 7.51 -40.91 -10.47
N PHE R 100 8.21 -40.16 -11.30
CA PHE R 100 7.66 -39.00 -12.00
C PHE R 100 8.09 -39.02 -13.46
N LYS R 101 7.19 -38.54 -14.32
CA LYS R 101 7.48 -38.50 -15.74
C LYS R 101 8.64 -37.56 -16.05
N THR R 102 8.90 -36.58 -15.18
CA THR R 102 9.97 -35.62 -15.39
C THR R 102 11.30 -36.09 -14.82
N GLY R 103 11.30 -37.14 -14.01
CA GLY R 103 12.52 -37.67 -13.42
C GLY R 103 12.23 -38.55 -12.22
N ASP R 104 12.57 -39.83 -12.32
CA ASP R 104 12.27 -40.76 -11.24
C ASP R 104 13.12 -40.44 -10.00
N SER R 105 12.55 -40.69 -8.84
CA SER R 105 13.23 -40.46 -7.58
C SER R 105 14.07 -41.68 -7.22
N THR R 106 14.77 -41.59 -6.08
CA THR R 106 15.60 -42.67 -5.59
C THR R 106 15.42 -42.91 -4.09
N GLU R 107 14.44 -42.25 -3.47
CA GLU R 107 14.14 -42.47 -2.07
C GLU R 107 13.39 -43.78 -1.89
N GLU R 108 13.68 -44.49 -0.80
CA GLU R 108 12.98 -45.72 -0.46
C GLU R 108 12.31 -45.53 0.90
N PHE R 109 11.32 -44.64 0.95
CA PHE R 109 10.55 -44.40 2.17
C PHE R 109 10.01 -45.72 2.69
N GLU R 110 10.58 -46.20 3.78
CA GLU R 110 10.28 -47.52 4.32
C GLU R 110 9.54 -47.36 5.64
N GLY R 111 8.85 -48.43 6.02
CA GLY R 111 8.22 -48.51 7.32
C GLY R 111 8.20 -49.93 7.80
N ARG R 112 8.39 -50.14 9.09
CA ARG R 112 8.43 -51.48 9.64
C ARG R 112 7.41 -51.60 10.77
N ALA R 113 6.83 -52.80 10.88
CA ALA R 113 5.98 -53.15 12.00
C ALA R 113 6.85 -53.54 13.18
N SER R 114 6.43 -53.13 14.37
CA SER R 114 7.10 -53.53 15.61
C SER R 114 6.54 -54.84 16.17
N ASN R 115 5.43 -55.32 15.64
CA ASN R 115 4.78 -56.55 16.05
C ASN R 115 4.53 -57.39 14.81
N ILE R 116 4.96 -58.65 14.83
CA ILE R 116 4.87 -59.48 13.64
C ILE R 116 3.43 -59.57 13.14
N ASN R 117 2.46 -59.44 14.04
CA ASN R 117 1.06 -59.57 13.67
C ASN R 117 0.45 -58.25 13.21
N THR R 118 1.25 -57.22 12.97
CA THR R 118 0.73 -55.90 12.63
C THR R 118 1.22 -55.50 11.25
N ARG R 119 0.48 -54.57 10.65
CA ARG R 119 0.82 -54.08 9.31
C ARG R 119 1.97 -53.08 9.39
N ALA R 120 2.87 -53.16 8.40
CA ALA R 120 3.91 -52.16 8.22
C ALA R 120 3.40 -51.10 7.25
N SER R 121 3.51 -49.84 7.63
CA SER R 121 2.90 -48.75 6.88
C SER R 121 3.88 -47.61 6.65
N VAL R 122 3.71 -46.92 5.53
CA VAL R 122 4.50 -45.74 5.21
C VAL R 122 3.79 -45.01 4.08
N GLY R 123 4.19 -43.77 3.83
CA GLY R 123 3.61 -42.98 2.76
C GLY R 123 4.45 -41.76 2.51
N TYR R 124 4.19 -41.11 1.38
CA TYR R 124 4.94 -39.92 1.00
C TYR R 124 4.04 -38.91 0.32
N ARG R 125 4.29 -37.64 0.62
CA ARG R 125 3.57 -36.55 -0.01
C ARG R 125 4.30 -36.13 -1.27
N ILE R 126 3.53 -35.76 -2.30
CA ILE R 126 4.06 -35.19 -3.53
C ILE R 126 3.85 -33.68 -3.45
N PRO R 127 4.89 -32.86 -3.63
CA PRO R 127 4.72 -31.42 -3.44
C PRO R 127 4.08 -30.75 -4.63
N THR R 128 3.42 -29.62 -4.35
CA THR R 128 2.85 -28.78 -5.40
C THR R 128 3.98 -28.17 -6.21
N ASN R 129 4.10 -28.59 -7.47
CA ASN R 129 5.15 -28.25 -8.44
C ASN R 129 5.61 -29.54 -9.07
N LEU R 130 5.20 -30.66 -8.47
CA LEU R 130 5.32 -31.99 -9.06
C LEU R 130 3.95 -32.61 -9.30
N ARG R 131 2.87 -31.91 -8.93
CA ARG R 131 1.50 -32.41 -9.06
C ARG R 131 0.96 -32.06 -10.45
N GLN R 132 1.29 -32.92 -11.41
CA GLN R 132 0.70 -32.86 -12.74
C GLN R 132 -0.11 -34.13 -12.97
N ASN R 133 -0.85 -34.13 -14.07
CA ASN R 133 -1.67 -35.29 -14.38
C ASN R 133 -0.80 -36.50 -14.71
N THR R 134 -1.43 -37.66 -14.68
CA THR R 134 -0.78 -38.92 -15.03
C THR R 134 -1.81 -39.84 -15.62
N VAL R 135 -1.56 -40.33 -16.84
CA VAL R 135 -2.52 -41.17 -17.55
C VAL R 135 -2.36 -42.62 -17.11
N ALA R 136 -3.26 -43.48 -17.58
CA ALA R 136 -3.25 -44.88 -17.16
C ALA R 136 -1.89 -45.53 -17.42
N ALA R 137 -1.27 -45.22 -18.55
CA ALA R 137 0.00 -45.86 -18.90
C ALA R 137 1.10 -45.53 -17.90
N ASP R 138 1.00 -44.39 -17.22
CA ASP R 138 2.09 -43.95 -16.37
C ASP R 138 2.22 -44.85 -15.13
N ASN R 139 3.28 -44.59 -14.37
CA ASN R 139 3.52 -45.24 -13.10
C ASN R 139 3.62 -44.19 -12.00
N VAL R 140 3.19 -44.56 -10.80
CA VAL R 140 3.19 -43.65 -9.67
C VAL R 140 4.36 -43.92 -8.73
N CYS R 141 4.71 -45.19 -8.51
CA CYS R 141 5.74 -45.52 -7.54
C CYS R 141 6.08 -47.00 -7.62
N GLU R 142 7.26 -47.32 -7.12
CA GLU R 142 7.73 -48.69 -6.98
C GLU R 142 7.55 -49.16 -5.54
N VAL R 143 7.08 -50.40 -5.39
CA VAL R 143 6.77 -50.98 -4.09
C VAL R 143 7.68 -52.19 -3.86
N ARG R 144 8.29 -52.25 -2.67
CA ARG R 144 9.08 -53.41 -2.25
C ARG R 144 8.64 -53.81 -0.84
N SER R 145 8.62 -55.11 -0.57
CA SER R 145 8.18 -55.61 0.73
C SER R 145 8.38 -57.12 0.80
N ASN R 146 8.25 -57.66 2.01
CA ASN R 146 8.37 -59.09 2.27
C ASN R 146 7.01 -59.80 2.27
N CYS R 147 5.93 -59.05 2.46
CA CYS R 147 4.59 -59.60 2.29
C CYS R 147 4.23 -59.60 0.81
N ARG R 148 3.39 -60.55 0.42
CA ARG R 148 3.09 -60.71 -1.00
C ARG R 148 2.13 -59.62 -1.50
N GLN R 149 1.10 -59.30 -0.74
CA GLN R 149 0.16 -58.25 -1.11
C GLN R 149 0.37 -57.03 -0.22
N VAL R 150 0.07 -55.85 -0.79
CA VAL R 150 0.26 -54.56 -0.12
C VAL R 150 -0.88 -53.65 -0.53
N ALA R 151 -1.68 -53.20 0.45
CA ALA R 151 -2.82 -52.35 0.18
C ALA R 151 -2.40 -50.89 0.11
N LEU R 152 -3.02 -50.14 -0.79
CA LEU R 152 -2.67 -48.74 -1.01
C LEU R 152 -3.89 -47.86 -0.80
N VAL R 153 -3.63 -46.66 -0.29
CA VAL R 153 -4.60 -45.57 -0.21
C VAL R 153 -3.94 -44.35 -0.82
N ILE R 154 -4.53 -43.80 -1.87
CA ILE R 154 -3.96 -42.70 -2.61
C ILE R 154 -4.96 -41.56 -2.60
N SER R 155 -4.57 -40.44 -2.02
CA SER R 155 -5.34 -39.21 -2.14
C SER R 155 -4.98 -38.54 -3.45
N CYS R 156 -5.96 -38.36 -4.34
CA CYS R 156 -5.68 -37.84 -5.67
C CYS R 156 -6.86 -37.02 -6.16
N CYS R 157 -6.65 -36.36 -7.30
CA CYS R 157 -7.63 -35.46 -7.89
C CYS R 157 -7.95 -35.93 -9.31
N PHE R 158 -9.14 -36.50 -9.49
CA PHE R 158 -9.55 -36.98 -10.80
C PHE R 158 -10.10 -35.84 -11.64
N ASN R 159 -9.63 -35.75 -12.87
CA ASN R 159 -10.06 -34.70 -13.78
C ASN R 159 -9.97 -35.16 -15.24
N ASN S 9 -48.72 -35.67 40.44
CA ASN S 9 -47.52 -35.03 39.91
C ASN S 9 -46.67 -34.39 41.02
N ARG S 10 -46.45 -35.17 42.11
CA ARG S 10 -45.62 -34.73 43.24
C ARG S 10 -44.78 -35.93 43.71
N LYS S 11 -43.66 -36.16 43.04
CA LYS S 11 -42.76 -37.26 43.38
C LYS S 11 -41.33 -36.74 43.51
N SER S 12 -40.59 -37.28 44.49
CA SER S 12 -39.24 -36.85 44.79
C SER S 12 -38.31 -38.06 44.88
N THR S 13 -37.00 -37.78 44.85
CA THR S 13 -35.97 -38.78 45.08
C THR S 13 -34.96 -38.23 46.08
N GLY S 14 -33.93 -39.01 46.36
CA GLY S 14 -32.89 -38.62 47.29
C GLY S 14 -33.38 -38.32 48.70
N ASP S 15 -34.69 -38.40 48.90
CA ASP S 15 -35.30 -38.00 50.16
C ASP S 15 -34.87 -38.92 51.31
N ASN S 16 -35.06 -38.42 52.53
CA ASN S 16 -34.81 -39.19 53.74
C ASN S 16 -35.99 -40.06 54.13
N SER S 17 -37.01 -40.16 53.29
CA SER S 17 -38.19 -40.94 53.62
C SER S 17 -37.85 -42.42 53.72
N ASN S 18 -38.23 -43.04 54.83
CA ASN S 18 -38.06 -44.47 55.04
C ASN S 18 -39.40 -45.16 55.27
N VAL S 19 -40.51 -44.47 54.98
CA VAL S 19 -41.83 -45.05 55.02
C VAL S 19 -42.60 -44.57 53.80
N VAL S 20 -43.70 -45.26 53.51
CA VAL S 20 -44.57 -44.85 52.43
C VAL S 20 -45.05 -43.42 52.68
N THR S 21 -45.37 -42.72 51.60
CA THR S 21 -45.83 -41.33 51.67
C THR S 21 -46.93 -41.13 50.64
N MET S 22 -48.01 -40.47 51.05
CA MET S 22 -49.16 -40.32 50.17
C MET S 22 -48.86 -39.35 49.03
N ILE S 23 -49.34 -39.71 47.83
CA ILE S 23 -49.23 -38.88 46.64
C ILE S 23 -50.61 -38.29 46.35
N ARG S 24 -50.67 -36.97 46.21
CA ARG S 24 -51.95 -36.30 45.96
C ARG S 24 -52.23 -36.29 44.47
N ALA S 25 -52.69 -37.45 43.98
CA ALA S 25 -53.01 -37.60 42.57
C ALA S 25 -54.39 -37.00 42.27
N GLY S 26 -54.54 -36.53 41.04
CA GLY S 26 -55.78 -35.92 40.62
C GLY S 26 -56.44 -36.58 39.44
N SER S 27 -56.35 -35.94 38.27
CA SER S 27 -57.06 -36.43 37.10
C SER S 27 -56.31 -37.60 36.47
N TYR S 28 -57.06 -38.58 35.97
CA TYR S 28 -56.46 -39.72 35.29
C TYR S 28 -55.60 -39.21 34.14
N PRO S 29 -54.29 -39.45 34.14
CA PRO S 29 -53.43 -38.86 33.11
C PRO S 29 -53.59 -39.56 31.78
N LYS S 30 -52.82 -39.11 30.80
CA LYS S 30 -52.69 -39.79 29.52
C LYS S 30 -51.70 -40.94 29.69
N VAL S 31 -52.09 -42.13 29.26
CA VAL S 31 -51.30 -43.32 29.47
C VAL S 31 -51.01 -43.98 28.13
N ASN S 32 -50.14 -44.98 28.16
CA ASN S 32 -49.82 -45.78 26.99
C ASN S 32 -49.28 -47.12 27.46
N PRO S 33 -49.95 -48.24 27.15
CA PRO S 33 -49.46 -49.54 27.62
C PRO S 33 -48.38 -50.14 26.72
N THR S 34 -48.30 -49.67 25.48
CA THR S 34 -47.29 -50.14 24.52
C THR S 34 -46.53 -48.91 24.04
N PRO S 35 -45.60 -48.41 24.84
CA PRO S 35 -44.78 -47.28 24.41
C PRO S 35 -43.66 -47.73 23.46
N THR S 36 -42.96 -46.73 22.92
CA THR S 36 -41.85 -47.01 22.01
C THR S 36 -40.60 -47.35 22.83
N TRP S 37 -39.48 -47.56 22.13
CA TRP S 37 -38.25 -47.94 22.82
C TRP S 37 -37.05 -47.83 21.90
N VAL S 38 -36.09 -46.98 22.29
CA VAL S 38 -34.81 -46.85 21.60
C VAL S 38 -33.90 -47.96 22.12
N ARG S 39 -33.23 -48.66 21.20
CA ARG S 39 -32.42 -49.81 21.58
C ARG S 39 -31.13 -49.85 20.77
N ALA S 40 -30.15 -50.58 21.30
CA ALA S 40 -28.91 -50.91 20.60
C ALA S 40 -28.84 -52.44 20.56
N ILE S 41 -29.43 -53.04 19.53
CA ILE S 41 -29.60 -54.49 19.47
C ILE S 41 -28.29 -55.14 19.05
N PRO S 42 -27.80 -56.15 19.77
CA PRO S 42 -26.65 -56.91 19.26
C PRO S 42 -27.09 -58.28 18.75
N PHE S 43 -26.57 -58.68 17.59
CA PHE S 43 -26.76 -60.03 17.08
C PHE S 43 -25.68 -60.28 16.04
N GLU S 44 -25.52 -61.55 15.69
CA GLU S 44 -24.46 -61.98 14.79
C GLU S 44 -25.08 -62.61 13.55
N VAL S 45 -24.47 -62.37 12.41
CA VAL S 45 -24.89 -62.95 11.13
C VAL S 45 -23.68 -63.64 10.51
N SER S 46 -23.85 -64.89 10.11
CA SER S 46 -22.82 -65.59 9.36
C SER S 46 -22.68 -64.97 7.97
N VAL S 47 -21.50 -65.13 7.38
CA VAL S 47 -21.17 -64.60 6.06
C VAL S 47 -20.26 -65.58 5.34
N GLN S 48 -20.21 -65.45 4.01
CA GLN S 48 -19.35 -66.27 3.17
C GLN S 48 -18.20 -65.42 2.61
N SER S 49 -17.33 -66.08 1.84
CA SER S 49 -16.16 -65.42 1.27
C SER S 49 -16.53 -64.78 -0.06
N GLY S 50 -16.53 -63.45 -0.10
CA GLY S 50 -16.80 -62.71 -1.30
C GLY S 50 -18.26 -62.55 -1.67
N ILE S 51 -19.17 -63.11 -0.88
CA ILE S 51 -20.60 -63.08 -1.16
C ILE S 51 -21.28 -62.19 -0.13
N ALA S 52 -22.16 -61.32 -0.60
CA ALA S 52 -22.87 -60.40 0.27
C ALA S 52 -24.10 -61.07 0.87
N PHE S 53 -24.49 -60.59 2.05
CA PHE S 53 -25.64 -61.11 2.75
C PHE S 53 -26.56 -59.98 3.18
N LYS S 54 -27.84 -60.10 2.85
CA LYS S 54 -28.82 -59.05 3.15
C LYS S 54 -29.39 -59.28 4.54
N VAL S 55 -28.98 -58.46 5.49
CA VAL S 55 -29.43 -58.55 6.88
C VAL S 55 -30.91 -58.21 6.94
N PRO S 56 -31.78 -59.17 7.28
CA PRO S 56 -33.22 -58.86 7.32
C PRO S 56 -33.62 -58.16 8.62
N VAL S 57 -34.41 -57.11 8.48
CA VAL S 57 -34.87 -56.36 9.65
C VAL S 57 -35.54 -57.28 10.67
N GLY S 58 -36.00 -58.45 10.23
CA GLY S 58 -36.74 -59.35 11.11
C GLY S 58 -35.94 -59.97 12.23
N SER S 59 -34.62 -59.75 12.26
CA SER S 59 -33.82 -60.27 13.36
C SER S 59 -33.86 -59.35 14.58
N LEU S 60 -34.28 -58.10 14.39
CA LEU S 60 -34.42 -57.18 15.51
C LEU S 60 -35.69 -57.43 16.32
N PHE S 61 -36.66 -58.15 15.74
CA PHE S 61 -37.90 -58.51 16.43
C PHE S 61 -37.73 -59.94 16.92
N SER S 62 -37.61 -60.12 18.23
CA SER S 62 -37.40 -61.43 18.84
C SER S 62 -37.53 -61.27 20.35
N ALA S 63 -37.94 -62.35 21.01
CA ALA S 63 -38.10 -62.30 22.46
C ALA S 63 -36.75 -62.23 23.18
N ASN S 64 -35.66 -62.58 22.50
CA ASN S 64 -34.33 -62.49 23.08
C ASN S 64 -33.90 -61.04 23.31
N PHE S 65 -34.59 -60.08 22.71
CA PHE S 65 -34.31 -58.66 22.90
C PHE S 65 -35.48 -57.92 23.52
N ARG S 66 -36.52 -58.65 23.94
CA ARG S 66 -37.74 -58.10 24.51
C ARG S 66 -38.58 -57.35 23.49
N THR S 67 -38.39 -57.62 22.21
CA THR S 67 -39.03 -56.84 21.15
C THR S 67 -39.97 -57.65 20.28
N ASP S 68 -40.27 -58.91 20.64
CA ASP S 68 -41.17 -59.71 19.81
C ASP S 68 -42.58 -59.13 19.76
N SER S 69 -42.85 -58.08 20.53
CA SER S 69 -44.15 -57.42 20.53
C SER S 69 -44.19 -56.21 19.60
N PHE S 70 -43.11 -55.95 18.87
CA PHE S 70 -43.05 -54.89 17.87
C PHE S 70 -43.13 -55.49 16.46
N THR S 71 -43.60 -54.66 15.51
CA THR S 71 -43.64 -55.04 14.11
C THR S 71 -42.87 -54.10 13.19
N SER S 72 -42.55 -52.89 13.64
CA SER S 72 -41.91 -51.87 12.81
C SER S 72 -40.85 -51.18 13.65
N VAL S 73 -39.71 -50.87 13.04
CA VAL S 73 -38.60 -50.25 13.75
C VAL S 73 -37.90 -49.25 12.86
N THR S 74 -37.49 -48.13 13.46
CA THR S 74 -36.79 -47.06 12.77
C THR S 74 -35.29 -47.25 13.01
N VAL S 75 -34.59 -47.79 12.03
CA VAL S 75 -33.15 -47.93 12.16
C VAL S 75 -32.51 -46.54 12.12
N MET S 76 -31.44 -46.37 12.86
CA MET S 76 -30.74 -45.10 12.91
C MET S 76 -29.29 -45.19 12.50
N SER S 77 -28.57 -46.22 12.94
CA SER S 77 -27.16 -46.34 12.58
C SER S 77 -26.68 -47.76 12.80
N VAL S 78 -25.82 -48.22 11.91
CA VAL S 78 -25.28 -49.58 11.97
C VAL S 78 -23.80 -49.50 12.24
N ARG S 79 -23.31 -50.50 12.98
CA ARG S 79 -21.90 -50.65 13.33
C ARG S 79 -21.61 -52.14 13.26
N ALA S 80 -20.56 -52.54 12.54
CA ALA S 80 -20.28 -53.94 12.30
C ALA S 80 -18.90 -54.31 12.82
N TRP S 81 -18.81 -55.54 13.33
CA TRP S 81 -17.54 -56.12 13.78
C TRP S 81 -17.46 -57.57 13.32
N THR S 82 -16.26 -57.99 12.90
CA THR S 82 -16.04 -59.38 12.57
C THR S 82 -16.06 -60.23 13.84
N GLN S 83 -16.64 -61.44 13.74
CA GLN S 83 -16.87 -62.28 14.91
C GLN S 83 -15.95 -63.50 14.98
N LEU S 84 -15.33 -63.90 13.88
CA LEU S 84 -14.42 -65.03 13.88
C LEU S 84 -13.10 -64.62 13.22
N THR S 85 -12.11 -65.49 13.35
CA THR S 85 -10.81 -65.21 12.78
C THR S 85 -10.88 -65.17 11.27
N PRO S 86 -9.96 -64.43 10.64
CA PRO S 86 -9.93 -64.38 9.19
C PRO S 86 -9.18 -65.57 8.63
N PRO S 87 -9.25 -65.78 7.30
CA PRO S 87 -8.47 -66.85 6.69
C PRO S 87 -7.00 -66.75 7.07
N VAL S 88 -6.21 -67.77 6.75
CA VAL S 88 -4.81 -67.75 7.14
C VAL S 88 -4.08 -66.69 6.33
N ASN S 89 -3.13 -66.01 6.97
CA ASN S 89 -2.29 -64.97 6.37
C ASN S 89 -3.07 -63.73 6.00
N GLU S 90 -4.33 -63.61 6.40
CA GLU S 90 -5.17 -62.49 6.04
C GLU S 90 -5.49 -61.63 7.26
N TYR S 91 -5.75 -60.36 7.00
CA TYR S 91 -6.26 -59.43 8.00
C TYR S 91 -7.78 -59.35 7.85
N SER S 92 -8.47 -59.21 8.98
CA SER S 92 -9.93 -59.17 8.99
C SER S 92 -10.43 -57.93 8.26
N PHE S 93 -11.58 -58.06 7.59
CA PHE S 93 -12.23 -56.92 6.96
C PHE S 93 -13.72 -57.18 6.81
N VAL S 94 -14.47 -56.07 6.72
CA VAL S 94 -15.93 -56.11 6.63
C VAL S 94 -16.41 -54.89 5.84
N ARG S 95 -17.43 -55.09 5.01
CA ARG S 95 -18.00 -54.01 4.21
C ARG S 95 -19.49 -53.90 4.47
N LEU S 96 -19.99 -52.67 4.58
CA LEU S 96 -21.41 -52.40 4.78
C LEU S 96 -21.96 -51.57 3.64
N LYS S 97 -23.04 -52.03 3.02
CA LYS S 97 -23.73 -51.31 1.96
C LYS S 97 -25.14 -50.98 2.44
N PRO S 98 -25.47 -49.72 2.72
CA PRO S 98 -26.84 -49.42 3.17
C PRO S 98 -27.86 -49.91 2.16
N LEU S 99 -29.04 -50.27 2.67
CA LEU S 99 -30.17 -50.69 1.86
C LEU S 99 -31.40 -49.97 2.38
N PHE S 100 -32.15 -49.34 1.47
CA PHE S 100 -33.38 -48.65 1.81
C PHE S 100 -34.44 -49.07 0.82
N LYS S 101 -35.68 -49.07 1.27
CA LYS S 101 -36.77 -49.46 0.40
C LYS S 101 -36.91 -48.50 -0.78
N THR S 102 -36.70 -47.21 -0.55
CA THR S 102 -36.91 -46.21 -1.59
C THR S 102 -35.80 -46.19 -2.62
N GLY S 103 -34.78 -47.04 -2.49
CA GLY S 103 -33.67 -47.03 -3.44
C GLY S 103 -32.35 -47.39 -2.80
N ASP S 104 -31.85 -48.59 -3.09
CA ASP S 104 -30.67 -49.10 -2.44
C ASP S 104 -29.46 -48.20 -2.70
N SER S 105 -28.49 -48.30 -1.80
CA SER S 105 -27.24 -47.56 -1.89
C SER S 105 -26.14 -48.45 -2.49
N THR S 106 -25.15 -47.79 -3.08
CA THR S 106 -23.98 -48.45 -3.65
C THR S 106 -22.72 -48.18 -2.84
N GLU S 107 -22.85 -47.60 -1.65
CA GLU S 107 -21.69 -47.45 -0.78
C GLU S 107 -21.25 -48.80 -0.25
N GLU S 108 -19.95 -48.92 0.05
CA GLU S 108 -19.37 -50.12 0.64
C GLU S 108 -18.45 -49.67 1.78
N PHE S 109 -19.04 -49.20 2.86
CA PHE S 109 -18.28 -48.77 4.04
C PHE S 109 -17.45 -49.95 4.53
N GLU S 110 -16.14 -49.85 4.36
CA GLU S 110 -15.21 -50.94 4.63
C GLU S 110 -14.30 -50.55 5.78
N GLY S 111 -14.08 -51.48 6.68
CA GLY S 111 -13.10 -51.31 7.73
C GLY S 111 -12.26 -52.56 7.85
N ARG S 112 -10.94 -52.38 7.94
CA ARG S 112 -10.01 -53.49 8.01
C ARG S 112 -9.31 -53.48 9.36
N ALA S 113 -8.69 -54.61 9.68
CA ALA S 113 -7.92 -54.77 10.92
C ALA S 113 -6.44 -54.63 10.60
N SER S 114 -5.72 -53.90 11.46
CA SER S 114 -4.28 -53.76 11.32
C SER S 114 -3.50 -54.83 12.07
N ASN S 115 -4.18 -55.70 12.82
CA ASN S 115 -3.58 -56.85 13.48
C ASN S 115 -4.45 -58.05 13.18
N ILE S 116 -3.87 -59.10 12.59
CA ILE S 116 -4.65 -60.28 12.24
C ILE S 116 -5.47 -60.74 13.44
N ASN S 117 -4.90 -60.60 14.65
CA ASN S 117 -5.57 -61.02 15.88
C ASN S 117 -6.63 -60.03 16.34
N THR S 118 -7.05 -59.08 15.51
CA THR S 118 -8.02 -58.07 15.90
C THR S 118 -9.24 -58.17 15.01
N ARG S 119 -10.35 -57.63 15.52
CA ARG S 119 -11.57 -57.53 14.74
C ARG S 119 -11.50 -56.32 13.82
N ALA S 120 -12.12 -56.44 12.65
CA ALA S 120 -12.35 -55.31 11.76
C ALA S 120 -13.67 -54.66 12.14
N SER S 121 -13.70 -53.33 12.14
CA SER S 121 -14.87 -52.60 12.61
C SER S 121 -15.22 -51.48 11.65
N VAL S 122 -16.52 -51.26 11.44
CA VAL S 122 -16.99 -50.15 10.64
C VAL S 122 -18.45 -49.91 10.99
N GLY S 123 -18.97 -48.76 10.59
CA GLY S 123 -20.39 -48.48 10.74
C GLY S 123 -20.77 -47.33 9.85
N TYR S 124 -22.09 -47.12 9.74
CA TYR S 124 -22.63 -46.00 8.99
C TYR S 124 -23.85 -45.45 9.73
N ARG S 125 -24.05 -44.15 9.58
CA ARG S 125 -25.21 -43.46 10.10
C ARG S 125 -26.24 -43.29 8.98
N ILE S 126 -27.50 -43.37 9.34
CA ILE S 126 -28.60 -43.07 8.43
C ILE S 126 -29.07 -41.65 8.73
N PRO S 127 -29.05 -40.74 7.76
CA PRO S 127 -29.46 -39.35 8.06
C PRO S 127 -30.92 -39.30 8.47
N THR S 128 -31.34 -38.12 8.95
CA THR S 128 -32.69 -38.00 9.46
C THR S 128 -33.73 -38.30 8.38
N ASN S 129 -33.51 -37.77 7.17
CA ASN S 129 -34.50 -37.86 6.12
C ASN S 129 -34.80 -39.28 5.68
N LEU S 130 -33.89 -40.23 5.92
CA LEU S 130 -34.10 -41.61 5.52
C LEU S 130 -34.49 -42.50 6.69
N ARG S 131 -34.94 -41.91 7.79
CA ARG S 131 -35.31 -42.66 8.99
C ARG S 131 -36.82 -42.91 8.93
N GLN S 132 -37.21 -43.88 8.12
CA GLN S 132 -38.57 -44.38 8.08
C GLN S 132 -38.60 -45.78 8.69
N ASN S 133 -39.81 -46.26 8.94
CA ASN S 133 -39.96 -47.58 9.53
C ASN S 133 -39.50 -48.67 8.55
N THR S 134 -39.26 -49.86 9.10
CA THR S 134 -38.96 -51.04 8.33
C THR S 134 -39.59 -52.22 9.08
N VAL S 135 -40.15 -53.16 8.32
CA VAL S 135 -40.77 -54.34 8.93
C VAL S 135 -39.84 -55.54 8.78
N ALA S 136 -40.33 -56.73 9.13
CA ALA S 136 -39.47 -57.91 9.11
C ALA S 136 -39.02 -58.27 7.70
N ALA S 137 -39.87 -58.01 6.69
CA ALA S 137 -39.55 -58.41 5.33
C ALA S 137 -38.46 -57.56 4.69
N ASP S 138 -38.21 -56.37 5.23
CA ASP S 138 -37.28 -55.44 4.63
C ASP S 138 -35.84 -55.83 4.99
N ASN S 139 -34.89 -55.16 4.35
CA ASN S 139 -33.47 -55.39 4.54
C ASN S 139 -32.83 -54.13 5.11
N VAL S 140 -31.65 -54.31 5.70
CA VAL S 140 -30.92 -53.23 6.35
C VAL S 140 -29.68 -52.83 5.56
N CYS S 141 -28.82 -53.80 5.24
CA CYS S 141 -27.55 -53.51 4.58
C CYS S 141 -26.89 -54.82 4.20
N GLU S 142 -26.13 -54.77 3.11
CA GLU S 142 -25.28 -55.90 2.73
C GLU S 142 -24.00 -55.89 3.56
N VAL S 143 -23.55 -57.08 3.95
CA VAL S 143 -22.39 -57.25 4.84
C VAL S 143 -21.45 -58.23 4.14
N ARG S 144 -20.35 -57.73 3.59
CA ARG S 144 -19.30 -58.58 3.05
C ARG S 144 -18.20 -58.73 4.09
N SER S 145 -17.41 -59.81 3.96
CA SER S 145 -16.31 -60.04 4.87
C SER S 145 -15.58 -61.33 4.51
N ASN S 146 -14.32 -61.39 4.92
CA ASN S 146 -13.56 -62.64 4.86
C ASN S 146 -13.70 -63.47 6.12
N CYS S 147 -14.41 -62.97 7.13
CA CYS S 147 -14.59 -63.67 8.38
C CYS S 147 -15.95 -64.37 8.40
N ARG S 148 -15.96 -65.62 8.87
CA ARG S 148 -17.11 -66.50 8.65
C ARG S 148 -18.39 -65.99 9.30
N GLN S 149 -18.28 -65.17 10.34
CA GLN S 149 -19.44 -64.54 10.94
C GLN S 149 -19.14 -63.05 11.12
N VAL S 150 -20.18 -62.31 11.47
CA VAL S 150 -20.09 -60.87 11.68
C VAL S 150 -21.03 -60.52 12.81
N ALA S 151 -20.62 -59.59 13.67
CA ALA S 151 -21.41 -59.16 14.82
C ALA S 151 -21.82 -57.71 14.63
N LEU S 152 -23.11 -57.44 14.80
CA LEU S 152 -23.69 -56.14 14.55
C LEU S 152 -24.19 -55.51 15.84
N VAL S 153 -24.35 -54.18 15.79
CA VAL S 153 -24.94 -53.41 16.88
C VAL S 153 -25.70 -52.27 16.23
N ILE S 154 -27.02 -52.43 16.12
CA ILE S 154 -27.86 -51.52 15.35
C ILE S 154 -28.63 -50.64 16.32
N SER S 155 -28.23 -49.37 16.42
CA SER S 155 -29.04 -48.41 17.16
C SER S 155 -30.31 -48.11 16.37
N CYS S 156 -31.46 -48.22 17.04
CA CYS S 156 -32.75 -48.09 16.36
C CYS S 156 -33.80 -47.61 17.35
N CYS S 157 -35.03 -47.50 16.85
CA CYS S 157 -36.16 -47.04 17.66
C CYS S 157 -37.35 -47.92 17.32
N PHE S 158 -37.70 -48.82 18.24
CA PHE S 158 -38.85 -49.69 18.05
C PHE S 158 -40.15 -48.93 18.27
N ASN S 159 -41.16 -49.28 17.47
CA ASN S 159 -42.46 -48.61 17.55
C ASN S 159 -43.46 -49.47 16.80
N VAL T 6 -3.85 -23.49 80.43
CA VAL T 6 -3.33 -24.51 81.33
C VAL T 6 -1.94 -24.93 80.88
N LYS T 7 -1.06 -23.95 80.69
CA LYS T 7 0.28 -24.16 80.18
C LYS T 7 0.24 -24.99 78.88
N PRO T 8 -0.52 -24.55 77.88
CA PRO T 8 -0.94 -25.44 76.79
C PRO T 8 -0.53 -26.90 76.91
N ASN T 9 0.48 -27.34 76.16
CA ASN T 9 0.84 -28.75 76.12
C ASN T 9 2.21 -28.99 76.74
N ARG T 10 2.38 -30.19 77.30
CA ARG T 10 3.66 -30.62 77.84
C ARG T 10 4.10 -31.84 77.04
N LYS T 11 3.84 -33.06 77.52
CA LYS T 11 4.17 -34.27 76.78
C LYS T 11 5.67 -34.34 76.49
N SER T 12 6.06 -35.17 75.53
CA SER T 12 7.46 -35.31 75.12
C SER T 12 7.60 -35.07 73.62
N THR T 13 8.63 -34.33 73.25
CA THR T 13 8.95 -33.94 71.86
C THR T 13 7.68 -33.34 71.23
N GLY T 14 7.26 -33.79 70.05
CA GLY T 14 6.07 -33.26 69.41
C GLY T 14 6.07 -33.32 67.90
N ASP T 15 5.34 -34.31 67.34
CA ASP T 15 5.17 -34.49 65.90
C ASP T 15 6.37 -35.22 65.29
N ASN T 16 7.44 -34.47 65.02
CA ASN T 16 8.67 -35.04 64.43
C ASN T 16 9.52 -35.60 65.57
N SER T 17 9.22 -36.85 65.95
CA SER T 17 9.82 -37.44 67.14
C SER T 17 10.30 -38.87 66.89
N ASN T 18 11.20 -39.31 67.78
CA ASN T 18 11.88 -40.60 67.65
C ASN T 18 11.83 -41.43 68.93
N VAL T 19 10.95 -41.09 69.88
CA VAL T 19 10.87 -41.80 71.14
C VAL T 19 9.42 -41.95 71.55
N VAL T 20 9.16 -42.92 72.42
CA VAL T 20 7.81 -43.11 72.93
C VAL T 20 7.37 -41.83 73.62
N THR T 21 6.07 -41.57 73.55
CA THR T 21 5.46 -40.35 74.05
C THR T 21 4.20 -40.73 74.79
N MET T 22 3.91 -40.03 75.88
CA MET T 22 2.79 -40.43 76.73
C MET T 22 1.46 -40.01 76.10
N ILE T 23 0.45 -40.84 76.29
CA ILE T 23 -0.90 -40.60 75.80
C ILE T 23 -1.80 -40.42 77.02
N ARG T 24 -2.43 -39.25 77.13
CA ARG T 24 -3.23 -38.91 78.30
C ARG T 24 -4.67 -39.35 78.09
N ALA T 25 -4.85 -40.67 78.10
CA ALA T 25 -6.16 -41.26 77.88
C ALA T 25 -7.16 -40.79 78.95
N GLY T 26 -8.42 -41.11 78.71
CA GLY T 26 -9.49 -40.71 79.60
C GLY T 26 -10.45 -41.84 79.97
N SER T 27 -11.63 -41.85 79.37
CA SER T 27 -12.62 -42.88 79.64
C SER T 27 -12.51 -44.01 78.62
N TYR T 28 -12.81 -45.23 79.08
CA TYR T 28 -12.74 -46.37 78.17
C TYR T 28 -13.71 -46.14 77.01
N PRO T 29 -13.27 -46.29 75.78
CA PRO T 29 -14.13 -45.92 74.65
C PRO T 29 -15.04 -47.06 74.23
N LYS T 30 -15.90 -46.78 73.23
CA LYS T 30 -16.68 -47.82 72.58
C LYS T 30 -15.78 -48.57 71.61
N VAL T 31 -15.76 -49.89 71.71
CA VAL T 31 -14.86 -50.70 70.91
C VAL T 31 -15.66 -51.69 70.08
N ASN T 32 -14.95 -52.53 69.34
CA ASN T 32 -15.57 -53.55 68.51
C ASN T 32 -14.49 -54.54 68.09
N PRO T 33 -14.50 -55.76 68.63
CA PRO T 33 -13.46 -56.73 68.23
C PRO T 33 -13.72 -57.39 66.90
N THR T 34 -14.94 -57.31 66.37
CA THR T 34 -15.33 -58.01 65.15
C THR T 34 -16.07 -57.05 64.25
N PRO T 35 -15.36 -56.15 63.58
CA PRO T 35 -16.03 -55.11 62.79
C PRO T 35 -16.42 -55.55 61.38
N THR T 36 -16.85 -54.58 60.58
CA THR T 36 -17.14 -54.81 59.17
C THR T 36 -15.90 -54.52 58.33
N TRP T 37 -16.00 -54.83 57.04
CA TRP T 37 -14.84 -54.72 56.15
C TRP T 37 -15.31 -54.66 54.71
N VAL T 38 -14.85 -53.65 53.99
CA VAL T 38 -15.14 -53.52 52.56
C VAL T 38 -14.01 -54.16 51.77
N ARG T 39 -14.36 -55.06 50.85
CA ARG T 39 -13.37 -55.88 50.19
C ARG T 39 -13.71 -56.09 48.72
N ALA T 40 -12.69 -56.48 47.96
CA ALA T 40 -12.81 -56.89 46.56
C ALA T 40 -12.15 -58.27 46.43
N ILE T 41 -12.97 -59.30 46.28
CA ILE T 41 -12.52 -60.69 46.46
C ILE T 41 -12.28 -61.28 45.07
N PRO T 42 -11.02 -61.50 44.65
CA PRO T 42 -10.77 -62.13 43.34
C PRO T 42 -10.79 -63.64 43.50
N PHE T 43 -11.66 -64.30 42.74
CA PHE T 43 -11.65 -65.76 42.69
C PHE T 43 -12.16 -66.21 41.34
N GLU T 44 -11.80 -67.44 40.98
CA GLU T 44 -12.15 -68.03 39.70
C GLU T 44 -13.27 -69.06 39.88
N VAL T 45 -14.02 -69.28 38.81
CA VAL T 45 -15.03 -70.32 38.76
C VAL T 45 -14.94 -71.03 37.43
N SER T 46 -15.28 -72.30 37.42
CA SER T 46 -15.28 -73.11 36.21
C SER T 46 -16.62 -73.00 35.52
N VAL T 47 -16.58 -72.96 34.18
CA VAL T 47 -17.77 -72.76 33.36
C VAL T 47 -17.74 -73.72 32.19
N GLN T 48 -18.83 -74.45 31.97
CA GLN T 48 -18.97 -75.30 30.80
C GLN T 48 -19.50 -74.48 29.63
N SER T 49 -19.54 -75.12 28.46
CA SER T 49 -20.03 -74.46 27.26
C SER T 49 -21.54 -74.56 27.23
N GLY T 50 -22.20 -73.42 27.00
CA GLY T 50 -23.64 -73.37 26.86
C GLY T 50 -24.42 -73.46 28.15
N ILE T 51 -23.76 -73.67 29.29
CA ILE T 51 -24.42 -73.86 30.57
C ILE T 51 -24.06 -72.69 31.47
N ALA T 52 -25.08 -72.12 32.12
CA ALA T 52 -24.89 -71.01 33.03
C ALA T 52 -24.56 -71.54 34.42
N PHE T 53 -23.42 -71.09 34.96
CA PHE T 53 -22.99 -71.49 36.29
C PHE T 53 -23.40 -70.44 37.31
N LYS T 54 -24.01 -70.90 38.40
CA LYS T 54 -24.44 -70.02 39.47
C LYS T 54 -23.27 -69.80 40.42
N VAL T 55 -22.85 -68.55 40.57
CA VAL T 55 -21.74 -68.22 41.44
C VAL T 55 -22.25 -68.22 42.88
N PRO T 56 -21.79 -69.15 43.72
CA PRO T 56 -22.29 -69.19 45.10
C PRO T 56 -21.62 -68.16 45.98
N VAL T 57 -22.41 -67.63 46.92
CA VAL T 57 -21.89 -66.63 47.86
C VAL T 57 -20.86 -67.25 48.80
N GLY T 58 -20.95 -68.55 49.04
CA GLY T 58 -20.03 -69.23 49.92
C GLY T 58 -18.58 -69.16 49.49
N SER T 59 -18.31 -68.79 48.24
CA SER T 59 -16.94 -68.66 47.76
C SER T 59 -16.25 -67.41 48.29
N LEU T 60 -17.00 -66.38 48.65
CA LEU T 60 -16.41 -65.21 49.29
C LEU T 60 -15.94 -65.55 50.69
N PHE T 61 -16.61 -66.49 51.36
CA PHE T 61 -16.27 -66.87 52.74
C PHE T 61 -15.21 -67.97 52.70
N SER T 62 -13.96 -67.61 52.95
CA SER T 62 -12.85 -68.55 52.99
C SER T 62 -11.68 -67.88 53.72
N ALA T 63 -10.81 -68.70 54.28
CA ALA T 63 -9.62 -68.16 54.90
C ALA T 63 -8.61 -67.63 53.89
N ASN T 64 -8.72 -68.00 52.62
CA ASN T 64 -7.84 -67.45 51.60
C ASN T 64 -8.08 -65.97 51.35
N PHE T 65 -9.17 -65.42 51.87
CA PHE T 65 -9.46 -64.00 51.82
C PHE T 65 -9.45 -63.36 53.19
N ARG T 66 -9.13 -64.12 54.23
CA ARG T 66 -9.18 -63.71 55.63
C ARG T 66 -10.61 -63.56 56.14
N THR T 67 -11.60 -63.94 55.34
CA THR T 67 -13.00 -63.69 55.66
C THR T 67 -13.71 -64.90 56.23
N ASP T 68 -12.99 -65.97 56.55
CA ASP T 68 -13.63 -67.17 57.09
C ASP T 68 -14.25 -66.89 58.46
N SER T 69 -14.21 -65.63 58.90
CA SER T 69 -14.83 -65.23 60.15
C SER T 69 -16.14 -64.47 59.94
N PHE T 70 -16.58 -64.31 58.69
CA PHE T 70 -17.85 -63.65 58.39
C PHE T 70 -18.90 -64.66 57.98
N THR T 71 -20.16 -64.35 58.29
CA THR T 71 -21.29 -65.22 57.93
C THR T 71 -22.33 -64.53 57.06
N SER T 72 -22.05 -63.31 56.60
CA SER T 72 -23.01 -62.57 55.79
C SER T 72 -22.22 -61.55 54.99
N VAL T 73 -22.81 -61.10 53.89
CA VAL T 73 -22.12 -60.18 53.00
C VAL T 73 -23.16 -59.39 52.21
N THR T 74 -22.89 -58.10 52.04
CA THR T 74 -23.71 -57.21 51.24
C THR T 74 -22.97 -56.96 49.93
N VAL T 75 -23.44 -57.55 48.84
CA VAL T 75 -22.74 -57.39 47.57
C VAL T 75 -23.09 -56.04 46.97
N MET T 76 -22.07 -55.39 46.39
CA MET T 76 -22.24 -54.09 45.75
C MET T 76 -22.12 -54.25 44.24
N SER T 77 -20.94 -54.55 43.71
CA SER T 77 -20.74 -54.70 42.28
C SER T 77 -20.04 -56.02 41.97
N VAL T 78 -20.07 -56.40 40.70
CA VAL T 78 -19.50 -57.66 40.24
C VAL T 78 -18.77 -57.40 38.92
N ARG T 79 -17.53 -57.89 38.83
CA ARG T 79 -16.76 -57.78 37.59
C ARG T 79 -16.10 -59.13 37.31
N ALA T 80 -15.96 -59.42 36.02
CA ALA T 80 -15.52 -60.75 35.61
C ALA T 80 -14.69 -60.68 34.34
N TRP T 81 -13.60 -61.46 34.34
CA TRP T 81 -12.72 -61.58 33.19
C TRP T 81 -12.59 -63.05 32.80
N THR T 82 -12.58 -63.31 31.50
CA THR T 82 -12.27 -64.65 31.02
C THR T 82 -10.89 -65.05 31.53
N GLN T 83 -10.82 -66.22 32.15
CA GLN T 83 -9.56 -66.67 32.73
C GLN T 83 -8.71 -67.46 31.75
N LEU T 84 -9.32 -68.07 30.73
CA LEU T 84 -8.59 -68.89 29.78
C LEU T 84 -8.86 -68.41 28.36
N THR T 85 -8.23 -69.08 27.40
CA THR T 85 -8.38 -68.73 26.00
C THR T 85 -9.69 -69.31 25.44
N PRO T 86 -10.25 -68.67 24.43
CA PRO T 86 -11.52 -69.15 23.87
C PRO T 86 -11.28 -70.29 22.89
N PRO T 87 -12.35 -70.93 22.42
CA PRO T 87 -12.20 -71.99 21.41
C PRO T 87 -11.46 -71.48 20.19
N VAL T 88 -11.08 -72.41 19.32
CA VAL T 88 -10.34 -72.04 18.12
C VAL T 88 -11.22 -71.19 17.21
N ASN T 89 -10.64 -70.11 16.69
CA ASN T 89 -11.24 -69.19 15.74
C ASN T 89 -12.21 -68.19 16.38
N GLU T 90 -12.51 -68.29 17.68
CA GLU T 90 -13.50 -67.43 18.31
C GLU T 90 -12.85 -66.37 19.18
N TYR T 91 -13.63 -65.33 19.47
CA TYR T 91 -13.25 -64.28 20.42
C TYR T 91 -13.95 -64.53 21.74
N SER T 92 -13.19 -64.43 22.84
CA SER T 92 -13.74 -64.64 24.17
C SER T 92 -15.00 -63.82 24.41
N PHE T 93 -15.86 -64.27 25.33
CA PHE T 93 -17.04 -63.50 25.71
C PHE T 93 -17.53 -63.99 27.06
N VAL T 94 -18.21 -63.12 27.80
CA VAL T 94 -18.75 -63.46 29.10
C VAL T 94 -20.05 -62.71 29.32
N ARG T 95 -20.97 -63.33 30.04
CA ARG T 95 -22.25 -62.73 30.38
C ARG T 95 -22.47 -62.81 31.89
N LEU T 96 -23.35 -61.94 32.39
CA LEU T 96 -23.65 -61.89 33.81
C LEU T 96 -25.14 -61.61 33.98
N LYS T 97 -25.84 -62.51 34.66
CA LYS T 97 -27.24 -62.30 35.02
C LYS T 97 -27.35 -62.20 36.53
N PRO T 98 -27.62 -61.01 37.09
CA PRO T 98 -27.71 -60.89 38.55
C PRO T 98 -28.88 -61.69 39.13
N LEU T 99 -28.68 -62.19 40.34
CA LEU T 99 -29.67 -62.99 41.05
C LEU T 99 -29.96 -62.35 42.40
N PHE T 100 -31.25 -62.24 42.73
CA PHE T 100 -31.67 -61.63 43.99
C PHE T 100 -32.73 -62.50 44.67
N LYS T 101 -32.52 -62.79 45.95
CA LYS T 101 -33.45 -63.63 46.70
C LYS T 101 -34.89 -63.12 46.62
N THR T 102 -35.06 -61.81 46.40
CA THR T 102 -36.37 -61.20 46.28
C THR T 102 -36.93 -61.28 44.87
N GLY T 103 -36.08 -61.52 43.87
CA GLY T 103 -36.51 -61.69 42.51
C GLY T 103 -35.34 -61.71 41.53
N ASP T 104 -35.16 -62.84 40.85
CA ASP T 104 -34.06 -62.95 39.89
C ASP T 104 -34.33 -62.07 38.68
N SER T 105 -33.29 -61.37 38.23
CA SER T 105 -33.39 -60.52 37.05
C SER T 105 -33.09 -61.33 35.80
N THR T 106 -33.32 -60.70 34.65
CA THR T 106 -33.20 -61.36 33.35
C THR T 106 -32.17 -60.70 32.44
N GLU T 107 -31.36 -59.80 32.98
CA GLU T 107 -30.34 -59.15 32.16
C GLU T 107 -29.22 -60.12 31.83
N GLU T 108 -28.57 -59.89 30.68
CA GLU T 108 -27.40 -60.65 30.26
C GLU T 108 -26.30 -59.67 29.87
N PHE T 109 -25.80 -58.94 30.86
CA PHE T 109 -24.72 -57.98 30.64
C PHE T 109 -23.53 -58.66 29.98
N GLU T 110 -23.37 -58.50 28.68
CA GLU T 110 -22.34 -59.18 27.92
C GLU T 110 -21.22 -58.21 27.55
N GLY T 111 -19.98 -58.68 27.71
CA GLY T 111 -18.83 -57.96 27.22
C GLY T 111 -17.93 -58.88 26.42
N ARG T 112 -17.48 -58.44 25.25
CA ARG T 112 -16.66 -59.26 24.37
C ARG T 112 -15.30 -58.62 24.21
N ALA T 113 -14.31 -59.44 23.88
CA ALA T 113 -12.96 -58.99 23.59
C ALA T 113 -12.84 -58.64 22.11
N SER T 114 -11.93 -57.72 21.81
CA SER T 114 -11.64 -57.37 20.43
C SER T 114 -10.38 -58.03 19.90
N ASN T 115 -9.65 -58.76 20.74
CA ASN T 115 -8.51 -59.56 20.32
C ASN T 115 -8.66 -60.95 20.93
N ILE T 116 -8.46 -61.97 20.09
CA ILE T 116 -8.63 -63.35 20.56
C ILE T 116 -7.71 -63.63 21.76
N ASN T 117 -6.49 -63.08 21.72
CA ASN T 117 -5.55 -63.30 22.81
C ASN T 117 -5.90 -62.52 24.06
N THR T 118 -6.90 -61.65 24.03
CA THR T 118 -7.23 -60.79 25.15
C THR T 118 -8.45 -61.32 25.91
N ARG T 119 -8.54 -60.93 27.17
CA ARG T 119 -9.69 -61.28 28.00
C ARG T 119 -10.91 -60.43 27.61
N ALA T 120 -12.08 -61.05 27.70
CA ALA T 120 -13.34 -60.33 27.61
C ALA T 120 -13.79 -59.93 29.02
N SER T 121 -14.25 -58.68 29.17
CA SER T 121 -14.59 -58.15 30.48
C SER T 121 -15.99 -57.53 30.45
N VAL T 122 -16.69 -57.64 31.59
CA VAL T 122 -17.99 -57.01 31.77
C VAL T 122 -18.28 -56.99 33.26
N GLY T 123 -19.30 -56.23 33.68
CA GLY T 123 -19.64 -56.15 35.09
C GLY T 123 -20.88 -55.31 35.28
N TYR T 124 -21.46 -55.42 36.48
CA TYR T 124 -22.68 -54.68 36.80
C TYR T 124 -22.65 -54.16 38.23
N ARG T 125 -23.42 -53.10 38.46
CA ARG T 125 -23.53 -52.45 39.75
C ARG T 125 -24.91 -52.72 40.33
N ILE T 126 -24.96 -53.04 41.63
CA ILE T 126 -26.22 -53.27 42.32
C ILE T 126 -26.69 -51.96 42.92
N PRO T 127 -27.92 -51.52 42.64
CA PRO T 127 -28.40 -50.26 43.25
C PRO T 127 -28.41 -50.37 44.77
N THR T 128 -28.61 -49.23 45.41
CA THR T 128 -28.58 -49.21 46.87
C THR T 128 -29.76 -49.99 47.46
N ASN T 129 -30.92 -49.90 46.81
CA ASN T 129 -32.12 -50.55 47.35
C ASN T 129 -32.07 -52.07 47.29
N LEU T 130 -31.02 -52.64 46.68
CA LEU T 130 -30.89 -54.08 46.58
C LEU T 130 -29.62 -54.60 47.25
N ARG T 131 -28.87 -53.75 47.93
CA ARG T 131 -27.75 -54.20 48.74
C ARG T 131 -28.31 -54.73 50.04
N GLN T 132 -28.45 -56.05 50.12
CA GLN T 132 -28.96 -56.71 51.31
C GLN T 132 -28.06 -57.90 51.58
N ASN T 133 -28.04 -58.34 52.83
CA ASN T 133 -27.18 -59.45 53.18
C ASN T 133 -27.54 -60.69 52.37
N THR T 134 -26.52 -61.51 52.11
CA THR T 134 -26.67 -62.79 51.46
C THR T 134 -25.76 -63.77 52.21
N VAL T 135 -26.23 -65.00 52.39
CA VAL T 135 -25.48 -65.99 53.13
C VAL T 135 -24.80 -66.94 52.16
N ALA T 136 -24.00 -67.86 52.69
CA ALA T 136 -23.23 -68.76 51.84
C ALA T 136 -24.13 -69.53 50.89
N ALA T 137 -25.31 -69.94 51.36
CA ALA T 137 -26.20 -70.74 50.53
C ALA T 137 -26.68 -70.00 49.29
N ASP T 138 -26.66 -68.67 49.31
CA ASP T 138 -27.22 -67.90 48.21
C ASP T 138 -26.24 -67.80 47.05
N ASN T 139 -26.75 -67.30 45.92
CA ASN T 139 -25.98 -67.16 44.70
C ASN T 139 -26.07 -65.72 44.22
N VAL T 140 -24.99 -65.24 43.59
CA VAL T 140 -24.88 -63.84 43.22
C VAL T 140 -25.31 -63.58 41.80
N CYS T 141 -25.04 -64.51 40.88
CA CYS T 141 -25.34 -64.27 39.48
C CYS T 141 -24.97 -65.49 38.67
N GLU T 142 -25.52 -65.56 37.45
CA GLU T 142 -25.21 -66.62 36.52
C GLU T 142 -24.15 -66.14 35.53
N VAL T 143 -23.14 -66.99 35.31
CA VAL T 143 -22.05 -66.70 34.39
C VAL T 143 -22.16 -67.62 33.19
N ARG T 144 -21.93 -67.07 32.00
CA ARG T 144 -21.82 -67.85 30.78
C ARG T 144 -20.58 -67.36 30.03
N SER T 145 -20.01 -68.23 29.21
CA SER T 145 -18.86 -67.88 28.41
C SER T 145 -18.40 -69.04 27.55
N ASN T 146 -17.75 -68.75 26.41
CA ASN T 146 -17.10 -69.82 25.66
C ASN T 146 -15.84 -70.32 26.37
N CYS T 147 -15.30 -69.57 27.31
CA CYS T 147 -14.11 -69.97 28.03
C CYS T 147 -14.46 -70.84 29.23
N ARG T 148 -13.53 -71.72 29.57
CA ARG T 148 -13.81 -72.75 30.57
C ARG T 148 -13.70 -72.22 31.99
N GLN T 149 -12.85 -71.23 32.23
CA GLN T 149 -12.74 -70.59 33.53
C GLN T 149 -13.01 -69.10 33.41
N VAL T 150 -13.50 -68.50 34.50
CA VAL T 150 -13.78 -67.07 34.54
C VAL T 150 -13.30 -66.52 35.87
N ALA T 151 -12.54 -65.43 35.82
CA ALA T 151 -12.03 -64.77 37.02
C ALA T 151 -12.91 -63.59 37.36
N LEU T 152 -13.36 -63.55 38.61
CA LEU T 152 -14.21 -62.48 39.08
C LEU T 152 -13.47 -61.64 40.12
N VAL T 153 -13.99 -60.45 40.36
CA VAL T 153 -13.50 -59.54 41.40
C VAL T 153 -14.75 -58.89 41.96
N ILE T 154 -15.27 -59.41 43.06
CA ILE T 154 -16.53 -58.94 43.63
C ILE T 154 -16.25 -57.91 44.72
N SER T 155 -16.74 -56.69 44.51
CA SER T 155 -16.69 -55.64 45.52
C SER T 155 -17.89 -55.82 46.44
N CYS T 156 -17.62 -56.04 47.73
CA CYS T 156 -18.67 -56.34 48.69
C CYS T 156 -18.30 -55.85 50.08
N CYS T 157 -19.29 -55.86 50.97
CA CYS T 157 -19.13 -55.36 52.33
C CYS T 157 -19.42 -56.48 53.33
N PHE T 158 -18.37 -56.98 53.96
CA PHE T 158 -18.49 -58.06 54.92
C PHE T 158 -18.96 -57.53 56.27
N ASN T 159 -20.03 -58.11 56.80
CA ASN T 159 -20.51 -57.75 58.13
C ASN T 159 -21.18 -58.95 58.79
CA CA U . -19.82 31.11 -32.98
BR BR V . -34.88 -8.55 -31.82
BR BR W . 2.30 17.07 -18.73
BR BR X . -37.08 43.03 -1.84
BR BR Y . -29.89 52.21 -4.37
BR BR Z . -10.14 33.75 -19.74
BR BR AA . -14.93 26.03 -19.76
BR BR BA . -18.46 6.39 -20.14
BR BR CA . -11.26 19.34 -41.80
BR BR DA . -2.53 11.34 -39.53
MG MG EA . -29.20 0.02 -33.14
BR BR FA . -37.73 32.67 -8.93
BR BR GA . -67.17 2.93 17.44
BR BR HA . -72.82 13.36 19.50
BR BR IA . -56.48 27.16 -2.30
BR BR JA . -27.73 20.91 -17.54
BR BR KA . -50.38 13.01 -13.33
BR BR LA . -59.44 29.61 7.45
BR BR MA . -32.24 14.89 -38.14
BR BR NA . -36.31 10.16 -40.28
BR BR OA . -61.92 24.27 6.30
BR BR PA . -43.40 3.61 -38.00
BR BR QA . -62.71 36.88 8.44
CL CL RA . -43.22 -6.48 -32.89
CL CL SA . -36.46 -40.74 19.37
BR BR TA . -46.03 -38.91 32.85
BR BR UA . -62.73 -27.46 -2.67
BR BR VA . -70.99 -1.68 1.54
BR BR WA . -33.62 -7.77 -26.90
BR BR XA . -36.15 -34.79 7.94
BR BR YA . 12.57 -28.19 0.19
BR BR ZA . -46.50 -21.72 -3.80
BR BR AB . -19.12 -34.73 -2.51
BR BR BB . -40.84 -43.34 2.11
BR BR CB . -19.12 -43.24 -14.21
BR BR DB . -35.16 -37.66 -20.02
BR BR EB . -45.36 -29.30 -30.36
BR BR FB . -48.01 -24.25 -27.34
BR BR GB . -50.93 -26.27 -20.93
BR BR HB . -2.20 -42.73 8.21
BR BR IB . -52.72 -16.02 -39.93
BR BR JB . -47.05 -48.58 -7.72
BR BR KB . -51.17 -26.16 -16.11
BR BR LB . 3.42 -24.92 -7.87
BR BR MB . 11.50 24.30 -13.24
BR BR NB . 13.38 -9.19 -16.75
BR BR OB . 20.00 11.06 -9.12
BR BR PB . -22.69 -31.05 -28.97
BR BR QB . -16.15 -34.66 -32.32
BR BR RB . -21.22 -26.49 -38.60
BR BR SB . -25.34 -27.08 -33.61
BR BR TB . -7.85 -16.77 -12.32
BR BR UB . -1.42 -23.17 -35.00
CL CL VB . 37.55 -1.06 -12.15
MG MG WB . 30.67 -5.60 -22.31
MG MG XB . 33.75 5.34 -18.45
BR BR YB . -8.12 -29.10 -4.78
BR BR ZB . -17.15 -27.38 -11.77
BR BR AC . 3.58 -1.63 -19.04
BR BR BC . -4.99 -1.81 -22.59
BR BR CC . 35.95 16.00 -26.01
BR BR DC . -15.88 -16.70 -10.89
BR BR EC . -9.32 -28.69 11.38
MG MG FC . 32.61 -3.91 -9.96
CA CA GC . 27.22 -41.10 -2.89
BR BR HC . 13.13 -38.37 3.91
BR BR IC . 27.99 -36.17 34.13
BR BR JC . 25.14 -27.74 -0.21
BR BR KC . 33.62 -30.18 37.29
BR BR LC . 11.25 -46.96 30.87
BR BR MC . 14.88 -43.34 2.52
BR BR NC . 20.42 -34.97 27.92
BR BR OC . 24.22 -13.39 -4.75
BR BR PC . 24.68 -19.30 -3.58
BR BR QC . 16.96 -21.31 -4.35
BR BR RC . 26.61 -13.05 -27.77
BR BR SC . 33.19 -28.33 -19.95
BR BR TC . 41.38 -2.55 -8.95
CA CA UC . 58.91 -17.69 24.29
MG MG VC . 43.03 -12.73 -8.07
BR BR WC . 49.67 -4.28 -16.44
BR BR XC . 49.46 11.63 45.67
BR BR YC . 52.33 3.71 53.69
BR BR ZC . 46.67 -20.56 35.29
BR BR AD . 42.21 -37.39 -3.63
BR BR BD . 47.59 -36.35 7.09
BR BR CD . 53.53 -24.26 -8.67
BR BR DD . 44.74 -18.04 46.32
BR BR ED . 47.50 -10.70 48.47
BR BR FD . 50.49 9.71 33.43
BR BR GD . 32.95 52.63 21.20
BR BR HD . 40.70 42.35 29.31
BR BR ID . 60.88 -7.35 6.23
BR BR JD . 43.39 5.68 9.57
BR BR KD . 45.45 -3.22 -12.49
CA CA LD . 25.94 34.07 -21.95
BR BR MD . -8.67 21.62 -18.67
BR BR ND . 21.02 31.05 -7.79
BR BR OD . 56.30 13.95 -10.28
BR BR PD . 42.07 34.45 -17.74
BR BR QD . 44.08 21.09 8.09
BR BR RD . 37.97 41.34 -14.42
BR BR SD . -2.74 60.71 -10.82
BR BR TD . -2.06 64.40 -14.75
BR BR UD . 3.84 25.39 -12.29
BR BR VD . 17.96 27.03 -12.04
BR BR WD . 27.97 12.77 -7.13
BR BR XD . -3.71 53.14 -31.93
BR BR YD . 22.75 20.46 -14.18
BR BR ZD . 40.33 12.16 5.75
BR BR AE . 31.29 37.92 7.36
BR BR BE . 11.34 65.58 43.58
BR BR CE . 22.67 64.92 48.14
BR BR DE . 30.92 66.60 11.73
BR BR EE . 19.29 64.29 -21.73
BR BR FE . 19.79 52.24 -19.65
BR BR GE . 2.63 52.53 -9.17
BR BR HE . 20.36 58.96 9.97
BR BR IE . 23.98 56.11 40.99
BR BR JE . 5.31 55.22 33.72
BR BR KE . 15.44 39.56 51.43
BR BR LE . 9.53 67.07 31.89
BR BR ME . -40.71 61.02 31.36
BR BR NE . -38.89 68.02 40.97
BR BR OE . 8.43 59.78 31.55
BR BR PE . 7.32 60.82 32.84
BR BR QE . -46.35 24.63 -6.04
BR BR RE . -42.40 61.26 -6.49
BR BR SE . -14.08 75.47 -13.00
BR BR TE . -45.55 61.79 -4.24
MG MG UE . -14.73 59.75 -17.30
BR BR VE . -20.90 27.49 -18.44
BR BR WE . -16.49 45.19 -10.00
BR BR XE . -36.71 50.97 -24.76
BR BR YE . -44.34 56.84 -28.20
BR BR ZE . -4.04 -6.37 -4.09
CA CA AF . 33.83 -52.68 43.44
BR BR BF . -0.64 -59.67 19.97
BR BR CF . 0.07 -64.77 18.50
BR BR DF . 10.28 -44.14 59.27
BR BR EF . 39.43 -20.59 25.97
BR BR FF . 25.73 -41.47 39.41
BR BR GF . 23.92 -43.00 45.06
BR BR HF . 38.74 -27.48 47.59
BR BR IF . 32.41 -40.21 46.35
BR BR JF . 20.48 -47.72 38.43
BR BR KF . 1.53 -41.31 59.99
BR BR LF . 1.47 -73.26 37.58
BR BR MF . -2.60 -56.61 29.28
BR BR NF . 12.64 -65.82 55.94
BR BR OF . 32.69 -30.43 24.36
BR BR PF . 21.95 -45.99 32.81
BR BR QF . 3.65 -13.98 -13.19
BR BR RF . 22.76 -31.21 7.28
BR BR SF . 21.15 -37.14 20.07
BR BR TF . 13.02 -44.01 19.25
BR BR UF . 23.42 -68.48 16.92
BR BR VF . 17.51 -10.41 -5.21
BR BR WF . 34.00 -52.09 7.28
BR BR XF . 19.48 -67.24 22.54
BR BR YF . 22.45 -59.32 7.37
MG MG ZF . 1.54 -57.11 6.14
BR BR AG . -15.01 -32.68 -4.50
BR BR BG . -13.03 -40.56 -1.11
BR BR CG . 9.92 -40.64 -17.41
BR BR DG . 10.78 -61.95 1.10
BR BR EG . 13.75 -56.70 -1.31
BR BR FG . -36.32 -17.70 -3.56
BR BR GG . -31.29 -19.56 -10.05
BR BR HG . 7.97 -64.32 -4.64
BR BR IG . -3.11 -49.99 -16.67
CA CA JG . -41.63 -59.21 24.51
MG MG KG . -12.44 -60.87 12.43
BR BR LG . -45.80 -42.79 25.04
BR BR MG . -39.27 -41.35 57.64
BR BR NG . -50.43 -39.69 55.34
BR BR OG . -51.34 -35.97 31.53
BR BR PG . -18.38 -47.26 17.63
BR BR QG . -26.03 -67.66 13.76
BR BR RG . -31.40 -64.08 8.41
BR BR SG . -12.86 -62.57 0.48
BR BR TG . -46.29 -27.83 43.91
MG MG UG . -9.91 -55.40 22.94
BR BR VG . -31.65 -47.60 49.96
BR BR WG . 12.85 -37.42 69.96
BR BR XG . 7.03 -38.96 80.13
BR BR YG . -7.13 -50.54 57.07
BR BR ZG . -9.23 -56.09 48.36
BR BR AH . -11.13 -51.93 64.79
BR BR BH . -10.74 -53.96 42.13
BR BR CH . -12.66 -52.41 35.44
BR BR DH . -30.44 -68.66 42.65
BR BR EH . -34.40 -73.30 40.56
BR BR FH . -17.75 -50.03 25.83
BR BR GH . -17.65 -78.07 28.42
BR BR HH . -18.44 -72.86 24.11
BR BR IH . -9.10 -74.10 28.03
BR BR JH . -23.74 -70.03 25.45
BR BR KH . -29.41 -85.64 39.59
BR BR LH . -15.20 -1.83 42.73
#